data_9J6D
#
_entry.id   9J6D
#
_cell.length_a   1.00
_cell.length_b   1.00
_cell.length_c   1.00
_cell.angle_alpha   90.00
_cell.angle_beta   90.00
_cell.angle_gamma   90.00
#
_symmetry.space_group_name_H-M   'P 1'
#
loop_
_entity.id
_entity.type
_entity.pdbx_description
1 polymer 'chikungunya E3'
2 polymer 'chikungunya virus E1'
3 polymer 'chikungunya E2'
4 polymer 'CHIKV capsid protein'
5 branched beta-D-mannopyranose-(1-4)-2-acetamido-2-deoxy-beta-D-glucopyranose-(1-4)-[alpha-L-fucopyranose-(1-6)]2-acetamido-2-deoxy-beta-D-glucopyranose
6 branched beta-D-mannopyranose-(1-4)-2-acetamido-2-deoxy-beta-D-glucopyranose-(1-4)-2-acetamido-2-deoxy-beta-D-glucopyranose
#
loop_
_entity_poly.entity_id
_entity_poly.type
_entity_poly.pdbx_seq_one_letter_code
_entity_poly.pdbx_strand_id
1 'polypeptide(L)' PVMCLLANTTFPCSQPPCTPCCYEKEPEETLRMLEDNVMRPGYYQLLQASLTCSP U,V,W,X
2 'polypeptide(L)'
;YEHVTVIPNTVGVPYKTLVNRPGYSPMVLEMELLSVTLEPTLSLDYITCEYKTVIPSPYVKCCGTAECKDKSLPDYSCKV
FTGVYPFMWGGAYCFCDTENTQLSEAHVEKSESCKTEFASAYRAHTASASAKLRVLYQGNNVTVSAYANGDHAVTVKDAK
FIVGPMSSAWTPFDNKIVVYKGDVYNMDYPPFGAGRPGQFGDIQSRTPESEDVYANTQLVLQRPSAGTVHVPYSQAPSGF
KYWLKERGASLQHTAPFGCQIATNPVRAMNCAVGNMPISIDIPDAAFTRVVDAPSLTDMSCEVPACTHSSDFGGVAIIKY
AASKKGKCAVHSMTNAVTIREAEIEVEGNSQLQISFSTALASAEFRVQVCSTQVHCAAECHPPKDHIVNYPASHTTLGVQ
DISVTAMSWVQKITGGVGLVVAVAALILIVVLCVSFSRH
;
A,B,C,D
3 'polypeptide(L)'
;NFNVYKAIRPYLAHCPDCGEGHSCHSPVALERIRNEATDGTLKIQVSLQIGIKTDDSHDWTKLRYMDNHMPADAERARLF
VRTSAPCTITGTMGHFILARCPKGETLTVGFTDGRKISHSCTHPFHHDPPVIGREKFHSRPQHGRELPCSTYAQSTAATA
EEIEVHMPPDTPDRTLMSQQSGNVKITVNSQTVRYKCNCGDSNEGLTTTDKVINNCKVDQCHAAVTNHKKWQYNSPLVPR
NAELGDRKGKVHIPFPLANVTCRVPKARNPTVTYGKNQVIMLLYPDHPTLLSYRNMGEEPNYQEEWVTHKKEIRLTVPTE
GLEVTWGNNEPYKYWPQLSTNGTAHGHPHEIILYYYELYPTMTVVVVSVASFVLLSMVGVAVGMCMCARRRCITPYELTP
GATVPFLLSLICCI
;
E,F,G,H
4 'polypeptide(L)'
;NDCIFEVKHEGKVTGYACLVGDKVMKPAHVKGTIDNADLAKLAFKRSSKYDLECAQIPVHMKSDASKFTHEKPEGYYNWH
HGAVQYSGGRFTIPTGAGKPGDSGRPIFDNKGRVVAIVLGGANEGARTALSVVTWNKDIVTKITPEGAEEW
;
I,J,K,L
#
# COMPACT_ATOMS: atom_id res chain seq x y z
N PRO A 1 -7.85 64.39 -44.54
CA PRO A 1 -8.70 64.75 -43.42
C PRO A 1 -9.82 63.74 -43.23
N VAL A 2 -9.84 63.09 -42.06
CA VAL A 2 -10.87 62.11 -41.72
C VAL A 2 -12.13 62.81 -41.21
N MET A 3 -13.27 62.44 -41.76
CA MET A 3 -14.53 63.05 -41.34
C MET A 3 -15.33 62.10 -40.46
N CYS A 4 -16.01 62.67 -39.47
CA CYS A 4 -16.87 61.97 -38.53
C CYS A 4 -18.33 62.34 -38.75
N LEU A 5 -19.23 61.45 -38.33
CA LEU A 5 -20.66 61.64 -38.50
C LEU A 5 -21.31 62.16 -37.20
N LEU A 6 -22.23 63.10 -37.32
CA LEU A 6 -22.98 63.56 -36.15
C LEU A 6 -24.46 63.26 -36.25
N ALA A 7 -25.15 63.92 -37.18
CA ALA A 7 -26.59 63.78 -37.30
C ALA A 7 -27.01 63.76 -38.76
N ASN A 8 -26.59 62.72 -39.47
CA ASN A 8 -26.77 62.63 -40.91
C ASN A 8 -25.97 63.71 -41.63
N THR A 9 -25.02 64.27 -40.92
CA THR A 9 -24.10 65.27 -41.47
C THR A 9 -22.68 64.91 -41.10
N THR A 10 -21.72 65.37 -41.88
CA THR A 10 -20.32 65.04 -41.61
C THR A 10 -19.46 66.27 -41.41
N PHE A 11 -18.35 66.07 -40.73
CA PHE A 11 -17.39 67.12 -40.42
C PHE A 11 -16.02 66.47 -40.21
N PRO A 12 -14.93 67.21 -40.37
CA PRO A 12 -13.59 66.78 -40.01
C PRO A 12 -13.57 66.41 -38.53
N CYS A 13 -13.02 65.25 -38.19
CA CYS A 13 -13.08 64.73 -36.82
C CYS A 13 -12.40 65.67 -35.82
N SER A 14 -11.39 66.40 -36.29
CA SER A 14 -10.68 67.35 -35.44
C SER A 14 -11.47 68.64 -35.24
N GLN A 15 -12.53 68.82 -36.04
CA GLN A 15 -13.31 70.06 -36.01
C GLN A 15 -14.82 69.78 -35.96
N PRO A 16 -15.37 69.48 -34.78
CA PRO A 16 -16.77 69.25 -34.50
C PRO A 16 -17.59 70.51 -34.74
N PRO A 17 -18.88 70.36 -35.03
CA PRO A 17 -19.92 71.38 -34.95
C PRO A 17 -20.08 71.93 -33.53
N CYS A 18 -19.69 71.12 -32.55
CA CYS A 18 -19.75 71.46 -31.13
C CYS A 18 -18.34 71.44 -30.54
N THR A 19 -17.73 72.62 -30.44
CA THR A 19 -16.34 72.71 -30.03
C THR A 19 -16.07 73.30 -28.64
N PRO A 20 -16.88 74.25 -28.15
CA PRO A 20 -16.59 75.07 -26.99
C PRO A 20 -16.84 74.31 -25.70
N CYS A 21 -15.96 73.34 -25.40
CA CYS A 21 -16.15 72.44 -24.25
C CYS A 21 -17.46 71.68 -24.40
N CYS A 22 -17.56 70.90 -25.46
CA CYS A 22 -18.82 70.29 -25.82
C CYS A 22 -19.35 69.37 -24.73
N TYR A 23 -18.49 68.55 -24.15
CA TYR A 23 -18.96 67.61 -23.14
C TYR A 23 -19.65 68.33 -22.00
N GLU A 24 -19.05 69.42 -21.52
CA GLU A 24 -19.63 70.15 -20.42
C GLU A 24 -20.99 70.73 -20.78
N LYS A 25 -21.14 71.21 -22.01
CA LYS A 25 -22.40 71.81 -22.43
C LYS A 25 -23.49 70.78 -22.74
N GLU A 26 -23.11 69.71 -23.42
CA GLU A 26 -24.06 68.68 -23.82
C GLU A 26 -23.45 67.29 -23.71
N PRO A 27 -23.22 66.80 -22.50
CA PRO A 27 -22.51 65.57 -22.22
C PRO A 27 -23.23 64.37 -22.80
N GLU A 28 -24.55 64.41 -22.87
CA GLU A 28 -25.30 63.29 -23.42
C GLU A 28 -25.10 63.18 -24.92
N GLU A 29 -25.14 64.33 -25.58
CA GLU A 29 -24.97 64.38 -27.03
C GLU A 29 -23.53 64.08 -27.39
N THR A 30 -22.62 64.56 -26.55
CA THR A 30 -21.20 64.39 -26.81
C THR A 30 -20.83 62.92 -26.80
N LEU A 31 -21.33 62.18 -25.82
CA LEU A 31 -21.00 60.77 -25.74
C LEU A 31 -21.62 60.02 -26.90
N ARG A 32 -22.82 60.42 -27.31
CA ARG A 32 -23.49 59.78 -28.44
C ARG A 32 -22.76 60.01 -29.76
N MET A 33 -22.24 61.21 -29.97
CA MET A 33 -21.54 61.45 -31.23
C MET A 33 -20.20 60.73 -31.24
N LEU A 34 -19.62 60.54 -30.06
CA LEU A 34 -18.36 59.81 -29.98
C LEU A 34 -18.54 58.34 -30.28
N GLU A 35 -19.59 57.73 -29.73
CA GLU A 35 -19.77 56.30 -29.90
C GLU A 35 -20.04 55.93 -31.35
N ASP A 36 -20.73 56.82 -32.06
CA ASP A 36 -21.09 56.55 -33.44
C ASP A 36 -19.89 56.61 -34.36
N ASN A 37 -18.78 57.11 -33.86
CA ASN A 37 -17.58 57.24 -34.66
C ASN A 37 -16.46 56.33 -34.16
N VAL A 38 -16.83 55.33 -33.36
CA VAL A 38 -15.84 54.43 -32.78
C VAL A 38 -15.05 53.65 -33.84
N MET A 39 -15.67 53.40 -34.98
CA MET A 39 -15.01 52.65 -36.04
C MET A 39 -14.22 53.55 -36.97
N ARG A 40 -14.25 54.85 -36.72
CA ARG A 40 -13.54 55.78 -37.58
C ARG A 40 -12.10 55.94 -37.12
N PRO A 41 -11.15 56.06 -38.04
CA PRO A 41 -9.74 56.23 -37.80
C PRO A 41 -9.46 57.58 -37.15
N GLY A 42 -10.44 58.46 -37.21
CA GLY A 42 -10.32 59.78 -36.62
C GLY A 42 -10.97 59.84 -35.25
N TYR A 43 -11.36 58.69 -34.73
CA TYR A 43 -12.07 58.64 -33.46
C TYR A 43 -11.30 59.34 -32.34
N TYR A 44 -10.02 59.06 -32.24
CA TYR A 44 -9.24 59.63 -31.16
C TYR A 44 -9.02 61.11 -31.35
N GLN A 45 -9.04 61.56 -32.61
CA GLN A 45 -8.94 62.98 -32.87
C GLN A 45 -10.23 63.66 -32.43
N LEU A 46 -11.34 62.97 -32.62
CA LEU A 46 -12.62 63.49 -32.17
C LEU A 46 -12.71 63.46 -30.67
N LEU A 47 -12.18 62.41 -30.06
CA LEU A 47 -12.22 62.28 -28.61
C LEU A 47 -11.45 63.42 -27.98
N GLN A 48 -10.32 63.78 -28.59
CA GLN A 48 -9.55 64.91 -28.08
C GLN A 48 -10.33 66.20 -28.22
N ALA A 49 -11.00 66.36 -29.35
CA ALA A 49 -11.76 67.59 -29.57
C ALA A 49 -12.94 67.70 -28.62
N SER A 50 -13.58 66.57 -28.32
CA SER A 50 -14.81 66.59 -27.53
C SER A 50 -14.60 66.82 -26.05
N LEU A 51 -13.57 66.21 -25.47
CA LEU A 51 -13.39 66.30 -24.02
C LEU A 51 -12.33 67.33 -23.63
N THR A 52 -11.74 68.00 -24.62
CA THR A 52 -10.77 69.04 -24.30
C THR A 52 -11.51 70.33 -23.97
N CYS A 53 -11.13 70.95 -22.85
CA CYS A 53 -11.74 72.20 -22.40
C CYS A 53 -10.72 73.06 -21.69
N SER A 54 -10.78 74.36 -21.96
CA SER A 54 -9.89 75.32 -21.32
C SER A 54 -10.66 76.56 -20.86
N PRO A 55 -11.35 76.50 -19.69
CA PRO A 55 -12.23 77.53 -19.14
C PRO A 55 -11.58 78.91 -19.14
N TYR B 1 50.86 35.55 -58.15
CA TYR B 1 50.97 34.15 -57.80
C TYR B 1 49.78 33.71 -56.96
N GLU B 2 49.05 32.70 -57.46
CA GLU B 2 47.88 32.17 -56.77
C GLU B 2 48.26 30.98 -55.89
N HIS B 3 47.94 31.09 -54.61
CA HIS B 3 48.25 30.04 -53.65
C HIS B 3 46.97 29.52 -53.00
N VAL B 4 46.78 28.22 -53.02
CA VAL B 4 45.57 27.64 -52.45
C VAL B 4 45.89 26.72 -51.29
N THR B 5 45.30 27.02 -50.14
CA THR B 5 45.51 26.24 -48.94
C THR B 5 44.20 25.97 -48.22
N VAL B 6 44.22 25.03 -47.30
CA VAL B 6 43.04 24.73 -46.50
C VAL B 6 43.37 24.75 -45.02
N ILE B 7 42.54 25.43 -44.24
CA ILE B 7 42.72 25.44 -42.80
C ILE B 7 41.50 24.83 -42.14
N PRO B 8 41.66 24.15 -41.00
CA PRO B 8 40.60 23.64 -40.15
C PRO B 8 39.70 24.77 -39.71
N ASN B 9 38.40 24.49 -39.62
CA ASN B 9 37.44 25.51 -39.22
C ASN B 9 37.39 25.65 -37.73
N THR B 10 38.44 26.18 -37.16
CA THR B 10 38.52 26.42 -35.72
C THR B 10 38.76 27.90 -35.48
N VAL B 11 38.48 28.35 -34.27
CA VAL B 11 38.62 29.76 -33.95
C VAL B 11 39.58 29.98 -32.80
N GLY B 12 40.48 30.94 -32.98
CA GLY B 12 41.47 31.26 -31.97
C GLY B 12 42.76 30.47 -32.15
N VAL B 13 42.79 29.63 -33.18
CA VAL B 13 43.96 28.83 -33.47
C VAL B 13 44.56 29.25 -34.81
N PRO B 14 45.78 29.78 -34.82
CA PRO B 14 46.52 30.22 -35.98
C PRO B 14 47.04 29.03 -36.77
N TYR B 15 47.03 29.15 -38.09
CA TYR B 15 47.61 28.15 -38.97
C TYR B 15 48.60 28.81 -39.92
N LYS B 16 49.66 28.10 -40.24
CA LYS B 16 50.67 28.66 -41.12
C LYS B 16 50.71 27.95 -42.45
N THR B 17 50.76 28.74 -43.51
CA THR B 17 50.85 28.20 -44.86
C THR B 17 52.08 28.75 -45.57
N LEU B 18 52.76 27.88 -46.29
CA LEU B 18 53.97 28.28 -47.00
C LEU B 18 53.68 28.62 -48.45
N VAL B 19 54.09 29.82 -48.85
CA VAL B 19 53.96 30.23 -50.22
C VAL B 19 55.28 30.02 -50.93
N ASN B 20 55.34 28.98 -51.75
CA ASN B 20 56.60 28.60 -52.37
C ASN B 20 56.64 28.94 -53.84
N ARG B 21 57.35 30.00 -54.18
CA ARG B 21 57.51 30.41 -55.56
C ARG B 21 58.98 30.36 -55.95
N PRO B 22 59.42 29.29 -56.59
CA PRO B 22 60.81 28.97 -56.87
C PRO B 22 61.49 30.15 -57.54
N GLY B 23 62.69 30.46 -57.07
CA GLY B 23 63.45 31.59 -57.56
C GLY B 23 63.29 32.80 -56.63
N TYR B 24 62.28 32.74 -55.77
CA TYR B 24 62.02 33.82 -54.82
C TYR B 24 62.05 33.30 -53.39
N SER B 25 62.42 34.17 -52.46
CA SER B 25 62.42 33.82 -51.06
C SER B 25 61.01 33.44 -50.63
N PRO B 26 60.86 32.36 -49.88
CA PRO B 26 59.59 31.81 -49.42
C PRO B 26 58.91 32.75 -48.45
N MET B 27 57.58 32.74 -48.49
CA MET B 27 56.79 33.51 -47.55
C MET B 27 55.95 32.59 -46.68
N VAL B 28 55.84 32.90 -45.41
CA VAL B 28 54.97 32.16 -44.52
C VAL B 28 53.90 33.06 -43.96
N LEU B 29 52.66 32.69 -44.20
CA LEU B 29 51.54 33.49 -43.75
C LEU B 29 50.83 32.82 -42.60
N GLU B 30 50.61 33.57 -41.54
CA GLU B 30 49.90 33.03 -40.39
C GLU B 30 48.47 33.52 -40.38
N MET B 31 47.54 32.59 -40.49
CA MET B 31 46.13 32.95 -40.56
C MET B 31 45.37 32.42 -39.36
N GLU B 32 44.60 33.29 -38.72
CA GLU B 32 43.80 32.89 -37.59
C GLU B 32 42.37 33.35 -37.75
N LEU B 33 41.43 32.43 -37.62
CA LEU B 33 40.02 32.81 -37.65
C LEU B 33 39.64 33.39 -36.31
N LEU B 34 39.08 34.59 -36.32
CA LEU B 34 38.66 35.24 -35.09
C LEU B 34 37.19 35.02 -34.86
N SER B 35 36.44 34.91 -35.95
CA SER B 35 35.02 34.64 -35.88
C SER B 35 34.51 34.02 -37.17
N VAL B 36 33.67 33.00 -37.03
CA VAL B 36 32.98 32.42 -38.18
C VAL B 36 31.47 32.45 -37.95
N THR B 37 30.74 33.06 -38.86
CA THR B 37 29.30 33.21 -38.68
C THR B 37 28.50 32.55 -39.79
N LEU B 38 27.49 31.77 -39.40
CA LEU B 38 26.54 31.21 -40.33
C LEU B 38 25.18 31.84 -40.10
N GLU B 39 24.67 32.54 -41.11
CA GLU B 39 23.39 33.23 -40.96
C GLU B 39 22.34 32.64 -41.91
N PRO B 40 21.41 31.85 -41.38
CA PRO B 40 20.40 31.10 -42.11
C PRO B 40 19.39 32.04 -42.73
N THR B 41 18.90 31.68 -43.91
CA THR B 41 17.80 32.43 -44.48
C THR B 41 16.51 32.01 -43.80
N LEU B 42 15.75 32.98 -43.33
CA LEU B 42 14.56 32.67 -42.57
C LEU B 42 13.29 33.13 -43.26
N SER B 43 12.26 32.32 -43.18
CA SER B 43 10.94 32.69 -43.67
C SER B 43 9.92 32.54 -42.55
N LEU B 44 9.35 33.65 -42.12
CA LEU B 44 8.43 33.62 -40.99
C LEU B 44 7.15 32.90 -41.36
N ASP B 45 6.77 31.92 -40.55
CA ASP B 45 5.53 31.20 -40.76
C ASP B 45 4.41 31.86 -39.97
N TYR B 46 4.70 32.12 -38.70
CA TYR B 46 3.77 32.81 -37.82
C TYR B 46 4.44 33.20 -36.51
N ILE B 47 3.74 33.98 -35.70
CA ILE B 47 4.24 34.30 -34.37
C ILE B 47 3.22 33.87 -33.33
N THR B 48 3.69 33.70 -32.09
CA THR B 48 2.81 33.40 -30.98
C THR B 48 3.04 34.40 -29.86
N CYS B 49 2.04 34.56 -29.02
CA CYS B 49 2.10 35.46 -27.87
C CYS B 49 0.99 35.13 -26.90
N GLU B 50 0.95 35.82 -25.76
CA GLU B 50 -0.14 35.57 -24.85
C GLU B 50 -1.42 36.20 -25.38
N TYR B 51 -2.51 35.46 -25.28
CA TYR B 51 -3.80 35.96 -25.73
C TYR B 51 -4.54 36.59 -24.58
N LYS B 52 -5.45 37.51 -24.89
CA LYS B 52 -6.36 37.99 -23.87
C LYS B 52 -7.77 37.57 -24.24
N THR B 53 -8.55 37.22 -23.25
CA THR B 53 -9.93 36.86 -23.48
C THR B 53 -10.81 38.07 -23.24
N VAL B 54 -11.55 38.46 -24.26
CA VAL B 54 -12.37 39.65 -24.16
C VAL B 54 -13.80 39.28 -23.84
N ILE B 55 -14.28 39.80 -22.73
CA ILE B 55 -15.63 39.54 -22.29
C ILE B 55 -16.38 40.84 -22.09
N PRO B 56 -17.18 41.25 -23.08
CA PRO B 56 -18.02 42.42 -23.06
C PRO B 56 -19.03 42.30 -21.96
N SER B 57 -19.45 43.43 -21.41
CA SER B 57 -20.45 43.41 -20.37
C SER B 57 -21.59 42.51 -20.81
N PRO B 58 -22.06 41.63 -19.93
CA PRO B 58 -23.11 40.66 -20.18
C PRO B 58 -24.42 41.39 -20.39
N TYR B 59 -25.25 40.85 -21.26
CA TYR B 59 -26.55 41.46 -21.49
C TYR B 59 -27.62 40.74 -20.71
N VAL B 60 -28.27 41.44 -19.80
CA VAL B 60 -29.32 40.83 -19.02
C VAL B 60 -30.66 41.34 -19.48
N LYS B 61 -31.44 40.46 -20.08
CA LYS B 61 -32.74 40.83 -20.57
C LYS B 61 -33.78 40.41 -19.55
N CYS B 62 -34.41 41.38 -18.91
CA CYS B 62 -35.35 41.12 -17.84
C CYS B 62 -36.75 40.94 -18.40
N CYS B 63 -37.45 39.92 -17.94
CA CYS B 63 -38.80 39.65 -18.39
C CYS B 63 -38.83 39.36 -19.89
N GLY B 64 -37.81 38.64 -20.37
CA GLY B 64 -37.76 38.25 -21.77
C GLY B 64 -36.54 37.39 -22.08
N THR B 65 -36.53 36.82 -23.27
CA THR B 65 -35.44 35.92 -23.67
C THR B 65 -34.52 36.56 -24.68
N ALA B 66 -33.23 36.56 -24.35
CA ALA B 66 -32.20 37.08 -25.24
C ALA B 66 -31.79 36.03 -26.26
N GLU B 67 -31.26 36.48 -27.38
CA GLU B 67 -30.68 35.59 -28.38
C GLU B 67 -29.38 36.19 -28.89
N CYS B 68 -28.46 35.34 -29.36
CA CYS B 68 -27.15 35.81 -29.80
C CYS B 68 -26.88 35.48 -31.26
N LYS B 69 -26.00 36.26 -31.85
CA LYS B 69 -25.61 36.07 -33.24
C LYS B 69 -24.21 35.48 -33.34
N ASP B 70 -23.96 34.74 -34.40
CA ASP B 70 -22.62 34.22 -34.67
C ASP B 70 -21.70 35.36 -35.07
N LYS B 71 -20.43 35.24 -34.74
CA LYS B 71 -19.44 36.23 -35.12
C LYS B 71 -18.19 35.55 -35.66
N SER B 72 -17.42 36.29 -36.44
CA SER B 72 -16.24 35.75 -37.10
C SER B 72 -14.98 35.87 -36.26
N LEU B 73 -15.14 36.36 -35.04
CA LEU B 73 -14.01 36.60 -34.17
C LEU B 73 -13.27 35.29 -33.88
N PRO B 74 -11.95 35.34 -33.66
CA PRO B 74 -10.99 34.24 -33.76
C PRO B 74 -11.41 32.99 -33.01
N ASP B 75 -12.01 33.16 -31.86
CA ASP B 75 -12.51 32.04 -31.07
C ASP B 75 -13.69 32.53 -30.29
N TYR B 76 -14.87 32.47 -30.91
CA TYR B 76 -16.04 33.14 -30.36
C TYR B 76 -17.08 32.17 -29.85
N SER B 77 -17.65 32.49 -28.70
CA SER B 77 -18.76 31.73 -28.17
C SER B 77 -19.77 32.63 -27.50
N CYS B 78 -21.06 32.31 -27.66
CA CYS B 78 -22.14 33.01 -26.97
C CYS B 78 -23.14 32.00 -26.43
N LYS B 79 -23.65 32.26 -25.25
CA LYS B 79 -24.64 31.39 -24.64
C LYS B 79 -25.65 32.17 -23.84
N VAL B 80 -26.90 31.76 -23.89
CA VAL B 80 -27.95 32.41 -23.12
C VAL B 80 -28.36 31.55 -21.95
N PHE B 81 -28.23 32.10 -20.75
CA PHE B 81 -28.56 31.38 -19.54
C PHE B 81 -29.89 31.85 -18.98
N THR B 82 -30.83 30.93 -18.84
CA THR B 82 -32.16 31.28 -18.36
C THR B 82 -32.23 31.14 -16.85
N GLY B 83 -33.23 31.77 -16.24
CA GLY B 83 -33.46 31.60 -14.82
C GLY B 83 -32.46 32.37 -13.96
N VAL B 84 -31.95 33.47 -14.50
CA VAL B 84 -30.96 34.26 -13.78
C VAL B 84 -31.63 35.33 -12.93
N TYR B 85 -31.18 35.49 -11.69
CA TYR B 85 -31.73 36.52 -10.83
C TYR B 85 -30.62 37.27 -10.10
N PRO B 86 -29.85 38.08 -10.83
CA PRO B 86 -28.66 38.78 -10.39
C PRO B 86 -28.99 39.90 -9.43
N PHE B 87 -28.07 40.19 -8.53
CA PHE B 87 -28.22 41.31 -7.62
C PHE B 87 -27.14 42.36 -7.81
N MET B 88 -27.54 43.61 -7.64
CA MET B 88 -26.63 44.73 -7.61
C MET B 88 -26.47 45.17 -6.18
N TRP B 89 -25.53 46.06 -5.93
CA TRP B 89 -25.27 46.49 -4.56
C TRP B 89 -26.52 47.04 -3.89
N GLY B 90 -27.43 47.61 -4.66
CA GLY B 90 -28.63 48.23 -4.10
C GLY B 90 -29.86 47.32 -4.12
N GLY B 91 -29.68 46.07 -4.54
CA GLY B 91 -30.82 45.15 -4.62
C GLY B 91 -30.90 44.43 -5.96
N ALA B 92 -31.96 43.66 -6.15
CA ALA B 92 -32.11 42.82 -7.34
C ALA B 92 -32.05 43.68 -8.59
N TYR B 93 -31.41 43.14 -9.63
CA TYR B 93 -31.20 43.90 -10.85
C TYR B 93 -32.49 44.38 -11.51
N CYS B 94 -33.51 43.52 -11.56
CA CYS B 94 -34.73 43.86 -12.28
C CYS B 94 -35.98 43.25 -11.66
N PHE B 95 -37.12 43.59 -12.25
CA PHE B 95 -38.44 43.30 -11.70
C PHE B 95 -38.82 41.81 -11.65
N CYS B 96 -38.60 41.09 -12.76
CA CYS B 96 -38.97 39.68 -12.84
C CYS B 96 -38.02 38.79 -12.03
N ASP B 97 -38.57 37.76 -11.41
CA ASP B 97 -37.78 36.86 -10.57
C ASP B 97 -37.15 35.72 -11.37
N THR B 98 -37.96 35.00 -12.12
CA THR B 98 -37.46 33.84 -12.84
C THR B 98 -37.44 34.03 -14.35
N GLU B 99 -38.23 34.98 -14.84
CA GLU B 99 -38.31 35.20 -16.28
C GLU B 99 -37.20 36.14 -16.73
N ASN B 100 -35.97 35.70 -16.57
CA ASN B 100 -34.82 36.51 -16.96
C ASN B 100 -33.80 35.67 -17.69
N THR B 101 -33.15 36.28 -18.68
CA THR B 101 -32.08 35.61 -19.39
C THR B 101 -30.82 36.45 -19.45
N GLN B 102 -29.68 35.80 -19.38
CA GLN B 102 -28.40 36.48 -19.51
C GLN B 102 -27.63 36.00 -20.71
N LEU B 103 -27.20 36.92 -21.53
CA LEU B 103 -26.37 36.58 -22.67
C LEU B 103 -24.91 36.86 -22.40
N SER B 104 -24.13 35.79 -22.37
CA SER B 104 -22.71 35.89 -22.17
C SER B 104 -22.00 35.62 -23.49
N GLU B 105 -21.00 36.43 -23.79
CA GLU B 105 -20.23 36.21 -25.00
C GLU B 105 -18.77 36.54 -24.76
N ALA B 106 -17.89 35.89 -25.51
CA ALA B 106 -16.47 36.17 -25.37
C ALA B 106 -15.72 35.79 -26.64
N HIS B 107 -14.58 36.45 -26.85
CA HIS B 107 -13.69 36.06 -27.94
C HIS B 107 -12.22 36.22 -27.54
N VAL B 108 -11.36 35.49 -28.24
CA VAL B 108 -9.93 35.56 -27.99
C VAL B 108 -9.20 36.42 -29.02
N GLU B 109 -8.36 37.32 -28.54
CA GLU B 109 -7.54 38.14 -29.42
C GLU B 109 -6.15 38.37 -28.85
N LYS B 110 -5.21 38.76 -29.70
CA LYS B 110 -3.85 39.05 -29.25
C LYS B 110 -3.83 40.17 -28.23
N SER B 111 -3.07 39.98 -27.16
CA SER B 111 -2.93 41.01 -26.14
C SER B 111 -2.02 42.13 -26.63
N GLU B 112 -2.04 43.25 -25.93
CA GLU B 112 -1.22 44.40 -26.28
C GLU B 112 0.26 44.07 -26.14
N SER B 113 0.56 43.09 -25.31
CA SER B 113 1.93 42.68 -25.04
C SER B 113 2.60 41.99 -26.24
N CYS B 114 1.80 41.55 -27.22
CA CYS B 114 2.29 40.80 -28.37
C CYS B 114 3.24 41.62 -29.23
N LYS B 115 3.26 42.93 -29.01
CA LYS B 115 4.18 43.80 -29.73
C LYS B 115 5.60 43.68 -29.17
N THR B 116 5.70 43.22 -27.93
CA THR B 116 7.00 43.10 -27.27
C THR B 116 7.33 41.66 -26.90
N GLU B 117 6.35 40.95 -26.37
CA GLU B 117 6.54 39.58 -25.93
C GLU B 117 5.92 38.58 -26.89
N PHE B 118 6.75 38.00 -27.74
CA PHE B 118 6.27 37.04 -28.71
C PHE B 118 7.38 36.11 -29.14
N ALA B 119 7.00 34.99 -29.73
CA ALA B 119 7.96 34.08 -30.32
C ALA B 119 7.71 33.97 -31.81
N SER B 120 8.76 33.93 -32.58
CA SER B 120 8.63 33.85 -34.02
C SER B 120 8.97 32.47 -34.56
N ALA B 121 8.04 31.88 -35.29
CA ALA B 121 8.25 30.57 -35.89
C ALA B 121 8.75 30.72 -37.31
N TYR B 122 10.01 30.39 -37.52
CA TYR B 122 10.68 30.57 -38.82
C TYR B 122 10.98 29.25 -39.50
N ARG B 123 10.96 29.27 -40.81
CA ARG B 123 11.53 28.17 -41.58
C ARG B 123 12.95 28.53 -41.97
N ALA B 124 13.90 27.66 -41.63
CA ALA B 124 15.29 27.91 -41.93
C ALA B 124 15.71 27.18 -43.18
N HIS B 125 16.53 27.83 -44.00
CA HIS B 125 17.01 27.22 -45.23
C HIS B 125 18.52 27.11 -45.23
N THR B 126 19.16 27.63 -46.26
CA THR B 126 20.62 27.63 -46.34
C THR B 126 21.16 28.80 -45.55
N ALA B 127 22.46 28.78 -45.26
CA ALA B 127 23.04 29.87 -44.51
C ALA B 127 24.16 30.54 -45.28
N SER B 128 24.22 31.86 -45.14
CA SER B 128 25.31 32.63 -45.70
C SER B 128 26.47 32.63 -44.72
N ALA B 129 27.65 32.31 -45.20
CA ALA B 129 28.79 32.24 -44.30
C ALA B 129 29.64 33.51 -44.42
N SER B 130 30.16 33.95 -43.29
CA SER B 130 31.10 35.07 -43.25
C SER B 130 32.10 34.84 -42.13
N ALA B 131 33.25 35.48 -42.23
CA ALA B 131 34.26 35.25 -41.21
C ALA B 131 35.19 36.45 -41.05
N LYS B 132 35.74 36.59 -39.86
CA LYS B 132 36.75 37.59 -39.58
C LYS B 132 38.09 36.90 -39.43
N LEU B 133 39.02 37.25 -40.32
CA LEU B 133 40.30 36.55 -40.37
C LEU B 133 41.47 37.47 -40.06
N ARG B 134 42.35 37.01 -39.18
CA ARG B 134 43.59 37.72 -38.92
C ARG B 134 44.71 37.14 -39.76
N VAL B 135 45.35 37.97 -40.56
CA VAL B 135 46.43 37.51 -41.39
C VAL B 135 47.73 38.22 -41.06
N LEU B 136 48.78 37.46 -40.82
CA LEU B 136 50.09 38.03 -40.61
C LEU B 136 50.82 38.02 -41.95
N TYR B 137 50.87 39.19 -42.58
CA TYR B 137 51.43 39.31 -43.92
C TYR B 137 52.67 40.18 -43.91
N GLN B 138 53.79 39.58 -44.25
CA GLN B 138 55.07 40.30 -44.26
C GLN B 138 55.32 41.03 -42.95
N GLY B 139 55.00 40.37 -41.84
CA GLY B 139 55.31 40.92 -40.52
C GLY B 139 54.23 41.81 -39.95
N ASN B 140 53.19 42.10 -40.74
CA ASN B 140 52.13 42.99 -40.27
C ASN B 140 50.82 42.26 -39.99
N ASN B 141 50.11 42.70 -38.95
CA ASN B 141 48.82 42.14 -38.55
C ASN B 141 47.66 42.89 -39.20
N VAL B 142 46.98 42.22 -40.13
CA VAL B 142 45.82 42.81 -40.81
C VAL B 142 44.59 41.97 -40.57
N THR B 143 43.53 42.60 -40.08
CA THR B 143 42.28 41.89 -39.83
C THR B 143 41.28 42.22 -40.92
N VAL B 144 40.78 41.19 -41.59
CA VAL B 144 39.82 41.41 -42.65
C VAL B 144 38.48 40.75 -42.40
N SER B 145 37.43 41.52 -42.55
CA SER B 145 36.07 41.00 -42.46
C SER B 145 35.57 40.72 -43.87
N ALA B 146 35.22 39.46 -44.14
CA ALA B 146 34.82 39.08 -45.48
C ALA B 146 33.80 37.96 -45.46
N TYR B 147 33.07 37.83 -46.56
CA TYR B 147 32.13 36.73 -46.72
C TYR B 147 32.89 35.46 -47.02
N ALA B 148 32.36 34.33 -46.58
CA ALA B 148 33.05 33.05 -46.71
C ALA B 148 32.30 32.13 -47.65
N ASN B 149 31.65 32.71 -48.65
CA ASN B 149 30.90 31.93 -49.61
C ASN B 149 31.75 31.63 -50.85
N GLY B 150 33.01 32.05 -50.81
CA GLY B 150 33.92 31.83 -51.92
C GLY B 150 33.76 32.90 -53.01
N ASP B 151 32.91 33.89 -52.75
CA ASP B 151 32.61 34.92 -53.74
C ASP B 151 33.09 36.30 -53.33
N HIS B 152 33.91 36.39 -52.30
CA HIS B 152 34.38 37.68 -51.84
C HIS B 152 35.88 37.73 -51.62
N ALA B 153 36.54 38.60 -52.38
CA ALA B 153 37.97 38.80 -52.23
C ALA B 153 38.24 40.07 -51.45
N VAL B 154 38.99 39.95 -50.37
CA VAL B 154 39.31 41.11 -49.54
C VAL B 154 40.81 41.39 -49.58
N THR B 155 41.17 42.65 -49.75
CA THR B 155 42.57 43.02 -49.94
C THR B 155 43.34 43.21 -48.64
N VAL B 156 44.49 42.55 -48.57
CA VAL B 156 45.45 42.69 -47.49
C VAL B 156 46.78 43.18 -48.05
N LYS B 157 47.06 44.47 -47.92
CA LYS B 157 48.30 45.00 -48.45
C LYS B 157 48.55 44.54 -49.88
N ASP B 158 47.55 44.72 -50.73
CA ASP B 158 47.62 44.40 -52.15
C ASP B 158 47.60 42.90 -52.46
N ALA B 159 47.39 42.06 -51.45
CA ALA B 159 47.14 40.65 -51.70
C ALA B 159 45.64 40.37 -51.57
N LYS B 160 45.10 39.53 -52.43
CA LYS B 160 43.66 39.23 -52.34
C LYS B 160 43.39 37.91 -51.67
N PHE B 161 42.52 37.92 -50.68
CA PHE B 161 42.14 36.71 -49.97
C PHE B 161 40.69 36.31 -50.22
N ILE B 162 40.50 35.13 -50.81
CA ILE B 162 39.17 34.59 -51.04
C ILE B 162 38.90 33.44 -50.07
N VAL B 163 37.84 33.56 -49.32
CA VAL B 163 37.55 32.60 -48.27
C VAL B 163 36.30 31.78 -48.58
N GLY B 164 36.42 30.46 -48.45
CA GLY B 164 35.30 29.57 -48.66
C GLY B 164 35.22 29.10 -50.10
N PRO B 165 34.18 28.32 -50.41
CA PRO B 165 33.07 27.91 -49.58
C PRO B 165 33.52 26.93 -48.53
N MET B 166 32.77 26.85 -47.44
CA MET B 166 33.08 25.92 -46.37
C MET B 166 32.78 24.49 -46.79
N SER B 167 33.61 23.55 -46.36
CA SER B 167 33.49 22.16 -46.77
C SER B 167 32.32 21.44 -46.12
N SER B 168 31.79 22.02 -45.05
CA SER B 168 30.66 21.39 -44.37
C SER B 168 29.41 22.24 -44.45
N ALA B 169 28.30 21.61 -44.80
CA ALA B 169 27.02 22.30 -44.91
C ALA B 169 26.26 22.22 -43.60
N TRP B 170 26.89 21.64 -42.58
CA TRP B 170 26.23 21.43 -41.31
C TRP B 170 25.89 22.74 -40.62
N THR B 171 24.69 22.79 -40.05
CA THR B 171 24.22 23.93 -39.28
C THR B 171 23.51 23.41 -38.04
N PRO B 172 23.61 24.12 -36.92
CA PRO B 172 22.97 23.81 -35.66
C PRO B 172 21.46 24.00 -35.74
N PHE B 173 21.03 24.72 -36.76
CA PHE B 173 19.61 25.05 -36.91
C PHE B 173 18.87 24.00 -37.72
N ASP B 174 17.74 23.54 -37.20
CA ASP B 174 16.89 22.63 -37.95
C ASP B 174 15.98 23.40 -38.87
N ASN B 175 15.14 22.71 -39.62
CA ASN B 175 14.26 23.38 -40.57
C ASN B 175 13.27 24.29 -39.87
N LYS B 176 12.84 23.91 -38.67
CA LYS B 176 11.89 24.70 -37.92
C LYS B 176 12.54 25.39 -36.72
N ILE B 177 12.56 26.70 -36.76
CA ILE B 177 13.22 27.50 -35.74
C ILE B 177 12.25 28.42 -35.01
N VAL B 178 12.30 28.40 -33.69
CA VAL B 178 11.50 29.32 -32.90
C VAL B 178 12.38 30.26 -32.12
N VAL B 179 12.16 31.56 -32.29
CA VAL B 179 12.98 32.57 -31.66
C VAL B 179 12.17 33.42 -30.69
N TYR B 180 12.62 33.51 -29.45
CA TYR B 180 11.92 34.31 -28.46
C TYR B 180 12.56 35.68 -28.32
N LYS B 181 13.73 35.73 -27.71
CA LYS B 181 14.50 36.96 -27.65
C LYS B 181 15.91 36.71 -28.14
N GLY B 182 16.81 36.40 -27.22
CA GLY B 182 18.18 36.04 -27.58
C GLY B 182 18.32 34.54 -27.66
N ASP B 183 17.21 33.83 -27.46
CA ASP B 183 17.20 32.38 -27.41
C ASP B 183 16.53 31.75 -28.62
N VAL B 184 17.25 30.85 -29.27
CA VAL B 184 16.73 30.14 -30.44
C VAL B 184 16.54 28.66 -30.10
N TYR B 185 15.38 28.12 -30.47
CA TYR B 185 15.07 26.72 -30.18
C TYR B 185 14.76 25.92 -31.44
N ASN B 186 15.21 24.66 -31.47
CA ASN B 186 14.86 23.75 -32.56
C ASN B 186 13.56 23.04 -32.25
N MET B 187 12.46 23.78 -32.33
CA MET B 187 11.16 23.22 -32.00
C MET B 187 10.33 22.93 -33.24
N ASP B 188 9.73 21.74 -33.27
CA ASP B 188 8.88 21.37 -34.39
C ASP B 188 7.49 21.94 -34.18
N TYR B 189 7.36 23.24 -34.42
CA TYR B 189 6.11 23.93 -34.20
C TYR B 189 5.05 23.45 -35.17
N PRO B 190 3.77 23.47 -34.78
CA PRO B 190 2.62 23.09 -35.56
C PRO B 190 2.43 24.08 -36.70
N PRO B 191 1.89 23.64 -37.83
CA PRO B 191 1.50 24.43 -38.99
C PRO B 191 0.48 25.48 -38.58
N PHE B 192 0.51 26.62 -39.26
CA PHE B 192 -0.46 27.65 -38.95
C PHE B 192 -1.86 27.11 -39.15
N GLY B 193 -2.72 27.35 -38.17
CA GLY B 193 -4.10 26.89 -38.23
C GLY B 193 -4.26 25.50 -37.63
N ALA B 194 -3.17 24.92 -37.15
CA ALA B 194 -3.18 23.58 -36.57
C ALA B 194 -2.70 23.60 -35.13
N GLY B 195 -2.97 24.69 -34.43
CA GLY B 195 -2.52 24.82 -33.04
C GLY B 195 -3.37 24.01 -32.08
N ARG B 196 -2.88 23.86 -30.85
CA ARG B 196 -3.57 23.13 -29.81
C ARG B 196 -3.59 23.91 -28.52
N PRO B 197 -4.67 23.83 -27.74
CA PRO B 197 -4.89 24.55 -26.50
C PRO B 197 -3.87 24.16 -25.45
N GLY B 198 -3.34 25.14 -24.75
CA GLY B 198 -2.40 24.89 -23.66
C GLY B 198 -1.00 24.58 -24.18
N GLN B 199 -0.84 24.62 -25.48
CA GLN B 199 0.44 24.30 -26.11
C GLN B 199 0.92 25.45 -26.96
N PHE B 200 2.21 25.47 -27.25
CA PHE B 200 2.74 26.52 -28.11
C PHE B 200 1.98 26.52 -29.42
N GLY B 201 1.55 27.69 -29.85
CA GLY B 201 0.82 27.82 -31.09
C GLY B 201 -0.70 27.81 -30.88
N ASP B 202 -1.14 27.90 -29.64
CA ASP B 202 -2.57 27.94 -29.37
C ASP B 202 -3.19 29.19 -29.98
N ILE B 203 -2.43 30.29 -29.97
CA ILE B 203 -2.80 31.49 -30.69
C ILE B 203 -1.73 31.80 -31.72
N GLN B 204 -2.12 32.00 -32.97
CA GLN B 204 -1.16 32.22 -34.03
C GLN B 204 -1.53 33.43 -34.89
N SER B 205 -0.52 34.14 -35.35
CA SER B 205 -0.72 35.25 -36.27
C SER B 205 0.42 35.29 -37.28
N ARG B 206 0.11 35.60 -38.54
CA ARG B 206 1.14 35.58 -39.57
C ARG B 206 2.20 36.63 -39.34
N THR B 207 1.79 37.82 -38.93
CA THR B 207 2.72 38.90 -38.65
C THR B 207 2.28 39.66 -37.40
N PRO B 208 3.19 40.33 -36.70
CA PRO B 208 2.95 41.14 -35.52
C PRO B 208 1.85 42.17 -35.71
N GLU B 209 1.75 42.73 -36.91
CA GLU B 209 0.75 43.76 -37.17
C GLU B 209 -0.58 43.21 -37.68
N SER B 210 -0.62 41.92 -37.97
CA SER B 210 -1.82 41.35 -38.59
C SER B 210 -2.99 41.29 -37.64
N GLU B 211 -4.19 41.54 -38.19
CA GLU B 211 -5.42 41.39 -37.43
C GLU B 211 -5.98 39.98 -37.59
N ASP B 212 -5.36 39.20 -38.46
CA ASP B 212 -5.81 37.85 -38.75
C ASP B 212 -5.25 36.87 -37.72
N VAL B 213 -6.11 36.42 -36.82
CA VAL B 213 -5.67 35.60 -35.71
C VAL B 213 -6.36 34.24 -35.69
N TYR B 214 -5.56 33.20 -35.56
CA TYR B 214 -6.09 31.86 -35.34
C TYR B 214 -5.99 31.52 -33.88
N ALA B 215 -7.03 30.95 -33.31
CA ALA B 215 -6.96 30.58 -31.91
C ALA B 215 -7.73 29.30 -31.63
N ASN B 216 -7.16 28.49 -30.76
CA ASN B 216 -7.80 27.27 -30.30
C ASN B 216 -7.59 27.13 -28.80
N THR B 217 -8.46 27.78 -28.02
CA THR B 217 -8.24 27.85 -26.58
C THR B 217 -9.26 27.04 -25.80
N GLN B 218 -10.21 26.43 -26.50
CA GLN B 218 -11.30 25.72 -25.84
C GLN B 218 -12.01 26.60 -24.85
N LEU B 219 -12.41 27.78 -25.29
CA LEU B 219 -13.11 28.70 -24.43
C LEU B 219 -14.58 28.31 -24.29
N VAL B 220 -14.96 27.91 -23.09
CA VAL B 220 -16.32 27.49 -22.82
C VAL B 220 -16.96 28.38 -21.77
N LEU B 221 -18.10 28.95 -22.11
CA LEU B 221 -18.82 29.80 -21.17
C LEU B 221 -19.60 28.95 -20.19
N GLN B 222 -19.55 29.33 -18.92
CA GLN B 222 -20.24 28.60 -17.88
C GLN B 222 -21.36 29.44 -17.30
N ARG B 223 -22.31 28.79 -16.63
CA ARG B 223 -23.40 29.49 -15.99
C ARG B 223 -22.87 30.28 -14.80
N PRO B 224 -23.28 31.54 -14.63
CA PRO B 224 -22.92 32.44 -13.56
C PRO B 224 -23.48 31.94 -12.23
N SER B 225 -22.80 32.26 -11.14
CA SER B 225 -23.32 31.87 -9.84
C SER B 225 -24.59 32.65 -9.55
N ALA B 226 -25.46 32.06 -8.73
CA ALA B 226 -26.73 32.70 -8.46
C ALA B 226 -26.53 34.04 -7.78
N GLY B 227 -27.30 35.03 -8.21
CA GLY B 227 -27.29 36.34 -7.59
C GLY B 227 -26.17 37.24 -8.10
N THR B 228 -25.43 36.77 -9.08
CA THR B 228 -24.31 37.56 -9.60
C THR B 228 -24.43 37.80 -11.10
N VAL B 229 -23.60 38.71 -11.61
CA VAL B 229 -23.61 39.05 -13.03
C VAL B 229 -22.30 38.71 -13.72
N HIS B 230 -21.41 38.02 -13.02
CA HIS B 230 -20.10 37.70 -13.59
C HIS B 230 -20.22 36.67 -14.69
N VAL B 231 -19.24 36.63 -15.58
CA VAL B 231 -19.23 35.65 -16.65
C VAL B 231 -18.07 34.68 -16.51
N PRO B 232 -18.30 33.49 -15.96
CA PRO B 232 -17.32 32.44 -15.74
C PRO B 232 -17.01 31.74 -17.04
N TYR B 233 -15.82 31.20 -17.15
CA TYR B 233 -15.48 30.42 -18.31
C TYR B 233 -14.37 29.44 -18.02
N SER B 234 -14.27 28.41 -18.85
CA SER B 234 -13.17 27.45 -18.77
C SER B 234 -12.35 27.54 -20.04
N GLN B 235 -11.09 27.91 -19.90
CA GLN B 235 -10.23 28.11 -21.05
C GLN B 235 -8.82 27.59 -20.77
N ALA B 236 -8.20 26.98 -21.78
CA ALA B 236 -6.82 26.53 -21.63
C ALA B 236 -5.91 27.75 -21.53
N PRO B 237 -5.09 27.86 -20.48
CA PRO B 237 -4.16 28.94 -20.24
C PRO B 237 -3.18 29.05 -21.39
N SER B 238 -2.69 30.24 -21.64
CA SER B 238 -1.85 30.47 -22.80
C SER B 238 -0.70 29.48 -22.87
N GLY B 239 -0.54 28.90 -24.05
CA GLY B 239 0.54 27.95 -24.29
C GLY B 239 1.85 28.70 -24.38
N PHE B 240 1.77 29.99 -24.59
CA PHE B 240 2.96 30.83 -24.65
C PHE B 240 3.57 30.93 -23.27
N LYS B 241 2.73 31.19 -22.27
CA LYS B 241 3.20 31.27 -20.90
C LYS B 241 3.72 29.94 -20.41
N TYR B 242 3.03 28.86 -20.78
CA TYR B 242 3.51 27.54 -20.41
C TYR B 242 4.84 27.25 -21.08
N TRP B 243 4.94 27.62 -22.35
CA TRP B 243 6.17 27.38 -23.09
C TRP B 243 7.32 28.13 -22.47
N LEU B 244 7.08 29.37 -22.06
CA LEU B 244 8.14 30.18 -21.47
C LEU B 244 8.71 29.53 -20.23
N LYS B 245 7.86 28.85 -19.46
CA LYS B 245 8.32 28.16 -18.26
C LYS B 245 8.97 26.82 -18.59
N GLU B 246 8.53 26.22 -19.69
CA GLU B 246 8.99 24.88 -20.08
C GLU B 246 9.96 24.92 -21.26
N ARG B 247 10.51 26.10 -21.55
CA ARG B 247 11.38 26.25 -22.72
C ARG B 247 12.55 25.28 -22.74
N GLY B 248 13.16 25.07 -21.59
CA GLY B 248 14.35 24.25 -21.52
C GLY B 248 15.55 25.05 -22.01
N ALA B 249 16.66 24.35 -22.26
CA ALA B 249 17.87 25.03 -22.71
C ALA B 249 17.76 25.43 -24.17
N SER B 250 18.30 26.58 -24.49
CA SER B 250 18.33 27.07 -25.87
C SER B 250 19.54 26.53 -26.60
N LEU B 251 19.59 26.72 -27.92
CA LEU B 251 20.67 26.18 -28.72
C LEU B 251 22.02 26.75 -28.32
N GLN B 252 22.00 27.93 -27.72
CA GLN B 252 23.23 28.54 -27.25
C GLN B 252 23.94 27.63 -26.26
N HIS B 253 23.16 26.81 -25.57
CA HIS B 253 23.72 25.94 -24.54
C HIS B 253 23.74 24.47 -24.94
N THR B 254 22.94 24.10 -25.94
CA THR B 254 22.83 22.69 -26.32
C THR B 254 23.49 22.34 -27.65
N ALA B 255 23.82 23.34 -28.46
CA ALA B 255 24.32 23.07 -29.80
C ALA B 255 25.63 22.27 -29.76
N PRO B 256 25.80 21.34 -30.71
CA PRO B 256 27.02 20.61 -31.02
C PRO B 256 28.15 21.52 -31.50
N PHE B 257 29.38 21.02 -31.39
CA PHE B 257 30.57 21.69 -31.91
C PHE B 257 30.85 23.04 -31.27
N GLY B 258 30.26 23.28 -30.11
CA GLY B 258 30.54 24.48 -29.35
C GLY B 258 30.01 25.75 -30.01
N CYS B 259 28.93 25.63 -30.80
CA CYS B 259 28.37 26.76 -31.53
C CYS B 259 27.78 27.79 -30.59
N GLN B 260 28.06 29.05 -30.85
CA GLN B 260 27.45 30.15 -30.11
C GLN B 260 26.25 30.67 -30.89
N ILE B 261 25.16 30.92 -30.20
CA ILE B 261 23.94 31.35 -30.88
C ILE B 261 23.53 32.75 -30.48
N ALA B 262 23.19 33.56 -31.47
CA ALA B 262 22.75 34.93 -31.25
C ALA B 262 21.59 35.25 -32.17
N THR B 263 20.82 36.27 -31.81
CA THR B 263 19.66 36.66 -32.60
C THR B 263 19.79 38.09 -33.08
N ASN B 264 18.88 38.48 -33.97
CA ASN B 264 18.86 39.83 -34.50
C ASN B 264 20.17 40.23 -35.15
N PRO B 265 20.54 39.59 -36.26
CA PRO B 265 19.93 38.46 -36.95
C PRO B 265 20.28 37.13 -36.27
N VAL B 266 19.57 36.07 -36.65
CA VAL B 266 19.89 34.76 -36.11
C VAL B 266 21.22 34.30 -36.67
N ARG B 267 22.12 33.92 -35.78
CA ARG B 267 23.47 33.54 -36.17
C ARG B 267 24.00 32.34 -35.41
N ALA B 268 24.71 31.47 -36.11
CA ALA B 268 25.50 30.44 -35.47
C ALA B 268 26.97 30.81 -35.62
N MET B 269 27.67 30.92 -34.50
CA MET B 269 29.03 31.42 -34.55
C MET B 269 30.05 30.44 -34.00
N ASN B 270 31.22 30.44 -34.63
CA ASN B 270 32.38 29.70 -34.16
C ASN B 270 32.11 28.21 -33.99
N CYS B 271 31.43 27.60 -34.96
CA CYS B 271 31.20 26.16 -34.96
C CYS B 271 32.46 25.45 -35.44
N ALA B 272 32.96 24.51 -34.65
CA ALA B 272 34.19 23.81 -35.00
C ALA B 272 33.92 22.66 -35.95
N VAL B 273 33.49 22.99 -37.16
CA VAL B 273 33.06 21.96 -38.10
C VAL B 273 33.81 21.98 -39.41
N GLY B 274 34.39 20.84 -39.77
CA GLY B 274 35.03 20.67 -41.07
C GLY B 274 36.22 21.61 -41.24
N ASN B 275 36.35 22.16 -42.45
CA ASN B 275 37.45 23.05 -42.76
C ASN B 275 37.04 24.11 -43.76
N MET B 276 37.96 25.04 -44.02
CA MET B 276 37.68 26.20 -44.85
C MET B 276 38.84 26.52 -45.78
N PRO B 277 38.68 26.39 -47.10
CA PRO B 277 39.67 26.67 -48.11
C PRO B 277 39.91 28.17 -48.24
N ILE B 278 41.16 28.54 -48.44
CA ILE B 278 41.51 29.94 -48.67
C ILE B 278 42.42 30.08 -49.90
N SER B 279 42.04 30.97 -50.80
CA SER B 279 42.83 31.24 -52.00
C SER B 279 43.46 32.62 -51.92
N ILE B 280 44.78 32.67 -52.02
CA ILE B 280 45.50 33.92 -51.85
C ILE B 280 46.21 34.35 -53.13
N ASP B 281 45.95 35.56 -53.59
CA ASP B 281 46.61 36.09 -54.78
C ASP B 281 47.64 37.15 -54.42
N ILE B 282 48.91 36.79 -54.53
CA ILE B 282 50.01 37.65 -54.12
C ILE B 282 50.77 38.20 -55.33
N PRO B 283 50.84 39.53 -55.49
CA PRO B 283 51.43 40.22 -56.61
C PRO B 283 52.94 40.00 -56.63
N ASP B 284 53.53 40.04 -57.82
CA ASP B 284 54.95 39.76 -57.98
C ASP B 284 55.82 40.77 -57.22
N ALA B 285 55.28 41.96 -57.01
CA ALA B 285 55.99 43.02 -56.31
C ALA B 285 56.27 42.61 -54.86
N ALA B 286 55.51 41.66 -54.35
CA ALA B 286 55.63 41.26 -52.96
C ALA B 286 56.71 40.20 -52.77
N PHE B 287 57.29 39.73 -53.87
CA PHE B 287 58.29 38.68 -53.77
C PHE B 287 59.71 39.22 -53.92
N THR B 288 60.61 38.70 -53.09
CA THR B 288 62.02 39.05 -53.14
C THR B 288 62.82 37.90 -53.70
N ARG B 289 63.68 38.18 -54.67
CA ARG B 289 64.48 37.14 -55.29
C ARG B 289 65.45 36.53 -54.30
N VAL B 290 65.74 35.24 -54.45
CA VAL B 290 66.61 34.54 -53.52
C VAL B 290 68.01 35.14 -53.47
N VAL B 291 68.40 35.83 -54.55
CA VAL B 291 69.71 36.45 -54.60
C VAL B 291 69.77 37.71 -53.73
N ASP B 292 68.62 38.33 -53.50
CA ASP B 292 68.55 39.53 -52.68
C ASP B 292 68.27 39.17 -51.23
N ALA B 293 67.57 38.07 -51.02
CA ALA B 293 67.23 37.59 -49.70
C ALA B 293 68.48 37.02 -49.01
N PRO B 294 68.47 36.98 -47.68
CA PRO B 294 69.39 36.25 -46.84
C PRO B 294 69.36 34.78 -47.17
N SER B 295 70.51 34.12 -47.11
CA SER B 295 70.61 32.70 -47.36
C SER B 295 71.38 32.03 -46.24
N LEU B 296 70.90 30.89 -45.77
CA LEU B 296 71.55 30.21 -44.65
C LEU B 296 72.22 28.92 -45.09
N THR B 297 73.42 28.70 -44.57
CA THR B 297 74.13 27.46 -44.79
C THR B 297 74.71 26.92 -43.50
N ASP B 298 75.28 25.72 -43.57
CA ASP B 298 75.90 25.09 -42.41
C ASP B 298 74.97 25.06 -41.21
N MET B 299 73.71 24.71 -41.46
CA MET B 299 72.73 24.70 -40.38
C MET B 299 72.72 23.38 -39.63
N SER B 300 72.50 23.47 -38.32
CA SER B 300 72.38 22.29 -37.47
C SER B 300 71.36 22.51 -36.35
N CYS B 301 70.46 21.53 -36.17
CA CYS B 301 69.38 21.65 -35.20
C CYS B 301 69.62 20.80 -33.95
N GLU B 302 69.45 21.41 -32.80
CA GLU B 302 69.48 20.71 -31.52
C GLU B 302 68.26 21.10 -30.69
N VAL B 303 67.66 20.12 -30.04
CA VAL B 303 66.46 20.38 -29.26
C VAL B 303 66.70 20.10 -27.77
N PRO B 304 67.02 21.12 -26.99
CA PRO B 304 67.41 21.03 -25.59
C PRO B 304 66.25 20.60 -24.70
N ALA B 305 65.03 20.80 -25.16
CA ALA B 305 63.86 20.42 -24.37
C ALA B 305 62.66 20.20 -25.26
N CYS B 306 61.79 19.27 -24.86
CA CYS B 306 60.53 19.04 -25.55
C CYS B 306 59.48 18.47 -24.61
N THR B 307 58.32 19.12 -24.60
CA THR B 307 57.16 18.62 -23.88
C THR B 307 55.98 18.59 -24.84
N HIS B 308 55.31 17.46 -24.95
CA HIS B 308 54.17 17.40 -25.88
C HIS B 308 52.89 17.89 -25.21
N SER B 309 52.89 19.16 -24.85
CA SER B 309 51.75 19.83 -24.24
C SER B 309 50.95 20.56 -25.30
N SER B 310 49.76 21.02 -24.94
CA SER B 310 48.91 21.75 -25.89
C SER B 310 49.55 23.05 -26.33
N ASP B 311 50.30 23.68 -25.42
CA ASP B 311 50.99 24.93 -25.71
C ASP B 311 52.33 24.67 -26.38
N PHE B 312 53.05 25.73 -26.69
CA PHE B 312 54.34 25.60 -27.36
C PHE B 312 55.42 25.28 -26.35
N GLY B 313 55.41 24.04 -25.86
CA GLY B 313 56.31 23.61 -24.81
C GLY B 313 57.67 23.15 -25.36
N GLY B 314 57.77 23.00 -26.67
CA GLY B 314 59.03 22.56 -27.26
C GLY B 314 59.89 23.76 -27.65
N VAL B 315 61.20 23.59 -27.53
CA VAL B 315 62.14 24.62 -27.96
C VAL B 315 63.25 24.01 -28.79
N ALA B 316 63.58 24.63 -29.91
CA ALA B 316 64.67 24.14 -30.74
C ALA B 316 65.65 25.25 -31.02
N ILE B 317 66.94 24.93 -30.98
CA ILE B 317 67.99 25.88 -31.28
C ILE B 317 68.71 25.46 -32.55
N ILE B 318 68.73 26.34 -33.54
CA ILE B 318 69.35 26.00 -34.80
C ILE B 318 70.50 26.92 -35.14
N LYS B 319 71.67 26.32 -35.37
CA LYS B 319 72.85 27.08 -35.74
C LYS B 319 72.76 27.45 -37.21
N TYR B 320 73.22 28.65 -37.56
CA TYR B 320 73.18 29.06 -38.96
C TYR B 320 74.33 29.97 -39.34
N ALA B 321 74.68 29.95 -40.63
CA ALA B 321 75.58 30.95 -41.19
C ALA B 321 74.82 31.77 -42.23
N ALA B 322 74.59 33.03 -41.92
CA ALA B 322 73.81 33.89 -42.81
C ALA B 322 74.70 34.69 -43.73
N SER B 323 74.34 34.72 -45.00
CA SER B 323 75.09 35.47 -46.00
C SER B 323 74.96 36.97 -45.80
N LYS B 324 73.81 37.40 -45.28
CA LYS B 324 73.56 38.81 -45.02
C LYS B 324 72.47 38.97 -43.98
N LYS B 325 72.42 40.14 -43.36
CA LYS B 325 71.39 40.45 -42.38
C LYS B 325 70.03 40.63 -43.03
N GLY B 326 69.00 40.05 -42.40
CA GLY B 326 67.64 40.26 -42.86
C GLY B 326 66.67 39.30 -42.18
N LYS B 327 65.39 39.46 -42.48
CA LYS B 327 64.36 38.58 -41.94
C LYS B 327 64.23 37.34 -42.80
N CYS B 328 63.88 36.21 -42.16
CA CYS B 328 63.82 34.92 -42.84
C CYS B 328 62.59 34.13 -42.41
N ALA B 329 61.91 33.53 -43.38
CA ALA B 329 60.72 32.73 -43.13
C ALA B 329 61.06 31.38 -42.51
N VAL B 330 60.21 30.91 -41.59
CA VAL B 330 60.38 29.62 -40.95
C VAL B 330 59.15 28.73 -41.15
N HIS B 331 59.37 27.51 -41.64
CA HIS B 331 58.24 26.60 -41.88
C HIS B 331 58.52 25.18 -41.40
N SER B 332 57.49 24.55 -40.82
CA SER B 332 57.57 23.15 -40.44
C SER B 332 57.23 22.25 -41.61
N MET B 333 58.06 21.24 -41.84
CA MET B 333 57.86 20.35 -42.98
C MET B 333 56.92 19.20 -42.65
N THR B 334 56.47 19.13 -41.40
CA THR B 334 55.57 18.06 -41.00
C THR B 334 54.35 18.61 -40.29
N ASN B 335 53.21 17.99 -40.54
CA ASN B 335 51.95 18.43 -39.93
C ASN B 335 51.95 18.17 -38.44
N ALA B 336 52.77 17.22 -38.01
CA ALA B 336 52.82 16.81 -36.62
C ALA B 336 53.42 17.88 -35.73
N VAL B 337 54.19 18.80 -36.31
CA VAL B 337 54.86 19.81 -35.50
C VAL B 337 54.51 21.23 -35.93
N THR B 338 53.97 22.00 -34.98
CA THR B 338 53.60 23.38 -35.24
C THR B 338 54.67 24.32 -34.70
N ILE B 339 55.15 25.23 -35.54
CA ILE B 339 56.14 26.21 -35.11
C ILE B 339 55.47 27.56 -34.91
N ARG B 340 55.76 28.19 -33.77
CA ARG B 340 55.09 29.43 -33.40
C ARG B 340 55.53 30.62 -34.24
N GLU B 341 56.82 30.72 -34.51
CA GLU B 341 57.36 31.85 -35.27
C GLU B 341 57.15 31.67 -36.77
N ALA B 342 56.68 32.73 -37.43
CA ALA B 342 56.54 32.71 -38.88
C ALA B 342 57.82 33.19 -39.53
N GLU B 343 58.51 34.09 -38.87
CA GLU B 343 59.75 34.66 -39.39
C GLU B 343 60.70 35.01 -38.26
N ILE B 344 61.99 35.00 -38.57
CA ILE B 344 63.02 35.35 -37.62
C ILE B 344 64.02 36.33 -38.23
N GLU B 345 64.74 37.04 -37.38
CA GLU B 345 65.80 37.92 -37.86
C GLU B 345 67.16 37.25 -37.67
N VAL B 346 67.92 37.15 -38.75
CA VAL B 346 69.20 36.44 -38.71
C VAL B 346 70.34 37.26 -39.29
N GLU B 347 71.54 37.11 -38.71
CA GLU B 347 72.74 37.69 -39.31
C GLU B 347 74.00 36.98 -38.81
N GLY B 348 75.01 36.91 -39.67
CA GLY B 348 76.32 36.41 -39.30
C GLY B 348 76.29 34.93 -38.93
N ASN B 349 77.23 34.52 -38.09
CA ASN B 349 77.29 33.15 -37.61
C ASN B 349 76.74 33.08 -36.20
N SER B 350 75.54 32.54 -36.06
CA SER B 350 74.85 32.54 -34.79
C SER B 350 73.83 31.44 -34.72
N GLN B 351 72.93 31.52 -33.75
CA GLN B 351 71.89 30.51 -33.60
C GLN B 351 70.54 31.16 -33.38
N LEU B 352 69.51 30.52 -33.89
CA LEU B 352 68.15 31.02 -33.78
C LEU B 352 67.32 30.14 -32.86
N GLN B 353 66.35 30.73 -32.18
CA GLN B 353 65.47 29.98 -31.32
C GLN B 353 64.04 29.98 -31.80
N ILE B 354 63.46 28.80 -31.93
CA ILE B 354 62.05 28.67 -32.29
C ILE B 354 61.31 27.79 -31.30
N SER B 355 60.02 28.04 -31.15
CA SER B 355 59.19 27.25 -30.27
C SER B 355 58.24 26.39 -31.08
N PHE B 356 57.89 25.23 -30.55
CA PHE B 356 57.00 24.35 -31.28
C PHE B 356 56.10 23.52 -30.38
N SER B 357 55.03 23.00 -30.97
CA SER B 357 54.10 22.13 -30.27
C SER B 357 53.82 20.88 -31.07
N THR B 358 53.93 19.74 -30.41
CA THR B 358 53.66 18.47 -31.06
C THR B 358 53.04 17.49 -30.09
N ALA B 359 52.29 16.53 -30.61
CA ALA B 359 51.73 15.47 -29.79
C ALA B 359 52.64 14.26 -29.78
N LEU B 360 53.72 14.33 -30.56
CA LEU B 360 54.61 13.20 -30.74
C LEU B 360 55.39 12.87 -29.47
N ALA B 361 55.47 11.57 -29.18
CA ALA B 361 56.32 11.11 -28.09
C ALA B 361 57.78 11.33 -28.45
N SER B 362 58.08 11.14 -29.72
CA SER B 362 59.42 11.38 -30.25
C SER B 362 59.29 12.37 -31.39
N ALA B 363 59.86 13.55 -31.22
CA ALA B 363 59.66 14.61 -32.20
C ALA B 363 60.72 14.52 -33.28
N GLU B 364 60.33 14.03 -34.43
CA GLU B 364 61.22 13.94 -35.57
C GLU B 364 60.66 14.78 -36.69
N PHE B 365 61.33 15.86 -37.00
CA PHE B 365 60.79 16.81 -37.96
C PHE B 365 61.86 17.61 -38.67
N ARG B 366 61.48 18.20 -39.79
CA ARG B 366 62.40 19.06 -40.53
C ARG B 366 61.89 20.49 -40.50
N VAL B 367 62.82 21.44 -40.49
CA VAL B 367 62.47 22.84 -40.48
C VAL B 367 63.12 23.56 -41.65
N GLN B 368 62.33 24.30 -42.40
CA GLN B 368 62.86 25.02 -43.54
C GLN B 368 62.99 26.50 -43.24
N VAL B 369 64.22 27.00 -43.28
CA VAL B 369 64.49 28.40 -43.03
C VAL B 369 65.23 29.00 -44.23
N CYS B 370 64.61 29.96 -44.92
CA CYS B 370 65.18 30.55 -46.14
C CYS B 370 65.54 29.48 -47.17
N SER B 371 64.67 28.50 -47.34
CA SER B 371 64.85 27.42 -48.31
C SER B 371 65.94 26.43 -47.92
N THR B 372 66.50 26.58 -46.72
CA THR B 372 67.47 25.60 -46.23
C THR B 372 66.83 24.75 -45.14
N GLN B 373 66.89 23.44 -45.30
CA GLN B 373 66.24 22.54 -44.36
C GLN B 373 67.22 21.93 -43.37
N VAL B 374 66.74 21.71 -42.15
CA VAL B 374 67.48 20.99 -41.14
C VAL B 374 66.65 19.85 -40.58
N HIS B 375 67.31 18.87 -40.00
CA HIS B 375 66.62 17.77 -39.35
C HIS B 375 66.73 17.88 -37.83
N CYS B 376 65.58 17.92 -37.16
CA CYS B 376 65.51 18.02 -35.71
C CYS B 376 64.99 16.71 -35.14
N ALA B 377 65.50 16.34 -33.97
CA ALA B 377 65.01 15.14 -33.31
C ALA B 377 65.07 15.31 -31.80
N ALA B 378 64.05 14.83 -31.11
CA ALA B 378 64.03 14.94 -29.66
C ALA B 378 63.16 13.88 -29.01
N GLU B 379 63.48 13.55 -27.77
CA GLU B 379 62.60 12.76 -26.93
C GLU B 379 61.73 13.69 -26.12
N CYS B 380 60.41 13.63 -26.32
CA CYS B 380 59.49 14.55 -25.67
C CYS B 380 58.85 13.91 -24.44
N HIS B 381 58.62 14.73 -23.44
CA HIS B 381 58.02 14.27 -22.20
C HIS B 381 56.61 14.82 -22.06
N PRO B 382 55.72 14.11 -21.38
CA PRO B 382 54.35 14.50 -21.12
C PRO B 382 54.32 15.65 -20.12
N PRO B 383 53.28 16.47 -20.17
CA PRO B 383 52.95 17.51 -19.22
C PRO B 383 52.44 16.92 -17.92
N LYS B 384 52.63 17.64 -16.83
CA LYS B 384 52.09 17.22 -15.54
C LYS B 384 50.68 17.73 -15.37
N ASP B 385 50.37 18.86 -15.99
CA ASP B 385 49.04 19.42 -15.93
C ASP B 385 48.07 18.54 -16.69
N HIS B 386 46.86 18.37 -16.16
CA HIS B 386 45.89 17.52 -16.82
C HIS B 386 44.92 18.31 -17.70
N ILE B 387 44.64 19.54 -17.32
CA ILE B 387 43.64 20.36 -17.99
C ILE B 387 44.16 21.75 -18.31
N VAL B 388 43.79 22.25 -19.48
CA VAL B 388 44.10 23.62 -19.88
C VAL B 388 42.87 24.36 -20.35
N ASN B 389 42.99 25.68 -20.48
CA ASN B 389 41.87 26.53 -20.90
C ASN B 389 41.98 26.92 -22.36
N TYR B 390 42.79 26.19 -23.12
CA TYR B 390 42.99 26.50 -24.53
C TYR B 390 43.17 25.21 -25.35
N PRO B 391 42.78 25.23 -26.62
CA PRO B 391 42.89 24.16 -27.58
C PRO B 391 44.33 23.93 -27.97
N ALA B 392 44.64 22.70 -28.39
CA ALA B 392 45.99 22.36 -28.81
C ALA B 392 46.39 23.12 -30.05
N SER B 393 47.67 23.49 -30.12
CA SER B 393 48.22 24.16 -31.29
C SER B 393 48.77 23.15 -32.29
N HIS B 394 48.68 21.87 -31.94
CA HIS B 394 49.19 20.78 -32.76
C HIS B 394 48.07 19.86 -33.23
N THR B 395 48.34 19.11 -34.29
CA THR B 395 47.40 18.14 -34.82
C THR B 395 47.44 16.85 -34.03
N THR B 396 46.46 15.98 -34.26
CA THR B 396 46.41 14.70 -33.58
C THR B 396 47.36 13.70 -34.24
N LEU B 397 47.63 12.59 -33.55
CA LEU B 397 48.54 11.58 -34.06
C LEU B 397 47.84 10.48 -34.82
N GLY B 398 48.55 9.90 -35.78
CA GLY B 398 48.07 8.71 -36.47
C GLY B 398 48.58 7.47 -35.76
N VAL B 399 48.20 6.30 -36.25
CA VAL B 399 48.63 5.05 -35.63
C VAL B 399 50.11 4.81 -35.80
N GLN B 400 50.67 5.38 -36.86
CA GLN B 400 52.09 5.21 -37.18
C GLN B 400 52.98 6.12 -36.35
N ASP B 401 52.37 7.10 -35.68
CA ASP B 401 53.13 8.09 -34.95
C ASP B 401 53.46 7.64 -33.54
N ILE B 402 54.50 6.81 -33.43
CA ILE B 402 54.88 6.25 -32.14
C ILE B 402 56.34 6.58 -31.84
N SER B 403 56.74 6.37 -30.60
CA SER B 403 58.08 6.71 -30.17
C SER B 403 59.12 5.83 -30.84
N VAL B 404 60.35 6.30 -30.85
CA VAL B 404 61.44 5.57 -31.47
C VAL B 404 61.70 4.25 -30.78
N THR B 405 61.65 4.24 -29.46
CA THR B 405 61.90 3.01 -28.73
C THR B 405 60.75 2.05 -28.88
N ALA B 406 59.54 2.59 -29.00
CA ALA B 406 58.38 1.73 -29.20
C ALA B 406 58.51 1.02 -30.55
N MET B 407 58.98 1.75 -31.55
CA MET B 407 59.17 1.16 -32.87
C MET B 407 60.25 0.10 -32.84
N SER B 408 61.29 0.35 -32.06
CA SER B 408 62.38 -0.62 -31.94
C SER B 408 61.89 -1.90 -31.29
N TRP B 409 61.08 -1.77 -30.25
CA TRP B 409 60.54 -2.95 -29.57
C TRP B 409 59.60 -3.72 -30.48
N VAL B 410 58.82 -3.00 -31.28
CA VAL B 410 57.92 -3.65 -32.22
C VAL B 410 58.68 -4.42 -33.27
N GLN B 411 59.77 -3.85 -33.77
CA GLN B 411 60.59 -4.52 -34.76
C GLN B 411 61.27 -5.75 -34.18
N LYS B 412 61.72 -5.66 -32.94
CA LYS B 412 62.37 -6.80 -32.30
C LYS B 412 61.41 -7.95 -32.09
N ILE B 413 60.18 -7.63 -31.66
CA ILE B 413 59.19 -8.65 -31.41
C ILE B 413 58.65 -9.21 -32.71
N THR B 414 58.36 -8.33 -33.65
CA THR B 414 57.83 -8.75 -34.94
C THR B 414 58.86 -9.59 -35.68
N GLY B 415 60.12 -9.15 -35.63
CA GLY B 415 61.19 -9.87 -36.28
C GLY B 415 61.41 -11.22 -35.61
N GLY B 416 61.29 -11.26 -34.30
CA GLY B 416 61.49 -12.49 -33.55
C GLY B 416 60.48 -13.55 -33.98
N VAL B 417 59.21 -13.18 -34.05
CA VAL B 417 58.18 -14.12 -34.47
C VAL B 417 58.33 -14.44 -35.95
N GLY B 418 58.61 -13.42 -36.76
CA GLY B 418 58.77 -13.62 -38.19
C GLY B 418 59.91 -14.58 -38.47
N LEU B 419 60.96 -14.52 -37.66
CA LEU B 419 62.10 -15.42 -37.80
C LEU B 419 61.70 -16.86 -37.51
N VAL B 420 60.92 -17.05 -36.46
CA VAL B 420 60.47 -18.40 -36.11
C VAL B 420 59.61 -18.99 -37.20
N VAL B 421 58.75 -18.16 -37.79
CA VAL B 421 57.91 -18.61 -38.88
C VAL B 421 58.76 -18.90 -40.12
N ALA B 422 59.70 -18.03 -40.41
CA ALA B 422 60.55 -18.21 -41.58
C ALA B 422 61.37 -19.49 -41.47
N VAL B 423 61.82 -19.80 -40.26
CA VAL B 423 62.58 -21.02 -40.05
C VAL B 423 61.70 -22.25 -40.17
N ALA B 424 60.52 -22.19 -39.55
CA ALA B 424 59.60 -23.31 -39.64
C ALA B 424 59.15 -23.53 -41.07
N ALA B 425 58.96 -22.43 -41.80
CA ALA B 425 58.56 -22.52 -43.19
C ALA B 425 59.65 -23.14 -44.02
N LEU B 426 60.90 -22.79 -43.72
CA LEU B 426 62.03 -23.34 -44.44
C LEU B 426 62.16 -24.82 -44.21
N ILE B 427 61.97 -25.25 -42.97
CA ILE B 427 62.08 -26.66 -42.64
C ILE B 427 61.01 -27.46 -43.37
N LEU B 428 59.79 -26.93 -43.39
CA LEU B 428 58.70 -27.62 -44.06
C LEU B 428 58.94 -27.70 -45.56
N ILE B 429 59.45 -26.63 -46.14
CA ILE B 429 59.74 -26.62 -47.56
C ILE B 429 60.83 -27.62 -47.91
N VAL B 430 61.87 -27.68 -47.08
CA VAL B 430 62.95 -28.64 -47.30
C VAL B 430 62.45 -30.07 -47.18
N VAL B 431 61.63 -30.34 -46.17
CA VAL B 431 61.10 -31.69 -46.00
C VAL B 431 60.19 -32.07 -47.15
N LEU B 432 59.37 -31.14 -47.60
CA LEU B 432 58.49 -31.41 -48.72
C LEU B 432 59.29 -31.65 -49.99
N CYS B 433 60.36 -30.88 -50.18
CA CYS B 433 61.20 -31.07 -51.35
C CYS B 433 61.85 -32.45 -51.34
N VAL B 434 62.25 -32.90 -50.16
CA VAL B 434 62.81 -34.24 -50.03
C VAL B 434 61.73 -35.30 -50.30
N SER B 435 60.53 -35.04 -49.78
CA SER B 435 59.41 -35.95 -50.00
C SER B 435 59.05 -36.04 -51.48
N PHE B 436 59.12 -34.91 -52.18
CA PHE B 436 58.86 -34.90 -53.62
C PHE B 436 59.99 -35.53 -54.40
N SER B 437 61.22 -35.37 -53.92
CA SER B 437 62.38 -35.96 -54.58
C SER B 437 62.30 -37.48 -54.54
N ARG B 438 61.86 -38.02 -53.40
CA ARG B 438 61.69 -39.45 -53.23
C ARG B 438 60.43 -39.95 -53.95
N HIS B 439 60.51 -41.15 -54.53
CA HIS B 439 59.37 -41.78 -55.20
C HIS B 439 58.79 -42.92 -54.37
N TYR C 1 45.74 -8.43 54.01
CA TYR C 1 45.52 -9.36 52.91
C TYR C 1 45.26 -8.60 51.61
N GLU C 2 46.08 -8.88 50.59
CA GLU C 2 45.91 -8.25 49.29
C GLU C 2 45.08 -9.12 48.36
N HIS C 3 43.91 -8.62 47.99
CA HIS C 3 43.00 -9.35 47.12
C HIS C 3 42.97 -8.74 45.74
N VAL C 4 43.24 -9.55 44.73
CA VAL C 4 43.26 -9.05 43.36
C VAL C 4 42.19 -9.70 42.51
N THR C 5 41.32 -8.89 41.95
CA THR C 5 40.26 -9.38 41.10
C THR C 5 40.11 -8.52 39.86
N VAL C 6 39.36 -9.02 38.89
CA VAL C 6 39.09 -8.25 37.67
C VAL C 6 37.60 -8.16 37.44
N ILE C 7 37.09 -6.95 37.22
CA ILE C 7 35.68 -6.80 36.91
C ILE C 7 35.54 -6.18 35.53
N PRO C 8 34.46 -6.47 34.81
CA PRO C 8 34.08 -5.88 33.55
C PRO C 8 33.99 -4.37 33.70
N ASN C 9 34.22 -3.67 32.59
CA ASN C 9 34.23 -2.22 32.61
C ASN C 9 32.85 -1.64 32.37
N THR C 10 31.84 -2.49 32.47
CA THR C 10 30.46 -2.04 32.36
C THR C 10 30.08 -1.22 33.58
N VAL C 11 29.55 -0.03 33.34
CA VAL C 11 29.20 0.88 34.43
C VAL C 11 27.75 0.72 34.85
N GLY C 12 27.52 0.71 36.15
CA GLY C 12 26.18 0.58 36.70
C GLY C 12 25.80 -0.86 36.99
N VAL C 13 26.74 -1.77 36.83
CA VAL C 13 26.50 -3.18 37.10
C VAL C 13 27.43 -3.68 38.19
N PRO C 14 26.90 -4.08 39.35
CA PRO C 14 27.63 -4.59 40.50
C PRO C 14 28.19 -5.97 40.23
N TYR C 15 29.39 -6.23 40.72
CA TYR C 15 30.00 -7.54 40.63
C TYR C 15 30.48 -8.00 41.99
N LYS C 16 30.39 -9.30 42.24
CA LYS C 16 30.79 -9.83 43.53
C LYS C 16 32.10 -10.58 43.44
N THR C 17 33.01 -10.26 44.35
CA THR C 17 34.27 -10.98 44.43
C THR C 17 34.41 -11.62 45.79
N LEU C 18 34.82 -12.88 45.80
CA LEU C 18 34.95 -13.61 47.05
C LEU C 18 36.36 -13.50 47.59
N VAL C 19 36.48 -13.01 48.82
CA VAL C 19 37.77 -12.88 49.47
C VAL C 19 37.98 -14.08 50.37
N ASN C 20 38.93 -14.92 50.00
CA ASN C 20 39.15 -16.17 50.72
C ASN C 20 40.51 -16.20 51.38
N ARG C 21 40.53 -15.91 52.68
CA ARG C 21 41.75 -15.88 53.46
C ARG C 21 41.75 -17.05 54.42
N PRO C 22 42.54 -18.10 54.17
CA PRO C 22 42.51 -19.36 54.87
C PRO C 22 42.60 -19.13 56.36
N GLY C 23 41.73 -19.80 57.10
CA GLY C 23 41.66 -19.66 58.55
C GLY C 23 40.60 -18.66 58.96
N TYR C 24 40.10 -17.90 58.00
CA TYR C 24 39.08 -16.89 58.28
C TYR C 24 37.83 -17.14 57.47
N SER C 25 36.69 -16.70 58.00
CA SER C 25 35.43 -16.81 57.30
C SER C 25 35.50 -16.04 55.99
N PRO C 26 35.02 -16.62 54.89
CA PRO C 26 34.93 -16.02 53.58
C PRO C 26 34.16 -14.71 53.63
N MET C 27 34.64 -13.72 52.88
CA MET C 27 33.99 -12.43 52.82
C MET C 27 33.67 -12.06 51.38
N VAL C 28 32.53 -11.43 51.16
CA VAL C 28 32.16 -11.05 49.80
C VAL C 28 32.05 -9.54 49.65
N LEU C 29 32.77 -9.01 48.67
CA LEU C 29 32.74 -7.58 48.40
C LEU C 29 31.97 -7.31 47.14
N GLU C 30 31.04 -6.37 47.21
CA GLU C 30 30.27 -5.99 46.04
C GLU C 30 30.80 -4.69 45.46
N MET C 31 31.25 -4.74 44.22
CA MET C 31 31.82 -3.56 43.61
C MET C 31 31.05 -3.14 42.38
N GLU C 32 30.74 -1.86 42.30
CA GLU C 32 30.04 -1.30 41.15
C GLU C 32 30.73 -0.05 40.64
N LEU C 33 31.00 -0.01 39.35
CA LEU C 33 31.53 1.21 38.77
C LEU C 33 30.40 2.22 38.64
N LEU C 34 30.63 3.43 39.12
CA LEU C 34 29.63 4.47 39.01
C LEU C 34 29.96 5.37 37.83
N SER C 35 31.25 5.56 37.59
CA SER C 35 31.71 6.39 36.49
C SER C 35 33.11 6.00 36.04
N VAL C 36 33.30 5.93 34.74
CA VAL C 36 34.64 5.72 34.18
C VAL C 36 34.95 6.80 33.17
N THR C 37 36.04 7.52 33.37
CA THR C 37 36.37 8.64 32.49
C THR C 37 37.73 8.47 31.82
N LEU C 38 37.75 8.67 30.51
CA LEU C 38 38.99 8.71 29.76
C LEU C 38 39.25 10.14 29.29
N GLU C 39 40.29 10.76 29.83
CA GLU C 39 40.56 12.15 29.51
C GLU C 39 41.86 12.30 28.72
N PRO C 40 41.78 12.53 27.40
CA PRO C 40 42.89 12.61 26.48
C PRO C 40 43.71 13.85 26.76
N THR C 41 45.01 13.76 26.57
CA THR C 41 45.84 14.94 26.63
C THR C 41 45.76 15.64 25.30
N LEU C 42 45.48 16.93 25.32
CA LEU C 42 45.27 17.64 24.08
C LEU C 42 46.32 18.69 23.80
N SER C 43 46.65 18.83 22.53
CA SER C 43 47.51 19.90 22.05
C SER C 43 46.78 20.67 20.96
N LEU C 44 46.72 21.99 21.11
CA LEU C 44 45.96 22.79 20.17
C LEU C 44 46.79 23.16 18.94
N ASP C 45 46.31 22.75 17.77
CA ASP C 45 46.99 23.12 16.54
C ASP C 45 46.54 24.50 16.07
N TYR C 46 45.22 24.71 16.01
CA TYR C 46 44.72 26.01 15.59
C TYR C 46 43.23 26.21 15.87
N ILE C 47 42.82 27.46 15.75
CA ILE C 47 41.43 27.87 15.90
C ILE C 47 40.82 28.23 14.56
N THR C 48 39.66 27.67 14.28
CA THR C 48 38.91 28.01 13.08
C THR C 48 37.67 28.80 13.47
N CYS C 49 37.43 29.90 12.77
CA CYS C 49 36.29 30.77 13.04
C CYS C 49 35.86 31.51 11.79
N GLU C 50 34.78 32.25 11.86
CA GLU C 50 34.32 33.00 10.71
C GLU C 50 35.23 34.18 10.43
N TYR C 51 35.51 34.41 9.15
CA TYR C 51 36.36 35.53 8.77
C TYR C 51 35.52 36.72 8.36
N LYS C 52 36.10 37.91 8.47
CA LYS C 52 35.48 39.10 7.91
C LYS C 52 36.38 39.66 6.82
N THR C 53 35.77 40.20 5.78
CA THR C 53 36.54 40.83 4.72
C THR C 53 36.55 42.33 4.93
N VAL C 54 37.74 42.89 5.00
CA VAL C 54 37.88 44.32 5.25
C VAL C 54 38.18 45.05 3.96
N ILE C 55 37.31 46.00 3.63
CA ILE C 55 37.47 46.77 2.42
C ILE C 55 37.45 48.26 2.73
N PRO C 56 38.61 48.89 2.82
CA PRO C 56 38.81 50.31 3.04
C PRO C 56 38.19 51.09 1.91
N SER C 57 37.73 52.30 2.19
CA SER C 57 37.15 53.12 1.16
C SER C 57 38.09 53.12 -0.04
N PRO C 58 37.59 52.87 -1.25
CA PRO C 58 38.34 52.79 -2.48
C PRO C 58 38.88 54.15 -2.84
N TYR C 59 40.10 54.18 -3.34
CA TYR C 59 40.68 55.46 -3.72
C TYR C 59 40.47 55.74 -5.19
N VAL C 60 39.80 56.83 -5.47
CA VAL C 60 39.58 57.23 -6.84
C VAL C 60 40.50 58.39 -7.17
N LYS C 61 41.44 58.13 -8.07
CA LYS C 61 42.39 59.15 -8.44
C LYS C 61 41.92 59.84 -9.71
N CYS C 62 41.42 61.06 -9.56
CA CYS C 62 40.84 61.81 -10.65
C CYS C 62 41.93 62.45 -11.51
N CYS C 63 41.75 62.39 -12.81
CA CYS C 63 42.70 62.99 -13.75
C CYS C 63 44.11 62.45 -13.51
N GLY C 64 44.22 61.13 -13.38
CA GLY C 64 45.50 60.50 -13.14
C GLY C 64 45.38 58.99 -12.97
N THR C 65 46.51 58.34 -12.72
CA THR C 65 46.55 56.89 -12.56
C THR C 65 47.09 56.46 -11.19
N ALA C 66 46.32 55.63 -10.50
CA ALA C 66 46.69 55.10 -9.20
C ALA C 66 47.64 53.93 -9.34
N GLU C 67 48.36 53.61 -8.26
CA GLU C 67 49.27 52.47 -8.27
C GLU C 67 49.03 51.54 -7.09
N CYS C 68 49.36 50.27 -7.27
CA CYS C 68 49.20 49.26 -6.24
C CYS C 68 50.39 49.21 -5.29
N LYS C 69 50.12 48.81 -4.05
CA LYS C 69 51.19 48.54 -3.09
C LYS C 69 50.98 47.17 -2.47
N ASP C 70 52.07 46.47 -2.19
CA ASP C 70 51.99 45.13 -1.61
C ASP C 70 52.02 45.17 -0.09
N LYS C 71 50.96 44.65 0.51
CA LYS C 71 50.87 44.59 1.97
C LYS C 71 50.95 43.14 2.43
N SER C 72 51.28 42.95 3.70
CA SER C 72 51.49 41.62 4.27
C SER C 72 50.25 41.05 4.93
N LEU C 73 49.13 41.73 4.76
CA LEU C 73 47.89 41.33 5.41
C LEU C 73 47.42 39.98 4.87
N PRO C 74 46.71 39.19 5.68
CA PRO C 74 46.52 37.74 5.58
C PRO C 74 46.11 37.24 4.21
N ASP C 75 45.28 37.99 3.50
CA ASP C 75 44.86 37.58 2.16
C ASP C 75 44.69 38.82 1.31
N TYR C 76 45.69 39.69 1.34
CA TYR C 76 45.63 40.98 0.68
C TYR C 76 45.54 40.88 -0.82
N SER C 77 44.66 41.67 -1.39
CA SER C 77 44.52 41.78 -2.84
C SER C 77 44.30 43.24 -3.22
N CYS C 78 44.93 43.67 -4.30
CA CYS C 78 44.81 45.06 -4.74
C CYS C 78 44.87 45.18 -6.25
N LYS C 79 43.97 45.97 -6.81
CA LYS C 79 43.92 46.15 -8.25
C LYS C 79 43.49 47.57 -8.63
N VAL C 80 44.00 48.07 -9.75
CA VAL C 80 43.60 49.38 -10.24
C VAL C 80 42.73 49.26 -11.47
N PHE C 81 41.53 49.83 -11.38
CA PHE C 81 40.58 49.78 -12.48
C PHE C 81 40.53 51.10 -13.22
N THR C 82 40.83 51.06 -14.51
CA THR C 82 40.86 52.26 -15.32
C THR C 82 39.50 52.54 -15.95
N GLY C 83 39.30 53.77 -16.39
CA GLY C 83 38.08 54.14 -17.10
C GLY C 83 36.87 54.23 -16.19
N VAL C 84 37.07 54.58 -14.93
CA VAL C 84 35.97 54.67 -13.99
C VAL C 84 35.34 56.05 -14.00
N TYR C 85 34.02 56.10 -13.96
CA TYR C 85 33.31 57.37 -13.95
C TYR C 85 32.24 57.38 -12.87
N PRO C 86 32.63 57.38 -11.60
CA PRO C 86 31.79 57.26 -10.43
C PRO C 86 30.93 58.48 -10.22
N PHE C 87 29.71 58.27 -9.73
CA PHE C 87 28.83 59.37 -9.37
C PHE C 87 28.41 59.32 -7.93
N MET C 88 28.29 60.49 -7.33
CA MET C 88 27.75 60.64 -6.00
C MET C 88 26.35 61.19 -6.12
N TRP C 89 25.65 61.28 -5.01
CA TRP C 89 24.28 61.77 -5.02
C TRP C 89 24.16 63.14 -5.68
N GLY C 90 25.21 63.95 -5.56
CA GLY C 90 25.17 65.32 -6.08
C GLY C 90 25.75 65.45 -7.47
N GLY C 91 26.16 64.34 -8.08
CA GLY C 91 26.77 64.40 -9.40
C GLY C 91 28.12 63.71 -9.47
N ALA C 92 28.80 63.86 -10.60
CA ALA C 92 30.05 63.16 -10.86
C ALA C 92 31.11 63.53 -9.83
N TYR C 93 31.87 62.54 -9.40
CA TYR C 93 32.95 62.75 -8.44
C TYR C 93 34.20 63.35 -9.09
N CYS C 94 34.53 62.87 -10.29
CA CYS C 94 35.75 63.26 -10.99
C CYS C 94 35.48 64.28 -12.10
N PHE C 95 36.39 65.23 -12.21
CA PHE C 95 36.38 66.24 -13.26
C PHE C 95 36.62 65.66 -14.65
N CYS C 96 37.61 64.76 -14.77
CA CYS C 96 37.99 64.13 -16.03
C CYS C 96 37.08 62.96 -16.37
N ASP C 97 36.86 62.75 -17.66
CA ASP C 97 35.93 61.70 -18.09
C ASP C 97 36.58 60.33 -18.23
N THR C 98 37.82 60.28 -18.72
CA THR C 98 38.46 58.99 -18.97
C THR C 98 39.73 58.80 -18.18
N GLU C 99 40.37 59.89 -17.78
CA GLU C 99 41.61 59.80 -17.04
C GLU C 99 41.31 59.63 -15.56
N ASN C 100 40.75 58.49 -15.22
CA ASN C 100 40.30 58.25 -13.86
C ASN C 100 40.42 56.79 -13.51
N THR C 101 41.14 56.49 -12.43
CA THR C 101 41.32 55.10 -12.02
C THR C 101 40.88 54.89 -10.59
N GLN C 102 40.43 53.68 -10.29
CA GLN C 102 40.05 53.31 -8.93
C GLN C 102 40.98 52.28 -8.35
N LEU C 103 41.50 52.56 -7.17
CA LEU C 103 42.37 51.64 -6.46
C LEU C 103 41.57 50.86 -5.43
N SER C 104 41.34 49.59 -5.71
CA SER C 104 40.56 48.76 -4.82
C SER C 104 41.46 47.80 -4.08
N GLU C 105 41.28 47.71 -2.77
CA GLU C 105 42.06 46.78 -1.98
C GLU C 105 41.22 46.12 -0.92
N ALA C 106 41.60 44.91 -0.53
CA ALA C 106 40.88 44.19 0.51
C ALA C 106 41.77 43.17 1.17
N HIS C 107 41.45 42.83 2.41
CA HIS C 107 42.14 41.76 3.12
C HIS C 107 41.22 41.05 4.08
N VAL C 108 41.61 39.84 4.48
CA VAL C 108 40.81 39.03 5.38
C VAL C 108 41.32 39.06 6.81
N GLU C 109 40.43 39.30 7.74
CA GLU C 109 40.74 39.30 9.16
C GLU C 109 39.84 38.34 9.90
N LYS C 110 40.29 37.86 11.05
CA LYS C 110 39.41 37.07 11.89
C LYS C 110 38.32 37.97 12.42
N SER C 111 37.08 37.48 12.44
CA SER C 111 35.97 38.30 12.88
C SER C 111 36.03 38.54 14.39
N GLU C 112 35.28 39.53 14.84
CA GLU C 112 35.24 39.90 16.25
C GLU C 112 34.61 38.79 17.09
N SER C 113 33.87 37.92 16.43
CA SER C 113 33.18 36.83 17.09
C SER C 113 34.09 35.65 17.44
N CYS C 114 35.31 35.63 16.91
CA CYS C 114 36.24 34.51 17.03
C CYS C 114 36.66 34.25 18.47
N LYS C 115 36.35 35.19 19.36
CA LYS C 115 36.69 35.02 20.77
C LYS C 115 35.62 34.20 21.48
N THR C 116 34.47 34.06 20.83
CA THR C 116 33.34 33.34 21.41
C THR C 116 32.92 32.16 20.54
N GLU C 117 32.74 32.43 19.25
CA GLU C 117 32.30 31.41 18.31
C GLU C 117 33.45 30.89 17.47
N PHE C 118 33.96 29.73 17.84
CA PHE C 118 35.08 29.13 17.14
C PHE C 118 35.17 27.64 17.39
N ALA C 119 35.91 26.94 16.55
CA ALA C 119 36.18 25.53 16.77
C ALA C 119 37.67 25.31 16.96
N SER C 120 38.01 24.51 17.96
CA SER C 120 39.41 24.24 18.27
C SER C 120 39.87 22.92 17.69
N ALA C 121 40.98 22.97 16.94
CA ALA C 121 41.56 21.77 16.35
C ALA C 121 42.63 21.21 17.27
N TYR C 122 42.37 20.05 17.86
CA TYR C 122 43.27 19.46 18.85
C TYR C 122 43.88 18.14 18.38
N ARG C 123 45.08 17.87 18.87
CA ARG C 123 45.69 16.56 18.72
C ARG C 123 45.50 15.77 19.99
N ALA C 124 45.04 14.54 19.87
CA ALA C 124 44.79 13.70 21.05
C ALA C 124 45.94 12.76 21.31
N HIS C 125 46.31 12.65 22.59
CA HIS C 125 47.36 11.74 23.02
C HIS C 125 46.80 10.76 24.03
N THR C 126 47.66 9.87 24.53
CA THR C 126 47.21 8.84 25.46
C THR C 126 46.39 9.45 26.58
N ALA C 127 45.22 8.87 26.83
CA ALA C 127 44.30 9.40 27.82
C ALA C 127 44.63 8.94 29.23
N SER C 128 44.32 9.79 30.19
CA SER C 128 44.41 9.43 31.60
C SER C 128 43.08 8.86 32.05
N ALA C 129 43.10 7.62 32.51
CA ALA C 129 41.87 6.96 32.92
C ALA C 129 41.57 7.23 34.39
N SER C 130 40.32 7.48 34.69
CA SER C 130 39.87 7.72 36.05
C SER C 130 38.54 7.01 36.30
N ALA C 131 38.29 6.62 37.53
CA ALA C 131 37.05 5.92 37.81
C ALA C 131 36.54 6.18 39.22
N LYS C 132 35.22 6.08 39.37
CA LYS C 132 34.57 6.17 40.65
C LYS C 132 33.89 4.84 40.97
N LEU C 133 34.34 4.19 42.04
CA LEU C 133 33.88 2.85 42.36
C LEU C 133 33.10 2.79 43.67
N ARG C 134 31.97 2.10 43.65
CA ARG C 134 31.20 1.87 44.87
C ARG C 134 31.52 0.49 45.42
N VAL C 135 32.05 0.43 46.63
CA VAL C 135 32.43 -0.85 47.21
C VAL C 135 31.67 -1.13 48.49
N LEU C 136 31.00 -2.27 48.55
CA LEU C 136 30.29 -2.67 49.76
C LEU C 136 31.23 -3.44 50.66
N TYR C 137 31.68 -2.76 51.71
CA TYR C 137 32.72 -3.28 52.59
C TYR C 137 32.25 -3.31 54.03
N GLN C 138 32.27 -4.48 54.63
CA GLN C 138 31.83 -4.65 56.02
C GLN C 138 30.39 -4.16 56.21
N GLY C 139 29.57 -4.33 55.19
CA GLY C 139 28.16 -3.94 55.28
C GLY C 139 27.92 -2.46 54.99
N ASN C 140 28.99 -1.73 54.70
CA ASN C 140 28.88 -0.29 54.42
C ASN C 140 29.49 0.04 53.07
N ASN C 141 28.70 0.59 52.15
CA ASN C 141 29.18 0.90 50.81
C ASN C 141 29.82 2.28 50.74
N VAL C 142 31.12 2.30 50.41
CA VAL C 142 31.94 3.50 50.39
C VAL C 142 32.39 3.82 48.97
N THR C 143 32.33 5.11 48.61
CA THR C 143 32.71 5.54 47.27
C THR C 143 34.20 5.85 47.18
N VAL C 144 34.84 5.27 46.18
CA VAL C 144 36.28 5.47 45.96
C VAL C 144 36.55 6.17 44.64
N SER C 145 37.23 7.29 44.69
CA SER C 145 37.60 8.03 43.48
C SER C 145 39.10 7.92 43.26
N ALA C 146 39.50 7.32 42.15
CA ALA C 146 40.91 7.04 41.92
C ALA C 146 41.24 6.99 40.43
N TYR C 147 42.52 7.14 40.10
CA TYR C 147 42.98 7.02 38.73
C TYR C 147 43.19 5.58 38.34
N ALA C 148 42.65 5.19 37.18
CA ALA C 148 42.73 3.80 36.74
C ALA C 148 44.01 3.55 35.98
N ASN C 149 45.14 3.68 36.67
CA ASN C 149 46.44 3.48 36.05
C ASN C 149 47.30 2.49 36.82
N GLY C 150 46.71 1.79 37.78
CA GLY C 150 47.46 0.81 38.58
C GLY C 150 48.32 1.48 39.63
N ASP C 151 48.06 2.75 39.87
CA ASP C 151 48.83 3.57 40.80
C ASP C 151 47.90 4.56 41.48
N HIS C 152 48.44 5.41 42.33
CA HIS C 152 47.62 6.39 43.01
C HIS C 152 46.57 5.72 43.88
N ALA C 153 47.03 4.85 44.76
CA ALA C 153 46.15 4.11 45.64
C ALA C 153 45.36 5.06 46.53
N VAL C 154 44.09 4.72 46.75
CA VAL C 154 43.23 5.49 47.63
C VAL C 154 42.73 4.66 48.79
N THR C 155 42.92 5.17 50.01
CA THR C 155 42.53 4.41 51.19
C THR C 155 41.28 4.99 51.83
N VAL C 156 40.27 4.14 51.99
CA VAL C 156 39.03 4.52 52.65
C VAL C 156 38.68 3.48 53.71
N LYS C 157 38.24 3.93 54.87
CA LYS C 157 37.90 2.99 55.94
C LYS C 157 39.02 2.01 56.18
N ASP C 158 40.25 2.51 56.17
CA ASP C 158 41.43 1.71 56.39
C ASP C 158 41.55 0.52 55.45
N ALA C 159 41.15 0.71 54.19
CA ALA C 159 41.34 -0.29 53.16
C ALA C 159 41.88 0.40 51.90
N LYS C 160 42.95 -0.15 51.35
CA LYS C 160 43.61 0.49 50.22
C LYS C 160 43.12 -0.05 48.89
N PHE C 161 42.65 0.85 48.03
CA PHE C 161 42.12 0.44 46.74
C PHE C 161 42.98 0.92 45.58
N ILE C 162 43.45 -0.02 44.77
CA ILE C 162 44.18 0.29 43.55
C ILE C 162 43.39 -0.18 42.35
N VAL C 163 43.15 0.73 41.41
CA VAL C 163 42.36 0.40 40.24
C VAL C 163 43.16 0.57 38.96
N GLY C 164 42.94 -0.34 38.02
CA GLY C 164 43.60 -0.29 36.72
C GLY C 164 44.92 -1.01 36.76
N PRO C 165 45.66 -0.99 35.65
CA PRO C 165 45.42 -0.27 34.41
C PRO C 165 44.28 -0.89 33.62
N MET C 166 43.75 -0.16 32.67
CA MET C 166 42.67 -0.65 31.83
C MET C 166 43.17 -1.76 30.92
N SER C 167 42.33 -2.77 30.70
CA SER C 167 42.69 -3.87 29.81
C SER C 167 42.69 -3.45 28.35
N SER C 168 42.08 -2.29 28.08
CA SER C 168 41.99 -1.78 26.72
C SER C 168 42.42 -0.33 26.64
N ALA C 169 43.17 -0.01 25.61
CA ALA C 169 43.65 1.35 25.39
C ALA C 169 42.75 2.09 24.41
N TRP C 170 41.63 1.47 24.08
CA TRP C 170 40.72 2.04 23.10
C TRP C 170 40.11 3.34 23.60
N THR C 171 40.03 4.30 22.70
CA THR C 171 39.40 5.59 22.95
C THR C 171 38.58 5.98 21.73
N PRO C 172 37.43 6.62 21.93
CA PRO C 172 36.54 7.10 20.89
C PRO C 172 37.15 8.24 20.12
N PHE C 173 38.19 8.85 20.67
CA PHE C 173 38.83 10.00 20.06
C PHE C 173 39.96 9.59 19.13
N ASP C 174 39.97 10.13 17.92
CA ASP C 174 41.06 9.87 17.00
C ASP C 174 42.22 10.81 17.30
N ASN C 175 43.30 10.69 16.54
CA ASN C 175 44.46 11.53 16.76
C ASN C 175 44.12 12.99 16.55
N LYS C 176 43.21 13.26 15.62
CA LYS C 176 42.79 14.62 15.35
C LYS C 176 41.32 14.82 15.70
N ILE C 177 41.04 15.76 16.59
CA ILE C 177 39.65 16.05 16.94
C ILE C 177 39.36 17.54 16.82
N VAL C 178 38.10 17.87 16.61
CA VAL C 178 37.67 19.25 16.58
C VAL C 178 36.57 19.50 17.60
N VAL C 179 36.73 20.54 18.40
CA VAL C 179 35.77 20.84 19.44
C VAL C 179 35.12 22.21 19.20
N TYR C 180 33.80 22.23 19.07
CA TYR C 180 33.10 23.47 18.84
C TYR C 180 32.51 24.04 20.12
N LYS C 181 31.80 23.21 20.86
CA LYS C 181 31.27 23.58 22.15
C LYS C 181 31.21 22.35 23.04
N GLY C 182 30.03 21.73 23.10
CA GLY C 182 29.88 20.46 23.80
C GLY C 182 30.00 19.30 22.83
N ASP C 183 30.28 19.63 21.57
CA ASP C 183 30.34 18.65 20.51
C ASP C 183 31.75 18.41 20.01
N VAL C 184 32.22 17.18 20.15
CA VAL C 184 33.55 16.78 19.69
C VAL C 184 33.43 15.96 18.42
N TYR C 185 34.22 16.30 17.41
CA TYR C 185 34.19 15.58 16.14
C TYR C 185 35.53 14.95 15.80
N ASN C 186 35.49 13.77 15.19
CA ASN C 186 36.70 13.14 14.66
C ASN C 186 36.87 13.46 13.18
N MET C 187 37.76 14.39 12.88
CA MET C 187 37.99 14.75 11.49
C MET C 187 39.45 15.06 11.23
N ASP C 188 39.89 14.75 10.02
CA ASP C 188 41.26 15.02 9.63
C ASP C 188 41.38 16.46 9.15
N TYR C 189 41.36 17.39 10.10
CA TYR C 189 41.45 18.80 9.76
C TYR C 189 42.78 19.07 9.08
N PRO C 190 42.83 20.03 8.15
CA PRO C 190 43.98 20.36 7.33
C PRO C 190 45.11 20.91 8.17
N PRO C 191 46.35 20.84 7.69
CA PRO C 191 47.55 21.37 8.29
C PRO C 191 47.42 22.88 8.47
N PHE C 192 48.08 23.41 9.48
CA PHE C 192 48.04 24.84 9.69
C PHE C 192 48.78 25.53 8.56
N GLY C 193 48.16 26.55 8.00
CA GLY C 193 48.75 27.31 6.91
C GLY C 193 48.45 26.69 5.55
N ALA C 194 47.69 25.60 5.56
CA ALA C 194 47.35 24.91 4.32
C ALA C 194 45.85 24.68 4.21
N GLY C 195 45.07 25.63 4.68
CA GLY C 195 43.62 25.52 4.60
C GLY C 195 43.12 25.81 3.20
N ARG C 196 41.87 25.45 2.93
CA ARG C 196 41.27 25.61 1.61
C ARG C 196 39.97 26.40 1.71
N PRO C 197 39.67 27.22 0.70
CA PRO C 197 38.54 28.12 0.62
C PRO C 197 37.23 27.35 0.62
N GLY C 198 36.26 27.84 1.38
CA GLY C 198 34.93 27.24 1.41
C GLY C 198 34.89 25.99 2.28
N GLN C 199 36.03 25.65 2.87
CA GLN C 199 36.13 24.44 3.68
C GLN C 199 36.62 24.77 5.08
N PHE C 200 36.37 23.86 6.00
CA PHE C 200 36.80 24.08 7.37
C PHE C 200 38.30 24.36 7.39
N GLY C 201 38.70 25.40 8.10
CA GLY C 201 40.11 25.75 8.20
C GLY C 201 40.55 26.77 7.16
N ASP C 202 39.59 27.37 6.44
CA ASP C 202 39.94 28.38 5.44
C ASP C 202 40.64 29.57 6.10
N ILE C 203 40.24 29.88 7.33
CA ILE C 203 40.93 30.87 8.14
C ILE C 203 41.42 30.24 9.42
N GLN C 204 42.69 30.45 9.75
CA GLN C 204 43.27 29.80 10.91
C GLN C 204 44.12 30.74 11.77
N SER C 205 44.10 30.51 13.07
CA SER C 205 45.01 31.19 13.99
C SER C 205 45.41 30.22 15.10
N ARG C 206 46.58 30.41 15.70
CA ARG C 206 47.02 29.46 16.73
C ARG C 206 46.18 29.55 18.00
N THR C 207 45.84 30.77 18.39
CA THR C 207 44.97 30.98 19.55
C THR C 207 43.95 32.04 19.21
N PRO C 208 42.79 32.08 19.90
CA PRO C 208 41.70 33.00 19.67
C PRO C 208 42.17 34.46 19.71
N GLU C 209 43.16 34.73 20.56
CA GLU C 209 43.69 36.08 20.74
C GLU C 209 44.90 36.38 19.86
N SER C 210 45.37 35.39 19.11
CA SER C 210 46.58 35.58 18.30
C SER C 210 46.34 36.50 17.12
N GLU C 211 47.36 37.27 16.75
CA GLU C 211 47.29 38.14 15.59
C GLU C 211 47.87 37.47 14.35
N ASP C 212 48.34 36.25 14.51
CA ASP C 212 48.92 35.50 13.40
C ASP C 212 47.83 34.73 12.68
N VAL C 213 47.38 35.27 11.55
CA VAL C 213 46.23 34.69 10.86
C VAL C 213 46.55 34.24 9.45
N TYR C 214 46.19 33.00 9.15
CA TYR C 214 46.28 32.46 7.81
C TYR C 214 44.91 32.50 7.16
N ALA C 215 44.86 32.87 5.90
CA ALA C 215 43.58 32.87 5.21
C ALA C 215 43.75 32.51 3.74
N ASN C 216 42.83 31.70 3.24
CA ASN C 216 42.78 31.34 1.83
C ASN C 216 41.35 31.36 1.37
N THR C 217 40.88 32.53 0.93
CA THR C 217 39.46 32.70 0.64
C THR C 217 39.19 32.95 -0.85
N GLN C 218 40.25 32.97 -1.65
CA GLN C 218 40.12 33.34 -3.06
C GLN C 218 39.46 34.70 -3.21
N LEU C 219 39.97 35.68 -2.49
CA LEU C 219 39.40 37.01 -2.53
C LEU C 219 39.84 37.76 -3.77
N VAL C 220 39.09 37.57 -4.84
CA VAL C 220 39.38 38.21 -6.11
C VAL C 220 38.56 39.49 -6.28
N LEU C 221 39.26 40.60 -6.50
CA LEU C 221 38.57 41.87 -6.70
C LEU C 221 38.04 41.98 -8.11
N GLN C 222 36.84 42.51 -8.25
CA GLN C 222 36.20 42.67 -9.54
C GLN C 222 36.03 44.13 -9.89
N ARG C 223 35.84 44.42 -11.17
CA ARG C 223 35.61 45.78 -11.61
C ARG C 223 34.25 46.28 -11.13
N PRO C 224 34.17 47.50 -10.61
CA PRO C 224 32.97 48.17 -10.15
C PRO C 224 32.02 48.44 -11.30
N SER C 225 30.72 48.43 -11.03
CA SER C 225 29.77 48.74 -12.08
C SER C 225 29.87 50.21 -12.45
N ALA C 226 29.49 50.54 -13.66
CA ALA C 226 29.65 51.90 -14.14
C ALA C 226 28.84 52.86 -13.30
N GLY C 227 29.47 53.99 -12.97
CA GLY C 227 28.78 55.07 -12.27
C GLY C 227 28.77 54.89 -10.76
N THR C 228 29.39 53.83 -10.27
CA THR C 228 29.36 53.56 -8.84
C THR C 228 30.76 53.55 -8.23
N VAL C 229 30.81 53.57 -6.90
CA VAL C 229 32.06 53.52 -6.18
C VAL C 229 32.19 52.27 -5.31
N HIS C 230 31.29 51.33 -5.50
CA HIS C 230 31.31 50.11 -4.70
C HIS C 230 32.48 49.22 -5.09
N VAL C 231 32.88 48.34 -4.20
CA VAL C 231 33.98 47.42 -4.47
C VAL C 231 33.52 45.97 -4.44
N PRO C 232 33.25 45.38 -5.60
CA PRO C 232 32.78 44.02 -5.79
C PRO C 232 33.91 43.04 -5.64
N TYR C 233 33.60 41.82 -5.25
CA TYR C 233 34.60 40.78 -5.17
C TYR C 233 33.98 39.40 -5.22
N SER C 234 34.78 38.41 -5.57
CA SER C 234 34.36 37.02 -5.51
C SER C 234 35.19 36.28 -4.49
N GLN C 235 34.55 35.89 -3.40
CA GLN C 235 35.25 35.25 -2.30
C GLN C 235 34.47 34.05 -1.79
N ALA C 236 35.15 32.94 -1.53
CA ALA C 236 34.47 31.77 -1.00
C ALA C 236 33.88 32.11 0.37
N PRO C 237 32.62 31.75 0.63
CA PRO C 237 31.94 31.91 1.91
C PRO C 237 32.67 31.16 2.99
N SER C 238 32.56 31.65 4.22
CA SER C 238 33.30 31.05 5.32
C SER C 238 33.06 29.57 5.42
N GLY C 239 34.16 28.82 5.53
CA GLY C 239 34.11 27.38 5.65
C GLY C 239 33.65 26.99 7.03
N PHE C 240 33.73 27.94 7.96
CA PHE C 240 33.28 27.71 9.32
C PHE C 240 31.77 27.64 9.35
N LYS C 241 31.13 28.58 8.67
CA LYS C 241 29.68 28.59 8.60
C LYS C 241 29.16 27.39 7.83
N TYR C 242 29.86 27.04 6.76
CA TYR C 242 29.47 25.86 6.01
C TYR C 242 29.61 24.63 6.88
N TRP C 243 30.70 24.56 7.63
CA TRP C 243 30.93 23.41 8.51
C TRP C 243 29.84 23.31 9.56
N LEU C 244 29.45 24.45 10.13
CA LEU C 244 28.43 24.44 11.18
C LEU C 244 27.12 23.85 10.66
N LYS C 245 26.82 24.11 9.40
CA LYS C 245 25.61 23.59 8.78
C LYS C 245 25.78 22.14 8.35
N GLU C 246 27.02 21.74 8.06
CA GLU C 246 27.32 20.41 7.57
C GLU C 246 28.08 19.54 8.58
N ARG C 247 27.99 19.89 9.85
CA ARG C 247 28.78 19.19 10.88
C ARG C 247 28.47 17.71 10.94
N GLY C 248 27.20 17.36 10.82
CA GLY C 248 26.79 15.98 11.01
C GLY C 248 26.72 15.66 12.49
N ALA C 249 26.62 14.38 12.81
CA ALA C 249 26.51 13.97 14.21
C ALA C 249 27.86 14.05 14.90
N SER C 250 27.84 14.43 16.17
CA SER C 250 29.05 14.48 16.99
C SER C 250 29.30 13.12 17.66
N LEU C 251 30.48 12.96 18.24
CA LEU C 251 30.86 11.68 18.85
C LEU C 251 29.92 11.31 19.98
N GLN C 252 29.29 12.31 20.57
CA GLN C 252 28.34 12.08 21.64
C GLN C 252 27.23 11.16 21.18
N HIS C 253 26.95 11.18 19.88
CA HIS C 253 25.85 10.41 19.32
C HIS C 253 26.32 9.24 18.45
N THR C 254 27.59 9.28 18.01
CA THR C 254 28.08 8.26 17.09
C THR C 254 29.08 7.28 17.72
N ALA C 255 29.61 7.61 18.89
CA ALA C 255 30.67 6.79 19.48
C ALA C 255 30.20 5.36 19.72
N PRO C 256 31.07 4.36 19.51
CA PRO C 256 30.95 2.97 19.87
C PRO C 256 30.91 2.75 21.38
N PHE C 257 30.39 1.60 21.77
CA PHE C 257 30.40 1.14 23.16
C PHE C 257 29.61 2.02 24.11
N GLY C 258 28.72 2.82 23.54
CA GLY C 258 27.82 3.65 24.35
C GLY C 258 28.54 4.76 25.09
N CYS C 259 29.67 5.24 24.55
CA CYS C 259 30.47 6.27 25.22
C CYS C 259 29.74 7.60 25.28
N GLN C 260 29.80 8.24 26.44
CA GLN C 260 29.27 9.58 26.60
C GLN C 260 30.39 10.59 26.42
N ILE C 261 30.15 11.61 25.63
CA ILE C 261 31.19 12.59 25.33
C ILE C 261 30.84 13.95 25.91
N ALA C 262 31.82 14.56 26.57
CA ALA C 262 31.64 15.88 27.16
C ALA C 262 32.90 16.70 26.97
N THR C 263 32.76 18.02 27.06
CA THR C 263 33.89 18.91 26.87
C THR C 263 34.17 19.75 28.10
N ASN C 264 35.29 20.47 28.07
CA ASN C 264 35.68 21.33 29.17
C ASN C 264 35.77 20.58 30.50
N PRO C 265 36.74 19.65 30.61
CA PRO C 265 37.67 19.12 29.64
C PRO C 265 37.02 18.08 28.73
N VAL C 266 37.71 17.73 27.65
CA VAL C 266 37.21 16.68 26.79
C VAL C 266 37.27 15.35 27.51
N ARG C 267 36.15 14.65 27.54
CA ARG C 267 36.05 13.39 28.26
C ARG C 267 35.24 12.34 27.52
N ALA C 268 35.69 11.10 27.60
CA ALA C 268 34.87 9.97 27.19
C ALA C 268 34.46 9.21 28.44
N MET C 269 33.17 9.05 28.65
CA MET C 269 32.70 8.46 29.88
C MET C 269 31.89 7.20 29.70
N ASN C 270 32.06 6.28 30.64
CA ASN C 270 31.25 5.08 30.74
C ASN C 270 31.26 4.23 29.48
N CYS C 271 32.44 4.07 28.87
CA CYS C 271 32.61 3.21 27.70
C CYS C 271 32.64 1.76 28.14
N ALA C 272 31.80 0.92 27.55
CA ALA C 272 31.73 -0.48 27.95
C ALA C 272 32.82 -1.28 27.25
N VAL C 273 34.07 -0.98 27.57
CA VAL C 273 35.18 -1.61 26.87
C VAL C 273 36.13 -2.34 27.80
N GLY C 274 36.36 -3.61 27.52
CA GLY C 274 37.33 -4.40 28.27
C GLY C 274 36.95 -4.56 29.72
N ASN C 275 37.96 -4.59 30.58
CA ASN C 275 37.76 -4.79 32.01
C ASN C 275 38.77 -3.99 32.83
N MET C 276 38.57 -3.97 34.14
CA MET C 276 39.39 -3.18 35.04
C MET C 276 39.82 -4.00 36.27
N PRO C 277 41.10 -4.35 36.36
CA PRO C 277 41.74 -4.99 37.50
C PRO C 277 41.63 -4.11 38.75
N ILE C 278 41.28 -4.73 39.87
CA ILE C 278 41.19 -4.04 41.15
C ILE C 278 41.95 -4.79 42.24
N SER C 279 42.77 -4.08 42.98
CA SER C 279 43.52 -4.69 44.09
C SER C 279 43.17 -4.01 45.40
N ILE C 280 42.70 -4.80 46.36
CA ILE C 280 42.27 -4.26 47.65
C ILE C 280 43.12 -4.79 48.79
N ASP C 281 43.69 -3.89 49.58
CA ASP C 281 44.44 -4.27 50.77
C ASP C 281 43.52 -4.23 51.98
N ILE C 282 43.14 -5.41 52.45
CA ILE C 282 42.15 -5.55 53.51
C ILE C 282 42.84 -5.83 54.84
N PRO C 283 42.60 -5.00 55.87
CA PRO C 283 43.22 -5.08 57.18
C PRO C 283 42.76 -6.35 57.90
N ASP C 284 43.60 -6.86 58.78
CA ASP C 284 43.30 -8.10 59.49
C ASP C 284 42.05 -7.98 60.34
N ALA C 285 41.78 -6.76 60.80
CA ALA C 285 40.63 -6.50 61.66
C ALA C 285 39.32 -6.76 60.94
N ALA C 286 39.37 -6.78 59.61
CA ALA C 286 38.17 -6.94 58.80
C ALA C 286 37.76 -8.39 58.69
N PHE C 287 38.61 -9.30 59.15
CA PHE C 287 38.34 -10.73 59.01
C PHE C 287 37.93 -11.35 60.33
N THR C 288 37.00 -12.31 60.25
CA THR C 288 36.58 -13.07 61.41
C THR C 288 37.04 -14.51 61.27
N ARG C 289 37.66 -15.06 62.31
CA ARG C 289 38.20 -16.41 62.25
C ARG C 289 37.09 -17.43 62.06
N VAL C 290 37.42 -18.54 61.40
CA VAL C 290 36.42 -19.56 61.13
C VAL C 290 35.81 -20.09 62.42
N VAL C 291 36.61 -20.20 63.46
CA VAL C 291 36.13 -20.67 64.74
C VAL C 291 35.23 -19.64 65.42
N ASP C 292 35.47 -18.36 65.14
CA ASP C 292 34.68 -17.29 65.73
C ASP C 292 33.38 -17.08 64.97
N ALA C 293 33.44 -17.31 63.66
CA ALA C 293 32.28 -17.17 62.81
C ALA C 293 31.27 -18.26 63.09
N PRO C 294 29.98 -18.01 62.81
CA PRO C 294 28.92 -19.00 62.77
C PRO C 294 29.21 -20.06 61.73
N SER C 295 28.83 -21.29 62.03
CA SER C 295 28.96 -22.37 61.08
C SER C 295 27.60 -23.00 60.83
N LEU C 296 27.28 -23.26 59.57
CA LEU C 296 25.98 -23.83 59.24
C LEU C 296 26.08 -25.29 58.86
N THR C 297 25.09 -26.05 59.28
CA THR C 297 24.97 -27.44 58.88
C THR C 297 23.54 -27.78 58.49
N ASP C 298 23.34 -29.00 58.01
CA ASP C 298 22.00 -29.46 57.66
C ASP C 298 21.31 -28.49 56.71
N MET C 299 22.01 -28.04 55.70
CA MET C 299 21.44 -27.09 54.76
C MET C 299 20.70 -27.77 53.61
N SER C 300 19.60 -27.15 53.19
CA SER C 300 18.85 -27.61 52.03
C SER C 300 18.32 -26.41 51.27
N CYS C 301 18.10 -26.58 49.96
CA CYS C 301 17.69 -25.48 49.10
C CYS C 301 16.50 -25.84 48.22
N GLU C 302 15.55 -24.91 48.15
CA GLU C 302 14.43 -25.04 47.23
C GLU C 302 14.14 -23.69 46.59
N VAL C 303 13.60 -23.72 45.39
CA VAL C 303 13.32 -22.50 44.64
C VAL C 303 11.86 -22.40 44.24
N PRO C 304 11.04 -21.71 45.03
CA PRO C 304 9.62 -21.53 44.86
C PRO C 304 9.28 -21.02 43.46
N ALA C 305 10.14 -20.16 42.92
CA ALA C 305 9.92 -19.67 41.57
C ALA C 305 11.21 -19.18 40.95
N CYS C 306 11.28 -19.25 39.61
CA CYS C 306 12.41 -18.71 38.86
C CYS C 306 11.99 -18.29 37.46
N THR C 307 12.34 -17.06 37.11
CA THR C 307 12.21 -16.56 35.75
C THR C 307 13.52 -15.95 35.32
N HIS C 308 14.04 -16.33 34.15
CA HIS C 308 15.30 -15.76 33.71
C HIS C 308 15.08 -14.40 33.05
N SER C 309 14.63 -13.45 33.86
CA SER C 309 14.23 -12.12 33.40
C SER C 309 15.40 -11.16 33.28
N SER C 310 16.55 -11.56 33.79
CA SER C 310 17.73 -10.70 33.85
C SER C 310 17.56 -9.58 34.87
N ASP C 311 16.57 -9.74 35.75
CA ASP C 311 16.32 -8.76 36.80
C ASP C 311 16.09 -9.44 38.13
N PHE C 312 16.97 -10.35 38.51
CA PHE C 312 16.81 -11.10 39.76
C PHE C 312 15.44 -11.72 39.85
N GLY C 313 15.09 -12.50 38.84
CA GLY C 313 13.76 -13.08 38.73
C GLY C 313 13.64 -14.41 39.47
N GLY C 314 14.71 -14.86 40.11
CA GLY C 314 14.64 -16.10 40.87
C GLY C 314 14.81 -15.84 42.36
N VAL C 315 14.12 -16.64 43.17
CA VAL C 315 14.29 -16.57 44.61
C VAL C 315 14.53 -17.94 45.20
N ALA C 316 15.61 -18.07 45.96
CA ALA C 316 15.91 -19.35 46.58
C ALA C 316 15.71 -19.28 48.09
N ILE C 317 15.11 -20.33 48.63
CA ILE C 317 14.94 -20.44 50.08
C ILE C 317 15.85 -21.53 50.60
N ILE C 318 16.74 -21.16 51.49
CA ILE C 318 17.70 -22.11 52.03
C ILE C 318 17.51 -22.31 53.52
N LYS C 319 17.27 -23.55 53.91
CA LYS C 319 17.10 -23.90 55.31
C LYS C 319 18.45 -24.21 55.91
N TYR C 320 18.67 -23.79 57.15
CA TYR C 320 19.96 -24.01 57.78
C TYR C 320 19.85 -24.23 59.28
N ALA C 321 20.83 -24.92 59.84
CA ALA C 321 20.98 -24.99 61.28
C ALA C 321 22.28 -24.30 61.69
N ALA C 322 22.14 -23.14 62.34
CA ALA C 322 23.30 -22.35 62.70
C ALA C 322 23.81 -22.73 64.08
N SER C 323 25.13 -22.78 64.22
CA SER C 323 25.75 -23.05 65.49
C SER C 323 25.55 -21.89 66.47
N LYS C 324 25.44 -20.69 65.93
CA LYS C 324 25.22 -19.51 66.75
C LYS C 324 24.79 -18.32 65.92
N LYS C 325 24.26 -17.30 66.58
CA LYS C 325 23.89 -16.05 65.93
C LYS C 325 25.10 -15.32 65.37
N GLY C 326 24.95 -14.79 64.16
CA GLY C 326 26.00 -14.01 63.54
C GLY C 326 25.72 -13.78 62.06
N LYS C 327 26.71 -13.27 61.34
CA LYS C 327 26.54 -12.98 59.92
C LYS C 327 27.40 -13.89 59.06
N CYS C 328 26.86 -14.27 57.90
CA CYS C 328 27.56 -15.13 56.93
C CYS C 328 27.59 -14.49 55.56
N ALA C 329 28.72 -14.62 54.88
CA ALA C 329 28.83 -14.20 53.50
C ALA C 329 28.16 -15.21 52.59
N VAL C 330 27.55 -14.73 51.51
CA VAL C 330 26.89 -15.60 50.54
C VAL C 330 27.51 -15.43 49.15
N HIS C 331 27.92 -16.54 48.55
CA HIS C 331 28.52 -16.46 47.22
C HIS C 331 28.11 -17.60 46.31
N SER C 332 27.85 -17.28 45.04
CA SER C 332 27.55 -18.29 44.04
C SER C 332 28.82 -18.97 43.57
N MET C 333 28.76 -20.28 43.39
CA MET C 333 29.92 -21.03 42.93
C MET C 333 29.97 -21.15 41.43
N THR C 334 29.00 -20.56 40.75
CA THR C 334 28.98 -20.58 39.30
C THR C 334 28.69 -19.21 38.73
N ASN C 335 29.33 -18.88 37.62
CA ASN C 335 29.13 -17.60 36.98
C ASN C 335 27.73 -17.51 36.41
N ALA C 336 27.15 -18.67 36.17
CA ALA C 336 25.83 -18.77 35.56
C ALA C 336 24.77 -18.08 36.42
N VAL C 337 24.97 -18.10 37.73
CA VAL C 337 23.97 -17.55 38.64
C VAL C 337 24.54 -16.46 39.53
N THR C 338 23.93 -15.28 39.46
CA THR C 338 24.33 -14.15 40.30
C THR C 338 23.37 -13.94 41.45
N ILE C 339 23.91 -13.85 42.67
CA ILE C 339 23.11 -13.66 43.85
C ILE C 339 23.20 -12.22 44.34
N ARG C 340 22.06 -11.59 44.56
CA ARG C 340 22.02 -10.17 44.92
C ARG C 340 22.59 -9.89 46.30
N GLU C 341 22.26 -10.73 47.27
CA GLU C 341 22.72 -10.52 48.63
C GLU C 341 24.17 -10.95 48.81
N ALA C 342 24.97 -10.09 49.43
CA ALA C 342 26.37 -10.42 49.70
C ALA C 342 26.52 -11.07 51.07
N GLU C 343 25.65 -10.70 51.99
CA GLU C 343 25.71 -11.23 53.35
C GLU C 343 24.32 -11.38 53.94
N ILE C 344 24.19 -12.32 54.85
CA ILE C 344 22.94 -12.54 55.56
C ILE C 344 23.18 -12.72 57.04
N GLU C 345 22.13 -12.50 57.83
CA GLU C 345 22.18 -12.81 59.25
C GLU C 345 21.58 -14.18 59.53
N VAL C 346 22.30 -15.00 60.29
CA VAL C 346 21.81 -16.33 60.60
C VAL C 346 21.55 -16.48 62.10
N GLU C 347 20.40 -17.06 62.43
CA GLU C 347 20.03 -17.24 63.84
C GLU C 347 19.42 -18.61 64.10
N GLY C 348 20.19 -19.47 64.76
CA GLY C 348 19.71 -20.79 65.15
C GLY C 348 19.26 -21.60 63.95
N ASN C 349 18.12 -22.27 64.09
CA ASN C 349 17.57 -23.08 63.01
C ASN C 349 16.43 -22.35 62.31
N SER C 350 16.69 -21.91 61.10
CA SER C 350 15.74 -21.11 60.35
C SER C 350 16.00 -21.20 58.86
N GLN C 351 15.43 -20.27 58.10
CA GLN C 351 15.63 -20.25 56.66
C GLN C 351 15.99 -18.86 56.18
N LEU C 352 16.78 -18.79 55.12
CA LEU C 352 17.18 -17.52 54.54
C LEU C 352 16.62 -17.38 53.13
N GLN C 353 16.36 -16.15 52.72
CA GLN C 353 15.85 -15.90 51.38
C GLN C 353 16.80 -15.03 50.58
N ILE C 354 17.20 -15.52 49.42
CA ILE C 354 18.09 -14.77 48.54
C ILE C 354 17.53 -14.70 47.13
N SER C 355 17.83 -13.60 46.44
CA SER C 355 17.38 -13.45 45.06
C SER C 355 18.55 -13.68 44.12
N PHE C 356 18.25 -14.18 42.93
CA PHE C 356 19.31 -14.44 41.98
C PHE C 356 18.87 -14.22 40.53
N SER C 357 19.85 -14.05 39.67
CA SER C 357 19.61 -13.80 38.26
C SER C 357 20.42 -14.75 37.39
N THR C 358 19.76 -15.42 36.46
CA THR C 358 20.45 -16.35 35.60
C THR C 358 19.88 -16.38 34.19
N ALA C 359 20.70 -16.76 33.23
CA ALA C 359 20.27 -16.91 31.84
C ALA C 359 19.85 -18.33 31.55
N LEU C 360 20.00 -19.20 32.54
CA LEU C 360 19.79 -20.63 32.33
C LEU C 360 18.34 -21.03 32.40
N ALA C 361 17.93 -21.92 31.50
CA ALA C 361 16.59 -22.50 31.57
C ALA C 361 16.48 -23.41 32.77
N SER C 362 17.57 -24.10 33.08
CA SER C 362 17.64 -24.93 34.27
C SER C 362 18.73 -24.42 35.17
N ALA C 363 18.34 -23.92 36.33
CA ALA C 363 19.31 -23.29 37.21
C ALA C 363 19.94 -24.34 38.10
N GLU C 364 21.18 -24.66 37.81
CA GLU C 364 21.92 -25.63 38.60
C GLU C 364 23.14 -24.95 39.20
N PHE C 365 23.08 -24.67 40.49
CA PHE C 365 24.14 -23.90 41.10
C PHE C 365 24.35 -24.24 42.56
N ARG C 366 25.53 -23.91 43.07
CA ARG C 366 25.84 -24.14 44.46
C ARG C 366 26.01 -22.82 45.18
N VAL C 367 25.48 -22.73 46.38
CA VAL C 367 25.56 -21.51 47.16
C VAL C 367 26.40 -21.75 48.40
N GLN C 368 27.42 -20.93 48.57
CA GLN C 368 28.27 -21.05 49.75
C GLN C 368 27.91 -20.01 50.78
N VAL C 369 27.53 -20.46 51.97
CA VAL C 369 27.19 -19.56 53.05
C VAL C 369 28.14 -19.79 54.23
N CYS C 370 29.05 -18.83 54.48
CA CYS C 370 30.07 -18.94 55.54
C CYS C 370 30.75 -20.32 55.55
N SER C 371 31.17 -20.75 54.37
CA SER C 371 31.97 -21.97 54.15
C SER C 371 31.16 -23.26 54.03
N THR C 372 29.84 -23.18 54.13
CA THR C 372 29.04 -24.38 53.89
C THR C 372 28.30 -24.27 52.55
N GLN C 373 28.45 -25.29 51.71
CA GLN C 373 27.83 -25.25 50.38
C GLN C 373 26.57 -26.09 50.30
N VAL C 374 25.55 -25.52 49.65
CA VAL C 374 24.30 -26.22 49.41
C VAL C 374 23.98 -26.20 47.91
N HIS C 375 23.51 -27.33 47.39
CA HIS C 375 23.17 -27.41 45.98
C HIS C 375 21.72 -27.01 45.73
N CYS C 376 21.50 -26.07 44.81
CA CYS C 376 20.17 -25.59 44.44
C CYS C 376 19.86 -25.99 43.01
N ALA C 377 18.59 -26.28 42.74
CA ALA C 377 18.17 -26.60 41.38
C ALA C 377 16.76 -26.09 41.12
N ALA C 378 16.52 -25.59 39.91
CA ALA C 378 15.21 -25.07 39.58
C ALA C 378 14.94 -25.08 38.09
N GLU C 379 13.66 -25.14 37.73
CA GLU C 379 13.23 -24.92 36.36
C GLU C 379 12.83 -23.47 36.19
N CYS C 380 13.57 -22.73 35.36
CA CYS C 380 13.34 -21.30 35.19
C CYS C 380 12.54 -21.03 33.92
N HIS C 381 11.58 -20.13 34.04
CA HIS C 381 10.71 -19.77 32.93
C HIS C 381 11.25 -18.52 32.23
N PRO C 382 10.91 -18.31 30.97
CA PRO C 382 11.15 -17.09 30.23
C PRO C 382 10.23 -15.98 30.73
N PRO C 383 10.66 -14.73 30.57
CA PRO C 383 9.90 -13.50 30.81
C PRO C 383 8.88 -13.28 29.71
N LYS C 384 7.87 -12.49 29.99
CA LYS C 384 6.90 -12.12 28.96
C LYS C 384 7.33 -10.86 28.24
N ASP C 385 8.02 -9.98 28.96
CA ASP C 385 8.51 -8.74 28.37
C ASP C 385 9.64 -9.04 27.40
N HIS C 386 9.68 -8.32 26.29
CA HIS C 386 10.74 -8.53 25.30
C HIS C 386 11.91 -7.59 25.53
N ILE C 387 11.60 -6.38 26.01
CA ILE C 387 12.59 -5.32 26.13
C ILE C 387 12.60 -4.72 27.53
N VAL C 388 13.78 -4.40 28.03
CA VAL C 388 13.95 -3.71 29.30
C VAL C 388 14.84 -2.48 29.16
N ASN C 389 14.82 -1.63 30.18
CA ASN C 389 15.57 -0.38 30.14
C ASN C 389 16.84 -0.46 30.96
N TYR C 390 17.28 -1.69 31.24
CA TYR C 390 18.48 -1.92 32.03
C TYR C 390 19.25 -3.12 31.52
N PRO C 391 20.57 -3.12 31.67
CA PRO C 391 21.49 -4.17 31.29
C PRO C 391 21.28 -5.41 32.15
N ALA C 392 21.57 -6.56 31.59
CA ALA C 392 21.38 -7.81 32.33
C ALA C 392 22.25 -7.83 33.57
N SER C 393 21.69 -8.33 34.67
CA SER C 393 22.43 -8.46 35.91
C SER C 393 23.30 -9.71 35.93
N HIS C 394 23.06 -10.60 34.98
CA HIS C 394 23.81 -11.85 34.88
C HIS C 394 24.76 -11.87 33.70
N THR C 395 25.50 -12.96 33.57
CA THR C 395 26.43 -13.15 32.47
C THR C 395 25.77 -13.93 31.33
N THR C 396 26.56 -14.27 30.31
CA THR C 396 26.02 -14.95 29.14
C THR C 396 25.76 -16.42 29.42
N LEU C 397 25.00 -17.06 28.55
CA LEU C 397 24.59 -18.45 28.77
C LEU C 397 25.66 -19.45 28.35
N GLY C 398 26.10 -19.37 27.11
CA GLY C 398 27.07 -20.33 26.59
C GLY C 398 26.38 -21.54 25.98
N VAL C 399 27.15 -22.36 25.28
CA VAL C 399 26.59 -23.54 24.62
C VAL C 399 26.54 -24.74 25.56
N GLN C 400 27.33 -24.68 26.61
CA GLN C 400 27.43 -25.78 27.57
C GLN C 400 26.24 -25.86 28.49
N ASP C 401 25.47 -24.78 28.57
CA ASP C 401 24.33 -24.74 29.48
C ASP C 401 23.02 -24.97 28.76
N ILE C 402 22.48 -26.16 28.95
CA ILE C 402 21.25 -26.60 28.31
C ILE C 402 20.29 -27.10 29.39
N SER C 403 18.99 -27.07 29.13
CA SER C 403 18.05 -27.49 30.16
C SER C 403 18.19 -28.97 30.44
N VAL C 404 17.78 -29.38 31.64
CA VAL C 404 17.91 -30.76 32.05
C VAL C 404 17.02 -31.67 31.21
N THR C 405 15.81 -31.21 30.92
CA THR C 405 14.90 -31.99 30.11
C THR C 405 15.46 -32.18 28.72
N ALA C 406 16.03 -31.11 28.16
CA ALA C 406 16.63 -31.18 26.85
C ALA C 406 17.86 -32.07 26.86
N MET C 407 18.62 -32.01 27.96
CA MET C 407 19.82 -32.83 28.09
C MET C 407 19.45 -34.29 28.13
N SER C 408 18.34 -34.60 28.80
CA SER C 408 17.88 -35.97 28.89
C SER C 408 17.51 -36.49 27.53
N TRP C 409 16.81 -35.67 26.75
CA TRP C 409 16.43 -36.06 25.40
C TRP C 409 17.64 -36.27 24.50
N VAL C 410 18.65 -35.43 24.67
CA VAL C 410 19.88 -35.57 23.89
C VAL C 410 20.60 -36.87 24.22
N GLN C 411 20.67 -37.20 25.51
CA GLN C 411 21.32 -38.44 25.90
C GLN C 411 20.53 -39.67 25.48
N LYS C 412 19.19 -39.57 25.52
CA LYS C 412 18.37 -40.68 25.10
C LYS C 412 18.54 -40.98 23.61
N ILE C 413 18.57 -39.94 22.80
CA ILE C 413 18.71 -40.11 21.37
C ILE C 413 20.13 -40.50 21.00
N THR C 414 21.10 -39.85 21.64
CA THR C 414 22.50 -40.16 21.37
C THR C 414 22.80 -41.59 21.81
N GLY C 415 22.29 -41.97 22.97
CA GLY C 415 22.47 -43.31 23.48
C GLY C 415 21.76 -44.33 22.60
N GLY C 416 20.59 -43.96 22.09
CA GLY C 416 19.84 -44.86 21.23
C GLY C 416 20.62 -45.22 19.98
N VAL C 417 21.19 -44.21 19.33
CA VAL C 417 21.97 -44.45 18.13
C VAL C 417 23.31 -45.09 18.47
N GLY C 418 23.94 -44.62 19.53
CA GLY C 418 25.22 -45.16 19.95
C GLY C 418 25.11 -46.63 20.31
N LEU C 419 23.97 -47.02 20.89
CA LEU C 419 23.75 -48.41 21.24
C LEU C 419 23.57 -49.26 20.00
N VAL C 420 22.85 -48.75 19.01
CA VAL C 420 22.68 -49.49 17.78
C VAL C 420 24.02 -49.70 17.08
N VAL C 421 24.85 -48.67 17.11
CA VAL C 421 26.18 -48.79 16.53
C VAL C 421 27.03 -49.78 17.31
N ALA C 422 26.94 -49.72 18.64
CA ALA C 422 27.71 -50.62 19.48
C ALA C 422 27.32 -52.07 19.23
N VAL C 423 26.03 -52.29 18.99
CA VAL C 423 25.55 -53.65 18.71
C VAL C 423 26.03 -54.10 17.34
N ALA C 424 25.89 -53.24 16.35
CA ALA C 424 26.33 -53.56 15.00
C ALA C 424 27.84 -53.78 14.99
N ALA C 425 28.56 -52.99 15.78
CA ALA C 425 30.01 -53.13 15.85
C ALA C 425 30.39 -54.46 16.46
N LEU C 426 29.64 -54.89 17.48
CA LEU C 426 29.92 -56.15 18.13
C LEU C 426 29.67 -57.31 17.18
N ILE C 427 28.60 -57.21 16.39
CA ILE C 427 28.28 -58.27 15.45
C ILE C 427 29.39 -58.41 14.42
N LEU C 428 29.88 -57.29 13.91
CA LEU C 428 30.94 -57.33 12.92
C LEU C 428 32.23 -57.86 13.52
N ILE C 429 32.53 -57.48 14.76
CA ILE C 429 33.72 -57.96 15.43
C ILE C 429 33.67 -59.47 15.63
N VAL C 430 32.50 -59.97 16.05
CA VAL C 430 32.35 -61.40 16.24
C VAL C 430 32.52 -62.16 14.94
N VAL C 431 31.92 -61.65 13.87
CA VAL C 431 32.05 -62.30 12.58
C VAL C 431 33.48 -62.27 12.08
N LEU C 432 34.16 -61.15 12.27
CA LEU C 432 35.55 -61.04 11.85
C LEU C 432 36.44 -61.96 12.66
N CYS C 433 36.17 -62.10 13.95
CA CYS C 433 36.97 -62.98 14.80
C CYS C 433 36.77 -64.43 14.41
N VAL C 434 35.52 -64.80 14.09
CA VAL C 434 35.22 -66.15 13.64
C VAL C 434 35.82 -66.40 12.27
N SER C 435 35.71 -65.40 11.40
CA SER C 435 36.24 -65.51 10.06
C SER C 435 37.76 -65.56 10.07
N PHE C 436 38.35 -64.87 11.03
CA PHE C 436 39.79 -64.91 11.22
C PHE C 436 40.24 -66.25 11.74
N SER C 437 39.51 -66.79 12.71
CA SER C 437 39.85 -68.06 13.32
C SER C 437 39.80 -69.20 12.33
N ARG C 438 38.79 -69.20 11.47
CA ARG C 438 38.66 -70.26 10.47
C ARG C 438 39.62 -70.01 9.31
N HIS C 439 40.19 -71.08 8.77
CA HIS C 439 41.15 -71.00 7.67
C HIS C 439 41.12 -72.28 6.83
N TYR D 1 -52.60 -10.53 -16.41
CA TYR D 1 -51.52 -11.32 -16.96
C TYR D 1 -50.20 -10.98 -16.26
N GLU D 2 -49.56 -12.00 -15.67
CA GLU D 2 -48.30 -11.81 -14.97
C GLU D 2 -47.12 -12.07 -15.87
N HIS D 3 -46.30 -11.05 -16.06
CA HIS D 3 -45.12 -11.15 -16.90
C HIS D 3 -43.85 -11.03 -16.07
N VAL D 4 -42.99 -12.03 -16.16
CA VAL D 4 -41.77 -12.04 -15.37
C VAL D 4 -40.54 -11.92 -16.26
N THR D 5 -39.75 -10.89 -16.03
CA THR D 5 -38.57 -10.64 -16.81
C THR D 5 -37.40 -10.27 -15.92
N VAL D 6 -36.19 -10.28 -16.47
CA VAL D 6 -35.02 -9.88 -15.73
C VAL D 6 -34.30 -8.73 -16.40
N ILE D 7 -34.10 -7.65 -15.66
CA ILE D 7 -33.37 -6.51 -16.17
C ILE D 7 -32.01 -6.46 -15.48
N PRO D 8 -30.91 -6.38 -16.24
CA PRO D 8 -29.56 -6.19 -15.76
C PRO D 8 -29.49 -4.97 -14.86
N ASN D 9 -28.68 -5.04 -13.82
CA ASN D 9 -28.64 -3.96 -12.84
C ASN D 9 -27.76 -2.83 -13.33
N THR D 10 -28.19 -2.16 -14.39
CA THR D 10 -27.47 -1.03 -14.93
C THR D 10 -28.38 0.18 -14.98
N VAL D 11 -27.93 1.28 -14.38
CA VAL D 11 -28.73 2.48 -14.31
C VAL D 11 -28.52 3.37 -15.52
N GLY D 12 -29.61 3.87 -16.07
CA GLY D 12 -29.56 4.77 -17.22
C GLY D 12 -29.62 4.03 -18.55
N VAL D 13 -29.80 2.72 -18.49
CA VAL D 13 -29.89 1.92 -19.70
C VAL D 13 -31.27 1.29 -19.84
N PRO D 14 -32.02 1.61 -20.89
CA PRO D 14 -33.34 1.09 -21.19
C PRO D 14 -33.26 -0.35 -21.68
N TYR D 15 -34.20 -1.17 -21.24
CA TYR D 15 -34.31 -2.54 -21.71
C TYR D 15 -35.73 -2.82 -22.20
N LYS D 16 -35.84 -3.65 -23.22
CA LYS D 16 -37.14 -3.97 -23.78
C LYS D 16 -37.56 -5.38 -23.42
N THR D 17 -38.78 -5.52 -22.91
CA THR D 17 -39.33 -6.83 -22.65
C THR D 17 -40.63 -7.01 -23.40
N LEU D 18 -40.76 -8.15 -24.08
CA LEU D 18 -41.95 -8.40 -24.88
C LEU D 18 -43.00 -9.17 -24.11
N VAL D 19 -44.19 -8.62 -24.03
CA VAL D 19 -45.30 -9.27 -23.36
C VAL D 19 -46.19 -9.92 -24.39
N ASN D 20 -46.12 -11.23 -24.50
CA ASN D 20 -46.87 -11.93 -25.52
C ASN D 20 -48.03 -12.72 -24.91
N ARG D 21 -49.21 -12.13 -24.95
CA ARG D 21 -50.40 -12.76 -24.41
C ARG D 21 -51.32 -13.21 -25.53
N PRO D 22 -51.52 -14.51 -25.72
CA PRO D 22 -52.28 -15.09 -26.80
C PRO D 22 -53.65 -14.47 -26.92
N GLY D 23 -54.03 -14.10 -28.13
CA GLY D 23 -55.32 -13.46 -28.39
C GLY D 23 -55.20 -11.95 -28.42
N TYR D 24 -54.07 -11.43 -27.95
CA TYR D 24 -53.84 -10.00 -27.92
C TYR D 24 -52.58 -9.61 -28.69
N SER D 25 -52.58 -8.40 -29.24
CA SER D 25 -51.42 -7.89 -29.93
C SER D 25 -50.24 -7.81 -28.98
N PRO D 26 -49.05 -8.23 -29.39
CA PRO D 26 -47.82 -8.19 -28.62
C PRO D 26 -47.55 -6.79 -28.12
N MET D 27 -47.13 -6.69 -26.86
CA MET D 27 -46.84 -5.40 -26.27
C MET D 27 -45.40 -5.34 -25.78
N VAL D 28 -44.76 -4.20 -25.97
CA VAL D 28 -43.39 -4.05 -25.50
C VAL D 28 -43.28 -2.98 -24.45
N LEU D 29 -42.73 -3.36 -23.30
CA LEU D 29 -42.54 -2.43 -22.21
C LEU D 29 -41.07 -2.05 -22.11
N GLU D 30 -40.80 -0.76 -22.18
CA GLU D 30 -39.44 -0.27 -22.04
C GLU D 30 -39.19 0.08 -20.59
N MET D 31 -38.19 -0.56 -20.01
CA MET D 31 -37.88 -0.33 -18.60
C MET D 31 -36.49 0.23 -18.44
N GLU D 32 -36.36 1.24 -17.60
CA GLU D 32 -35.06 1.82 -17.31
C GLU D 32 -34.91 2.07 -15.81
N LEU D 33 -33.80 1.61 -15.24
CA LEU D 33 -33.55 1.91 -13.84
C LEU D 33 -33.02 3.33 -13.74
N LEU D 34 -33.65 4.15 -12.91
CA LEU D 34 -33.22 5.52 -12.75
C LEU D 34 -32.29 5.63 -11.55
N SER D 35 -32.59 4.82 -10.54
CA SER D 35 -31.78 4.80 -9.34
C SER D 35 -31.90 3.47 -8.62
N VAL D 36 -30.77 2.93 -8.20
CA VAL D 36 -30.77 1.73 -7.38
C VAL D 36 -30.01 1.99 -6.09
N THR D 37 -30.66 1.77 -4.96
CA THR D 37 -30.04 2.08 -3.69
C THR D 37 -29.93 0.87 -2.78
N LEU D 38 -28.74 0.65 -2.25
CA LEU D 38 -28.53 -0.35 -1.22
C LEU D 38 -28.26 0.35 0.09
N GLU D 39 -29.21 0.28 1.01
CA GLU D 39 -29.07 1.01 2.26
C GLU D 39 -28.80 0.05 3.43
N PRO D 40 -27.57 0.03 3.95
CA PRO D 40 -27.12 -0.87 4.99
C PRO D 40 -27.82 -0.51 6.29
N THR D 41 -28.17 -1.51 7.07
CA THR D 41 -28.72 -1.22 8.38
C THR D 41 -27.57 -1.07 9.34
N LEU D 42 -27.52 0.07 10.01
CA LEU D 42 -26.37 0.39 10.84
C LEU D 42 -26.67 0.35 12.33
N SER D 43 -25.66 -0.05 13.08
CA SER D 43 -25.70 0.01 14.53
C SER D 43 -24.49 0.77 15.05
N LEU D 44 -24.73 1.92 15.65
CA LEU D 44 -23.63 2.76 16.09
C LEU D 44 -22.85 2.12 17.22
N ASP D 45 -21.53 2.04 17.06
CA ASP D 45 -20.69 1.49 18.10
C ASP D 45 -20.15 2.61 18.98
N TYR D 46 -19.52 3.60 18.38
CA TYR D 46 -19.05 4.75 19.15
C TYR D 46 -18.71 5.97 18.30
N ILE D 47 -18.57 7.09 18.98
CA ILE D 47 -18.21 8.37 18.39
C ILE D 47 -16.81 8.79 18.78
N THR D 48 -16.04 9.23 17.80
CA THR D 48 -14.73 9.80 18.08
C THR D 48 -14.72 11.27 17.71
N CYS D 49 -13.89 12.04 18.39
CA CYS D 49 -13.78 13.49 18.16
C CYS D 49 -12.50 14.03 18.77
N GLU D 50 -12.23 15.30 18.56
CA GLU D 50 -11.06 15.90 19.19
C GLU D 50 -11.29 16.04 20.67
N TYR D 51 -10.28 15.69 21.46
CA TYR D 51 -10.40 15.75 22.91
C TYR D 51 -9.89 17.08 23.44
N LYS D 52 -10.40 17.46 24.60
CA LYS D 52 -9.91 18.63 25.31
C LYS D 52 -9.18 18.21 26.57
N THR D 53 -8.01 18.78 26.79
CA THR D 53 -7.28 18.51 28.02
C THR D 53 -7.57 19.60 29.02
N VAL D 54 -8.09 19.22 30.17
CA VAL D 54 -8.49 20.18 31.18
C VAL D 54 -7.45 20.29 32.27
N ILE D 55 -6.97 21.51 32.49
CA ILE D 55 -5.97 21.77 33.49
C ILE D 55 -6.39 22.91 34.39
N PRO D 56 -6.94 22.62 35.56
CA PRO D 56 -7.34 23.55 36.59
C PRO D 56 -6.13 24.30 37.10
N SER D 57 -6.33 25.53 37.55
CA SER D 57 -5.23 26.29 38.10
C SER D 57 -4.49 25.43 39.11
N PRO D 58 -3.16 25.39 39.06
CA PRO D 58 -2.30 24.57 39.88
C PRO D 58 -2.38 25.02 41.33
N TYR D 59 -2.44 24.07 42.24
CA TYR D 59 -2.51 24.42 43.64
C TYR D 59 -1.13 24.49 44.24
N VAL D 60 -0.77 25.65 44.74
CA VAL D 60 0.55 25.83 45.31
C VAL D 60 0.45 26.05 46.80
N LYS D 61 1.07 25.16 47.55
CA LYS D 61 1.12 25.28 48.98
C LYS D 61 2.52 25.78 49.32
N CYS D 62 2.63 26.68 50.31
CA CYS D 62 3.92 27.24 50.66
C CYS D 62 4.64 26.33 51.65
N CYS D 63 4.77 26.74 52.90
CA CYS D 63 5.44 25.83 53.83
C CYS D 63 4.54 24.64 54.13
N GLY D 64 4.60 23.63 53.27
CA GLY D 64 3.82 22.42 53.45
C GLY D 64 3.73 21.59 52.18
N THR D 65 3.33 20.33 52.33
CA THR D 65 3.25 19.42 51.21
C THR D 65 1.82 19.19 50.76
N ALA D 66 1.58 19.38 49.47
CA ALA D 66 0.29 19.13 48.88
C ALA D 66 0.11 17.64 48.59
N GLU D 67 -1.14 17.19 48.55
CA GLU D 67 -1.46 15.82 48.19
C GLU D 67 -2.80 15.78 47.47
N CYS D 68 -3.08 14.69 46.77
CA CYS D 68 -4.35 14.54 46.05
C CYS D 68 -4.86 13.12 46.08
N LYS D 69 -6.14 12.97 45.76
CA LYS D 69 -6.77 11.67 45.68
C LYS D 69 -7.10 11.34 44.24
N ASP D 70 -7.15 10.06 43.93
CA ASP D 70 -7.50 9.62 42.59
C ASP D 70 -8.93 9.99 42.26
N LYS D 71 -9.15 10.38 41.02
CA LYS D 71 -10.48 10.70 40.54
C LYS D 71 -10.87 9.75 39.42
N SER D 72 -12.16 9.65 39.14
CA SER D 72 -12.69 8.72 38.15
C SER D 72 -12.69 9.32 36.75
N LEU D 73 -12.22 10.54 36.62
CA LEU D 73 -12.26 11.24 35.35
C LEU D 73 -11.45 10.47 34.29
N PRO D 74 -11.83 10.56 33.00
CA PRO D 74 -11.51 9.64 31.91
C PRO D 74 -10.03 9.31 31.76
N ASP D 75 -9.16 10.28 32.00
CA ASP D 75 -7.72 10.05 31.90
C ASP D 75 -7.00 10.89 32.92
N TYR D 76 -7.49 10.82 34.17
CA TYR D 76 -6.99 11.66 35.24
C TYR D 76 -5.57 11.34 35.62
N SER D 77 -4.78 12.38 35.81
CA SER D 77 -3.42 12.25 36.29
C SER D 77 -3.12 13.36 37.29
N CYS D 78 -2.40 13.03 38.37
CA CYS D 78 -2.07 13.98 39.41
C CYS D 78 -0.67 13.73 39.96
N LYS D 79 0.09 14.80 40.15
CA LYS D 79 1.44 14.68 40.67
C LYS D 79 1.81 15.88 41.55
N VAL D 80 2.65 15.65 42.55
CA VAL D 80 3.13 16.72 43.41
C VAL D 80 4.60 17.00 43.15
N PHE D 81 4.90 18.26 42.83
CA PHE D 81 6.26 18.66 42.56
C PHE D 81 6.82 19.49 43.69
N THR D 82 7.87 18.99 44.32
CA THR D 82 8.46 19.67 45.46
C THR D 82 9.57 20.61 45.02
N GLY D 83 9.93 21.54 45.90
CA GLY D 83 11.05 22.44 45.64
C GLY D 83 10.71 23.50 44.61
N VAL D 84 9.44 23.90 44.56
CA VAL D 84 9.01 24.89 43.59
C VAL D 84 9.11 26.31 44.15
N TYR D 85 9.58 27.24 43.34
CA TYR D 85 9.65 28.63 43.79
C TYR D 85 9.14 29.59 42.72
N PRO D 86 7.83 29.57 42.47
CA PRO D 86 7.14 30.26 41.40
C PRO D 86 7.12 31.78 41.61
N PHE D 87 7.18 32.52 40.51
CA PHE D 87 7.06 33.96 40.56
C PHE D 87 5.86 34.46 39.79
N MET D 88 5.25 35.52 40.30
CA MET D 88 4.23 36.24 39.56
C MET D 88 4.81 37.60 39.18
N TRP D 89 4.02 38.41 38.50
CA TRP D 89 4.54 39.66 37.98
C TRP D 89 5.11 40.57 39.06
N GLY D 90 4.60 40.47 40.27
CA GLY D 90 5.02 41.35 41.35
C GLY D 90 6.07 40.75 42.28
N GLY D 91 6.53 39.53 41.97
CA GLY D 91 7.50 38.88 42.85
C GLY D 91 7.09 37.46 43.22
N ALA D 92 7.85 36.84 44.10
CA ALA D 92 7.63 35.44 44.46
C ALA D 92 6.27 35.25 45.09
N TYR D 93 5.61 34.15 44.74
CA TYR D 93 4.29 33.83 45.26
C TYR D 93 4.32 33.44 46.75
N CYS D 94 5.28 32.60 47.12
CA CYS D 94 5.41 32.12 48.51
C CYS D 94 6.55 32.81 49.23
N PHE D 95 6.36 33.00 50.53
CA PHE D 95 7.40 33.53 51.41
C PHE D 95 8.50 32.50 51.64
N CYS D 96 8.11 31.23 51.75
CA CYS D 96 9.03 30.12 51.97
C CYS D 96 9.80 29.81 50.68
N ASP D 97 11.08 29.47 50.80
CA ASP D 97 11.90 29.30 49.60
C ASP D 97 11.95 27.87 49.06
N THR D 98 11.99 26.87 49.93
CA THR D 98 12.21 25.50 49.47
C THR D 98 11.13 24.54 49.92
N GLU D 99 10.31 24.98 50.86
CA GLU D 99 9.30 24.12 51.47
C GLU D 99 8.05 24.01 50.61
N ASN D 100 8.00 24.81 49.55
CA ASN D 100 6.84 24.91 48.68
C ASN D 100 6.64 23.66 47.83
N THR D 101 5.40 23.28 47.64
CA THR D 101 5.06 22.18 46.74
C THR D 101 3.92 22.57 45.80
N GLN D 102 3.97 22.06 44.57
CA GLN D 102 2.91 22.32 43.62
C GLN D 102 2.12 21.08 43.29
N LEU D 103 0.81 21.20 43.35
CA LEU D 103 -0.07 20.10 42.99
C LEU D 103 -0.64 20.30 41.60
N SER D 104 -0.25 19.43 40.68
CA SER D 104 -0.71 19.55 39.31
C SER D 104 -1.63 18.40 38.96
N GLU D 105 -2.75 18.71 38.33
CA GLU D 105 -3.67 17.68 37.91
C GLU D 105 -4.29 18.00 36.57
N ALA D 106 -4.66 16.97 35.84
CA ALA D 106 -5.29 17.17 34.54
C ALA D 106 -6.13 15.96 34.15
N HIS D 107 -7.11 16.18 33.30
CA HIS D 107 -7.91 15.08 32.76
C HIS D 107 -8.37 15.37 31.34
N VAL D 108 -8.81 14.34 30.64
CA VAL D 108 -9.25 14.48 29.27
C VAL D 108 -10.75 14.29 29.13
N GLU D 109 -11.40 15.21 28.43
CA GLU D 109 -12.83 15.13 28.19
C GLU D 109 -13.17 15.58 26.78
N LYS D 110 -14.34 15.20 26.31
CA LYS D 110 -14.79 15.58 24.98
C LYS D 110 -14.88 17.10 24.84
N SER D 111 -14.36 17.60 23.73
CA SER D 111 -14.42 19.04 23.46
C SER D 111 -15.83 19.46 23.08
N GLU D 112 -16.08 20.76 23.11
CA GLU D 112 -17.38 21.31 22.77
C GLU D 112 -17.70 21.10 21.30
N SER D 113 -16.67 20.86 20.51
CA SER D 113 -16.82 20.66 19.08
C SER D 113 -17.36 19.28 18.72
N CYS D 114 -17.36 18.33 19.67
CA CYS D 114 -17.71 16.94 19.41
C CYS D 114 -19.16 16.79 18.98
N LYS D 115 -19.95 17.83 19.21
CA LYS D 115 -21.36 17.81 18.83
C LYS D 115 -21.53 18.07 17.35
N THR D 116 -20.50 18.64 16.73
CA THR D 116 -20.55 18.98 15.31
C THR D 116 -19.49 18.25 14.51
N GLU D 117 -18.28 18.23 15.04
CA GLU D 117 -17.14 17.59 14.37
C GLU D 117 -16.79 16.27 15.01
N PHE D 118 -17.22 15.19 14.38
CA PHE D 118 -16.98 13.86 14.92
C PHE D 118 -17.06 12.82 13.82
N ALA D 119 -16.56 11.63 14.11
CA ALA D 119 -16.72 10.51 13.19
C ALA D 119 -17.46 9.38 13.89
N SER D 120 -18.41 8.78 13.19
CA SER D 120 -19.20 7.72 13.76
C SER D 120 -18.75 6.34 13.33
N ALA D 121 -18.46 5.49 14.30
CA ALA D 121 -18.08 4.11 14.04
C ALA D 121 -19.31 3.23 14.03
N TYR D 122 -19.67 2.73 12.85
CA TYR D 122 -20.90 1.96 12.70
C TYR D 122 -20.63 0.51 12.36
N ARG D 123 -21.54 -0.36 12.77
CA ARG D 123 -21.58 -1.72 12.27
C ARG D 123 -22.61 -1.86 11.17
N ALA D 124 -22.20 -2.37 10.02
CA ALA D 124 -23.11 -2.56 8.91
C ALA D 124 -23.44 -4.04 8.78
N HIS D 125 -24.72 -4.35 8.73
CA HIS D 125 -25.14 -5.74 8.68
C HIS D 125 -25.56 -6.15 7.28
N THR D 126 -26.81 -5.92 6.94
CA THR D 126 -27.29 -6.21 5.60
C THR D 126 -27.98 -4.97 5.05
N ALA D 127 -28.19 -4.94 3.74
CA ALA D 127 -28.78 -3.75 3.13
C ALA D 127 -30.18 -3.99 2.66
N SER D 128 -31.01 -2.97 2.81
CA SER D 128 -32.34 -2.98 2.26
C SER D 128 -32.30 -2.33 0.89
N ALA D 129 -32.47 -3.13 -0.15
CA ALA D 129 -32.39 -2.62 -1.51
C ALA D 129 -33.67 -1.92 -1.89
N SER D 130 -33.55 -0.84 -2.66
CA SER D 130 -34.70 -0.15 -3.22
C SER D 130 -34.33 0.40 -4.59
N ALA D 131 -35.33 0.67 -5.42
CA ALA D 131 -35.03 1.18 -6.74
C ALA D 131 -36.15 2.04 -7.28
N LYS D 132 -35.79 2.94 -8.18
CA LYS D 132 -36.75 3.75 -8.91
C LYS D 132 -36.71 3.39 -10.38
N LEU D 133 -37.82 2.88 -10.88
CA LEU D 133 -37.88 2.35 -12.23
C LEU D 133 -38.78 3.17 -13.15
N ARG D 134 -38.29 3.44 -14.34
CA ARG D 134 -39.10 4.09 -15.37
C ARG D 134 -39.68 3.03 -16.31
N VAL D 135 -40.99 3.00 -16.45
CA VAL D 135 -41.62 2.04 -17.34
C VAL D 135 -42.50 2.75 -18.37
N LEU D 136 -42.30 2.43 -19.64
CA LEU D 136 -43.11 3.02 -20.69
C LEU D 136 -44.39 2.23 -20.88
N TYR D 137 -45.30 2.38 -19.93
CA TYR D 137 -46.53 1.63 -19.88
C TYR D 137 -47.66 2.33 -20.61
N GLN D 138 -48.23 1.65 -21.59
CA GLN D 138 -49.33 2.20 -22.39
C GLN D 138 -48.94 3.49 -23.08
N GLY D 139 -47.68 3.60 -23.49
CA GLY D 139 -47.22 4.76 -24.24
C GLY D 139 -46.87 5.94 -23.35
N ASN D 140 -47.04 5.78 -22.03
CA ASN D 140 -46.74 6.84 -21.09
C ASN D 140 -45.59 6.48 -20.17
N ASN D 141 -44.90 7.50 -19.66
CA ASN D 141 -43.79 7.32 -18.74
C ASN D 141 -44.27 7.26 -17.29
N VAL D 142 -44.19 6.08 -16.70
CA VAL D 142 -44.63 5.83 -15.33
C VAL D 142 -43.43 5.56 -14.42
N THR D 143 -43.34 6.30 -13.33
CA THR D 143 -42.23 6.12 -12.41
C THR D 143 -42.65 5.26 -11.22
N VAL D 144 -41.92 4.18 -11.00
CA VAL D 144 -42.24 3.25 -9.93
C VAL D 144 -41.18 3.28 -8.84
N SER D 145 -41.58 3.65 -7.64
CA SER D 145 -40.67 3.67 -6.50
C SER D 145 -40.99 2.49 -5.60
N ALA D 146 -40.06 1.57 -5.45
CA ALA D 146 -40.33 0.36 -4.70
C ALA D 146 -39.08 -0.20 -4.05
N TYR D 147 -39.28 -0.98 -2.99
CA TYR D 147 -38.18 -1.77 -2.43
C TYR D 147 -37.85 -2.89 -3.41
N ALA D 148 -36.58 -3.27 -3.46
CA ALA D 148 -36.12 -4.23 -4.46
C ALA D 148 -35.75 -5.56 -3.82
N ASN D 149 -36.48 -5.93 -2.78
CA ASN D 149 -36.23 -7.15 -2.05
C ASN D 149 -37.27 -8.24 -2.32
N GLY D 150 -38.04 -8.06 -3.40
CA GLY D 150 -39.07 -9.04 -3.76
C GLY D 150 -40.38 -8.71 -3.06
N ASP D 151 -40.33 -7.68 -2.22
CA ASP D 151 -41.47 -7.23 -1.45
C ASP D 151 -41.95 -5.88 -1.98
N HIS D 152 -42.97 -5.32 -1.35
CA HIS D 152 -43.47 -4.00 -1.74
C HIS D 152 -44.04 -3.95 -3.13
N ALA D 153 -45.22 -4.50 -3.30
CA ALA D 153 -45.91 -4.37 -4.56
C ALA D 153 -46.32 -2.92 -4.75
N VAL D 154 -46.10 -2.39 -5.93
CA VAL D 154 -46.52 -1.03 -6.24
C VAL D 154 -47.47 -1.01 -7.42
N THR D 155 -48.63 -0.40 -7.24
CA THR D 155 -49.60 -0.36 -8.31
C THR D 155 -49.71 1.03 -8.92
N VAL D 156 -49.41 1.10 -10.21
CA VAL D 156 -49.49 2.35 -10.96
C VAL D 156 -50.36 2.14 -12.19
N LYS D 157 -51.41 2.94 -12.31
CA LYS D 157 -52.36 2.76 -13.41
C LYS D 157 -52.85 1.32 -13.46
N ASP D 158 -53.13 0.76 -12.28
CA ASP D 158 -53.65 -0.59 -12.11
C ASP D 158 -52.66 -1.68 -12.50
N ALA D 159 -51.42 -1.32 -12.77
CA ALA D 159 -50.38 -2.32 -13.04
C ALA D 159 -49.54 -2.53 -11.80
N LYS D 160 -49.45 -3.77 -11.34
CA LYS D 160 -48.74 -4.07 -10.10
C LYS D 160 -47.33 -4.58 -10.36
N PHE D 161 -46.35 -3.93 -9.75
CA PHE D 161 -44.94 -4.27 -9.96
C PHE D 161 -44.30 -4.87 -8.71
N ILE D 162 -43.59 -5.99 -8.92
CA ILE D 162 -42.73 -6.56 -7.88
C ILE D 162 -41.29 -6.47 -8.34
N VAL D 163 -40.44 -5.90 -7.50
CA VAL D 163 -39.05 -5.69 -7.88
C VAL D 163 -38.10 -6.47 -6.98
N GLY D 164 -37.20 -7.22 -7.60
CA GLY D 164 -36.22 -8.00 -6.85
C GLY D 164 -36.77 -9.37 -6.50
N PRO D 165 -36.04 -10.12 -5.69
CA PRO D 165 -34.84 -9.78 -4.95
C PRO D 165 -33.64 -9.62 -5.86
N MET D 166 -32.61 -8.94 -5.36
CA MET D 166 -31.40 -8.74 -6.12
C MET D 166 -30.68 -10.07 -6.36
N SER D 167 -30.10 -10.22 -7.54
CA SER D 167 -29.36 -11.44 -7.87
C SER D 167 -28.03 -11.49 -7.14
N SER D 168 -27.62 -10.37 -6.58
CA SER D 168 -26.37 -10.31 -5.84
C SER D 168 -26.55 -9.62 -4.51
N ALA D 169 -25.96 -10.21 -3.48
CA ALA D 169 -26.04 -9.67 -2.13
C ALA D 169 -24.85 -8.78 -1.84
N TRP D 170 -24.04 -8.53 -2.87
CA TRP D 170 -22.83 -7.76 -2.70
C TRP D 170 -23.09 -6.32 -2.30
N THR D 171 -22.28 -5.82 -1.38
CA THR D 171 -22.35 -4.44 -0.93
C THR D 171 -20.92 -3.89 -0.84
N PRO D 172 -20.72 -2.60 -1.14
CA PRO D 172 -19.45 -1.89 -1.07
C PRO D 172 -18.99 -1.68 0.37
N PHE D 173 -19.91 -1.85 1.31
CA PHE D 173 -19.59 -1.59 2.71
C PHE D 173 -19.15 -2.86 3.43
N ASP D 174 -18.10 -2.75 4.23
CA ASP D 174 -17.68 -3.86 5.07
C ASP D 174 -18.51 -3.85 6.34
N ASN D 175 -18.26 -4.82 7.22
CA ASN D 175 -19.02 -4.89 8.46
C ASN D 175 -18.73 -3.73 9.38
N LYS D 176 -17.53 -3.16 9.26
CA LYS D 176 -17.17 -1.98 10.05
C LYS D 176 -16.93 -0.78 9.16
N ILE D 177 -17.68 0.28 9.37
CA ILE D 177 -17.48 1.50 8.60
C ILE D 177 -17.36 2.72 9.50
N VAL D 178 -16.70 3.75 9.01
CA VAL D 178 -16.60 5.01 9.71
C VAL D 178 -17.16 6.15 8.88
N VAL D 179 -18.04 6.93 9.47
CA VAL D 179 -18.66 8.03 8.74
C VAL D 179 -18.30 9.37 9.35
N TYR D 180 -17.72 10.26 8.55
CA TYR D 180 -17.34 11.57 9.04
C TYR D 180 -18.40 12.60 8.69
N LYS D 181 -18.48 12.95 7.43
CA LYS D 181 -19.56 13.81 6.95
C LYS D 181 -20.26 13.13 5.79
N GLY D 182 -19.85 13.47 4.57
CA GLY D 182 -20.41 12.84 3.37
C GLY D 182 -19.56 11.66 2.94
N ASP D 183 -18.53 11.38 3.73
CA ASP D 183 -17.56 10.34 3.41
C ASP D 183 -17.67 9.13 4.30
N VAL D 184 -17.75 7.96 3.68
CA VAL D 184 -17.78 6.69 4.40
C VAL D 184 -16.52 5.88 4.12
N TYR D 185 -15.91 5.36 5.17
CA TYR D 185 -14.69 4.58 5.02
C TYR D 185 -14.84 3.16 5.53
N ASN D 186 -14.22 2.20 4.84
CA ASN D 186 -14.19 0.83 5.33
C ASN D 186 -13.03 0.64 6.27
N MET D 187 -13.21 1.07 7.50
CA MET D 187 -12.13 1.06 8.48
C MET D 187 -12.40 0.08 9.61
N ASP D 188 -11.39 -0.72 9.93
CA ASP D 188 -11.52 -1.64 11.04
C ASP D 188 -11.19 -0.93 12.34
N TYR D 189 -12.11 -0.10 12.79
CA TYR D 189 -11.89 0.72 13.96
C TYR D 189 -11.69 -0.16 15.19
N PRO D 190 -10.90 0.29 16.16
CA PRO D 190 -10.54 -0.41 17.37
C PRO D 190 -11.75 -0.61 18.27
N PRO D 191 -11.70 -1.61 19.14
CA PRO D 191 -12.72 -1.99 20.09
C PRO D 191 -12.97 -0.88 21.08
N PHE D 192 -14.24 -0.70 21.45
CA PHE D 192 -14.60 0.36 22.37
C PHE D 192 -14.00 0.11 23.73
N GLY D 193 -13.41 1.13 24.31
CA GLY D 193 -12.84 1.02 25.65
C GLY D 193 -11.40 0.58 25.60
N ALA D 194 -10.89 0.34 24.40
CA ALA D 194 -9.50 -0.10 24.25
C ALA D 194 -8.86 0.57 23.04
N GLY D 195 -9.01 1.88 22.94
CA GLY D 195 -8.38 2.64 21.86
C GLY D 195 -6.92 2.93 22.22
N ARG D 196 -6.16 3.37 21.22
CA ARG D 196 -4.75 3.67 21.40
C ARG D 196 -4.45 5.13 21.14
N PRO D 197 -3.47 5.71 21.85
CA PRO D 197 -3.05 7.09 21.80
C PRO D 197 -2.45 7.43 20.45
N GLY D 198 -2.79 8.61 19.94
CA GLY D 198 -2.24 9.09 18.69
C GLY D 198 -2.92 8.44 17.49
N GLN D 199 -3.91 7.61 17.75
CA GLN D 199 -4.60 6.89 16.71
C GLN D 199 -6.10 7.12 16.80
N PHE D 200 -6.79 6.88 15.69
CA PHE D 200 -8.23 7.02 15.68
C PHE D 200 -8.82 6.17 16.79
N GLY D 201 -9.72 6.76 17.56
CA GLY D 201 -10.35 6.04 18.66
C GLY D 201 -9.65 6.26 19.99
N ASP D 202 -8.71 7.19 20.05
CA ASP D 202 -8.01 7.48 21.30
C ASP D 202 -9.00 8.00 22.34
N ILE D 203 -10.00 8.74 21.88
CA ILE D 203 -11.11 9.15 22.72
C ILE D 203 -12.41 8.61 22.15
N GLN D 204 -13.21 7.96 22.99
CA GLN D 204 -14.45 7.34 22.52
C GLN D 204 -15.63 7.60 23.44
N SER D 205 -16.81 7.70 22.85
CA SER D 205 -18.06 7.73 23.61
C SER D 205 -19.17 7.05 22.82
N ARG D 206 -20.16 6.50 23.50
CA ARG D 206 -21.20 5.76 22.79
C ARG D 206 -22.11 6.66 21.96
N THR D 207 -22.42 7.84 22.48
CA THR D 207 -23.22 8.80 21.74
C THR D 207 -22.60 10.18 21.89
N PRO D 208 -22.85 11.12 20.96
CA PRO D 208 -22.33 12.46 20.95
C PRO D 208 -22.61 13.20 22.24
N GLU D 209 -23.74 12.89 22.87
CA GLU D 209 -24.14 13.56 24.11
C GLU D 209 -23.83 12.76 25.36
N SER D 210 -23.20 11.60 25.21
CA SER D 210 -22.91 10.75 26.35
C SER D 210 -21.83 11.32 27.25
N GLU D 211 -21.97 11.08 28.55
CA GLU D 211 -20.96 11.46 29.53
C GLU D 211 -19.99 10.32 29.80
N ASP D 212 -20.22 9.19 29.14
CA ASP D 212 -19.37 8.02 29.28
C ASP D 212 -18.21 8.12 28.30
N VAL D 213 -17.05 8.53 28.79
CA VAL D 213 -15.94 8.80 27.91
C VAL D 213 -14.72 7.93 28.22
N TYR D 214 -14.22 7.26 27.19
CA TYR D 214 -12.97 6.53 27.28
C TYR D 214 -11.88 7.37 26.69
N ALA D 215 -10.74 7.43 27.35
CA ALA D 215 -9.63 8.18 26.80
C ALA D 215 -8.30 7.52 27.14
N ASN D 216 -7.43 7.46 26.15
CA ASN D 216 -6.09 6.94 26.32
C ASN D 216 -5.12 7.83 25.56
N THR D 217 -4.66 8.88 26.21
CA THR D 217 -3.85 9.88 25.54
C THR D 217 -2.43 9.89 26.05
N GLN D 218 -2.14 9.02 27.02
CA GLN D 218 -0.85 9.00 27.67
C GLN D 218 -0.50 10.36 28.22
N LEU D 219 -1.42 10.95 28.95
CA LEU D 219 -1.18 12.25 29.52
C LEU D 219 -0.29 12.14 30.74
N VAL D 220 0.92 12.70 30.62
CA VAL D 220 1.90 12.64 31.70
C VAL D 220 2.28 14.05 32.14
N LEU D 221 2.15 14.31 33.42
CA LEU D 221 2.48 15.62 33.96
C LEU D 221 3.98 15.74 34.14
N GLN D 222 4.52 16.89 33.73
CA GLN D 222 5.95 17.14 33.84
C GLN D 222 6.22 18.20 34.89
N ARG D 223 7.44 18.20 35.41
CA ARG D 223 7.83 19.21 36.38
C ARG D 223 7.85 20.59 35.72
N PRO D 224 7.27 21.61 36.36
CA PRO D 224 7.17 22.97 35.88
C PRO D 224 8.54 23.62 35.81
N SER D 225 8.69 24.56 34.88
CA SER D 225 9.93 25.30 34.73
C SER D 225 10.16 26.12 35.99
N ALA D 226 11.41 26.22 36.40
CA ALA D 226 11.70 26.94 37.64
C ALA D 226 11.25 28.37 37.54
N GLY D 227 10.58 28.84 38.58
CA GLY D 227 10.16 30.24 38.67
C GLY D 227 8.88 30.52 37.90
N THR D 228 8.31 29.50 37.27
CA THR D 228 7.13 29.70 36.44
C THR D 228 5.95 28.90 36.96
N VAL D 229 4.77 29.50 36.90
CA VAL D 229 3.55 28.79 37.26
C VAL D 229 2.88 28.27 36.01
N HIS D 230 2.91 26.96 35.84
CA HIS D 230 2.24 26.31 34.74
C HIS D 230 2.21 24.82 34.96
N VAL D 231 1.47 24.11 34.11
CA VAL D 231 1.43 22.67 34.17
C VAL D 231 1.74 22.05 32.82
N PRO D 232 3.01 21.82 32.52
CA PRO D 232 3.49 21.21 31.30
C PRO D 232 3.14 19.74 31.31
N TYR D 233 2.90 19.19 30.12
CA TYR D 233 2.55 17.79 30.03
C TYR D 233 2.92 17.19 28.70
N SER D 234 3.08 15.88 28.67
CA SER D 234 3.30 15.15 27.43
C SER D 234 2.07 14.34 27.10
N GLN D 235 1.49 14.58 25.94
CA GLN D 235 0.26 13.93 25.56
C GLN D 235 0.25 13.63 24.06
N ALA D 236 -0.26 12.47 23.69
CA ALA D 236 -0.40 12.15 22.27
C ALA D 236 -1.46 13.06 21.66
N PRO D 237 -1.16 13.78 20.56
CA PRO D 237 -2.06 14.66 19.86
C PRO D 237 -3.27 13.90 19.37
N SER D 238 -4.40 14.59 19.26
CA SER D 238 -5.65 13.93 18.94
C SER D 238 -5.51 13.03 17.72
N GLY D 239 -5.95 11.78 17.89
CA GLY D 239 -5.91 10.80 16.83
C GLY D 239 -6.98 11.10 15.80
N PHE D 240 -7.95 11.90 16.21
CA PHE D 240 -9.02 12.31 15.32
C PHE D 240 -8.48 13.27 14.29
N LYS D 241 -7.69 14.24 14.75
CA LYS D 241 -7.12 15.23 13.86
C LYS D 241 -6.12 14.57 12.93
N TYR D 242 -5.35 13.62 13.45
CA TYR D 242 -4.42 12.89 12.61
C TYR D 242 -5.17 12.10 11.55
N TRP D 243 -6.25 11.46 11.96
CA TRP D 243 -7.06 10.68 11.04
C TRP D 243 -7.61 11.54 9.93
N LEU D 244 -8.05 12.75 10.26
CA LEU D 244 -8.62 13.63 9.27
C LEU D 244 -7.62 13.95 8.17
N LYS D 245 -6.34 14.05 8.54
CA LYS D 245 -5.29 14.33 7.56
C LYS D 245 -4.89 13.07 6.80
N GLU D 246 -5.04 11.92 7.44
CA GLU D 246 -4.62 10.65 6.86
C GLU D 246 -5.80 9.82 6.34
N ARG D 247 -6.97 10.43 6.23
CA ARG D 247 -8.17 9.68 5.86
C ARG D 247 -8.01 8.87 4.60
N GLY D 248 -7.37 9.45 3.59
CA GLY D 248 -7.25 8.80 2.31
C GLY D 248 -8.56 8.93 1.55
N ALA D 249 -8.71 8.16 0.49
CA ALA D 249 -9.91 8.22 -0.34
C ALA D 249 -11.07 7.54 0.36
N SER D 250 -12.26 8.11 0.21
CA SER D 250 -13.47 7.51 0.74
C SER D 250 -14.07 6.53 -0.25
N LEU D 251 -15.04 5.75 0.19
CA LEU D 251 -15.64 4.72 -0.65
C LEU D 251 -16.28 5.32 -1.89
N GLN D 252 -16.64 6.58 -1.81
CA GLN D 252 -17.23 7.27 -2.93
C GLN D 252 -16.29 7.25 -4.13
N HIS D 253 -14.99 7.19 -3.87
CA HIS D 253 -14.00 7.24 -4.91
C HIS D 253 -13.29 5.90 -5.14
N THR D 254 -13.37 5.00 -4.17
CA THR D 254 -12.64 3.74 -4.26
C THR D 254 -13.51 2.52 -4.53
N ALA D 255 -14.82 2.66 -4.32
CA ALA D 255 -15.71 1.51 -4.46
C ALA D 255 -15.73 1.01 -5.90
N PRO D 256 -15.87 -0.30 -6.10
CA PRO D 256 -16.00 -1.00 -7.36
C PRO D 256 -17.39 -0.83 -7.96
N PHE D 257 -17.53 -1.23 -9.22
CA PHE D 257 -18.80 -1.26 -9.92
C PHE D 257 -19.43 0.12 -10.06
N GLY D 258 -18.62 1.15 -9.86
CA GLY D 258 -19.08 2.52 -10.05
C GLY D 258 -20.08 2.97 -8.99
N CYS D 259 -20.00 2.39 -7.78
CA CYS D 259 -20.93 2.70 -6.71
C CYS D 259 -20.78 4.15 -6.25
N GLN D 260 -21.90 4.83 -6.10
CA GLN D 260 -21.91 6.17 -5.54
C GLN D 260 -22.25 6.10 -4.07
N ILE D 261 -21.49 6.79 -3.25
CA ILE D 261 -21.69 6.73 -1.81
C ILE D 261 -22.16 8.05 -1.25
N ALA D 262 -23.20 7.99 -0.43
CA ALA D 262 -23.77 9.16 0.21
C ALA D 262 -24.13 8.86 1.65
N THR D 263 -24.27 9.90 2.46
CA THR D 263 -24.57 9.73 3.87
C THR D 263 -25.84 10.44 4.27
N ASN D 264 -26.29 10.17 5.50
CA ASN D 264 -27.50 10.77 6.03
C ASN D 264 -28.73 10.48 5.19
N PRO D 265 -29.14 9.21 5.12
CA PRO D 265 -28.54 7.99 5.62
C PRO D 265 -27.41 7.50 4.73
N VAL D 266 -26.66 6.51 5.21
CA VAL D 266 -25.63 5.90 4.38
C VAL D 266 -26.26 5.12 3.24
N ARG D 267 -25.82 5.40 2.02
CA ARG D 267 -26.38 4.74 0.84
C ARG D 267 -25.33 4.37 -0.18
N ALA D 268 -25.48 3.21 -0.78
CA ALA D 268 -24.71 2.87 -1.98
C ALA D 268 -25.64 2.90 -3.17
N MET D 269 -25.32 3.75 -4.15
CA MET D 269 -26.24 3.94 -5.25
C MET D 269 -25.66 3.54 -6.60
N ASN D 270 -26.54 3.01 -7.43
CA ASN D 270 -26.25 2.71 -8.83
C ASN D 270 -25.04 1.80 -9.02
N CYS D 271 -24.94 0.76 -8.19
CA CYS D 271 -23.88 -0.25 -8.33
C CYS D 271 -24.23 -1.20 -9.47
N ALA D 272 -23.31 -1.34 -10.42
CA ALA D 272 -23.59 -2.18 -11.58
C ALA D 272 -23.31 -3.64 -11.29
N VAL D 273 -24.12 -4.22 -10.41
CA VAL D 273 -23.89 -5.58 -9.95
C VAL D 273 -25.07 -6.50 -10.20
N GLY D 274 -24.80 -7.60 -10.89
CA GLY D 274 -25.81 -8.64 -11.11
C GLY D 274 -27.01 -8.13 -11.89
N ASN D 275 -28.20 -8.58 -11.49
CA ASN D 275 -29.42 -8.20 -12.17
C ASN D 275 -30.60 -8.13 -11.20
N MET D 276 -31.73 -7.64 -11.70
CA MET D 276 -32.91 -7.40 -10.89
C MET D 276 -34.18 -7.91 -11.56
N PRO D 277 -34.72 -9.04 -11.12
CA PRO D 277 -35.97 -9.62 -11.57
C PRO D 277 -37.13 -8.66 -11.36
N ILE D 278 -38.00 -8.55 -12.36
CA ILE D 278 -39.20 -7.73 -12.28
C ILE D 278 -40.43 -8.49 -12.71
N SER D 279 -41.47 -8.47 -11.88
CA SER D 279 -42.73 -9.13 -12.21
C SER D 279 -43.85 -8.11 -12.34
N ILE D 280 -44.49 -8.06 -13.49
CA ILE D 280 -45.53 -7.08 -13.75
C ILE D 280 -46.89 -7.73 -13.94
N ASP D 281 -47.86 -7.34 -13.13
CA ASP D 281 -49.22 -7.83 -13.29
C ASP D 281 -50.03 -6.83 -14.11
N ILE D 282 -50.27 -7.20 -15.36
CA ILE D 282 -50.87 -6.28 -16.32
C ILE D 282 -52.36 -6.56 -16.52
N PRO D 283 -53.24 -5.58 -16.29
CA PRO D 283 -54.68 -5.67 -16.38
C PRO D 283 -55.09 -5.91 -17.83
N ASP D 284 -56.21 -6.60 -18.02
CA ASP D 284 -56.65 -6.96 -19.36
C ASP D 284 -56.97 -5.73 -20.20
N ALA D 285 -57.32 -4.64 -19.54
CA ALA D 285 -57.67 -3.40 -20.23
C ALA D 285 -56.46 -2.82 -20.95
N ALA D 286 -55.27 -3.25 -20.55
CA ALA D 286 -54.03 -2.73 -21.10
C ALA D 286 -53.66 -3.40 -22.40
N PHE D 287 -54.39 -4.45 -22.76
CA PHE D 287 -54.07 -5.20 -23.96
C PHE D 287 -55.05 -4.90 -25.09
N THR D 288 -54.54 -4.91 -26.32
CA THR D 288 -55.37 -4.71 -27.50
C THR D 288 -55.54 -6.02 -28.24
N ARG D 289 -56.78 -6.34 -28.60
CA ARG D 289 -57.09 -7.59 -29.28
C ARG D 289 -56.41 -7.67 -30.63
N VAL D 290 -56.04 -8.88 -31.04
CA VAL D 290 -55.36 -9.07 -32.32
C VAL D 290 -56.22 -8.62 -33.48
N VAL D 291 -57.53 -8.83 -33.37
CA VAL D 291 -58.45 -8.44 -34.44
C VAL D 291 -58.60 -6.92 -34.51
N ASP D 292 -58.44 -6.24 -33.39
CA ASP D 292 -58.55 -4.79 -33.35
C ASP D 292 -57.27 -4.13 -33.83
N ALA D 293 -56.15 -4.78 -33.57
CA ALA D 293 -54.85 -4.27 -33.97
C ALA D 293 -54.72 -4.33 -35.49
N PRO D 294 -53.91 -3.45 -36.10
CA PRO D 294 -53.50 -3.48 -37.48
C PRO D 294 -52.79 -4.77 -37.82
N SER D 295 -53.04 -5.28 -39.02
CA SER D 295 -52.34 -6.46 -39.51
C SER D 295 -51.43 -6.06 -40.66
N LEU D 296 -50.16 -6.43 -40.55
CA LEU D 296 -49.21 -6.05 -41.59
C LEU D 296 -48.85 -7.21 -42.49
N THR D 297 -48.80 -6.92 -43.79
CA THR D 297 -48.35 -7.88 -44.78
C THR D 297 -47.42 -7.23 -45.79
N ASP D 298 -46.87 -8.03 -46.68
CA ASP D 298 -45.99 -7.53 -47.74
C ASP D 298 -44.85 -6.70 -47.17
N MET D 299 -44.24 -7.18 -46.09
CA MET D 299 -43.16 -6.45 -45.46
C MET D 299 -41.81 -6.73 -46.08
N SER D 300 -40.99 -5.70 -46.17
CA SER D 300 -39.60 -5.82 -46.62
C SER D 300 -38.73 -4.83 -45.86
N CYS D 301 -37.44 -5.15 -45.72
CA CYS D 301 -36.53 -4.34 -44.92
C CYS D 301 -35.24 -4.03 -45.66
N GLU D 302 -34.81 -2.78 -45.57
CA GLU D 302 -33.53 -2.35 -46.11
C GLU D 302 -32.84 -1.42 -45.14
N VAL D 303 -31.51 -1.37 -45.19
CA VAL D 303 -30.74 -0.56 -44.25
C VAL D 303 -29.78 0.36 -44.98
N PRO D 304 -30.18 1.62 -45.23
CA PRO D 304 -29.44 2.64 -45.93
C PRO D 304 -28.04 2.84 -45.35
N ALA D 305 -27.91 2.71 -44.04
CA ALA D 305 -26.62 2.84 -43.40
C ALA D 305 -26.58 2.08 -42.08
N CYS D 306 -25.40 1.58 -41.71
CA CYS D 306 -25.19 0.93 -40.43
C CYS D 306 -23.76 1.11 -39.95
N THR D 307 -23.63 1.55 -38.70
CA THR D 307 -22.36 1.63 -38.02
C THR D 307 -22.50 0.94 -36.66
N HIS D 308 -21.61 0.02 -36.33
CA HIS D 308 -21.75 -0.67 -35.06
C HIS D 308 -21.14 0.11 -33.92
N SER D 309 -21.68 1.31 -33.69
CA SER D 309 -21.24 2.17 -32.61
C SER D 309 -22.01 1.83 -31.35
N SER D 310 -21.56 2.36 -30.21
CA SER D 310 -22.24 2.13 -28.95
C SER D 310 -23.54 2.90 -28.89
N ASP D 311 -23.69 3.87 -29.77
CA ASP D 311 -24.90 4.66 -29.90
C ASP D 311 -25.87 3.96 -30.83
N PHE D 312 -27.04 4.54 -31.05
CA PHE D 312 -28.00 3.96 -31.97
C PHE D 312 -27.68 4.31 -33.40
N GLY D 313 -26.54 3.85 -33.86
CA GLY D 313 -26.15 4.00 -35.24
C GLY D 313 -26.76 2.88 -36.05
N GLY D 314 -27.26 3.22 -37.22
CA GLY D 314 -27.92 2.24 -38.07
C GLY D 314 -29.41 2.45 -38.09
N VAL D 315 -29.94 2.62 -39.28
CA VAL D 315 -31.36 2.88 -39.46
C VAL D 315 -31.98 1.90 -40.42
N ALA D 316 -33.07 1.27 -40.01
CA ALA D 316 -33.75 0.33 -40.87
C ALA D 316 -35.02 0.94 -41.43
N ILE D 317 -35.23 0.76 -42.73
CA ILE D 317 -36.45 1.20 -43.37
C ILE D 317 -37.29 -0.02 -43.73
N ILE D 318 -38.47 -0.08 -43.16
CA ILE D 318 -39.33 -1.23 -43.39
C ILE D 318 -40.62 -0.83 -44.09
N LYS D 319 -40.86 -1.43 -45.24
CA LYS D 319 -42.07 -1.18 -46.00
C LYS D 319 -43.15 -2.13 -45.53
N TYR D 320 -44.39 -1.66 -45.47
CA TYR D 320 -45.47 -2.48 -44.99
C TYR D 320 -46.81 -2.14 -45.63
N ALA D 321 -47.71 -3.11 -45.63
CA ALA D 321 -49.11 -2.87 -45.98
C ALA D 321 -49.99 -3.12 -44.77
N ALA D 322 -50.59 -2.06 -44.25
CA ALA D 322 -51.41 -2.16 -43.04
C ALA D 322 -52.89 -2.22 -43.40
N SER D 323 -53.59 -3.19 -42.82
CA SER D 323 -55.01 -3.34 -43.05
C SER D 323 -55.82 -2.24 -42.37
N LYS D 324 -55.31 -1.75 -41.26
CA LYS D 324 -55.99 -0.69 -40.51
C LYS D 324 -55.01 0.35 -40.02
N LYS D 325 -55.48 1.57 -39.88
CA LYS D 325 -54.70 2.59 -39.20
C LYS D 325 -54.63 2.27 -37.72
N GLY D 326 -53.46 2.40 -37.13
CA GLY D 326 -53.29 2.14 -35.71
C GLY D 326 -51.84 2.06 -35.35
N LYS D 327 -51.56 1.57 -34.15
CA LYS D 327 -50.19 1.48 -33.68
C LYS D 327 -49.91 0.09 -33.12
N CYS D 328 -48.65 -0.32 -33.17
CA CYS D 328 -48.24 -1.61 -32.63
C CYS D 328 -46.78 -1.62 -32.18
N ALA D 329 -46.43 -2.63 -31.41
CA ALA D 329 -45.10 -2.77 -30.87
C ALA D 329 -44.09 -3.21 -31.92
N VAL D 330 -42.85 -2.76 -31.73
CA VAL D 330 -41.73 -3.19 -32.55
C VAL D 330 -40.71 -3.92 -31.69
N HIS D 331 -40.40 -5.16 -32.04
CA HIS D 331 -39.49 -5.95 -31.23
C HIS D 331 -38.42 -6.64 -32.06
N SER D 332 -37.19 -6.65 -31.53
CA SER D 332 -36.10 -7.39 -32.16
C SER D 332 -36.13 -8.83 -31.71
N MET D 333 -36.02 -9.75 -32.67
CA MET D 333 -36.06 -11.17 -32.35
C MET D 333 -34.71 -11.72 -31.95
N THR D 334 -33.69 -10.86 -31.98
CA THR D 334 -32.35 -11.29 -31.61
C THR D 334 -31.76 -10.36 -30.56
N ASN D 335 -31.05 -10.93 -29.61
CA ASN D 335 -30.45 -10.16 -28.54
C ASN D 335 -29.34 -9.27 -29.08
N ALA D 336 -28.77 -9.67 -30.20
CA ALA D 336 -27.65 -8.97 -30.80
C ALA D 336 -28.03 -7.57 -31.26
N VAL D 337 -29.30 -7.36 -31.56
CA VAL D 337 -29.74 -6.07 -32.08
C VAL D 337 -30.84 -5.46 -31.24
N THR D 338 -30.64 -4.24 -30.78
CA THR D 338 -31.64 -3.56 -29.98
C THR D 338 -32.25 -2.39 -30.74
N ILE D 339 -33.57 -2.31 -30.73
CA ILE D 339 -34.30 -1.27 -31.45
C ILE D 339 -34.78 -0.19 -30.48
N ARG D 340 -34.46 1.05 -30.79
CA ARG D 340 -34.76 2.14 -29.88
C ARG D 340 -36.25 2.34 -29.66
N GLU D 341 -37.02 2.31 -30.74
CA GLU D 341 -38.46 2.55 -30.65
C GLU D 341 -39.21 1.33 -30.12
N ALA D 342 -40.13 1.57 -29.19
CA ALA D 342 -40.95 0.49 -28.65
C ALA D 342 -42.22 0.27 -29.47
N GLU D 343 -42.77 1.36 -29.99
CA GLU D 343 -44.02 1.29 -30.74
C GLU D 343 -44.05 2.34 -31.84
N ILE D 344 -44.78 2.05 -32.90
CA ILE D 344 -44.91 2.95 -34.03
C ILE D 344 -46.35 3.07 -34.50
N GLU D 345 -46.61 4.12 -35.28
CA GLU D 345 -47.90 4.25 -35.97
C GLU D 345 -47.79 3.69 -37.38
N VAL D 346 -48.82 2.98 -37.82
CA VAL D 346 -48.85 2.42 -39.16
C VAL D 346 -50.14 2.77 -39.89
N GLU D 347 -50.04 3.04 -41.19
CA GLU D 347 -51.23 3.30 -41.99
C GLU D 347 -51.03 2.97 -43.47
N GLY D 348 -51.94 2.17 -44.02
CA GLY D 348 -51.98 1.89 -45.45
C GLY D 348 -50.68 1.28 -45.97
N ASN D 349 -50.32 1.66 -47.20
CA ASN D 349 -49.08 1.22 -47.80
C ASN D 349 -48.02 2.28 -47.64
N SER D 350 -47.09 2.04 -46.74
CA SER D 350 -46.10 3.05 -46.38
C SER D 350 -44.85 2.40 -45.81
N GLN D 351 -43.96 3.23 -45.28
CA GLN D 351 -42.74 2.73 -44.70
C GLN D 351 -42.50 3.33 -43.33
N LEU D 352 -41.89 2.54 -42.46
CA LEU D 352 -41.55 2.99 -41.12
C LEU D 352 -40.05 3.05 -40.94
N GLN D 353 -39.59 3.96 -40.09
CA GLN D 353 -38.17 4.09 -39.83
C GLN D 353 -37.85 3.86 -38.37
N ILE D 354 -36.94 2.94 -38.11
CA ILE D 354 -36.52 2.65 -36.75
C ILE D 354 -35.00 2.69 -36.63
N SER D 355 -34.52 3.00 -35.44
CA SER D 355 -33.08 3.03 -35.19
C SER D 355 -32.69 1.85 -34.33
N PHE D 356 -31.48 1.36 -34.53
CA PHE D 356 -31.02 0.21 -33.77
C PHE D 356 -29.53 0.29 -33.50
N SER D 357 -29.07 -0.47 -32.52
CA SER D 357 -27.65 -0.58 -32.26
C SER D 357 -27.23 -2.03 -32.18
N THR D 358 -26.02 -2.32 -32.60
CA THR D 358 -25.53 -3.68 -32.55
C THR D 358 -24.01 -3.73 -32.55
N ALA D 359 -23.46 -4.80 -31.99
CA ALA D 359 -22.02 -5.03 -32.02
C ALA D 359 -21.66 -5.87 -33.23
N LEU D 360 -22.66 -6.28 -33.98
CA LEU D 360 -22.46 -7.17 -35.12
C LEU D 360 -21.72 -6.48 -36.24
N ALA D 361 -20.74 -7.16 -36.82
CA ALA D 361 -20.11 -6.67 -38.02
C ALA D 361 -21.09 -6.77 -39.18
N SER D 362 -21.87 -7.84 -39.16
CA SER D 362 -22.91 -8.05 -40.16
C SER D 362 -24.23 -8.18 -39.44
N ALA D 363 -25.13 -7.24 -39.67
CA ALA D 363 -26.37 -7.19 -38.92
C ALA D 363 -27.44 -7.99 -39.61
N GLU D 364 -27.74 -9.16 -39.06
CA GLU D 364 -28.81 -10.00 -39.56
C GLU D 364 -29.80 -10.23 -38.44
N PHE D 365 -31.00 -9.70 -38.60
CA PHE D 365 -31.96 -9.76 -37.52
C PHE D 365 -33.39 -9.73 -38.04
N ARG D 366 -34.31 -10.20 -37.21
CA ARG D 366 -35.72 -10.17 -37.57
C ARG D 366 -36.45 -9.18 -36.68
N VAL D 367 -37.35 -8.43 -37.28
CA VAL D 367 -38.11 -7.45 -36.53
C VAL D 367 -39.59 -7.81 -36.55
N GLN D 368 -40.19 -7.90 -35.38
CA GLN D 368 -41.60 -8.22 -35.27
C GLN D 368 -42.42 -6.96 -35.11
N VAL D 369 -43.24 -6.65 -36.10
CA VAL D 369 -44.09 -5.48 -36.05
C VAL D 369 -45.54 -5.89 -36.23
N CYS D 370 -46.39 -5.58 -35.25
CA CYS D 370 -47.82 -5.96 -35.31
C CYS D 370 -47.96 -7.49 -35.51
N SER D 371 -47.08 -8.25 -34.88
CA SER D 371 -47.08 -9.71 -34.97
C SER D 371 -46.59 -10.26 -36.32
N THR D 372 -46.12 -9.39 -37.21
CA THR D 372 -45.54 -9.85 -38.47
C THR D 372 -44.03 -9.66 -38.48
N GLN D 373 -43.29 -10.71 -38.81
CA GLN D 373 -41.84 -10.63 -38.80
C GLN D 373 -41.25 -10.31 -40.17
N VAL D 374 -40.27 -9.42 -40.18
CA VAL D 374 -39.51 -9.10 -41.39
C VAL D 374 -38.02 -9.28 -41.13
N HIS D 375 -37.33 -9.89 -42.09
CA HIS D 375 -35.90 -10.11 -41.93
C HIS D 375 -35.08 -8.96 -42.53
N CYS D 376 -34.18 -8.38 -41.72
CA CYS D 376 -33.31 -7.29 -42.13
C CYS D 376 -31.87 -7.79 -42.24
N ALA D 377 -31.11 -7.20 -43.16
CA ALA D 377 -29.70 -7.53 -43.28
C ALA D 377 -28.90 -6.31 -43.67
N ALA D 378 -27.71 -6.17 -43.11
CA ALA D 378 -26.85 -5.04 -43.44
C ALA D 378 -25.39 -5.33 -43.16
N GLU D 379 -24.52 -4.64 -43.89
CA GLU D 379 -23.09 -4.64 -43.58
C GLU D 379 -22.76 -3.39 -42.77
N CYS D 380 -22.32 -3.58 -41.53
CA CYS D 380 -22.11 -2.46 -40.61
C CYS D 380 -20.65 -2.04 -40.55
N HIS D 381 -20.43 -0.74 -40.64
CA HIS D 381 -19.11 -0.17 -40.54
C HIS D 381 -18.74 0.03 -39.07
N PRO D 382 -17.45 0.07 -38.74
CA PRO D 382 -16.94 0.47 -37.46
C PRO D 382 -17.10 1.97 -37.28
N PRO D 383 -17.21 2.44 -36.03
CA PRO D 383 -17.20 3.82 -35.62
C PRO D 383 -15.83 4.43 -35.80
N LYS D 384 -15.79 5.72 -36.09
CA LYS D 384 -14.51 6.41 -36.22
C LYS D 384 -13.97 6.82 -34.86
N ASP D 385 -14.86 7.10 -33.93
CA ASP D 385 -14.48 7.53 -32.60
C ASP D 385 -13.98 6.36 -31.78
N HIS D 386 -12.97 6.58 -30.95
CA HIS D 386 -12.45 5.50 -30.11
C HIS D 386 -13.18 5.39 -28.78
N ILE D 387 -13.61 6.53 -28.25
CA ILE D 387 -14.22 6.55 -26.92
C ILE D 387 -15.42 7.49 -26.84
N VAL D 388 -16.41 7.09 -26.06
CA VAL D 388 -17.58 7.91 -25.79
C VAL D 388 -17.81 8.02 -24.29
N ASN D 389 -18.66 8.95 -23.88
CA ASN D 389 -18.94 9.13 -22.47
C ASN D 389 -20.27 8.51 -22.03
N TYR D 390 -20.77 7.58 -22.82
CA TYR D 390 -21.98 6.85 -22.48
C TYR D 390 -21.80 5.35 -22.72
N PRO D 391 -22.50 4.51 -21.95
CA PRO D 391 -22.51 3.06 -22.05
C PRO D 391 -23.20 2.61 -23.31
N ALA D 392 -22.80 1.45 -23.84
CA ALA D 392 -23.41 0.93 -25.04
C ALA D 392 -24.86 0.56 -24.80
N SER D 393 -25.70 0.83 -25.80
CA SER D 393 -27.10 0.44 -25.74
C SER D 393 -27.28 -1.01 -26.18
N HIS D 394 -26.32 -1.51 -26.94
CA HIS D 394 -26.36 -2.88 -27.45
C HIS D 394 -25.72 -3.85 -26.48
N THR D 395 -26.00 -5.14 -26.66
CA THR D 395 -25.41 -6.18 -25.84
C THR D 395 -24.05 -6.60 -26.37
N THR D 396 -23.40 -7.52 -25.68
CA THR D 396 -22.06 -7.95 -26.06
C THR D 396 -22.10 -8.87 -27.27
N LEU D 397 -20.94 -9.06 -27.89
CA LEU D 397 -20.84 -9.90 -29.08
C LEU D 397 -20.49 -11.32 -28.70
N GLY D 398 -21.14 -12.30 -29.32
CA GLY D 398 -20.83 -13.70 -29.05
C GLY D 398 -19.74 -14.20 -29.97
N VAL D 399 -19.22 -15.39 -29.67
CA VAL D 399 -18.18 -15.99 -30.49
C VAL D 399 -18.75 -16.44 -31.83
N GLN D 400 -20.06 -16.69 -31.85
CA GLN D 400 -20.74 -17.14 -33.04
C GLN D 400 -21.11 -15.97 -33.96
N ASP D 401 -20.95 -14.76 -33.46
CA ASP D 401 -21.37 -13.59 -34.21
C ASP D 401 -20.28 -13.11 -35.15
N ILE D 402 -20.13 -13.83 -36.25
CA ILE D 402 -19.10 -13.58 -37.23
C ILE D 402 -19.70 -13.04 -38.52
N SER D 403 -18.97 -12.14 -39.19
CA SER D 403 -19.51 -11.50 -40.39
C SER D 403 -19.77 -12.54 -41.46
N VAL D 404 -20.66 -12.22 -42.39
CA VAL D 404 -21.05 -13.16 -43.41
C VAL D 404 -19.91 -13.49 -44.36
N THR D 405 -19.07 -12.49 -44.62
CA THR D 405 -17.92 -12.72 -45.48
C THR D 405 -16.91 -13.60 -44.79
N ALA D 406 -16.67 -13.34 -43.51
CA ALA D 406 -15.73 -14.13 -42.73
C ALA D 406 -16.25 -15.54 -42.54
N MET D 407 -17.56 -15.68 -42.37
CA MET D 407 -18.16 -16.99 -42.19
C MET D 407 -18.02 -17.81 -43.45
N SER D 408 -18.14 -17.14 -44.60
CA SER D 408 -17.99 -17.82 -45.88
C SER D 408 -16.59 -18.37 -46.03
N TRP D 409 -15.59 -17.57 -45.63
CA TRP D 409 -14.21 -18.01 -45.69
C TRP D 409 -13.97 -19.22 -44.80
N VAL D 410 -14.54 -19.20 -43.60
CA VAL D 410 -14.37 -20.30 -42.66
C VAL D 410 -14.99 -21.58 -43.21
N GLN D 411 -16.17 -21.47 -43.80
CA GLN D 411 -16.83 -22.63 -44.36
C GLN D 411 -16.06 -23.21 -45.54
N LYS D 412 -15.50 -22.34 -46.37
CA LYS D 412 -14.72 -22.81 -47.52
C LYS D 412 -13.46 -23.51 -47.09
N ILE D 413 -12.79 -22.97 -46.08
CA ILE D 413 -11.54 -23.55 -45.60
C ILE D 413 -11.80 -24.85 -44.86
N THR D 414 -12.80 -24.83 -43.99
CA THR D 414 -13.14 -26.01 -43.22
C THR D 414 -13.63 -27.12 -44.12
N GLY D 415 -14.47 -26.75 -45.10
CA GLY D 415 -15.00 -27.70 -46.05
C GLY D 415 -13.89 -28.30 -46.91
N GLY D 416 -12.95 -27.46 -47.32
CA GLY D 416 -11.84 -27.92 -48.15
C GLY D 416 -11.00 -28.95 -47.41
N VAL D 417 -10.67 -28.67 -46.17
CA VAL D 417 -9.87 -29.60 -45.38
C VAL D 417 -10.66 -30.84 -45.03
N GLY D 418 -11.93 -30.65 -44.66
CA GLY D 418 -12.79 -31.77 -44.32
C GLY D 418 -12.97 -32.70 -45.52
N LEU D 419 -13.02 -32.12 -46.71
CA LEU D 419 -13.16 -32.91 -47.92
C LEU D 419 -11.91 -33.74 -48.18
N VAL D 420 -10.75 -33.15 -47.95
CA VAL D 420 -9.51 -33.88 -48.13
C VAL D 420 -9.43 -35.06 -47.17
N VAL D 421 -9.86 -34.84 -45.93
CA VAL D 421 -9.89 -35.92 -44.96
C VAL D 421 -10.91 -36.98 -45.36
N ALA D 422 -12.08 -36.54 -45.79
CA ALA D 422 -13.14 -37.46 -46.17
C ALA D 422 -12.71 -38.33 -47.34
N VAL D 423 -11.99 -37.75 -48.29
CA VAL D 423 -11.51 -38.51 -49.43
C VAL D 423 -10.42 -39.47 -49.01
N ALA D 424 -9.50 -38.98 -48.19
CA ALA D 424 -8.42 -39.84 -47.71
C ALA D 424 -8.98 -40.99 -46.89
N ALA D 425 -10.02 -40.70 -46.10
CA ALA D 425 -10.65 -41.72 -45.28
C ALA D 425 -11.32 -42.76 -46.14
N LEU D 426 -11.95 -42.32 -47.23
CA LEU D 426 -12.61 -43.24 -48.12
C LEU D 426 -11.60 -44.17 -48.77
N ILE D 427 -10.46 -43.63 -49.16
CA ILE D 427 -9.43 -44.43 -49.79
C ILE D 427 -8.91 -45.49 -48.84
N LEU D 428 -8.64 -45.11 -47.59
CA LEU D 428 -8.16 -46.08 -46.63
C LEU D 428 -9.21 -47.15 -46.34
N ILE D 429 -10.47 -46.74 -46.25
CA ILE D 429 -11.53 -47.69 -45.98
C ILE D 429 -11.64 -48.72 -47.09
N VAL D 430 -11.53 -48.25 -48.33
CA VAL D 430 -11.59 -49.16 -49.47
C VAL D 430 -10.40 -50.12 -49.45
N VAL D 431 -9.21 -49.61 -49.15
CA VAL D 431 -8.04 -50.45 -49.10
C VAL D 431 -8.12 -51.50 -48.00
N LEU D 432 -8.62 -51.09 -46.84
CA LEU D 432 -8.76 -52.04 -45.74
C LEU D 432 -9.83 -53.09 -46.06
N CYS D 433 -10.89 -52.67 -46.73
CA CYS D 433 -11.93 -53.61 -47.12
C CYS D 433 -11.37 -54.62 -48.12
N VAL D 434 -10.46 -54.16 -48.96
CA VAL D 434 -9.77 -55.06 -49.89
C VAL D 434 -8.82 -55.96 -49.14
N SER D 435 -8.12 -55.42 -48.16
CA SER D 435 -7.20 -56.21 -47.35
C SER D 435 -7.93 -57.35 -46.66
N PHE D 436 -9.15 -57.09 -46.20
CA PHE D 436 -9.96 -58.11 -45.57
C PHE D 436 -10.72 -58.96 -46.58
N SER D 437 -10.50 -58.68 -47.85
CA SER D 437 -11.09 -59.49 -48.91
C SER D 437 -10.09 -60.56 -49.33
N ARG D 438 -8.91 -60.52 -48.72
CA ARG D 438 -7.88 -61.51 -49.01
C ARG D 438 -8.04 -62.69 -48.07
N HIS D 439 -7.78 -63.90 -48.57
CA HIS D 439 -7.88 -65.17 -47.85
C HIS D 439 -9.33 -65.67 -47.81
N TYR E 1 -1.19 -9.14 32.90
CA TYR E 1 -1.19 -10.50 32.39
C TYR E 1 -2.53 -10.82 31.73
N GLU E 2 -2.50 -11.21 30.45
CA GLU E 2 -3.69 -11.54 29.70
C GLU E 2 -4.01 -13.03 29.78
N HIS E 3 -5.18 -13.34 30.31
CA HIS E 3 -5.62 -14.72 30.45
C HIS E 3 -6.84 -14.98 29.58
N VAL E 4 -6.76 -15.98 28.73
CA VAL E 4 -7.86 -16.28 27.82
C VAL E 4 -8.47 -17.63 28.12
N THR E 5 -9.76 -17.62 28.41
CA THR E 5 -10.49 -18.84 28.71
C THR E 5 -11.82 -18.87 27.99
N VAL E 6 -12.43 -20.04 27.91
CA VAL E 6 -13.72 -20.17 27.27
C VAL E 6 -14.72 -20.86 28.19
N ILE E 7 -15.90 -20.28 28.32
CA ILE E 7 -16.94 -20.91 29.11
C ILE E 7 -18.15 -21.17 28.23
N PRO E 8 -18.99 -22.14 28.59
CA PRO E 8 -20.30 -22.41 28.04
C PRO E 8 -21.20 -21.21 28.21
N ASN E 9 -22.14 -21.04 27.29
CA ASN E 9 -23.05 -19.91 27.32
C ASN E 9 -24.19 -20.13 28.31
N THR E 10 -24.18 -21.26 28.99
CA THR E 10 -25.22 -21.55 29.97
C THR E 10 -25.22 -20.51 31.07
N VAL E 11 -26.39 -19.95 31.34
CA VAL E 11 -26.55 -18.89 32.32
C VAL E 11 -26.90 -19.41 33.69
N GLY E 12 -26.27 -18.84 34.73
CA GLY E 12 -26.55 -19.21 36.10
C GLY E 12 -25.65 -20.34 36.60
N VAL E 13 -24.68 -20.73 35.79
CA VAL E 13 -23.75 -21.77 36.18
C VAL E 13 -22.33 -21.22 36.21
N PRO E 14 -21.72 -21.13 37.39
CA PRO E 14 -20.39 -20.59 37.63
C PRO E 14 -19.32 -21.53 37.09
N TYR E 15 -18.29 -20.94 36.50
CA TYR E 15 -17.15 -21.70 36.00
C TYR E 15 -15.87 -21.16 36.59
N LYS E 16 -14.91 -22.03 36.86
CA LYS E 16 -13.66 -21.58 37.45
C LYS E 16 -12.51 -21.75 36.49
N THR E 17 -11.73 -20.70 36.34
CA THR E 17 -10.56 -20.74 35.48
C THR E 17 -9.31 -20.44 36.29
N LEU E 18 -8.27 -21.22 36.06
CA LEU E 18 -7.03 -21.05 36.80
C LEU E 18 -6.06 -20.15 36.05
N VAL E 19 -5.64 -19.08 36.70
CA VAL E 19 -4.68 -18.18 36.11
C VAL E 19 -3.30 -18.49 36.66
N ASN E 20 -2.50 -19.17 35.86
CA ASN E 20 -1.19 -19.60 36.31
C ASN E 20 -0.11 -18.73 35.71
N ARG E 21 0.38 -17.79 36.49
CA ARG E 21 1.41 -16.86 36.05
C ARG E 21 2.71 -17.11 36.81
N PRO E 22 3.71 -17.73 36.19
CA PRO E 22 4.94 -18.16 36.80
C PRO E 22 5.57 -17.02 37.58
N GLY E 23 5.99 -17.31 38.80
CA GLY E 23 6.55 -16.31 39.69
C GLY E 23 5.52 -15.82 40.69
N TYR E 24 4.25 -16.08 40.41
CA TYR E 24 3.17 -15.66 41.29
C TYR E 24 2.31 -16.83 41.72
N SER E 25 1.73 -16.73 42.91
CA SER E 25 0.83 -17.75 43.40
C SER E 25 -0.37 -17.85 42.48
N PRO E 26 -0.81 -19.06 42.13
CA PRO E 26 -1.94 -19.33 41.26
C PRO E 26 -3.20 -18.62 41.72
N MET E 27 -3.91 -18.03 40.76
CA MET E 27 -5.14 -17.31 41.05
C MET E 27 -6.32 -18.03 40.42
N VAL E 28 -7.44 -18.11 41.13
CA VAL E 28 -8.63 -18.72 40.56
C VAL E 28 -9.76 -17.73 40.49
N LEU E 29 -10.30 -17.57 39.29
CA LEU E 29 -11.41 -16.66 39.08
C LEU E 29 -12.70 -17.42 38.83
N GLU E 30 -13.74 -17.04 39.54
CA GLU E 30 -15.03 -17.66 39.33
C GLU E 30 -15.93 -16.76 38.50
N MET E 31 -16.35 -17.25 37.35
CA MET E 31 -17.16 -16.45 36.45
C MET E 31 -18.53 -17.07 36.24
N GLU E 32 -19.56 -16.26 36.34
CA GLU E 32 -20.92 -16.72 36.11
C GLU E 32 -21.67 -15.77 35.21
N LEU E 33 -22.30 -16.29 34.18
CA LEU E 33 -23.15 -15.45 33.35
C LEU E 33 -24.44 -15.19 34.09
N LEU E 34 -24.82 -13.92 34.20
CA LEU E 34 -26.07 -13.57 34.85
C LEU E 34 -27.14 -13.36 33.81
N SER E 35 -26.72 -12.83 32.66
CA SER E 35 -27.64 -12.60 31.56
C SER E 35 -26.91 -12.56 30.23
N VAL E 36 -27.49 -13.20 29.23
CA VAL E 36 -27.01 -13.08 27.86
C VAL E 36 -28.14 -12.63 26.96
N THR E 37 -27.93 -11.53 26.25
CA THR E 37 -28.98 -10.99 25.40
C THR E 37 -28.55 -10.91 23.94
N LEU E 38 -29.39 -11.47 23.07
CA LEU E 38 -29.19 -11.33 21.64
C LEU E 38 -30.26 -10.42 21.08
N GLU E 39 -29.86 -9.20 20.74
CA GLU E 39 -30.83 -8.21 20.29
C GLU E 39 -30.74 -8.00 18.78
N PRO E 40 -31.73 -8.46 18.02
CA PRO E 40 -31.76 -8.44 16.58
C PRO E 40 -31.90 -7.02 16.10
N THR E 41 -31.25 -6.70 15.00
CA THR E 41 -31.45 -5.41 14.39
C THR E 41 -32.67 -5.49 13.50
N LEU E 42 -33.64 -4.61 13.73
CA LEU E 42 -34.91 -4.71 13.03
C LEU E 42 -35.15 -3.57 12.08
N SER E 43 -35.84 -3.87 11.00
CA SER E 43 -36.32 -2.87 10.06
C SER E 43 -37.82 -3.04 9.84
N LEU E 44 -38.60 -2.03 10.19
CA LEU E 44 -40.04 -2.14 10.10
C LEU E 44 -40.50 -2.18 8.66
N ASP E 45 -41.33 -3.17 8.33
CA ASP E 45 -41.90 -3.26 7.00
C ASP E 45 -43.28 -2.62 6.96
N TYR E 46 -44.17 -3.07 7.83
CA TYR E 46 -45.50 -2.46 7.89
C TYR E 46 -46.26 -2.77 9.16
N ILE E 47 -47.34 -2.02 9.37
CA ILE E 47 -48.23 -2.18 10.49
C ILE E 47 -49.55 -2.81 10.07
N THR E 48 -49.95 -3.84 10.81
CA THR E 48 -51.24 -4.49 10.59
C THR E 48 -52.15 -4.19 11.77
N CYS E 49 -53.40 -3.81 11.48
CA CYS E 49 -54.37 -3.48 12.51
C CYS E 49 -55.79 -3.68 12.00
N GLU E 50 -56.77 -3.46 12.86
CA GLU E 50 -58.16 -3.62 12.45
C GLU E 50 -58.58 -2.50 11.51
N TYR E 51 -59.30 -2.86 10.45
CA TYR E 51 -59.77 -1.86 9.52
C TYR E 51 -61.16 -1.37 9.89
N LYS E 52 -61.47 -0.15 9.49
CA LYS E 52 -62.79 0.42 9.65
C LYS E 52 -63.44 0.64 8.30
N THR E 53 -64.64 0.11 8.12
CA THR E 53 -65.35 0.34 6.86
C THR E 53 -66.20 1.58 7.00
N VAL E 54 -65.98 2.53 6.10
CA VAL E 54 -66.70 3.79 6.15
C VAL E 54 -67.78 3.85 5.10
N ILE E 55 -69.00 4.05 5.55
CA ILE E 55 -70.14 4.10 4.64
C ILE E 55 -70.91 5.40 4.85
N PRO E 56 -70.65 6.41 4.03
CA PRO E 56 -71.32 7.68 4.00
C PRO E 56 -72.79 7.47 3.71
N SER E 57 -73.63 8.32 4.25
CA SER E 57 -75.05 8.22 4.00
C SER E 57 -75.27 8.09 2.50
N PRO E 58 -76.19 7.22 2.07
CA PRO E 58 -76.54 6.96 0.69
C PRO E 58 -77.25 8.15 0.09
N TYR E 59 -77.05 8.37 -1.19
CA TYR E 59 -77.73 9.48 -1.85
C TYR E 59 -78.88 8.95 -2.69
N VAL E 60 -80.08 9.44 -2.42
CA VAL E 60 -81.24 8.95 -3.12
C VAL E 60 -81.85 10.03 -4.00
N LYS E 61 -81.91 9.76 -5.30
CA LYS E 61 -82.54 10.67 -6.25
C LYS E 61 -83.94 10.15 -6.55
N CYS E 62 -84.96 10.94 -6.18
CA CYS E 62 -86.34 10.49 -6.33
C CYS E 62 -86.68 10.23 -7.79
N CYS E 63 -86.24 11.12 -8.66
CA CYS E 63 -86.30 10.85 -10.09
C CYS E 63 -84.95 11.15 -10.73
N GLY E 64 -84.48 10.22 -11.54
CA GLY E 64 -83.22 10.41 -12.25
C GLY E 64 -82.13 9.51 -11.71
N THR E 65 -81.24 9.07 -12.59
CA THR E 65 -80.18 8.16 -12.22
C THR E 65 -79.00 8.89 -11.61
N ALA E 66 -78.47 8.37 -10.52
CA ALA E 66 -77.27 8.90 -9.89
C ALA E 66 -76.04 8.39 -10.63
N GLU E 67 -74.96 9.16 -10.59
CA GLU E 67 -73.73 8.73 -11.24
C GLU E 67 -72.63 8.41 -10.25
N CYS E 68 -71.84 7.40 -10.58
CA CYS E 68 -70.69 7.01 -9.76
C CYS E 68 -69.50 7.90 -10.05
N LYS E 69 -68.70 8.16 -9.02
CA LYS E 69 -67.46 8.89 -9.19
C LYS E 69 -66.31 8.11 -8.58
N ASP E 70 -65.24 7.92 -9.34
CA ASP E 70 -64.09 7.19 -8.83
C ASP E 70 -63.35 7.99 -7.78
N LYS E 71 -62.80 7.29 -6.79
CA LYS E 71 -61.99 7.91 -5.76
C LYS E 71 -60.75 7.07 -5.51
N SER E 72 -59.73 7.69 -4.94
CA SER E 72 -58.45 7.04 -4.72
C SER E 72 -58.36 6.36 -3.36
N LEU E 73 -59.46 6.37 -2.63
CA LEU E 73 -59.50 5.82 -1.29
C LEU E 73 -59.16 4.32 -1.32
N PRO E 74 -58.56 3.78 -0.25
CA PRO E 74 -57.83 2.52 -0.18
C PRO E 74 -58.57 1.34 -0.80
N ASP E 75 -59.87 1.27 -0.62
CA ASP E 75 -60.67 0.23 -1.24
C ASP E 75 -62.04 0.78 -1.56
N TYR E 76 -62.08 1.70 -2.51
CA TYR E 76 -63.31 2.40 -2.83
C TYR E 76 -64.20 1.58 -3.73
N SER E 77 -65.47 1.50 -3.36
CA SER E 77 -66.46 0.83 -4.18
C SER E 77 -67.73 1.64 -4.21
N CYS E 78 -68.31 1.78 -5.40
CA CYS E 78 -69.51 2.57 -5.56
C CYS E 78 -70.45 1.93 -6.58
N LYS E 79 -71.73 1.89 -6.26
CA LYS E 79 -72.69 1.29 -7.15
C LYS E 79 -74.03 2.03 -7.13
N VAL E 80 -74.71 2.02 -8.26
CA VAL E 80 -76.02 2.64 -8.37
C VAL E 80 -77.11 1.58 -8.45
N PHE E 81 -78.08 1.68 -7.56
CA PHE E 81 -79.17 0.72 -7.52
C PHE E 81 -80.48 1.36 -7.92
N THR E 82 -80.98 0.97 -9.08
CA THR E 82 -82.22 1.54 -9.60
C THR E 82 -83.42 0.79 -9.05
N GLY E 83 -84.60 1.39 -9.17
CA GLY E 83 -85.83 0.74 -8.76
C GLY E 83 -85.96 0.62 -7.25
N VAL E 84 -85.48 1.62 -6.53
CA VAL E 84 -85.52 1.57 -5.08
C VAL E 84 -86.55 2.54 -4.52
N TYR E 85 -87.40 2.06 -3.63
CA TYR E 85 -88.46 2.90 -3.07
C TYR E 85 -88.48 2.83 -1.55
N PRO E 86 -87.51 3.48 -0.89
CA PRO E 86 -87.24 3.43 0.53
C PRO E 86 -88.30 4.14 1.34
N PHE E 87 -88.53 3.66 2.55
CA PHE E 87 -89.46 4.33 3.46
C PHE E 87 -88.77 4.85 4.70
N MET E 88 -89.25 5.98 5.18
CA MET E 88 -88.84 6.49 6.47
C MET E 88 -89.99 6.32 7.44
N TRP E 89 -89.76 6.66 8.71
CA TRP E 89 -90.76 6.43 9.72
C TRP E 89 -92.09 7.10 9.40
N GLY E 90 -92.04 8.21 8.68
CA GLY E 90 -93.26 8.97 8.43
C GLY E 90 -93.89 8.68 7.06
N GLY E 91 -93.32 7.72 6.34
CA GLY E 91 -93.83 7.41 5.01
C GLY E 91 -92.72 7.35 3.96
N ALA E 92 -93.12 7.09 2.72
CA ALA E 92 -92.15 6.91 1.64
C ALA E 92 -91.29 8.15 1.48
N TYR E 93 -89.99 7.93 1.26
CA TYR E 93 -89.05 9.04 1.13
C TYR E 93 -89.29 9.90 -0.11
N CYS E 94 -89.60 9.25 -1.23
CA CYS E 94 -89.74 9.95 -2.50
C CYS E 94 -91.14 9.97 -3.06
N PHE E 95 -91.43 11.06 -3.75
CA PHE E 95 -92.64 11.26 -4.53
C PHE E 95 -92.74 10.25 -5.68
N CYS E 96 -91.62 10.05 -6.37
CA CYS E 96 -91.52 9.14 -7.52
C CYS E 96 -91.54 7.68 -7.06
N ASP E 97 -92.30 6.84 -7.76
CA ASP E 97 -92.44 5.44 -7.35
C ASP E 97 -91.42 4.49 -7.96
N THR E 98 -91.05 4.70 -9.21
CA THR E 98 -90.20 3.74 -9.91
C THR E 98 -88.89 4.32 -10.42
N GLU E 99 -88.81 5.64 -10.52
CA GLU E 99 -87.66 6.30 -11.11
C GLU E 99 -86.60 6.61 -10.08
N ASN E 100 -86.90 6.22 -8.85
CA ASN E 100 -86.02 6.47 -7.71
C ASN E 100 -84.78 5.59 -7.75
N THR E 101 -83.62 6.24 -7.68
CA THR E 101 -82.33 5.54 -7.75
C THR E 101 -81.42 5.89 -6.58
N GLN E 102 -80.76 4.89 -6.01
CA GLN E 102 -79.87 5.10 -4.88
C GLN E 102 -78.39 4.91 -5.22
N LEU E 103 -77.59 5.87 -4.77
CA LEU E 103 -76.15 5.81 -4.93
C LEU E 103 -75.46 5.39 -3.65
N SER E 104 -74.81 4.24 -3.66
CA SER E 104 -74.12 3.74 -2.48
C SER E 104 -72.61 3.76 -2.69
N GLU E 105 -71.88 4.16 -1.67
CA GLU E 105 -70.43 4.15 -1.74
C GLU E 105 -69.82 3.76 -0.41
N ALA E 106 -68.64 3.17 -0.46
CA ALA E 106 -67.94 2.81 0.76
C ALA E 106 -66.44 2.70 0.53
N HIS E 107 -65.67 2.87 1.59
CA HIS E 107 -64.22 2.70 1.52
C HIS E 107 -63.66 2.24 2.86
N VAL E 108 -62.40 1.86 2.87
CA VAL E 108 -61.79 1.32 4.07
C VAL E 108 -60.66 2.19 4.60
N GLU E 109 -60.75 2.53 5.88
CA GLU E 109 -59.73 3.31 6.56
C GLU E 109 -59.18 2.51 7.73
N LYS E 110 -57.94 2.77 8.12
CA LYS E 110 -57.44 2.08 9.29
C LYS E 110 -58.11 2.65 10.53
N SER E 111 -58.51 1.77 11.44
CA SER E 111 -59.25 2.17 12.63
C SER E 111 -58.43 3.03 13.57
N GLU E 112 -59.13 3.85 14.36
CA GLU E 112 -58.47 4.69 15.35
C GLU E 112 -57.80 3.82 16.40
N SER E 113 -58.25 2.59 16.51
CA SER E 113 -57.69 1.63 17.45
C SER E 113 -56.25 1.25 17.08
N CYS E 114 -55.86 1.48 15.82
CA CYS E 114 -54.56 1.10 15.29
C CYS E 114 -53.43 1.82 15.99
N LYS E 115 -53.76 2.89 16.69
CA LYS E 115 -52.75 3.64 17.42
C LYS E 115 -52.19 2.82 18.59
N THR E 116 -53.03 2.01 19.21
CA THR E 116 -52.58 1.23 20.36
C THR E 116 -52.67 -0.28 20.11
N GLU E 117 -53.54 -0.68 19.19
CA GLU E 117 -53.73 -2.10 18.90
C GLU E 117 -53.27 -2.44 17.50
N PHE E 118 -52.04 -2.89 17.39
CA PHE E 118 -51.48 -3.22 16.10
C PHE E 118 -50.35 -4.23 16.22
N ALA E 119 -50.06 -4.91 15.12
CA ALA E 119 -48.91 -5.79 15.07
C ALA E 119 -47.89 -5.24 14.10
N SER E 120 -46.64 -5.21 14.50
CA SER E 120 -45.59 -4.67 13.64
C SER E 120 -44.84 -5.78 12.92
N ALA E 121 -44.78 -5.67 11.60
CA ALA E 121 -44.06 -6.63 10.78
C ALA E 121 -42.64 -6.17 10.56
N TYR E 122 -41.68 -6.89 11.11
CA TYR E 122 -40.27 -6.50 11.06
C TYR E 122 -39.42 -7.51 10.30
N ARG E 123 -38.33 -7.03 9.72
CA ARG E 123 -37.30 -7.91 9.22
C ARG E 123 -36.11 -7.90 10.17
N ALA E 124 -35.64 -9.09 10.52
CA ALA E 124 -34.49 -9.21 11.40
C ALA E 124 -33.27 -9.51 10.56
N HIS E 125 -32.14 -8.91 10.92
CA HIS E 125 -30.92 -9.12 10.15
C HIS E 125 -29.91 -9.92 10.96
N THR E 126 -29.19 -9.23 11.83
CA THR E 126 -28.22 -9.88 12.70
C THR E 126 -28.46 -9.47 14.12
N ALA E 127 -27.84 -10.15 15.07
CA ALA E 127 -28.06 -9.83 16.47
C ALA E 127 -26.84 -9.21 17.09
N SER E 128 -27.07 -8.21 17.92
CA SER E 128 -26.02 -7.62 18.74
C SER E 128 -26.00 -8.31 20.08
N ALA E 129 -24.93 -9.06 20.34
CA ALA E 129 -24.86 -9.83 21.57
C ALA E 129 -24.43 -8.94 22.72
N SER E 130 -25.03 -9.15 23.88
CA SER E 130 -24.67 -8.43 25.09
C SER E 130 -24.72 -9.37 26.29
N ALA E 131 -23.83 -9.17 27.24
CA ALA E 131 -23.81 -10.08 28.38
C ALA E 131 -23.46 -9.38 29.68
N LYS E 132 -23.99 -9.91 30.76
CA LYS E 132 -23.67 -9.45 32.09
C LYS E 132 -23.00 -10.57 32.86
N LEU E 133 -21.74 -10.35 33.23
CA LEU E 133 -20.93 -11.40 33.83
C LEU E 133 -20.59 -11.09 35.28
N ARG E 134 -20.77 -12.08 36.14
CA ARG E 134 -20.39 -11.95 37.55
C ARG E 134 -19.03 -12.59 37.75
N VAL E 135 -18.07 -11.81 38.23
CA VAL E 135 -16.73 -12.34 38.40
C VAL E 135 -16.26 -12.22 39.84
N LEU E 136 -15.73 -13.31 40.38
CA LEU E 136 -15.13 -13.28 41.70
C LEU E 136 -13.65 -12.98 41.55
N TYR E 137 -13.28 -11.75 41.85
CA TYR E 137 -11.95 -11.22 41.60
C TYR E 137 -11.38 -10.60 42.86
N GLN E 138 -10.22 -11.07 43.29
CA GLN E 138 -9.61 -10.61 44.53
C GLN E 138 -10.52 -10.88 45.72
N GLY E 139 -11.38 -11.87 45.59
CA GLY E 139 -12.28 -12.26 46.66
C GLY E 139 -13.57 -11.45 46.64
N ASN E 140 -13.67 -10.48 45.73
CA ASN E 140 -14.85 -9.63 45.66
C ASN E 140 -15.69 -9.94 44.44
N ASN E 141 -16.99 -9.66 44.52
CA ASN E 141 -17.93 -9.85 43.42
C ASN E 141 -18.08 -8.57 42.60
N VAL E 142 -17.60 -8.61 41.35
CA VAL E 142 -17.69 -7.48 40.45
C VAL E 142 -18.54 -7.85 39.24
N THR E 143 -19.46 -6.97 38.86
CA THR E 143 -20.34 -7.25 37.74
C THR E 143 -19.88 -6.50 36.50
N VAL E 144 -19.68 -7.24 35.42
CA VAL E 144 -19.22 -6.66 34.18
C VAL E 144 -20.31 -6.68 33.12
N SER E 145 -20.73 -5.50 32.69
CA SER E 145 -21.73 -5.38 31.64
C SER E 145 -21.05 -4.97 30.34
N ALA E 146 -21.11 -5.85 29.35
CA ALA E 146 -20.37 -5.59 28.12
C ALA E 146 -21.06 -6.21 26.92
N TYR E 147 -20.80 -5.65 25.74
CA TYR E 147 -21.25 -6.27 24.52
C TYR E 147 -20.40 -7.50 24.25
N ALA E 148 -21.03 -8.56 23.77
CA ALA E 148 -20.36 -9.85 23.64
C ALA E 148 -19.94 -10.11 22.21
N ASN E 149 -19.64 -9.05 21.47
CA ASN E 149 -19.21 -9.16 20.10
C ASN E 149 -17.70 -9.16 19.94
N GLY E 150 -16.99 -9.14 21.08
CA GLY E 150 -15.53 -9.19 21.07
C GLY E 150 -14.89 -7.82 20.89
N ASP E 151 -15.71 -6.79 20.70
CA ASP E 151 -15.22 -5.45 20.45
C ASP E 151 -15.56 -4.45 21.54
N HIS E 152 -15.83 -4.94 22.74
CA HIS E 152 -16.12 -4.04 23.86
C HIS E 152 -15.29 -4.38 25.08
N ALA E 153 -14.42 -3.48 25.47
CA ALA E 153 -13.57 -3.67 26.62
C ALA E 153 -14.13 -2.93 27.83
N VAL E 154 -14.35 -3.65 28.91
CA VAL E 154 -14.83 -3.05 30.14
C VAL E 154 -13.81 -3.25 31.25
N THR E 155 -13.42 -2.14 31.89
CA THR E 155 -12.42 -2.23 32.94
C THR E 155 -13.04 -2.01 34.31
N VAL E 156 -12.90 -3.00 35.17
CA VAL E 156 -13.37 -2.91 36.53
C VAL E 156 -12.25 -3.26 37.49
N LYS E 157 -11.99 -2.40 38.46
CA LYS E 157 -10.90 -2.63 39.40
C LYS E 157 -9.60 -2.89 38.64
N ASP E 158 -9.39 -2.12 37.57
CA ASP E 158 -8.18 -2.19 36.75
C ASP E 158 -8.03 -3.50 35.98
N ALA E 159 -9.05 -4.34 36.00
CA ALA E 159 -9.03 -5.56 35.21
C ALA E 159 -9.86 -5.38 33.95
N LYS E 160 -9.25 -5.60 32.79
CA LYS E 160 -9.93 -5.38 31.53
C LYS E 160 -10.55 -6.67 31.00
N PHE E 161 -11.85 -6.64 30.75
CA PHE E 161 -12.56 -7.81 30.27
C PHE E 161 -13.02 -7.66 28.83
N ILE E 162 -12.69 -8.65 28.01
CA ILE E 162 -13.22 -8.73 26.66
C ILE E 162 -14.15 -9.93 26.56
N VAL E 163 -15.38 -9.69 26.12
CA VAL E 163 -16.35 -10.76 26.04
C VAL E 163 -16.75 -11.06 24.61
N GLY E 164 -16.68 -12.33 24.23
CA GLY E 164 -17.05 -12.75 22.89
C GLY E 164 -15.85 -12.75 21.97
N PRO E 165 -16.08 -13.00 20.69
CA PRO E 165 -17.35 -13.18 20.00
C PRO E 165 -18.01 -14.49 20.37
N MET E 166 -19.31 -14.56 20.15
CA MET E 166 -20.07 -15.79 20.40
C MET E 166 -19.61 -16.89 19.45
N SER E 167 -19.52 -18.12 19.95
CA SER E 167 -19.13 -19.24 19.12
C SER E 167 -20.27 -19.68 18.21
N SER E 168 -21.47 -19.20 18.50
CA SER E 168 -22.64 -19.55 17.71
C SER E 168 -23.42 -18.30 17.33
N ALA E 169 -23.79 -18.22 16.06
CA ALA E 169 -24.55 -17.09 15.55
C ALA E 169 -26.04 -17.35 15.60
N TRP E 170 -26.42 -18.47 16.21
CA TRP E 170 -27.81 -18.88 16.23
C TRP E 170 -28.68 -17.90 17.00
N THR E 171 -29.84 -17.62 16.43
CA THR E 171 -30.84 -16.76 17.05
C THR E 171 -32.22 -17.39 16.85
N PRO E 172 -33.10 -17.29 17.83
CA PRO E 172 -34.46 -17.79 17.82
C PRO E 172 -35.33 -17.04 16.83
N PHE E 173 -34.88 -15.87 16.42
CA PHE E 173 -35.66 -15.04 15.52
C PHE E 173 -35.39 -15.38 14.07
N ASP E 174 -36.45 -15.49 13.28
CA ASP E 174 -36.31 -15.74 11.86
C ASP E 174 -36.12 -14.42 11.13
N ASN E 175 -35.98 -14.48 9.81
CA ASN E 175 -35.75 -13.28 9.03
C ASN E 175 -36.95 -12.35 9.08
N LYS E 176 -38.14 -12.93 9.18
CA LYS E 176 -39.36 -12.15 9.22
C LYS E 176 -40.17 -12.44 10.47
N ILE E 177 -40.41 -11.41 11.28
CA ILE E 177 -41.12 -11.59 12.53
C ILE E 177 -42.25 -10.59 12.68
N VAL E 178 -43.21 -10.94 13.52
CA VAL E 178 -44.31 -10.03 13.85
C VAL E 178 -44.38 -9.82 15.35
N VAL E 179 -44.46 -8.56 15.77
CA VAL E 179 -44.48 -8.24 17.19
C VAL E 179 -45.79 -7.62 17.63
N TYR E 180 -46.45 -8.26 18.59
CA TYR E 180 -47.70 -7.75 19.13
C TYR E 180 -47.69 -7.65 20.66
N LYS E 181 -47.40 -6.47 21.17
CA LYS E 181 -47.49 -6.18 22.59
C LYS E 181 -46.81 -7.22 23.49
N GLY E 182 -45.57 -7.55 23.18
CA GLY E 182 -44.81 -8.48 24.03
C GLY E 182 -44.73 -9.88 23.45
N ASP E 183 -45.58 -10.17 22.48
CA ASP E 183 -45.57 -11.48 21.83
C ASP E 183 -44.92 -11.43 20.46
N VAL E 184 -43.79 -12.12 20.33
CA VAL E 184 -43.07 -12.13 19.07
C VAL E 184 -43.27 -13.46 18.35
N TYR E 185 -43.64 -13.40 17.07
CA TYR E 185 -43.87 -14.59 16.29
C TYR E 185 -42.98 -14.65 15.05
N ASN E 186 -42.57 -15.85 14.67
CA ASN E 186 -41.85 -16.05 13.42
C ASN E 186 -42.82 -16.43 12.31
N MET E 187 -43.09 -15.51 11.41
CA MET E 187 -44.02 -15.80 10.32
C MET E 187 -43.66 -15.07 9.05
N ASP E 188 -43.93 -15.73 7.93
CA ASP E 188 -43.66 -15.14 6.62
C ASP E 188 -44.81 -14.24 6.21
N TYR E 189 -44.91 -13.09 6.86
CA TYR E 189 -45.99 -12.16 6.58
C TYR E 189 -45.96 -11.75 5.12
N PRO E 190 -47.13 -11.54 4.50
CA PRO E 190 -47.31 -11.22 3.10
C PRO E 190 -46.66 -9.88 2.79
N PRO E 191 -46.19 -9.72 1.57
CA PRO E 191 -45.49 -8.56 1.07
C PRO E 191 -46.36 -7.33 1.10
N PHE E 192 -45.75 -6.19 1.40
CA PHE E 192 -46.50 -4.95 1.49
C PHE E 192 -47.10 -4.60 0.15
N GLY E 193 -48.36 -4.19 0.16
CA GLY E 193 -49.04 -3.77 -1.05
C GLY E 193 -49.73 -4.93 -1.74
N ALA E 194 -49.55 -6.14 -1.21
CA ALA E 194 -50.16 -7.31 -1.80
C ALA E 194 -50.67 -8.27 -0.74
N GLY E 195 -51.43 -7.73 0.22
CA GLY E 195 -52.05 -8.56 1.25
C GLY E 195 -53.33 -9.16 0.71
N ARG E 196 -53.91 -10.09 1.46
CA ARG E 196 -55.12 -10.79 1.05
C ARG E 196 -56.20 -10.73 2.14
N PRO E 197 -57.48 -10.72 1.74
CA PRO E 197 -58.65 -10.60 2.58
C PRO E 197 -58.79 -11.77 3.52
N GLY E 198 -59.14 -11.49 4.77
CA GLY E 198 -59.39 -12.53 5.76
C GLY E 198 -58.10 -13.09 6.32
N GLN E 199 -56.97 -12.54 5.89
CA GLN E 199 -55.67 -13.01 6.32
C GLN E 199 -54.87 -11.88 6.93
N PHE E 200 -53.88 -12.23 7.74
CA PHE E 200 -53.05 -11.22 8.38
C PHE E 200 -52.44 -10.31 7.32
N GLY E 201 -52.48 -9.01 7.58
CA GLY E 201 -51.91 -8.05 6.66
C GLY E 201 -52.86 -7.67 5.53
N ASP E 202 -54.16 -7.80 5.77
CA ASP E 202 -55.16 -7.43 4.77
C ASP E 202 -55.22 -5.92 4.63
N ILE E 203 -55.00 -5.23 5.74
CA ILE E 203 -54.85 -3.78 5.74
C ILE E 203 -53.44 -3.43 6.21
N GLN E 204 -52.75 -2.60 5.44
CA GLN E 204 -51.35 -2.31 5.74
C GLN E 204 -51.01 -0.84 5.67
N SER E 205 -50.12 -0.40 6.55
CA SER E 205 -49.52 0.93 6.46
C SER E 205 -48.06 0.87 6.89
N ARG E 206 -47.24 1.76 6.37
CA ARG E 206 -45.82 1.71 6.70
C ARG E 206 -45.55 2.09 8.15
N THR E 207 -46.29 3.06 8.66
CA THR E 207 -46.17 3.47 10.05
C THR E 207 -47.58 3.67 10.62
N PRO E 208 -47.76 3.61 11.94
CA PRO E 208 -49.02 3.80 12.63
C PRO E 208 -49.65 5.15 12.33
N GLU E 209 -48.82 6.11 11.95
CA GLU E 209 -49.29 7.46 11.68
C GLU E 209 -49.39 7.77 10.19
N SER E 210 -49.09 6.80 9.35
CA SER E 210 -49.13 7.03 7.91
C SER E 210 -50.55 7.05 7.38
N GLU E 211 -50.80 7.93 6.42
CA GLU E 211 -52.10 7.99 5.76
C GLU E 211 -52.11 7.16 4.49
N ASP E 212 -50.97 6.55 4.18
CA ASP E 212 -50.84 5.69 3.01
C ASP E 212 -51.25 4.27 3.37
N VAL E 213 -52.47 3.91 3.04
CA VAL E 213 -53.02 2.63 3.48
C VAL E 213 -53.39 1.72 2.32
N TYR E 214 -52.89 0.49 2.39
CA TYR E 214 -53.27 -0.54 1.45
C TYR E 214 -54.36 -1.38 2.06
N ALA E 215 -55.38 -1.71 1.28
CA ALA E 215 -56.44 -2.55 1.80
C ALA E 215 -56.94 -3.50 0.75
N ASN E 216 -57.14 -4.75 1.14
CA ASN E 216 -57.71 -5.74 0.25
C ASN E 216 -58.74 -6.57 1.01
N THR E 217 -59.89 -5.97 1.26
CA THR E 217 -60.94 -6.63 2.02
C THR E 217 -62.02 -7.13 1.09
N GLN E 218 -61.83 -6.88 -0.20
CA GLN E 218 -62.78 -7.24 -1.24
C GLN E 218 -64.19 -6.78 -0.88
N LEU E 219 -64.32 -5.49 -0.60
CA LEU E 219 -65.62 -4.94 -0.22
C LEU E 219 -66.54 -4.87 -1.43
N VAL E 220 -67.70 -5.50 -1.31
CA VAL E 220 -68.70 -5.48 -2.38
C VAL E 220 -70.03 -4.95 -1.87
N LEU E 221 -70.55 -3.95 -2.54
CA LEU E 221 -71.83 -3.38 -2.15
C LEU E 221 -72.98 -4.20 -2.69
N GLN E 222 -74.00 -4.40 -1.87
CA GLN E 222 -75.17 -5.17 -2.24
C GLN E 222 -76.40 -4.30 -2.32
N ARG E 223 -77.43 -4.78 -3.00
CA ARG E 223 -78.68 -4.04 -3.11
C ARG E 223 -79.39 -3.98 -1.75
N PRO E 224 -79.85 -2.80 -1.33
CA PRO E 224 -80.66 -2.54 -0.15
C PRO E 224 -81.96 -3.32 -0.19
N SER E 225 -82.42 -3.77 0.98
CA SER E 225 -83.70 -4.46 1.04
C SER E 225 -84.79 -3.50 0.63
N ALA E 226 -85.81 -4.01 -0.04
CA ALA E 226 -86.88 -3.15 -0.51
C ALA E 226 -87.50 -2.41 0.66
N GLY E 227 -87.72 -1.12 0.46
CA GLY E 227 -88.39 -0.29 1.46
C GLY E 227 -87.45 0.26 2.52
N THR E 228 -86.16 -0.02 2.39
CA THR E 228 -85.20 0.42 3.39
C THR E 228 -84.12 1.30 2.79
N VAL E 229 -83.34 1.94 3.66
CA VAL E 229 -82.28 2.84 3.23
C VAL E 229 -80.88 2.29 3.51
N HIS E 230 -80.81 1.20 4.26
CA HIS E 230 -79.52 0.67 4.68
C HIS E 230 -78.66 0.29 3.50
N VAL E 231 -77.34 0.34 3.70
CA VAL E 231 -76.40 -0.03 2.66
C VAL E 231 -75.63 -1.30 3.03
N PRO E 232 -76.07 -2.45 2.54
CA PRO E 232 -75.52 -3.76 2.82
C PRO E 232 -74.23 -3.97 2.06
N TYR E 233 -73.37 -4.81 2.59
CA TYR E 233 -72.14 -5.13 1.88
C TYR E 233 -71.59 -6.47 2.30
N SER E 234 -70.74 -7.04 1.45
CA SER E 234 -70.00 -8.24 1.76
C SER E 234 -68.52 -7.92 1.85
N GLN E 235 -67.93 -8.17 3.00
CA GLN E 235 -66.53 -7.83 3.21
C GLN E 235 -65.83 -8.90 4.02
N ALA E 236 -64.58 -9.19 3.68
CA ALA E 236 -63.82 -10.13 4.47
C ALA E 236 -63.58 -9.56 5.85
N PRO E 237 -63.83 -10.33 6.91
CA PRO E 237 -63.56 -10.02 8.30
C PRO E 237 -62.09 -9.68 8.49
N SER E 238 -61.81 -8.77 9.42
CA SER E 238 -60.45 -8.31 9.61
C SER E 238 -59.51 -9.47 9.87
N GLY E 239 -58.42 -9.49 9.12
CA GLY E 239 -57.42 -10.54 9.24
C GLY E 239 -56.63 -10.36 10.53
N PHE E 240 -56.70 -9.16 11.07
CA PHE E 240 -56.00 -8.86 12.32
C PHE E 240 -56.71 -9.55 13.47
N LYS E 241 -58.03 -9.44 13.49
CA LYS E 241 -58.81 -10.07 14.55
C LYS E 241 -58.71 -11.58 14.46
N TYR E 242 -58.72 -12.09 13.23
CA TYR E 242 -58.59 -13.54 13.04
C TYR E 242 -57.22 -14.00 13.50
N TRP E 243 -56.19 -13.22 13.17
CA TRP E 243 -54.85 -13.56 13.58
C TRP E 243 -54.73 -13.58 15.10
N LEU E 244 -55.35 -12.60 15.76
CA LEU E 244 -55.28 -12.52 17.21
C LEU E 244 -55.83 -13.77 17.88
N LYS E 245 -56.86 -14.35 17.27
CA LYS E 245 -57.46 -15.56 17.81
C LYS E 245 -56.67 -16.81 17.42
N GLU E 246 -55.97 -16.73 16.30
CA GLU E 246 -55.25 -17.87 15.75
C GLU E 246 -53.74 -17.72 15.85
N ARG E 247 -53.28 -16.85 16.74
CA ARG E 247 -51.85 -16.52 16.84
C ARG E 247 -50.98 -17.73 17.11
N GLY E 248 -51.46 -18.63 17.97
CA GLY E 248 -50.65 -19.77 18.37
C GLY E 248 -49.69 -19.35 19.45
N ALA E 249 -48.71 -20.20 19.74
CA ALA E 249 -47.76 -19.93 20.80
C ALA E 249 -46.73 -18.90 20.37
N SER E 250 -46.32 -18.05 21.30
CA SER E 250 -45.29 -17.06 21.07
C SER E 250 -43.90 -17.67 21.23
N LEU E 251 -42.87 -16.97 20.74
CA LEU E 251 -41.53 -17.53 20.77
C LEU E 251 -41.01 -17.79 22.18
N GLN E 252 -41.47 -17.05 23.17
CA GLN E 252 -41.01 -17.31 24.53
C GLN E 252 -41.51 -18.67 25.01
N HIS E 253 -42.44 -19.26 24.27
CA HIS E 253 -42.96 -20.56 24.63
C HIS E 253 -42.48 -21.65 23.69
N THR E 254 -42.07 -21.27 22.48
CA THR E 254 -41.67 -22.26 21.48
C THR E 254 -40.17 -22.29 21.16
N ALA E 255 -39.45 -21.23 21.54
CA ALA E 255 -38.06 -21.12 21.15
C ALA E 255 -37.22 -22.28 21.72
N PRO E 256 -36.26 -22.79 20.94
CA PRO E 256 -35.21 -23.72 21.31
C PRO E 256 -34.23 -23.13 22.33
N PHE E 257 -33.50 -24.01 23.00
CA PHE E 257 -32.42 -23.63 23.92
C PHE E 257 -32.91 -22.83 25.12
N GLY E 258 -34.20 -22.88 25.38
CA GLY E 258 -34.77 -22.25 26.57
C GLY E 258 -34.72 -20.72 26.51
N CYS E 259 -34.78 -20.15 25.30
CA CYS E 259 -34.67 -18.70 25.12
C CYS E 259 -35.88 -17.98 25.70
N GLN E 260 -35.59 -16.89 26.40
CA GLN E 260 -36.64 -16.00 26.88
C GLN E 260 -36.80 -14.86 25.91
N ILE E 261 -38.04 -14.58 25.51
CA ILE E 261 -38.28 -13.53 24.53
C ILE E 261 -39.03 -12.37 25.13
N ALA E 262 -38.54 -11.16 24.88
CA ALA E 262 -39.16 -9.95 25.39
C ALA E 262 -39.13 -8.87 24.32
N THR E 263 -39.98 -7.86 24.48
CA THR E 263 -40.06 -6.78 23.50
C THR E 263 -39.74 -5.44 24.12
N ASN E 264 -39.62 -4.43 23.26
CA ASN E 264 -39.33 -3.08 23.70
C ASN E 264 -38.04 -2.98 24.51
N PRO E 265 -36.90 -3.26 23.88
CA PRO E 265 -36.65 -3.75 22.54
C PRO E 265 -36.86 -5.25 22.41
N VAL E 266 -36.91 -5.75 21.19
CA VAL E 266 -37.00 -7.18 20.99
C VAL E 266 -35.71 -7.84 21.42
N ARG E 267 -35.82 -8.83 22.30
CA ARG E 267 -34.64 -9.48 22.87
C ARG E 267 -34.81 -10.97 23.00
N ALA E 268 -33.74 -11.71 22.71
CA ALA E 268 -33.66 -13.11 23.08
C ALA E 268 -32.68 -13.25 24.23
N MET E 269 -33.14 -13.78 25.34
CA MET E 269 -32.28 -13.83 26.52
C MET E 269 -31.98 -15.23 26.98
N ASN E 270 -30.77 -15.41 27.48
CA ASN E 270 -30.34 -16.63 28.15
C ASN E 270 -30.53 -17.89 27.30
N CYS E 271 -30.15 -17.82 26.01
CA CYS E 271 -30.18 -18.98 25.14
C CYS E 271 -28.95 -19.83 25.40
N ALA E 272 -29.16 -21.08 25.79
CA ALA E 272 -28.03 -21.93 26.19
C ALA E 272 -27.40 -22.60 24.97
N VAL E 273 -26.86 -21.79 24.09
CA VAL E 273 -26.24 -22.31 22.88
C VAL E 273 -24.83 -21.79 22.67
N GLY E 274 -23.90 -22.69 22.44
CA GLY E 274 -22.54 -22.33 22.10
C GLY E 274 -21.70 -21.94 23.29
N ASN E 275 -20.50 -21.42 23.00
CA ASN E 275 -19.54 -20.99 24.01
C ASN E 275 -19.30 -19.48 23.92
N MET E 276 -18.83 -18.91 25.01
CA MET E 276 -18.48 -17.50 25.07
C MET E 276 -17.05 -17.31 25.59
N PRO E 277 -16.09 -17.03 24.72
CA PRO E 277 -14.71 -16.70 25.02
C PRO E 277 -14.60 -15.45 25.89
N ILE E 278 -13.74 -15.51 26.89
CA ILE E 278 -13.48 -14.36 27.76
C ILE E 278 -11.98 -14.12 27.91
N SER E 279 -11.56 -12.88 27.70
CA SER E 279 -10.15 -12.53 27.87
C SER E 279 -10.00 -11.48 28.96
N ILE E 280 -9.21 -11.80 29.98
CA ILE E 280 -9.06 -10.91 31.13
C ILE E 280 -7.63 -10.40 31.26
N ASP E 281 -7.49 -9.09 31.30
CA ASP E 281 -6.18 -8.47 31.54
C ASP E 281 -6.03 -8.11 33.00
N ILE E 282 -5.24 -8.90 33.72
CA ILE E 282 -5.11 -8.77 35.17
C ILE E 282 -3.82 -8.03 35.54
N PRO E 283 -3.91 -6.92 36.26
CA PRO E 283 -2.81 -6.05 36.64
C PRO E 283 -1.86 -6.76 37.59
N ASP E 284 -0.59 -6.36 37.56
CA ASP E 284 0.43 -7.00 38.39
C ASP E 284 0.12 -6.90 39.87
N ALA E 285 -0.54 -5.84 40.27
CA ALA E 285 -0.86 -5.60 41.67
C ALA E 285 -1.83 -6.65 42.20
N ALA E 286 -2.54 -7.31 41.30
CA ALA E 286 -3.55 -8.29 41.67
C ALA E 286 -2.92 -9.61 42.08
N PHE E 287 -1.67 -9.82 41.71
CA PHE E 287 -1.01 -11.10 41.94
C PHE E 287 -0.14 -11.08 43.19
N THR E 288 -0.08 -12.20 43.87
CA THR E 288 0.80 -12.38 45.03
C THR E 288 1.96 -13.27 44.66
N ARG E 289 3.17 -12.83 45.00
CA ARG E 289 4.38 -13.58 44.66
C ARG E 289 4.37 -14.95 45.31
N VAL E 290 4.95 -15.94 44.64
CA VAL E 290 4.94 -17.29 45.19
C VAL E 290 5.61 -17.32 46.55
N VAL E 291 6.69 -16.59 46.70
CA VAL E 291 7.44 -16.57 47.94
C VAL E 291 6.69 -15.85 49.05
N ASP E 292 5.67 -15.08 48.69
CA ASP E 292 4.89 -14.37 49.68
C ASP E 292 3.64 -15.15 50.05
N ALA E 293 3.48 -16.32 49.45
CA ALA E 293 2.33 -17.17 49.71
C ALA E 293 2.71 -18.30 50.65
N PRO E 294 1.75 -18.85 51.41
CA PRO E 294 1.89 -20.04 52.22
C PRO E 294 2.29 -21.24 51.38
N SER E 295 3.22 -22.03 51.90
CA SER E 295 3.61 -23.27 51.25
C SER E 295 2.95 -24.44 51.97
N LEU E 296 2.22 -25.26 51.21
CA LEU E 296 1.50 -26.36 51.82
C LEU E 296 2.17 -27.70 51.54
N THR E 297 2.62 -28.33 52.61
CA THR E 297 3.27 -29.64 52.51
C THR E 297 2.59 -30.66 53.40
N ASP E 298 3.03 -31.91 53.29
CA ASP E 298 2.46 -32.99 54.09
C ASP E 298 0.95 -33.06 53.92
N MET E 299 0.49 -32.99 52.69
CA MET E 299 -0.94 -32.99 52.42
C MET E 299 -1.53 -34.39 52.30
N SER E 300 -2.75 -34.54 52.79
CA SER E 300 -3.49 -35.79 52.64
C SER E 300 -4.99 -35.52 52.50
N CYS E 301 -5.61 -36.15 51.50
CA CYS E 301 -7.03 -35.95 51.21
C CYS E 301 -7.87 -37.14 51.65
N GLU E 302 -8.91 -36.84 52.41
CA GLU E 302 -9.89 -37.84 52.83
C GLU E 302 -11.28 -37.42 52.38
N VAL E 303 -12.05 -38.37 51.87
CA VAL E 303 -13.38 -38.02 51.40
C VAL E 303 -14.46 -38.80 52.14
N PRO E 304 -15.01 -38.24 53.23
CA PRO E 304 -15.93 -38.88 54.15
C PRO E 304 -17.27 -39.18 53.50
N ALA E 305 -17.59 -38.45 52.43
CA ALA E 305 -18.85 -38.69 51.75
C ALA E 305 -18.80 -38.20 50.31
N CYS E 306 -19.52 -38.89 49.42
CA CYS E 306 -19.68 -38.45 48.05
C CYS E 306 -20.98 -38.95 47.45
N THR E 307 -21.75 -38.02 46.89
CA THR E 307 -22.94 -38.35 46.13
C THR E 307 -22.95 -37.52 44.85
N HIS E 308 -23.18 -38.16 43.72
CA HIS E 308 -23.23 -37.40 42.48
C HIS E 308 -24.62 -36.82 42.25
N SER E 309 -24.97 -35.85 43.08
CA SER E 309 -26.31 -35.29 43.15
C SER E 309 -26.46 -33.93 42.47
N SER E 310 -25.44 -33.53 41.72
CA SER E 310 -25.49 -32.31 40.90
C SER E 310 -25.48 -31.00 41.68
N ASP E 311 -25.38 -31.08 43.00
CA ASP E 311 -25.42 -29.88 43.84
C ASP E 311 -24.29 -29.81 44.85
N PHE E 312 -23.09 -30.21 44.44
CA PHE E 312 -21.94 -30.19 45.33
C PHE E 312 -22.17 -31.07 46.55
N GLY E 313 -22.68 -32.27 46.31
CA GLY E 313 -22.99 -33.20 47.39
C GLY E 313 -21.73 -33.83 47.98
N GLY E 314 -20.63 -33.77 47.25
CA GLY E 314 -19.40 -34.37 47.73
C GLY E 314 -18.67 -33.44 48.69
N VAL E 315 -18.03 -34.03 49.70
CA VAL E 315 -17.21 -33.25 50.61
C VAL E 315 -15.86 -33.91 50.79
N ALA E 316 -14.80 -33.13 50.73
CA ALA E 316 -13.47 -33.67 50.96
C ALA E 316 -12.75 -32.87 52.03
N ILE E 317 -12.00 -33.56 52.87
CA ILE E 317 -11.22 -32.91 53.90
C ILE E 317 -9.74 -33.07 53.62
N ILE E 318 -9.04 -31.96 53.49
CA ILE E 318 -7.63 -32.01 53.18
C ILE E 318 -6.77 -31.53 54.33
N LYS E 319 -5.89 -32.40 54.80
CA LYS E 319 -4.97 -32.05 55.86
C LYS E 319 -3.75 -31.40 55.25
N TYR E 320 -3.21 -30.37 55.90
CA TYR E 320 -2.06 -29.68 55.36
C TYR E 320 -1.17 -29.11 56.44
N ALA E 321 0.10 -28.90 56.11
CA ALA E 321 1.01 -28.16 56.96
C ALA E 321 1.41 -26.86 56.27
N ALA E 322 0.86 -25.75 56.75
CA ALA E 322 1.12 -24.47 56.12
C ALA E 322 2.34 -23.80 56.73
N SER E 323 3.22 -23.31 55.87
CA SER E 323 4.43 -22.62 56.33
C SER E 323 4.10 -21.33 57.05
N LYS E 324 3.01 -20.69 56.67
CA LYS E 324 2.58 -19.46 57.31
C LYS E 324 1.11 -19.20 57.09
N LYS E 325 0.53 -18.33 57.89
CA LYS E 325 -0.86 -17.92 57.72
C LYS E 325 -1.03 -17.11 56.44
N GLY E 326 -2.08 -17.40 55.70
CA GLY E 326 -2.39 -16.67 54.48
C GLY E 326 -3.49 -17.36 53.69
N LYS E 327 -3.72 -16.88 52.47
CA LYS E 327 -4.77 -17.45 51.63
C LYS E 327 -4.16 -18.16 50.42
N CYS E 328 -4.82 -19.25 50.00
CA CYS E 328 -4.42 -20.02 48.82
C CYS E 328 -5.62 -20.35 47.95
N ALA E 329 -5.43 -20.26 46.63
CA ALA E 329 -6.48 -20.62 45.68
C ALA E 329 -6.61 -22.12 45.58
N VAL E 330 -7.83 -22.59 45.34
CA VAL E 330 -8.09 -24.02 45.19
C VAL E 330 -8.62 -24.35 43.80
N HIS E 331 -8.01 -25.32 43.13
CA HIS E 331 -8.46 -25.68 41.79
C HIS E 331 -8.45 -27.19 41.56
N SER E 332 -9.49 -27.68 40.90
CA SER E 332 -9.56 -29.08 40.50
C SER E 332 -8.69 -29.33 39.28
N MET E 333 -8.00 -30.46 39.25
CA MET E 333 -7.15 -30.79 38.13
C MET E 333 -7.87 -31.59 37.06
N THR E 334 -9.14 -31.88 37.31
CA THR E 334 -9.93 -32.63 36.34
C THR E 334 -11.26 -31.96 36.09
N ASN E 335 -11.71 -32.01 34.84
CA ASN E 335 -12.96 -31.38 34.47
C ASN E 335 -14.14 -32.10 35.11
N ALA E 336 -13.94 -33.38 35.41
CA ALA E 336 -15.00 -34.22 35.94
C ALA E 336 -15.44 -33.75 37.33
N VAL E 337 -14.56 -33.06 38.04
CA VAL E 337 -14.87 -32.64 39.40
C VAL E 337 -14.75 -31.13 39.56
N THR E 338 -15.85 -30.51 39.98
CA THR E 338 -15.84 -29.06 40.19
C THR E 338 -15.92 -28.73 41.68
N ILE E 339 -15.04 -27.85 42.12
CA ILE E 339 -14.97 -27.47 43.52
C ILE E 339 -15.58 -26.09 43.74
N ARG E 340 -16.51 -25.99 44.69
CA ARG E 340 -17.25 -24.76 44.90
C ARG E 340 -16.38 -23.60 45.39
N GLU E 341 -15.43 -23.87 46.25
CA GLU E 341 -14.58 -22.82 46.80
C GLU E 341 -13.50 -22.41 45.83
N ALA E 342 -13.33 -21.11 45.62
CA ALA E 342 -12.25 -20.62 44.77
C ALA E 342 -10.98 -20.43 45.58
N GLU E 343 -11.14 -20.07 46.85
CA GLU E 343 -10.00 -19.83 47.72
C GLU E 343 -10.32 -20.20 49.15
N ILE E 344 -9.30 -20.60 49.88
CA ILE E 344 -9.44 -20.91 51.29
C ILE E 344 -8.31 -20.28 52.09
N GLU E 345 -8.48 -20.18 53.40
CA GLU E 345 -7.43 -19.68 54.28
C GLU E 345 -6.70 -20.83 54.95
N VAL E 346 -5.38 -20.70 55.07
CA VAL E 346 -4.56 -21.75 55.67
C VAL E 346 -3.75 -21.24 56.85
N GLU E 347 -3.62 -22.09 57.87
CA GLU E 347 -2.75 -21.76 59.00
C GLU E 347 -2.27 -23.00 59.76
N GLY E 348 -0.96 -23.14 59.91
CA GLY E 348 -0.37 -24.19 60.74
C GLY E 348 -0.70 -25.59 60.23
N ASN E 349 -0.79 -26.53 61.16
CA ASN E 349 -1.17 -27.90 60.85
C ASN E 349 -2.66 -28.08 61.07
N SER E 350 -3.41 -28.11 59.97
CA SER E 350 -4.85 -28.10 60.06
C SER E 350 -5.49 -28.76 58.85
N GLN E 351 -6.81 -28.65 58.77
CA GLN E 351 -7.54 -29.25 57.65
C GLN E 351 -8.60 -28.31 57.11
N LEU E 352 -8.91 -28.45 55.84
CA LEU E 352 -9.95 -27.64 55.21
C LEU E 352 -11.00 -28.51 54.56
N GLN E 353 -12.22 -28.00 54.49
CA GLN E 353 -13.30 -28.70 53.79
C GLN E 353 -13.56 -28.06 52.45
N ILE E 354 -13.72 -28.89 51.43
CA ILE E 354 -14.16 -28.40 50.13
C ILE E 354 -15.37 -29.19 49.65
N SER E 355 -16.37 -28.49 49.16
CA SER E 355 -17.52 -29.15 48.57
C SER E 355 -17.33 -29.29 47.08
N PHE E 356 -17.62 -30.47 46.55
CA PHE E 356 -17.41 -30.69 45.12
C PHE E 356 -18.57 -31.44 44.47
N SER E 357 -18.72 -31.24 43.17
CA SER E 357 -19.76 -31.91 42.41
C SER E 357 -19.15 -32.70 41.27
N THR E 358 -19.56 -33.94 41.14
CA THR E 358 -19.05 -34.77 40.06
C THR E 358 -20.09 -35.76 39.60
N ALA E 359 -20.00 -36.17 38.34
CA ALA E 359 -20.85 -37.22 37.81
C ALA E 359 -20.18 -38.58 37.97
N LEU E 360 -18.94 -38.56 38.45
CA LEU E 360 -18.16 -39.78 38.53
C LEU E 360 -18.71 -40.77 39.52
N ALA E 361 -18.72 -42.04 39.13
CA ALA E 361 -19.04 -43.10 40.06
C ALA E 361 -17.92 -43.23 41.09
N SER E 362 -16.70 -43.03 40.62
CA SER E 362 -15.54 -43.07 41.49
C SER E 362 -14.77 -41.76 41.37
N ALA E 363 -14.73 -41.00 42.46
CA ALA E 363 -14.20 -39.65 42.41
C ALA E 363 -12.70 -39.62 42.57
N GLU E 364 -11.99 -40.08 41.55
CA GLU E 364 -10.53 -39.97 41.56
C GLU E 364 -10.11 -38.66 40.91
N PHE E 365 -9.59 -37.75 41.70
CA PHE E 365 -9.22 -36.44 41.21
C PHE E 365 -8.09 -35.83 42.02
N ARG E 366 -7.40 -34.87 41.43
CA ARG E 366 -6.34 -34.17 42.12
C ARG E 366 -6.77 -32.75 42.42
N VAL E 367 -6.36 -32.25 43.57
CA VAL E 367 -6.70 -30.90 43.95
C VAL E 367 -5.46 -30.08 44.22
N GLN E 368 -5.38 -28.92 43.58
CA GLN E 368 -4.31 -27.99 43.87
C GLN E 368 -4.82 -27.00 44.89
N VAL E 369 -4.28 -27.07 46.11
CA VAL E 369 -4.81 -26.24 47.19
C VAL E 369 -4.05 -24.93 47.33
N CYS E 370 -2.89 -24.83 46.71
CA CYS E 370 -2.10 -23.60 46.67
C CYS E 370 -1.07 -23.71 45.56
N SER E 371 0.14 -24.14 45.90
CA SER E 371 1.15 -24.41 44.89
C SER E 371 1.41 -25.91 44.78
N THR E 372 0.78 -26.67 45.68
CA THR E 372 0.98 -28.12 45.73
C THR E 372 -0.32 -28.88 45.52
N GLN E 373 -0.20 -30.15 45.17
CA GLN E 373 -1.36 -30.97 44.81
C GLN E 373 -1.52 -32.19 45.72
N VAL E 374 -2.78 -32.57 45.93
CA VAL E 374 -3.11 -33.77 46.70
C VAL E 374 -4.08 -34.65 45.92
N HIS E 375 -3.92 -35.96 46.04
CA HIS E 375 -4.79 -36.90 45.34
C HIS E 375 -5.95 -37.37 46.21
N CYS E 376 -7.17 -37.25 45.69
CA CYS E 376 -8.39 -37.65 46.38
C CYS E 376 -9.06 -38.82 45.66
N ALA E 377 -9.70 -39.70 46.41
CA ALA E 377 -10.44 -40.80 45.82
C ALA E 377 -11.62 -41.19 46.69
N ALA E 378 -12.73 -41.57 46.07
CA ALA E 378 -13.91 -41.97 46.82
C ALA E 378 -14.87 -42.79 45.98
N GLU E 379 -15.70 -43.59 46.64
CA GLU E 379 -16.81 -44.24 45.98
C GLU E 379 -18.05 -43.38 46.14
N CYS E 380 -18.61 -42.90 45.03
CA CYS E 380 -19.73 -41.96 45.07
C CYS E 380 -21.05 -42.67 44.84
N HIS E 381 -22.02 -42.31 45.67
CA HIS E 381 -23.35 -42.89 45.60
C HIS E 381 -24.23 -42.04 44.69
N PRO E 382 -25.26 -42.63 44.09
CA PRO E 382 -26.33 -41.95 43.39
C PRO E 382 -27.24 -41.24 44.35
N PRO E 383 -27.94 -40.20 43.89
CA PRO E 383 -29.00 -39.48 44.56
C PRO E 383 -30.28 -40.30 44.60
N LYS E 384 -31.16 -39.96 45.53
CA LYS E 384 -32.47 -40.60 45.56
C LYS E 384 -33.50 -39.80 44.77
N ASP E 385 -33.26 -38.50 44.65
CA ASP E 385 -34.16 -37.63 43.91
C ASP E 385 -33.92 -37.79 42.41
N HIS E 386 -34.98 -38.08 41.68
CA HIS E 386 -34.85 -38.27 40.23
C HIS E 386 -34.75 -36.94 39.50
N ILE E 387 -35.47 -35.94 40.00
CA ILE E 387 -35.57 -34.66 39.33
C ILE E 387 -35.21 -33.51 40.26
N VAL E 388 -34.52 -32.52 39.71
CA VAL E 388 -34.16 -31.30 40.44
C VAL E 388 -34.57 -30.06 39.67
N ASN E 389 -34.55 -28.91 40.33
CA ASN E 389 -34.99 -27.66 39.73
C ASN E 389 -33.82 -26.78 39.28
N TYR E 390 -32.65 -27.40 39.14
CA TYR E 390 -31.45 -26.68 38.73
C TYR E 390 -30.56 -27.54 37.85
N PRO E 391 -29.78 -26.92 36.97
CA PRO E 391 -28.78 -27.53 36.10
C PRO E 391 -27.63 -28.04 36.92
N ALA E 392 -27.00 -29.11 36.45
CA ALA E 392 -25.86 -29.68 37.18
C ALA E 392 -24.67 -28.75 37.14
N SER E 393 -23.96 -28.67 38.27
CA SER E 393 -22.75 -27.87 38.34
C SER E 393 -21.55 -28.60 37.74
N HIS E 394 -21.65 -29.91 37.63
CA HIS E 394 -20.57 -30.72 37.07
C HIS E 394 -20.73 -30.91 35.57
N THR E 395 -19.65 -31.29 34.91
CA THR E 395 -19.70 -31.59 33.48
C THR E 395 -20.07 -33.04 33.23
N THR E 396 -20.20 -33.42 31.97
CA THR E 396 -20.60 -34.76 31.61
C THR E 396 -19.42 -35.72 31.59
N LEU E 397 -19.71 -37.02 31.55
CA LEU E 397 -18.66 -38.04 31.55
C LEU E 397 -18.39 -38.60 30.17
N GLY E 398 -17.16 -39.09 29.98
CA GLY E 398 -16.81 -39.82 28.77
C GLY E 398 -16.88 -41.32 29.03
N VAL E 399 -16.52 -42.10 28.03
CA VAL E 399 -16.57 -43.55 28.14
C VAL E 399 -15.46 -44.06 29.05
N GLN E 400 -14.46 -43.23 29.27
CA GLN E 400 -13.30 -43.58 30.07
C GLN E 400 -13.49 -43.31 31.56
N ASP E 401 -14.66 -42.82 31.92
CA ASP E 401 -14.91 -42.36 33.28
C ASP E 401 -15.70 -43.36 34.12
N ILE E 402 -15.63 -44.63 33.77
CA ILE E 402 -16.30 -45.68 34.54
C ILE E 402 -15.64 -45.87 35.90
N SER E 403 -16.33 -46.57 36.80
CA SER E 403 -15.86 -46.74 38.16
C SER E 403 -14.60 -47.60 38.23
N VAL E 404 -13.90 -47.51 39.34
CA VAL E 404 -12.68 -48.26 39.55
C VAL E 404 -12.95 -49.76 39.59
N THR E 405 -14.04 -50.14 40.25
CA THR E 405 -14.42 -51.54 40.32
C THR E 405 -14.76 -52.06 38.93
N ALA E 406 -15.49 -51.26 38.17
CA ALA E 406 -15.85 -51.64 36.81
C ALA E 406 -14.61 -51.78 35.95
N MET E 407 -13.65 -50.88 36.14
CA MET E 407 -12.42 -50.90 35.37
C MET E 407 -11.61 -52.14 35.69
N SER E 408 -11.61 -52.54 36.96
CA SER E 408 -10.89 -53.73 37.37
C SER E 408 -11.47 -54.96 36.71
N TRP E 409 -12.79 -55.03 36.65
CA TRP E 409 -13.47 -56.14 35.99
C TRP E 409 -13.16 -56.18 34.50
N VAL E 410 -13.13 -55.01 33.87
CA VAL E 410 -12.84 -54.93 32.46
C VAL E 410 -11.41 -55.37 32.17
N GLN E 411 -10.48 -54.96 33.01
CA GLN E 411 -9.09 -55.33 32.83
C GLN E 411 -8.90 -56.83 33.01
N LYS E 412 -9.57 -57.41 33.99
CA LYS E 412 -9.44 -58.84 34.23
C LYS E 412 -10.04 -59.66 33.09
N ILE E 413 -11.17 -59.21 32.57
CA ILE E 413 -11.82 -59.92 31.47
C ILE E 413 -11.03 -59.74 30.19
N THR E 414 -10.60 -58.51 29.93
CA THR E 414 -9.82 -58.22 28.73
C THR E 414 -8.49 -58.94 28.78
N GLY E 415 -7.86 -58.92 29.95
CA GLY E 415 -6.59 -59.59 30.12
C GLY E 415 -6.75 -61.10 29.98
N GLY E 416 -7.85 -61.64 30.47
CA GLY E 416 -8.12 -63.07 30.38
C GLY E 416 -8.20 -63.51 28.93
N VAL E 417 -8.97 -62.78 28.13
CA VAL E 417 -9.11 -63.12 26.72
C VAL E 417 -7.82 -62.83 25.96
N GLY E 418 -7.21 -61.70 26.26
CA GLY E 418 -5.96 -61.32 25.60
C GLY E 418 -4.88 -62.35 25.87
N LEU E 419 -4.86 -62.91 27.07
CA LEU E 419 -3.88 -63.92 27.42
C LEU E 419 -4.11 -65.19 26.63
N VAL E 420 -5.36 -65.58 26.47
CA VAL E 420 -5.68 -66.77 25.70
C VAL E 420 -5.24 -66.61 24.25
N VAL E 421 -5.44 -65.42 23.71
CA VAL E 421 -5.02 -65.14 22.35
C VAL E 421 -3.50 -65.12 22.24
N ALA E 422 -2.84 -64.48 23.21
CA ALA E 422 -1.39 -64.39 23.19
C ALA E 422 -0.75 -65.76 23.27
N VAL E 423 -1.35 -66.65 24.05
CA VAL E 423 -0.82 -68.00 24.17
C VAL E 423 -1.06 -68.80 22.90
N ALA E 424 -2.27 -68.70 22.36
CA ALA E 424 -2.58 -69.42 21.14
C ALA E 424 -1.71 -68.91 20.01
N ALA E 425 -1.45 -67.60 19.99
CA ALA E 425 -0.61 -67.01 18.96
C ALA E 425 0.81 -67.53 19.09
N LEU E 426 1.29 -67.65 20.31
CA LEU E 426 2.64 -68.13 20.54
C LEU E 426 2.78 -69.57 20.09
N ILE E 427 1.77 -70.38 20.36
CA ILE E 427 1.81 -71.77 19.96
C ILE E 427 1.87 -71.89 18.44
N LEU E 428 1.05 -71.10 17.77
CA LEU E 428 1.04 -71.14 16.31
C LEU E 428 2.37 -70.67 15.74
N ILE E 429 2.96 -69.65 16.35
CA ILE E 429 4.25 -69.14 15.90
C ILE E 429 5.33 -70.20 16.04
N VAL E 430 5.32 -70.91 17.16
CA VAL E 430 6.30 -71.97 17.38
C VAL E 430 6.12 -73.10 16.39
N VAL E 431 4.88 -73.49 16.14
CA VAL E 431 4.61 -74.56 15.19
C VAL E 431 5.04 -74.17 13.78
N LEU E 432 4.76 -72.92 13.41
CA LEU E 432 5.17 -72.46 12.09
C LEU E 432 6.69 -72.40 11.98
N CYS E 433 7.36 -71.95 13.03
CA CYS E 433 8.81 -71.90 13.00
C CYS E 433 9.41 -73.29 12.85
N VAL E 434 8.79 -74.27 13.51
CA VAL E 434 9.20 -75.65 13.36
C VAL E 434 8.91 -76.14 11.94
N SER E 435 7.76 -75.74 11.41
CA SER E 435 7.37 -76.15 10.07
C SER E 435 8.33 -75.60 9.02
N PHE E 436 8.96 -74.47 9.31
CA PHE E 436 9.94 -73.90 8.39
C PHE E 436 11.34 -74.41 8.70
N SER E 437 11.46 -75.22 9.74
CA SER E 437 12.74 -75.81 10.11
C SER E 437 12.85 -77.19 9.49
N ARG E 438 11.77 -77.62 8.86
CA ARG E 438 11.68 -78.94 8.27
C ARG E 438 11.56 -78.90 6.74
N HIS E 439 11.98 -77.78 6.14
CA HIS E 439 11.93 -77.60 4.69
C HIS E 439 13.11 -78.33 4.02
N ASN F 1 -3.56 70.04 -21.57
CA ASN F 1 -3.76 68.72 -20.97
C ASN F 1 -5.15 68.19 -21.29
N PHE F 2 -5.24 66.89 -21.53
CA PHE F 2 -6.49 66.22 -21.89
C PHE F 2 -7.02 65.36 -20.76
N ASN F 3 -8.18 65.73 -20.21
CA ASN F 3 -8.76 64.99 -19.11
C ASN F 3 -9.88 64.07 -19.58
N VAL F 4 -9.52 62.86 -19.96
CA VAL F 4 -10.49 61.90 -20.48
C VAL F 4 -11.42 61.41 -19.38
N TYR F 5 -10.95 61.49 -18.15
CA TYR F 5 -11.66 60.92 -17.01
C TYR F 5 -12.86 61.74 -16.60
N LYS F 6 -13.02 62.91 -17.19
CA LYS F 6 -14.16 63.74 -16.84
C LYS F 6 -15.45 63.05 -17.26
N ALA F 7 -15.35 62.18 -18.27
CA ALA F 7 -16.52 61.52 -18.82
C ALA F 7 -16.58 60.06 -18.39
N ILE F 8 -15.73 59.67 -17.45
CA ILE F 8 -15.68 58.28 -17.02
C ILE F 8 -15.92 58.18 -15.53
N ARG F 9 -16.79 57.27 -15.12
CA ARG F 9 -17.10 57.14 -13.70
C ARG F 9 -16.43 55.90 -13.09
N PRO F 10 -16.08 55.96 -11.80
CA PRO F 10 -15.81 54.85 -10.91
C PRO F 10 -17.06 54.01 -10.76
N TYR F 11 -16.90 52.73 -10.45
CA TYR F 11 -18.08 51.88 -10.33
C TYR F 11 -17.95 50.82 -9.25
N LEU F 12 -19.10 50.33 -8.80
CA LEU F 12 -19.13 49.21 -7.85
C LEU F 12 -19.22 47.90 -8.61
N ALA F 13 -18.59 46.87 -8.08
CA ALA F 13 -18.61 45.57 -8.74
C ALA F 13 -18.45 44.45 -7.73
N HIS F 14 -18.91 43.27 -8.11
CA HIS F 14 -18.84 42.11 -7.23
C HIS F 14 -17.41 41.69 -6.97
N CYS F 15 -17.12 41.33 -5.73
CA CYS F 15 -15.82 40.85 -5.28
C CYS F 15 -15.98 39.58 -4.46
N PRO F 16 -15.33 38.47 -4.85
CA PRO F 16 -15.49 37.16 -4.29
C PRO F 16 -15.08 37.09 -2.82
N ASP F 17 -14.18 37.98 -2.40
CA ASP F 17 -13.77 38.01 -1.01
C ASP F 17 -13.40 39.42 -0.59
N CYS F 18 -14.19 39.99 0.31
CA CYS F 18 -14.03 41.37 0.76
C CYS F 18 -13.24 41.44 2.06
N GLY F 19 -12.50 40.36 2.33
CA GLY F 19 -11.55 40.33 3.44
C GLY F 19 -11.98 39.47 4.62
N GLU F 20 -13.26 39.16 4.70
CA GLU F 20 -13.75 38.33 5.80
C GLU F 20 -14.22 36.96 5.33
N GLY F 21 -13.90 36.60 4.09
CA GLY F 21 -14.29 35.29 3.57
C GLY F 21 -15.68 35.35 2.94
N HIS F 22 -16.25 36.54 2.91
CA HIS F 22 -17.57 36.76 2.33
C HIS F 22 -17.49 37.67 1.13
N SER F 23 -18.34 37.42 0.15
CA SER F 23 -18.38 38.24 -1.05
C SER F 23 -19.24 39.49 -0.81
N CYS F 24 -18.99 40.54 -1.59
CA CYS F 24 -19.79 41.75 -1.54
C CYS F 24 -19.58 42.59 -2.79
N HIS F 25 -20.35 43.65 -2.91
CA HIS F 25 -20.13 44.62 -3.97
C HIS F 25 -19.21 45.71 -3.45
N SER F 26 -18.06 45.87 -4.08
CA SER F 26 -17.02 46.72 -3.56
C SER F 26 -16.73 47.94 -4.43
N PRO F 27 -16.30 49.05 -3.82
CA PRO F 27 -15.73 50.24 -4.46
C PRO F 27 -14.40 49.92 -5.07
N VAL F 28 -13.79 48.84 -4.60
CA VAL F 28 -12.54 48.35 -5.16
C VAL F 28 -12.72 46.90 -5.55
N ALA F 29 -12.47 46.62 -6.81
CA ALA F 29 -12.61 45.26 -7.32
C ALA F 29 -11.60 45.05 -8.42
N LEU F 30 -11.12 43.83 -8.57
CA LEU F 30 -10.10 43.56 -9.56
C LEU F 30 -10.71 43.04 -10.84
N GLU F 31 -10.54 43.81 -11.91
CA GLU F 31 -11.08 43.42 -13.20
C GLU F 31 -10.12 42.50 -13.94
N ARG F 32 -8.85 42.85 -13.87
CA ARG F 32 -7.84 42.08 -14.58
C ARG F 32 -6.46 42.28 -13.99
N ILE F 33 -5.70 41.20 -13.87
CA ILE F 33 -4.33 41.30 -13.41
C ILE F 33 -3.39 40.94 -14.55
N ARG F 34 -2.61 41.90 -14.99
CA ARG F 34 -1.70 41.68 -16.12
C ARG F 34 -0.26 41.50 -15.66
N ASN F 35 0.34 40.39 -16.04
CA ASN F 35 1.70 40.06 -15.63
C ASN F 35 2.56 39.69 -16.82
N GLU F 36 2.45 40.45 -17.91
CA GLU F 36 3.22 40.16 -19.11
C GLU F 36 4.67 40.58 -18.94
N ALA F 37 4.90 41.55 -18.06
CA ALA F 37 6.25 42.02 -17.78
C ALA F 37 7.09 40.87 -17.26
N THR F 38 8.34 40.81 -17.67
CA THR F 38 9.21 39.72 -17.26
C THR F 38 9.97 40.09 -16.00
N ASP F 39 9.93 41.37 -15.64
CA ASP F 39 10.63 41.81 -14.45
C ASP F 39 9.75 41.64 -13.21
N GLY F 40 8.56 41.08 -13.42
CA GLY F 40 7.66 40.73 -12.33
C GLY F 40 6.67 41.83 -11.98
N THR F 41 6.76 42.98 -12.64
CA THR F 41 5.84 44.07 -12.33
C THR F 41 4.41 43.69 -12.73
N LEU F 42 3.47 43.94 -11.84
CA LEU F 42 2.07 43.67 -12.13
C LEU F 42 1.34 44.93 -12.53
N LYS F 43 0.42 44.80 -13.47
CA LYS F 43 -0.46 45.89 -13.86
C LYS F 43 -1.90 45.51 -13.54
N ILE F 44 -2.44 46.14 -12.52
CA ILE F 44 -3.73 45.74 -11.98
C ILE F 44 -4.82 46.72 -12.36
N GLN F 45 -5.89 46.20 -12.96
CA GLN F 45 -7.02 47.03 -13.32
C GLN F 45 -8.09 46.96 -12.25
N VAL F 46 -8.46 48.11 -11.72
CA VAL F 46 -9.42 48.19 -10.61
C VAL F 46 -10.59 49.11 -10.92
N SER F 47 -11.65 48.97 -10.14
CA SER F 47 -12.85 49.80 -10.31
C SER F 47 -12.65 51.22 -9.78
N LEU F 48 -11.57 51.44 -9.05
CA LEU F 48 -11.22 52.77 -8.53
C LEU F 48 -10.60 53.63 -9.61
N GLN F 49 -10.71 54.94 -9.46
CA GLN F 49 -9.96 55.85 -10.32
C GLN F 49 -8.97 56.66 -9.50
N ILE F 50 -7.69 56.43 -9.75
CA ILE F 50 -6.64 57.03 -8.93
C ILE F 50 -5.99 58.23 -9.60
N GLY F 51 -5.86 59.31 -8.82
CA GLY F 51 -5.26 60.53 -9.31
C GLY F 51 -6.32 61.53 -9.74
N ILE F 52 -7.56 61.07 -9.78
CA ILE F 52 -8.68 61.92 -10.18
C ILE F 52 -9.62 62.14 -9.01
N LYS F 53 -9.92 63.39 -8.73
CA LYS F 53 -10.84 63.76 -7.65
C LYS F 53 -12.28 63.71 -8.13
N THR F 54 -13.22 63.78 -7.19
CA THR F 54 -14.62 63.91 -7.57
C THR F 54 -14.73 65.06 -8.56
N ASP F 55 -14.05 66.15 -8.23
CA ASP F 55 -13.84 67.23 -9.19
C ASP F 55 -12.86 66.75 -10.24
N ASP F 56 -13.10 67.10 -11.49
CA ASP F 56 -12.30 66.54 -12.57
C ASP F 56 -10.93 67.21 -12.67
N SER F 57 -10.03 66.83 -11.78
CA SER F 57 -8.69 67.37 -11.72
C SER F 57 -7.68 66.31 -11.34
N HIS F 58 -6.50 66.36 -11.96
CA HIS F 58 -5.47 65.35 -11.75
C HIS F 58 -4.64 65.59 -10.50
N ASP F 59 -5.26 65.40 -9.34
CA ASP F 59 -4.54 65.50 -8.08
C ASP F 59 -4.00 64.13 -7.70
N TRP F 60 -2.69 63.94 -7.87
CA TRP F 60 -2.08 62.63 -7.73
C TRP F 60 -2.12 62.09 -6.31
N THR F 61 -2.50 62.92 -5.36
CA THR F 61 -2.56 62.48 -3.97
C THR F 61 -3.92 61.92 -3.60
N LYS F 62 -4.87 62.00 -4.53
CA LYS F 62 -6.24 61.57 -4.25
C LYS F 62 -6.73 60.49 -5.21
N LEU F 63 -7.64 59.66 -4.72
CA LEU F 63 -8.36 58.70 -5.56
C LEU F 63 -9.86 58.93 -5.39
N ARG F 64 -10.64 58.53 -6.39
CA ARG F 64 -12.09 58.62 -6.26
C ARG F 64 -12.76 57.27 -6.44
N TYR F 65 -13.81 57.05 -5.65
CA TYR F 65 -14.49 55.77 -5.59
C TYR F 65 -15.99 55.98 -5.47
N MET F 66 -16.77 54.95 -5.78
CA MET F 66 -18.22 55.06 -5.62
C MET F 66 -18.67 54.84 -4.19
N ASP F 67 -19.62 55.66 -3.78
CA ASP F 67 -20.34 55.49 -2.54
C ASP F 67 -21.83 55.57 -2.86
N ASN F 68 -22.47 54.42 -2.96
CA ASN F 68 -23.83 54.35 -3.48
C ASN F 68 -23.90 54.90 -4.91
N HIS F 69 -24.57 56.03 -5.09
CA HIS F 69 -24.77 56.56 -6.44
C HIS F 69 -23.85 57.73 -6.76
N MET F 70 -22.91 58.04 -5.88
CA MET F 70 -22.01 59.16 -6.11
C MET F 70 -20.55 58.76 -5.93
N PRO F 71 -19.64 59.37 -6.70
CA PRO F 71 -18.20 59.39 -6.49
C PRO F 71 -17.84 60.09 -5.19
N ALA F 72 -16.75 59.66 -4.58
CA ALA F 72 -16.26 60.27 -3.34
C ALA F 72 -14.74 60.20 -3.30
N ASP F 73 -14.12 61.11 -2.55
CA ASP F 73 -12.66 61.20 -2.50
C ASP F 73 -12.04 60.44 -1.34
N ALA F 74 -10.80 60.02 -1.52
CA ALA F 74 -9.99 59.43 -0.46
C ALA F 74 -8.51 59.66 -0.76
N GLU F 75 -7.68 59.64 0.27
CA GLU F 75 -6.24 59.83 0.08
C GLU F 75 -5.59 58.63 -0.59
N ARG F 76 -4.69 58.90 -1.54
CA ARG F 76 -3.95 57.83 -2.21
C ARG F 76 -3.00 57.14 -1.24
N ALA F 77 -2.62 57.85 -0.19
CA ALA F 77 -1.67 57.32 0.78
C ALA F 77 -2.22 56.11 1.49
N ARG F 78 -3.54 55.94 1.46
CA ARG F 78 -4.17 54.84 2.16
C ARG F 78 -4.41 53.65 1.24
N LEU F 79 -4.00 53.76 -0.01
CA LEU F 79 -4.12 52.68 -0.97
C LEU F 79 -3.04 51.65 -0.76
N PHE F 80 -3.41 50.37 -0.74
CA PHE F 80 -2.41 49.33 -0.60
C PHE F 80 -2.64 48.15 -1.53
N VAL F 81 -1.57 47.46 -1.86
CA VAL F 81 -1.62 46.22 -2.61
C VAL F 81 -0.82 45.16 -1.86
N ARG F 82 -1.39 43.98 -1.71
CA ARG F 82 -0.73 42.91 -0.97
C ARG F 82 -0.90 41.54 -1.61
N THR F 83 0.13 40.71 -1.52
CA THR F 83 0.00 39.31 -1.92
C THR F 83 0.26 38.43 -0.72
N SER F 84 1.47 37.89 -0.64
CA SER F 84 1.90 37.16 0.55
C SER F 84 2.44 38.15 1.56
N ALA F 85 2.74 39.34 1.06
CA ALA F 85 3.28 40.44 1.83
C ALA F 85 3.03 41.73 1.04
N PRO F 86 3.06 42.89 1.70
CA PRO F 86 2.79 44.19 1.11
C PRO F 86 3.64 44.44 -0.13
N CYS F 87 3.00 44.97 -1.18
CA CYS F 87 3.64 45.27 -2.46
C CYS F 87 4.04 46.73 -2.54
N THR F 88 5.06 47.02 -3.33
CA THR F 88 5.41 48.41 -3.58
C THR F 88 4.71 48.91 -4.82
N ILE F 89 4.02 50.03 -4.70
CA ILE F 89 3.31 50.61 -5.83
C ILE F 89 4.25 51.53 -6.60
N THR F 90 4.39 51.29 -7.89
CA THR F 90 5.36 52.00 -8.71
C THR F 90 4.70 53.07 -9.57
N GLY F 91 3.42 53.26 -9.36
CA GLY F 91 2.69 54.30 -10.07
C GLY F 91 1.23 53.93 -10.25
N THR F 92 0.38 54.96 -10.32
CA THR F 92 -1.04 54.76 -10.51
C THR F 92 -1.61 55.79 -11.46
N MET F 93 -2.67 55.41 -12.17
CA MET F 93 -3.41 56.34 -13.00
C MET F 93 -4.73 55.75 -13.42
N GLY F 94 -5.82 56.44 -13.08
CA GLY F 94 -7.13 55.96 -13.48
C GLY F 94 -7.40 54.60 -12.86
N HIS F 95 -7.72 53.64 -13.70
CA HIS F 95 -8.08 52.31 -13.25
C HIS F 95 -6.89 51.37 -13.13
N PHE F 96 -5.69 51.88 -13.39
CA PHE F 96 -4.55 50.97 -13.42
C PHE F 96 -3.51 51.26 -12.33
N ILE F 97 -3.09 50.19 -11.65
CA ILE F 97 -2.05 50.26 -10.63
C ILE F 97 -0.84 49.41 -11.01
N LEU F 98 0.34 50.00 -10.96
CA LEU F 98 1.56 49.23 -11.15
C LEU F 98 2.15 48.88 -9.81
N ALA F 99 2.54 47.62 -9.63
CA ALA F 99 3.12 47.21 -8.36
C ALA F 99 4.14 46.10 -8.53
N ARG F 100 5.08 46.06 -7.60
CA ARG F 100 6.06 44.99 -7.55
C ARG F 100 5.82 44.13 -6.32
N CYS F 101 5.18 42.98 -6.51
CA CYS F 101 4.73 42.13 -5.41
C CYS F 101 5.67 40.97 -5.14
N PRO F 102 5.79 40.58 -3.86
CA PRO F 102 6.35 39.34 -3.36
C PRO F 102 5.57 38.14 -3.86
N LYS F 103 6.28 37.05 -4.05
CA LYS F 103 5.68 35.80 -4.51
C LYS F 103 4.55 35.37 -3.59
N GLY F 104 3.43 34.96 -4.19
CA GLY F 104 2.27 34.55 -3.41
C GLY F 104 1.17 33.99 -4.30
N GLU F 105 0.10 33.48 -3.69
CA GLU F 105 -0.97 32.83 -4.42
C GLU F 105 -2.25 33.66 -4.50
N THR F 106 -2.26 34.79 -3.80
CA THR F 106 -3.44 35.66 -3.81
C THR F 106 -3.03 37.11 -4.02
N LEU F 107 -3.99 37.93 -4.43
CA LEU F 107 -3.74 39.37 -4.55
C LEU F 107 -4.87 40.17 -3.92
N THR F 108 -4.50 41.07 -3.01
CA THR F 108 -5.45 41.90 -2.32
C THR F 108 -5.19 43.38 -2.57
N VAL F 109 -6.23 44.10 -2.96
CA VAL F 109 -6.12 45.54 -3.15
C VAL F 109 -7.19 46.23 -2.32
N GLY F 110 -6.82 47.30 -1.64
CA GLY F 110 -7.80 48.00 -0.82
C GLY F 110 -7.37 49.40 -0.45
N PHE F 111 -8.26 50.12 0.23
CA PHE F 111 -8.04 51.50 0.60
C PHE F 111 -8.91 51.88 1.79
N THR F 112 -8.57 53.00 2.40
CA THR F 112 -9.43 53.55 3.45
C THR F 112 -10.27 54.67 2.85
N ASP F 113 -11.57 54.62 3.05
CA ASP F 113 -12.46 55.58 2.43
C ASP F 113 -12.56 56.87 3.23
N GLY F 114 -13.44 57.76 2.79
CA GLY F 114 -13.54 59.09 3.38
C GLY F 114 -14.17 59.09 4.78
N ARG F 115 -14.68 57.94 5.21
CA ARG F 115 -15.28 57.81 6.53
C ARG F 115 -14.43 56.91 7.40
N LYS F 116 -13.20 56.68 6.98
CA LYS F 116 -12.26 55.83 7.70
C LYS F 116 -12.76 54.40 7.80
N ILE F 117 -13.41 53.93 6.75
CA ILE F 117 -13.84 52.54 6.67
C ILE F 117 -12.97 51.80 5.67
N SER F 118 -12.42 50.67 6.10
CA SER F 118 -11.55 49.91 5.24
C SER F 118 -12.32 49.15 4.18
N HIS F 119 -11.82 49.17 2.95
CA HIS F 119 -12.38 48.38 1.87
C HIS F 119 -11.27 47.62 1.17
N SER F 120 -11.51 46.35 0.90
CA SER F 120 -10.51 45.55 0.20
C SER F 120 -11.17 44.48 -0.66
N CYS F 121 -10.44 44.00 -1.66
CA CYS F 121 -10.90 42.93 -2.52
C CYS F 121 -9.77 41.95 -2.81
N THR F 122 -10.04 40.67 -2.63
CA THR F 122 -9.03 39.65 -2.83
C THR F 122 -9.44 38.65 -3.90
N HIS F 123 -8.53 38.41 -4.83
CA HIS F 123 -8.71 37.38 -5.85
C HIS F 123 -7.57 36.39 -5.76
N PRO F 124 -7.80 35.13 -6.14
CA PRO F 124 -6.78 34.13 -6.34
C PRO F 124 -5.92 34.55 -7.51
N PHE F 125 -4.61 34.45 -7.34
CA PHE F 125 -3.70 34.83 -8.39
C PHE F 125 -2.33 34.23 -8.17
N HIS F 126 -1.87 33.45 -9.13
CA HIS F 126 -0.58 32.82 -8.97
C HIS F 126 0.51 33.78 -9.41
N HIS F 127 1.30 34.25 -8.46
CA HIS F 127 2.34 35.19 -8.76
C HIS F 127 3.70 34.59 -8.48
N ASP F 128 4.39 34.24 -9.54
CA ASP F 128 5.70 33.59 -9.45
C ASP F 128 6.54 34.03 -10.63
N PRO F 129 7.19 35.19 -10.53
CA PRO F 129 7.87 35.88 -11.59
C PRO F 129 8.86 34.95 -12.27
N PRO F 130 8.99 35.06 -13.58
CA PRO F 130 9.84 34.25 -14.42
C PRO F 130 11.29 34.57 -14.11
N VAL F 131 12.16 33.61 -14.32
CA VAL F 131 13.57 33.84 -14.04
C VAL F 131 14.24 34.54 -15.20
N ILE F 132 14.92 35.64 -14.89
CA ILE F 132 15.71 36.32 -15.90
C ILE F 132 17.14 35.89 -15.75
N GLY F 133 17.68 35.28 -16.79
CA GLY F 133 19.02 34.73 -16.70
C GLY F 133 18.99 33.32 -16.14
N ARG F 134 20.14 32.88 -15.65
CA ARG F 134 20.33 31.49 -15.22
C ARG F 134 20.43 31.36 -13.72
N GLU F 135 20.08 32.42 -13.00
CA GLU F 135 20.13 32.40 -11.54
C GLU F 135 18.80 32.89 -10.97
N LYS F 136 18.38 32.27 -9.88
CA LYS F 136 17.15 32.70 -9.21
C LYS F 136 17.47 33.61 -8.04
N PHE F 137 17.32 34.90 -8.25
CA PHE F 137 17.71 35.87 -7.23
C PHE F 137 16.50 36.60 -6.68
N HIS F 138 16.62 37.08 -5.46
CA HIS F 138 15.47 37.67 -4.77
C HIS F 138 15.54 39.19 -4.71
N SER F 139 16.68 39.75 -5.03
CA SER F 139 16.85 41.21 -5.03
C SER F 139 17.91 41.64 -6.02
N ARG F 140 17.86 42.91 -6.41
CA ARG F 140 18.82 43.46 -7.35
C ARG F 140 20.19 43.67 -6.66
N PRO F 141 21.26 43.13 -7.22
CA PRO F 141 22.64 43.22 -6.77
C PRO F 141 23.28 44.55 -7.16
N GLN F 142 24.35 44.93 -6.46
CA GLN F 142 25.13 46.10 -6.85
C GLN F 142 26.01 45.79 -8.06
N HIS F 143 26.44 44.55 -8.16
CA HIS F 143 27.31 44.13 -9.24
C HIS F 143 26.73 42.94 -9.96
N GLY F 144 26.80 42.95 -11.28
CA GLY F 144 26.26 41.84 -12.05
C GLY F 144 26.17 42.12 -13.53
N ARG F 145 25.53 41.20 -14.22
CA ARG F 145 25.35 41.24 -15.67
C ARG F 145 24.02 41.88 -16.02
N GLU F 146 23.91 42.40 -17.22
CA GLU F 146 22.65 43.01 -17.63
C GLU F 146 22.01 42.27 -18.80
N LEU F 147 20.75 41.86 -18.61
CA LEU F 147 20.01 41.09 -19.59
C LEU F 147 18.70 41.79 -19.95
N PRO F 148 18.21 41.61 -21.18
CA PRO F 148 16.97 42.16 -21.70
C PRO F 148 15.77 41.62 -20.95
N CYS F 149 14.80 42.50 -20.69
CA CYS F 149 13.56 42.15 -20.00
C CYS F 149 12.45 43.13 -20.34
N SER F 150 11.23 42.81 -19.95
CA SER F 150 10.10 43.68 -20.24
C SER F 150 9.45 44.21 -18.97
N THR F 151 9.15 45.50 -18.96
CA THR F 151 8.53 46.14 -17.81
C THR F 151 7.35 46.99 -18.25
N TYR F 152 6.55 47.43 -17.29
CA TYR F 152 5.51 48.39 -17.60
C TYR F 152 6.04 49.79 -17.37
N ALA F 153 5.96 50.62 -18.39
CA ALA F 153 6.48 51.97 -18.32
C ALA F 153 5.64 52.83 -17.40
N GLN F 154 6.24 53.85 -16.82
CA GLN F 154 5.52 54.74 -15.94
C GLN F 154 4.86 55.87 -16.71
N SER F 155 5.08 55.89 -18.02
CA SER F 155 4.48 56.91 -18.88
C SER F 155 2.97 56.82 -18.84
N THR F 156 2.31 57.98 -18.82
CA THR F 156 0.86 58.03 -18.77
C THR F 156 0.27 58.15 -20.16
N ALA F 157 1.13 58.25 -21.17
CA ALA F 157 0.68 58.25 -22.55
C ALA F 157 0.36 56.83 -22.96
N ALA F 158 -0.51 56.67 -23.96
CA ALA F 158 -0.86 55.33 -24.42
C ALA F 158 -0.36 55.09 -25.83
N THR F 159 -0.05 53.84 -26.12
CA THR F 159 0.40 53.44 -27.44
C THR F 159 -0.47 52.32 -27.98
N ALA F 160 -1.62 52.70 -28.52
CA ALA F 160 -2.58 51.74 -29.06
C ALA F 160 -3.09 50.79 -27.99
N GLU F 161 -2.97 51.18 -26.73
CA GLU F 161 -3.56 50.41 -25.64
C GLU F 161 -4.85 51.08 -25.22
N GLU F 162 -5.96 50.37 -25.34
CA GLU F 162 -7.26 50.98 -25.10
C GLU F 162 -8.23 50.06 -24.37
N ILE F 163 -9.18 50.66 -23.67
CA ILE F 163 -10.28 49.92 -23.07
C ILE F 163 -11.59 50.39 -23.64
N GLU F 164 -12.55 49.49 -23.72
CA GLU F 164 -13.88 49.85 -24.15
C GLU F 164 -14.67 50.39 -22.98
N VAL F 165 -15.44 51.44 -23.22
CA VAL F 165 -16.30 52.00 -22.21
C VAL F 165 -17.70 52.19 -22.77
N HIS F 166 -18.70 52.19 -21.90
CA HIS F 166 -20.08 52.33 -22.38
C HIS F 166 -20.99 52.92 -21.31
N MET F 167 -22.19 53.28 -21.73
CA MET F 167 -23.19 53.80 -20.82
C MET F 167 -23.60 52.71 -19.83
N PRO F 168 -23.54 53.00 -18.53
CA PRO F 168 -23.79 52.07 -17.44
C PRO F 168 -25.27 51.70 -17.41
N PRO F 169 -25.58 50.55 -16.79
CA PRO F 169 -26.91 50.03 -16.55
C PRO F 169 -27.60 50.82 -15.46
N ASP F 170 -28.92 50.73 -15.44
CA ASP F 170 -29.68 51.33 -14.37
C ASP F 170 -29.25 50.70 -13.05
N THR F 171 -29.13 51.50 -12.01
CA THR F 171 -28.67 51.00 -10.72
C THR F 171 -29.82 50.85 -9.72
N PRO F 172 -30.19 49.62 -9.35
CA PRO F 172 -31.23 49.27 -8.41
C PRO F 172 -30.93 49.85 -7.05
N ASP F 173 -31.96 50.32 -6.37
CA ASP F 173 -31.77 50.85 -5.03
C ASP F 173 -33.05 50.76 -4.19
N ARG F 174 -33.05 49.86 -3.22
CA ARG F 174 -34.23 49.62 -2.41
C ARG F 174 -34.46 50.72 -1.38
N THR F 175 -33.48 51.60 -1.21
CA THR F 175 -33.61 52.71 -0.26
C THR F 175 -34.09 53.95 -1.00
N LEU F 176 -34.31 53.79 -2.29
CA LEU F 176 -34.77 54.84 -3.16
C LEU F 176 -36.27 55.02 -3.05
N MET F 177 -36.91 54.04 -2.44
CA MET F 177 -38.36 53.98 -2.36
C MET F 177 -38.86 53.56 -1.00
N SER F 178 -40.01 54.10 -0.59
CA SER F 178 -40.65 53.71 0.67
C SER F 178 -42.17 53.79 0.58
N GLN F 179 -42.86 53.07 1.46
CA GLN F 179 -44.32 53.04 1.44
C GLN F 179 -44.93 53.98 2.46
N GLN F 180 -45.73 54.94 1.97
CA GLN F 180 -46.41 55.88 2.82
C GLN F 180 -47.91 55.65 2.81
N SER F 181 -48.41 54.93 3.81
CA SER F 181 -49.83 54.59 3.92
C SER F 181 -50.38 53.95 2.66
N GLY F 182 -49.66 52.97 2.12
CA GLY F 182 -50.11 52.23 0.95
C GLY F 182 -49.82 52.97 -0.35
N ASN F 183 -48.94 53.96 -0.27
CA ASN F 183 -48.57 54.75 -1.43
C ASN F 183 -47.05 54.89 -1.48
N VAL F 184 -46.41 54.28 -2.47
CA VAL F 184 -44.96 54.24 -2.46
C VAL F 184 -44.35 55.53 -2.99
N LYS F 185 -43.52 56.15 -2.15
CA LYS F 185 -42.83 57.36 -2.53
C LYS F 185 -41.46 57.03 -3.11
N ILE F 186 -41.19 57.59 -4.28
CA ILE F 186 -39.90 57.41 -4.91
C ILE F 186 -39.08 58.68 -4.73
N THR F 187 -37.96 58.55 -4.04
CA THR F 187 -37.10 59.69 -3.78
C THR F 187 -36.09 59.80 -4.91
N VAL F 188 -35.98 60.98 -5.50
CA VAL F 188 -35.11 61.14 -6.66
C VAL F 188 -33.70 61.59 -6.30
N ASN F 189 -33.59 62.53 -5.37
CA ASN F 189 -32.28 63.04 -4.99
C ASN F 189 -31.49 63.56 -6.18
N SER F 190 -32.19 64.24 -7.08
CA SER F 190 -31.60 64.86 -8.26
C SER F 190 -31.08 63.88 -9.31
N GLN F 191 -31.32 62.59 -9.13
CA GLN F 191 -30.93 61.62 -10.14
C GLN F 191 -32.15 60.93 -10.74
N THR F 192 -32.27 60.96 -12.06
CA THR F 192 -33.44 60.41 -12.74
C THR F 192 -33.70 58.98 -12.34
N VAL F 193 -34.95 58.67 -12.00
CA VAL F 193 -35.31 57.33 -11.55
C VAL F 193 -36.29 56.64 -12.48
N ARG F 194 -36.01 55.37 -12.72
CA ARG F 194 -36.91 54.50 -13.48
C ARG F 194 -37.51 53.46 -12.55
N TYR F 195 -38.83 53.35 -12.52
CA TYR F 195 -39.44 52.35 -11.66
C TYR F 195 -40.71 51.78 -12.24
N LYS F 196 -41.06 50.58 -11.78
CA LYS F 196 -42.29 49.91 -12.14
C LYS F 196 -42.77 49.06 -10.98
N CYS F 197 -44.06 48.70 -10.99
CA CYS F 197 -44.65 47.92 -9.91
C CYS F 197 -45.63 46.89 -10.45
N ASN F 198 -46.09 46.01 -9.57
CA ASN F 198 -47.16 45.08 -9.93
C ASN F 198 -48.51 45.80 -10.05
N CYS F 199 -48.54 47.08 -9.64
CA CYS F 199 -49.71 47.94 -9.69
C CYS F 199 -49.90 48.49 -11.11
N GLY F 200 -51.15 48.69 -11.50
CA GLY F 200 -51.44 49.12 -12.85
C GLY F 200 -50.88 50.51 -13.12
N ASP F 201 -50.43 50.72 -14.36
CA ASP F 201 -49.89 52.01 -14.78
C ASP F 201 -48.78 52.47 -13.84
N SER F 202 -47.93 51.56 -13.44
CA SER F 202 -46.84 51.87 -12.52
C SER F 202 -45.52 52.12 -13.20
N ASN F 203 -45.49 51.99 -14.52
CA ASN F 203 -44.24 52.10 -15.25
C ASN F 203 -43.89 53.56 -15.52
N GLU F 204 -42.96 54.08 -14.73
CA GLU F 204 -42.55 55.47 -14.82
C GLU F 204 -41.05 55.58 -15.04
N GLY F 205 -40.64 55.63 -16.29
CA GLY F 205 -39.21 55.61 -16.61
C GLY F 205 -38.62 57.01 -16.68
N LEU F 206 -39.45 58.02 -16.45
CA LEU F 206 -39.01 59.39 -16.57
C LEU F 206 -39.30 60.19 -15.30
N THR F 207 -38.93 59.67 -14.16
CA THR F 207 -39.17 60.39 -12.92
C THR F 207 -37.97 61.23 -12.56
N THR F 208 -38.15 62.54 -12.53
CA THR F 208 -37.05 63.45 -12.23
C THR F 208 -37.33 64.20 -10.95
N THR F 209 -38.53 64.03 -10.42
CA THR F 209 -38.92 64.66 -9.16
C THR F 209 -39.54 63.61 -8.26
N ASP F 210 -39.56 63.88 -6.97
CA ASP F 210 -40.14 62.91 -6.06
C ASP F 210 -41.58 62.66 -6.44
N LYS F 211 -41.94 61.40 -6.54
CA LYS F 211 -43.31 61.04 -6.94
C LYS F 211 -43.84 59.89 -6.11
N VAL F 212 -45.15 59.87 -5.93
CA VAL F 212 -45.77 58.79 -5.16
C VAL F 212 -46.75 57.99 -6.01
N ILE F 213 -46.60 56.68 -5.97
CA ILE F 213 -47.57 55.82 -6.62
C ILE F 213 -48.57 55.34 -5.59
N ASN F 214 -49.83 55.67 -5.81
CA ASN F 214 -50.85 55.44 -4.81
C ASN F 214 -51.42 54.05 -4.87
N ASN F 215 -51.97 53.59 -3.75
CA ASN F 215 -52.59 52.28 -3.66
C ASN F 215 -51.65 51.17 -4.11
N CYS F 216 -50.39 51.25 -3.68
CA CYS F 216 -49.36 50.27 -4.04
C CYS F 216 -48.40 50.08 -2.87
N LYS F 217 -47.92 48.86 -2.70
CA LYS F 217 -47.02 48.54 -1.61
C LYS F 217 -45.56 48.55 -2.03
N VAL F 218 -44.65 48.71 -1.07
CA VAL F 218 -43.22 48.73 -1.36
C VAL F 218 -42.76 47.41 -1.94
N ASP F 219 -43.38 46.32 -1.52
CA ASP F 219 -42.97 45.00 -1.98
C ASP F 219 -43.45 44.74 -3.39
N GLN F 220 -44.29 45.62 -3.91
CA GLN F 220 -44.81 45.49 -5.26
C GLN F 220 -44.02 46.31 -6.28
N CYS F 221 -43.05 47.11 -5.83
CA CYS F 221 -42.35 48.07 -6.68
C CYS F 221 -40.85 47.79 -6.78
N HIS F 222 -40.29 48.14 -7.93
CA HIS F 222 -38.86 48.08 -8.18
C HIS F 222 -38.38 49.40 -8.77
N ALA F 223 -37.23 49.88 -8.34
CA ALA F 223 -36.75 51.16 -8.84
C ALA F 223 -35.24 51.16 -8.99
N ALA F 224 -34.76 51.92 -9.97
CA ALA F 224 -33.33 52.04 -10.23
C ALA F 224 -32.99 53.44 -10.73
N VAL F 225 -31.77 53.86 -10.46
CA VAL F 225 -31.31 55.18 -10.89
C VAL F 225 -30.72 55.14 -12.30
N THR F 226 -31.15 56.08 -13.13
CA THR F 226 -30.70 56.17 -14.50
C THR F 226 -29.59 57.20 -14.64
N ASN F 227 -28.49 56.80 -15.26
CA ASN F 227 -27.36 57.69 -15.45
C ASN F 227 -26.76 57.53 -16.83
N HIS F 228 -27.03 58.49 -17.70
CA HIS F 228 -26.55 58.44 -19.08
C HIS F 228 -25.52 59.54 -19.33
N LYS F 229 -24.97 60.09 -18.26
CA LYS F 229 -24.07 61.23 -18.38
C LYS F 229 -22.61 60.84 -18.48
N LYS F 230 -22.26 59.66 -18.01
CA LYS F 230 -20.86 59.24 -17.99
C LYS F 230 -20.68 57.83 -18.50
N TRP F 231 -19.52 57.58 -19.10
CA TRP F 231 -19.12 56.25 -19.56
C TRP F 231 -18.55 55.43 -18.42
N GLN F 232 -18.68 54.13 -18.53
CA GLN F 232 -18.13 53.21 -17.55
C GLN F 232 -17.36 52.09 -18.24
N TYR F 233 -16.33 51.57 -17.58
CA TYR F 233 -15.54 50.52 -18.19
C TYR F 233 -16.39 49.31 -18.53
N ASN F 234 -16.11 48.72 -19.69
CA ASN F 234 -16.85 47.56 -20.16
C ASN F 234 -16.45 46.32 -19.40
N SER F 235 -16.80 46.30 -18.12
CA SER F 235 -16.47 45.21 -17.22
C SER F 235 -17.44 44.05 -17.33
N PRO F 236 -16.95 42.82 -17.25
CA PRO F 236 -17.71 41.58 -17.27
C PRO F 236 -18.54 41.44 -16.00
N LEU F 237 -18.27 42.29 -15.01
CA LEU F 237 -18.98 42.24 -13.75
C LEU F 237 -20.15 43.24 -13.71
N VAL F 238 -20.36 43.94 -14.80
CA VAL F 238 -21.45 44.92 -14.88
C VAL F 238 -22.26 44.74 -16.15
N PRO F 239 -23.58 44.55 -16.04
CA PRO F 239 -24.50 44.28 -17.14
C PRO F 239 -24.67 45.48 -18.05
N ARG F 240 -25.03 45.22 -19.30
CA ARG F 240 -25.29 46.29 -20.27
C ARG F 240 -26.78 46.39 -20.58
N ASN F 241 -27.18 47.47 -21.25
CA ASN F 241 -28.59 47.79 -21.45
C ASN F 241 -29.16 47.21 -22.73
N ALA F 242 -28.35 47.20 -23.78
CA ALA F 242 -28.83 46.81 -25.11
C ALA F 242 -28.44 45.38 -25.43
N GLU F 243 -29.16 44.78 -26.36
CA GLU F 243 -28.88 43.42 -26.77
C GLU F 243 -27.47 43.33 -27.32
N LEU F 244 -27.10 44.31 -28.14
CA LEU F 244 -25.79 44.36 -28.76
C LEU F 244 -25.32 45.78 -28.99
N GLY F 245 -24.07 46.07 -28.65
CA GLY F 245 -23.45 47.32 -29.09
C GLY F 245 -24.05 48.56 -28.44
N ASP F 246 -24.37 48.50 -27.16
CA ASP F 246 -24.97 49.66 -26.50
C ASP F 246 -24.29 50.92 -27.00
N ARG F 247 -22.98 50.94 -26.84
CA ARG F 247 -22.12 51.98 -27.36
C ARG F 247 -20.68 51.58 -27.07
N LYS F 248 -19.77 51.99 -27.92
CA LYS F 248 -18.39 51.64 -27.71
C LYS F 248 -17.48 52.85 -27.70
N GLY F 249 -17.16 53.35 -26.52
CA GLY F 249 -16.18 54.40 -26.42
C GLY F 249 -14.81 53.77 -26.30
N LYS F 250 -13.76 54.53 -26.57
CA LYS F 250 -12.42 54.00 -26.37
C LYS F 250 -11.57 54.95 -25.56
N VAL F 251 -10.96 54.42 -24.52
CA VAL F 251 -10.14 55.20 -23.62
C VAL F 251 -8.73 54.64 -23.57
N HIS F 252 -7.76 55.52 -23.72
CA HIS F 252 -6.37 55.12 -23.74
C HIS F 252 -5.90 54.59 -22.38
N ILE F 253 -5.06 53.56 -22.43
CA ILE F 253 -4.51 52.94 -21.23
C ILE F 253 -3.09 53.43 -20.94
N PRO F 254 -2.81 53.93 -19.74
CA PRO F 254 -1.52 54.36 -19.26
C PRO F 254 -0.62 53.17 -18.99
N PHE F 255 0.68 53.40 -18.94
CA PHE F 255 1.65 52.37 -18.58
C PHE F 255 1.76 51.25 -19.61
N PRO F 256 2.27 51.53 -20.81
CA PRO F 256 2.56 50.60 -21.87
C PRO F 256 3.72 49.69 -21.51
N LEU F 257 3.73 48.50 -22.08
CA LEU F 257 4.84 47.56 -21.90
C LEU F 257 6.04 48.04 -22.71
N ALA F 258 7.25 47.90 -22.17
CA ALA F 258 8.44 48.43 -22.83
C ALA F 258 9.66 47.52 -22.67
N ASN F 259 10.61 47.68 -23.59
CA ASN F 259 11.86 46.93 -23.57
C ASN F 259 12.91 47.64 -22.71
N VAL F 260 13.27 47.00 -21.61
CA VAL F 260 14.25 47.55 -20.69
C VAL F 260 15.29 46.49 -20.33
N THR F 261 16.35 46.90 -19.66
CA THR F 261 17.39 45.95 -19.30
C THR F 261 17.44 45.73 -17.79
N CYS F 262 17.44 44.47 -17.37
CA CYS F 262 17.45 44.08 -15.95
C CYS F 262 18.84 43.67 -15.48
N ARG F 263 19.15 44.02 -14.25
CA ARG F 263 20.40 43.62 -13.62
C ARG F 263 20.26 42.27 -12.94
N VAL F 264 21.18 41.36 -13.25
CA VAL F 264 21.19 40.05 -12.62
C VAL F 264 22.58 39.77 -12.04
N PRO F 265 22.66 39.05 -10.93
CA PRO F 265 23.85 38.70 -10.21
C PRO F 265 24.70 37.71 -10.96
N LYS F 266 25.98 37.66 -10.62
CA LYS F 266 26.87 36.65 -11.15
C LYS F 266 27.40 35.78 -10.02
N ALA F 267 27.18 34.49 -10.15
CA ALA F 267 27.57 33.53 -9.12
C ALA F 267 29.07 33.56 -8.87
N ARG F 268 29.45 33.30 -7.63
CA ARG F 268 30.85 33.33 -7.24
C ARG F 268 31.70 32.35 -8.03
N ASN F 269 32.93 32.74 -8.31
CA ASN F 269 33.85 31.86 -8.99
C ASN F 269 34.00 30.56 -8.22
N PRO F 270 33.92 29.42 -8.89
CA PRO F 270 34.05 28.09 -8.35
C PRO F 270 35.50 27.80 -7.99
N THR F 271 35.71 26.90 -7.05
CA THR F 271 37.06 26.43 -6.78
C THR F 271 37.33 25.25 -7.70
N VAL F 272 38.40 25.35 -8.48
CA VAL F 272 38.63 24.35 -9.51
C VAL F 272 39.94 23.61 -9.34
N THR F 273 39.85 22.28 -9.32
CA THR F 273 41.03 21.43 -9.32
C THR F 273 40.93 20.46 -10.48
N TYR F 274 42.04 19.85 -10.86
CA TYR F 274 42.04 19.01 -12.04
C TYR F 274 42.50 17.59 -11.77
N GLY F 275 41.94 16.64 -12.51
CA GLY F 275 42.37 15.25 -12.49
C GLY F 275 42.55 14.77 -13.93
N LYS F 276 42.78 13.48 -14.11
CA LYS F 276 42.98 12.97 -15.45
C LYS F 276 41.67 12.97 -16.21
N ASN F 277 41.61 13.78 -17.27
CA ASN F 277 40.40 13.97 -18.05
C ASN F 277 39.24 14.35 -17.14
N GLN F 278 39.52 15.14 -16.10
CA GLN F 278 38.48 15.49 -15.16
C GLN F 278 38.65 16.89 -14.61
N VAL F 279 37.53 17.59 -14.46
CA VAL F 279 37.51 18.89 -13.78
C VAL F 279 36.64 18.82 -12.56
N ILE F 280 37.20 19.19 -11.41
CA ILE F 280 36.45 19.12 -10.18
C ILE F 280 36.11 20.52 -9.69
N MET F 281 34.83 20.82 -9.59
CA MET F 281 34.41 22.15 -9.17
C MET F 281 33.68 22.12 -7.84
N LEU F 282 34.05 23.04 -6.95
CA LEU F 282 33.30 23.22 -5.73
C LEU F 282 32.53 24.54 -5.82
N LEU F 283 31.21 24.42 -5.80
CA LEU F 283 30.34 25.56 -6.08
C LEU F 283 29.83 26.21 -4.81
N TYR F 284 29.73 27.54 -4.82
CA TYR F 284 29.27 28.30 -3.66
C TYR F 284 28.15 29.28 -4.02
N PRO F 285 26.94 28.79 -4.29
CA PRO F 285 25.76 29.57 -4.63
C PRO F 285 25.22 30.33 -3.42
N ASP F 286 24.67 31.51 -3.67
CA ASP F 286 23.92 32.24 -2.64
C ASP F 286 22.44 31.91 -2.76
N HIS F 287 22.05 31.61 -3.99
CA HIS F 287 20.68 31.33 -4.37
C HIS F 287 20.74 30.32 -5.50
N PRO F 288 19.67 29.59 -5.79
CA PRO F 288 19.64 28.51 -6.75
C PRO F 288 20.26 28.99 -8.05
N THR F 289 21.26 28.26 -8.51
CA THR F 289 22.01 28.63 -9.68
C THR F 289 22.09 27.49 -10.67
N LEU F 290 21.82 27.77 -11.93
CA LEU F 290 21.84 26.72 -12.93
C LEU F 290 23.25 26.43 -13.42
N LEU F 291 23.61 25.16 -13.37
CA LEU F 291 24.87 24.69 -13.91
C LEU F 291 24.59 23.85 -15.14
N SER F 292 25.31 24.11 -16.21
CA SER F 292 25.15 23.30 -17.40
C SER F 292 26.45 23.12 -18.13
N TYR F 293 26.57 22.02 -18.85
CA TYR F 293 27.78 21.77 -19.61
C TYR F 293 27.52 20.93 -20.84
N ARG F 294 28.38 21.11 -21.84
CA ARG F 294 28.27 20.37 -23.08
C ARG F 294 29.64 20.00 -23.62
N ASN F 295 29.68 18.89 -24.35
CA ASN F 295 30.87 18.52 -25.11
C ASN F 295 30.91 19.41 -26.34
N MET F 296 32.11 19.74 -26.79
CA MET F 296 32.25 20.62 -27.95
C MET F 296 32.48 19.85 -29.24
N GLY F 297 32.04 18.59 -29.25
CA GLY F 297 32.17 17.74 -30.43
C GLY F 297 30.82 17.44 -31.07
N GLU F 298 30.73 16.29 -31.73
CA GLU F 298 29.53 15.89 -32.46
C GLU F 298 28.34 15.66 -31.55
N GLU F 299 28.61 15.10 -30.38
CA GLU F 299 27.55 14.74 -29.44
C GLU F 299 27.71 15.48 -28.12
N PRO F 300 27.05 16.63 -27.96
CA PRO F 300 27.24 17.59 -26.89
C PRO F 300 26.87 16.99 -25.55
N ASN F 301 26.00 15.98 -25.56
CA ASN F 301 25.62 15.32 -24.32
C ASN F 301 25.24 16.36 -23.28
N TYR F 302 24.40 17.30 -23.66
CA TYR F 302 24.08 18.40 -22.77
C TYR F 302 23.45 17.92 -21.47
N GLN F 303 23.96 18.42 -20.37
CA GLN F 303 23.39 18.14 -19.07
C GLN F 303 23.29 19.40 -18.25
N GLU F 304 22.26 19.49 -17.41
CA GLU F 304 22.09 20.65 -16.56
C GLU F 304 21.45 20.28 -15.23
N GLU F 305 21.77 21.05 -14.21
CA GLU F 305 21.12 20.88 -12.91
C GLU F 305 21.09 22.20 -12.15
N TRP F 306 20.11 22.35 -11.27
CA TRP F 306 20.08 23.51 -10.39
C TRP F 306 20.80 23.21 -9.10
N VAL F 307 21.70 24.09 -8.71
CA VAL F 307 22.46 23.91 -7.49
C VAL F 307 21.98 24.88 -6.42
N THR F 308 21.50 24.34 -5.31
CA THR F 308 20.90 25.16 -4.26
C THR F 308 21.78 25.24 -3.02
N HIS F 309 22.89 24.52 -3.03
CA HIS F 309 23.79 24.47 -1.90
C HIS F 309 25.20 24.13 -2.34
N LYS F 310 26.17 24.27 -1.44
CA LYS F 310 27.54 23.94 -1.79
C LYS F 310 27.63 22.50 -2.28
N LYS F 311 28.27 22.32 -3.42
CA LYS F 311 28.36 21.00 -4.02
C LYS F 311 29.67 20.80 -4.76
N GLU F 312 30.19 19.58 -4.72
CA GLU F 312 31.37 19.21 -5.48
C GLU F 312 31.00 18.36 -6.68
N ILE F 313 31.29 18.85 -7.87
CA ILE F 313 30.93 18.13 -9.08
C ILE F 313 32.15 17.75 -9.90
N ARG F 314 32.25 16.47 -10.23
CA ARG F 314 33.34 15.96 -11.05
C ARG F 314 32.89 15.78 -12.48
N LEU F 315 33.43 16.59 -13.39
CA LEU F 315 33.03 16.52 -14.78
C LEU F 315 34.10 15.85 -15.63
N THR F 316 33.68 14.98 -16.52
CA THR F 316 34.60 14.31 -17.43
C THR F 316 34.85 15.18 -18.64
N VAL F 317 36.11 15.30 -19.04
CA VAL F 317 36.47 16.12 -20.19
C VAL F 317 36.88 15.27 -21.39
N PRO F 318 36.12 15.31 -22.49
CA PRO F 318 36.38 14.71 -23.77
C PRO F 318 37.60 15.32 -24.45
N THR F 319 38.16 14.61 -25.41
CA THR F 319 39.34 15.09 -26.12
C THR F 319 39.03 16.36 -26.90
N GLU F 320 37.78 16.49 -27.35
CA GLU F 320 37.35 17.68 -28.07
C GLU F 320 37.14 18.89 -27.17
N GLY F 321 37.10 18.65 -25.86
CA GLY F 321 36.94 19.74 -24.90
C GLY F 321 35.54 19.82 -24.31
N LEU F 322 35.46 20.42 -23.12
CA LEU F 322 34.21 20.58 -22.38
C LEU F 322 33.91 22.04 -22.10
N GLU F 323 32.66 22.45 -22.31
CA GLU F 323 32.23 23.80 -21.96
C GLU F 323 31.29 23.78 -20.76
N VAL F 324 31.60 24.60 -19.76
CA VAL F 324 30.78 24.65 -18.55
C VAL F 324 30.27 26.06 -18.28
N THR F 325 28.96 26.19 -18.07
CA THR F 325 28.38 27.48 -17.76
C THR F 325 27.84 27.51 -16.34
N TRP F 326 28.35 28.42 -15.54
CA TRP F 326 27.96 28.54 -14.14
C TRP F 326 27.14 29.80 -13.91
N GLY F 327 25.84 29.64 -13.75
CA GLY F 327 24.96 30.78 -13.54
C GLY F 327 25.00 31.74 -14.72
N ASN F 328 25.19 33.02 -14.40
CA ASN F 328 25.22 34.06 -15.43
C ASN F 328 26.63 34.42 -15.85
N ASN F 329 27.60 33.62 -15.44
CA ASN F 329 28.99 33.84 -15.80
C ASN F 329 29.27 33.36 -17.22
N GLU F 330 30.23 33.98 -17.87
CA GLU F 330 30.67 33.51 -19.17
C GLU F 330 31.20 32.10 -19.02
N PRO F 331 30.99 31.25 -20.02
CA PRO F 331 31.28 29.83 -20.03
C PRO F 331 32.77 29.57 -19.90
N TYR F 332 33.09 28.52 -19.16
CA TYR F 332 34.48 28.08 -18.99
C TYR F 332 34.75 26.98 -20.00
N LYS F 333 35.94 26.97 -20.57
CA LYS F 333 36.28 25.91 -21.52
C LYS F 333 37.51 25.15 -21.06
N TYR F 334 37.43 23.82 -21.12
CA TYR F 334 38.51 22.97 -20.68
C TYR F 334 38.91 21.94 -21.73
N TRP F 335 40.21 21.73 -21.88
CA TRP F 335 40.75 20.69 -22.74
C TRP F 335 41.76 19.85 -21.97
N PRO F 336 41.81 18.55 -22.21
CA PRO F 336 42.71 17.59 -21.62
C PRO F 336 44.12 17.72 -22.17
N GLN F 337 45.10 17.40 -21.34
CA GLN F 337 46.48 17.30 -21.77
C GLN F 337 46.86 15.84 -21.94
N LEU F 338 47.91 15.59 -22.70
CA LEU F 338 48.40 14.25 -22.89
C LEU F 338 49.31 13.86 -21.74
N SER F 339 48.76 13.86 -20.53
CA SER F 339 49.51 13.53 -19.34
C SER F 339 49.50 12.03 -19.08
N THR F 340 50.65 11.50 -18.67
CA THR F 340 50.77 10.09 -18.33
C THR F 340 51.65 9.91 -17.11
N ASN F 341 51.53 8.75 -16.46
CA ASN F 341 52.49 8.33 -15.44
C ASN F 341 53.51 7.36 -16.03
N GLY F 342 53.14 6.74 -17.16
CA GLY F 342 54.07 5.91 -17.93
C GLY F 342 54.90 6.82 -18.81
N THR F 343 55.83 6.25 -19.57
CA THR F 343 56.66 7.08 -20.42
C THR F 343 57.11 6.37 -21.67
N ALA F 344 57.25 7.14 -22.73
CA ALA F 344 57.94 6.66 -23.92
C ALA F 344 59.42 6.71 -23.62
N HIS F 345 60.20 5.96 -24.37
CA HIS F 345 61.63 5.90 -24.15
C HIS F 345 61.96 5.26 -22.81
N GLY F 346 61.11 4.31 -22.41
CA GLY F 346 61.31 3.58 -21.17
C GLY F 346 61.24 2.08 -21.41
N HIS F 347 60.97 1.33 -20.36
CA HIS F 347 60.84 -0.11 -20.44
C HIS F 347 59.51 -0.46 -21.12
N PRO F 348 59.40 -1.63 -21.75
CA PRO F 348 58.25 -2.09 -22.49
C PRO F 348 56.94 -1.90 -21.73
N HIS F 349 56.96 -2.13 -20.42
CA HIS F 349 55.73 -1.96 -19.64
C HIS F 349 55.43 -0.49 -19.38
N GLU F 350 56.45 0.34 -19.46
CA GLU F 350 56.27 1.78 -19.27
C GLU F 350 55.75 2.40 -20.55
N ILE F 351 56.11 1.78 -21.68
CA ILE F 351 55.66 2.24 -22.98
C ILE F 351 54.19 1.92 -23.18
N ILE F 352 53.79 0.71 -22.80
CA ILE F 352 52.39 0.33 -22.91
C ILE F 352 51.54 1.19 -22.01
N LEU F 353 52.03 1.47 -20.80
CA LEU F 353 51.29 2.31 -19.89
C LEU F 353 51.13 3.71 -20.46
N TYR F 354 52.18 4.22 -21.07
CA TYR F 354 52.14 5.54 -21.68
C TYR F 354 51.03 5.63 -22.71
N TYR F 355 50.98 4.68 -23.62
CA TYR F 355 49.98 4.71 -24.68
C TYR F 355 48.61 4.31 -24.18
N TYR F 356 48.56 3.45 -23.17
CA TYR F 356 47.29 3.05 -22.59
C TYR F 356 46.59 4.23 -21.95
N GLU F 357 47.34 5.00 -21.17
CA GLU F 357 46.75 6.14 -20.49
C GLU F 357 46.29 7.21 -21.48
N LEU F 358 47.02 7.39 -22.57
CA LEU F 358 46.62 8.38 -23.57
C LEU F 358 45.47 7.90 -24.44
N TYR F 359 45.51 6.63 -24.84
CA TYR F 359 44.50 6.09 -25.74
C TYR F 359 43.99 4.72 -25.25
N PRO F 360 43.17 4.70 -24.20
CA PRO F 360 42.78 3.53 -23.42
C PRO F 360 42.08 2.46 -24.26
N THR F 361 41.48 2.84 -25.37
CA THR F 361 40.76 1.86 -26.18
C THR F 361 41.54 1.48 -27.42
N MET F 362 42.19 2.45 -28.05
CA MET F 362 42.97 2.15 -29.23
C MET F 362 44.15 1.26 -28.88
N THR F 363 44.77 1.55 -27.74
CA THR F 363 45.93 0.80 -27.28
C THR F 363 45.58 -0.63 -26.96
N VAL F 364 44.45 -0.84 -26.31
CA VAL F 364 44.04 -2.18 -25.94
C VAL F 364 43.71 -3.00 -27.17
N VAL F 365 43.04 -2.39 -28.13
CA VAL F 365 42.70 -3.10 -29.35
C VAL F 365 43.94 -3.46 -30.14
N VAL F 366 44.88 -2.53 -30.25
CA VAL F 366 46.10 -2.81 -30.99
C VAL F 366 46.94 -3.87 -30.30
N VAL F 367 47.07 -3.77 -28.98
CA VAL F 367 47.86 -4.74 -28.25
C VAL F 367 47.20 -6.11 -28.25
N SER F 368 45.89 -6.14 -28.04
CA SER F 368 45.18 -7.40 -28.01
C SER F 368 45.22 -8.10 -29.35
N VAL F 369 45.03 -7.35 -30.43
CA VAL F 369 45.06 -7.92 -31.75
C VAL F 369 46.47 -8.34 -32.15
N ALA F 370 47.44 -7.47 -31.88
CA ALA F 370 48.80 -7.78 -32.24
C ALA F 370 49.29 -9.00 -31.48
N SER F 371 48.93 -9.09 -30.20
CA SER F 371 49.35 -10.23 -29.39
C SER F 371 48.71 -11.51 -29.89
N PHE F 372 47.42 -11.41 -30.23
CA PHE F 372 46.70 -12.56 -30.76
C PHE F 372 47.33 -13.06 -32.04
N VAL F 373 47.63 -12.14 -32.95
CA VAL F 373 48.22 -12.51 -34.23
C VAL F 373 49.62 -13.08 -34.07
N LEU F 374 50.42 -12.48 -33.19
CA LEU F 374 51.77 -12.96 -32.98
C LEU F 374 51.76 -14.37 -32.39
N LEU F 375 50.85 -14.61 -31.46
CA LEU F 375 50.72 -15.94 -30.87
C LEU F 375 50.20 -16.92 -31.89
N SER F 376 49.30 -16.46 -32.76
CA SER F 376 48.78 -17.31 -33.82
C SER F 376 49.89 -17.71 -34.79
N MET F 377 50.76 -16.76 -35.11
CA MET F 377 51.86 -17.04 -36.03
C MET F 377 52.84 -18.03 -35.43
N VAL F 378 53.00 -17.99 -34.12
CA VAL F 378 53.83 -18.97 -33.45
C VAL F 378 53.19 -20.34 -33.54
N GLY F 379 51.88 -20.39 -33.33
CA GLY F 379 51.15 -21.64 -33.44
C GLY F 379 51.27 -22.22 -34.83
N VAL F 380 51.32 -21.35 -35.83
CA VAL F 380 51.50 -21.79 -37.20
C VAL F 380 52.90 -22.36 -37.42
N ALA F 381 53.90 -21.67 -36.88
CA ALA F 381 55.28 -22.13 -37.02
C ALA F 381 55.46 -23.50 -36.39
N VAL F 382 54.79 -23.71 -35.26
CA VAL F 382 54.86 -25.01 -34.59
C VAL F 382 54.11 -26.06 -35.38
N GLY F 383 52.93 -25.69 -35.87
CA GLY F 383 52.13 -26.62 -36.66
C GLY F 383 52.89 -27.07 -37.91
N MET F 384 53.61 -26.14 -38.53
CA MET F 384 54.41 -26.49 -39.70
C MET F 384 55.54 -27.43 -39.32
N CYS F 385 56.12 -27.22 -38.15
CA CYS F 385 57.20 -28.09 -37.70
C CYS F 385 56.70 -29.49 -37.46
N MET F 386 55.51 -29.61 -36.88
CA MET F 386 54.94 -30.92 -36.60
C MET F 386 54.53 -31.62 -37.89
N CYS F 387 54.10 -30.84 -38.88
CA CYS F 387 53.76 -31.42 -40.17
C CYS F 387 55.01 -31.95 -40.85
N ALA F 388 56.08 -31.16 -40.80
CA ALA F 388 57.34 -31.56 -41.39
C ALA F 388 57.89 -32.78 -40.67
N ARG F 389 57.68 -32.82 -39.37
CA ARG F 389 58.16 -33.94 -38.57
C ARG F 389 57.49 -35.25 -38.99
N ARG F 390 56.18 -35.22 -39.16
CA ARG F 390 55.47 -36.43 -39.56
C ARG F 390 55.87 -36.89 -40.95
N ARG F 391 56.06 -35.94 -41.86
CA ARG F 391 56.39 -36.29 -43.24
C ARG F 391 57.79 -36.89 -43.36
N CYS F 392 58.74 -36.36 -42.61
CA CYS F 392 60.11 -36.87 -42.70
C CYS F 392 60.31 -38.16 -41.92
N ILE F 393 59.46 -38.43 -40.94
CA ILE F 393 59.60 -39.64 -40.13
C ILE F 393 58.85 -40.83 -40.70
N THR F 394 57.64 -40.60 -41.20
CA THR F 394 56.78 -41.69 -41.63
C THR F 394 57.49 -42.73 -42.51
N PRO F 395 58.24 -42.34 -43.55
CA PRO F 395 58.89 -43.23 -44.51
C PRO F 395 59.86 -44.18 -43.83
N TYR F 396 60.32 -43.81 -42.63
CA TYR F 396 61.25 -44.66 -41.89
C TYR F 396 60.50 -45.65 -41.02
N GLU F 397 59.38 -45.22 -40.47
CA GLU F 397 58.62 -46.06 -39.55
C GLU F 397 57.90 -47.17 -40.27
N LEU F 398 57.75 -47.04 -41.58
CA LEU F 398 57.08 -48.06 -42.37
C LEU F 398 58.04 -49.10 -42.94
N THR F 399 59.34 -48.94 -42.68
CA THR F 399 60.35 -49.85 -43.20
C THR F 399 60.52 -51.07 -42.27
N PRO F 400 60.40 -52.30 -42.79
CA PRO F 400 60.36 -53.55 -42.04
C PRO F 400 61.62 -53.77 -41.24
N GLY F 401 62.70 -53.15 -41.67
CA GLY F 401 63.98 -53.21 -40.98
C GLY F 401 64.44 -51.80 -40.65
N ALA F 402 63.49 -50.94 -40.32
CA ALA F 402 63.77 -49.53 -40.15
C ALA F 402 64.90 -49.28 -39.18
N THR F 403 65.80 -48.41 -39.62
CA THR F 403 66.86 -47.88 -38.79
C THR F 403 66.86 -46.37 -38.96
N VAL F 404 66.83 -45.63 -37.87
CA VAL F 404 66.76 -44.19 -37.97
C VAL F 404 68.14 -43.57 -37.80
N PRO F 405 68.59 -42.77 -38.77
CA PRO F 405 69.83 -42.02 -38.74
C PRO F 405 69.86 -41.17 -37.49
N PHE F 406 71.03 -41.04 -36.87
CA PHE F 406 71.12 -40.34 -35.62
C PHE F 406 70.59 -38.92 -35.71
N LEU F 407 70.95 -38.23 -36.78
CA LEU F 407 70.54 -36.84 -36.90
C LEU F 407 69.03 -36.72 -36.97
N LEU F 408 68.38 -37.63 -37.69
CA LEU F 408 66.93 -37.60 -37.76
C LEU F 408 66.34 -37.97 -36.42
N SER F 409 66.94 -38.95 -35.76
CA SER F 409 66.45 -39.40 -34.46
C SER F 409 66.53 -38.30 -33.43
N LEU F 410 67.64 -37.55 -33.45
CA LEU F 410 67.86 -36.48 -32.50
C LEU F 410 67.05 -35.24 -32.82
N ILE F 411 66.97 -34.89 -34.10
CA ILE F 411 66.34 -33.64 -34.50
C ILE F 411 64.83 -33.71 -34.55
N CYS F 412 64.29 -34.79 -35.11
CA CYS F 412 62.84 -34.87 -35.27
C CYS F 412 62.18 -35.82 -34.27
N CYS F 413 62.76 -37.01 -34.08
CA CYS F 413 62.19 -38.00 -33.18
C CYS F 413 62.50 -37.66 -31.73
N ASN G 1 30.47 60.33 31.05
CA ASN G 1 30.72 59.78 29.73
C ASN G 1 30.89 60.90 28.70
N PHE G 2 31.06 60.52 27.43
CA PHE G 2 31.23 61.48 26.34
C PHE G 2 30.56 60.98 25.07
N ASN G 3 30.27 61.90 24.15
CA ASN G 3 29.65 61.53 22.90
C ASN G 3 30.65 61.44 21.76
N VAL G 4 31.04 60.22 21.41
CA VAL G 4 31.99 60.02 20.34
C VAL G 4 31.40 60.38 18.99
N TYR G 5 30.07 60.42 18.92
CA TYR G 5 29.38 60.66 17.68
C TYR G 5 29.35 62.13 17.32
N LYS G 6 29.77 62.98 18.24
CA LYS G 6 29.75 64.40 17.95
C LYS G 6 30.80 64.73 16.91
N ALA G 7 31.76 63.84 16.74
CA ALA G 7 32.82 64.03 15.77
C ALA G 7 32.58 63.19 14.53
N ILE G 8 31.43 62.53 14.46
CA ILE G 8 31.13 61.62 13.36
C ILE G 8 29.79 61.97 12.72
N ARG G 9 29.74 62.00 11.39
CA ARG G 9 28.47 62.32 10.74
C ARG G 9 27.91 61.13 9.96
N PRO G 10 26.58 61.09 9.78
CA PRO G 10 25.84 60.26 8.85
C PRO G 10 26.25 60.56 7.43
N TYR G 11 26.11 59.59 6.55
CA TYR G 11 26.52 59.78 5.17
C TYR G 11 25.58 59.10 4.18
N LEU G 12 25.60 59.55 2.94
CA LEU G 12 24.81 58.92 1.89
C LEU G 12 25.67 57.88 1.19
N ALA G 13 25.03 56.81 0.73
CA ALA G 13 25.78 55.75 0.06
C ALA G 13 24.92 55.05 -0.98
N HIS G 14 25.58 54.44 -1.95
CA HIS G 14 24.89 53.71 -3.00
C HIS G 14 24.13 52.51 -2.45
N CYS G 15 22.90 52.33 -2.96
CA CYS G 15 22.03 51.22 -2.59
C CYS G 15 21.42 50.60 -3.84
N PRO G 16 21.61 49.30 -4.06
CA PRO G 16 21.26 48.57 -5.27
C PRO G 16 19.77 48.54 -5.54
N ASP G 17 18.97 48.67 -4.49
CA ASP G 17 17.53 48.61 -4.63
C ASP G 17 16.85 49.45 -3.57
N CYS G 18 16.22 50.54 -3.99
CA CYS G 18 15.58 51.49 -3.08
C CYS G 18 14.08 51.25 -3.01
N GLY G 19 13.66 50.07 -3.47
CA GLY G 19 12.28 49.63 -3.34
C GLY G 19 11.49 49.78 -4.63
N GLU G 20 11.99 50.59 -5.54
CA GLU G 20 11.31 50.85 -6.80
C GLU G 20 11.80 49.91 -7.89
N GLY G 21 12.74 49.05 -7.54
CA GLY G 21 13.32 48.13 -8.52
C GLY G 21 14.56 48.71 -9.18
N HIS G 22 15.02 49.85 -8.66
CA HIS G 22 16.22 50.49 -9.18
C HIS G 22 17.04 51.10 -8.06
N SER G 23 18.32 51.32 -8.34
CA SER G 23 19.26 51.85 -7.36
C SER G 23 19.13 53.35 -7.16
N CYS G 24 19.66 53.83 -6.03
CA CYS G 24 19.75 55.26 -5.73
C CYS G 24 20.79 55.49 -4.64
N HIS G 25 21.08 56.75 -4.37
CA HIS G 25 21.92 57.09 -3.23
C HIS G 25 21.03 57.37 -2.05
N SER G 26 21.19 56.59 -0.98
CA SER G 26 20.25 56.64 0.13
C SER G 26 20.88 57.15 1.41
N PRO G 27 20.08 57.83 2.26
CA PRO G 27 20.38 58.22 3.63
C PRO G 27 20.44 57.00 4.52
N VAL G 28 19.86 55.91 4.05
CA VAL G 28 19.93 54.64 4.74
C VAL G 28 20.45 53.58 3.79
N ALA G 29 21.55 52.95 4.16
CA ALA G 29 22.14 51.93 3.33
C ALA G 29 22.80 50.91 4.22
N LEU G 30 22.88 49.67 3.74
CA LEU G 30 23.44 48.60 4.54
C LEU G 30 24.90 48.38 4.22
N GLU G 31 25.74 48.55 5.23
CA GLU G 31 27.17 48.35 5.05
C GLU G 31 27.55 46.91 5.29
N ARG G 32 27.01 46.34 6.36
CA ARG G 32 27.32 44.96 6.70
C ARG G 32 26.24 44.34 7.57
N ILE G 33 25.94 43.08 7.31
CA ILE G 33 25.01 42.35 8.15
C ILE G 33 25.74 41.24 8.88
N ARG G 34 25.77 41.32 10.19
CA ARG G 34 26.48 40.35 11.01
C ARG G 34 25.52 39.36 11.66
N ASN G 35 25.71 38.08 11.39
CA ASN G 35 24.83 37.04 11.89
C ASN G 35 25.58 35.94 12.64
N GLU G 36 26.63 36.32 13.36
CA GLU G 36 27.42 35.34 14.10
C GLU G 36 26.65 34.73 15.26
N ALA G 37 25.75 35.50 15.86
CA ALA G 37 25.00 35.01 17.00
C ALA G 37 24.17 33.81 16.60
N THR G 38 24.22 32.76 17.42
CA THR G 38 23.52 31.53 17.10
C THR G 38 22.04 31.61 17.47
N ASP G 39 21.67 32.63 18.24
CA ASP G 39 20.27 32.77 18.63
C ASP G 39 19.46 33.44 17.52
N GLY G 40 20.12 33.76 16.41
CA GLY G 40 19.44 34.29 15.24
C GLY G 40 19.37 35.81 15.21
N THR G 41 19.90 36.47 16.24
CA THR G 41 19.88 37.92 16.27
C THR G 41 20.82 38.49 15.23
N LEU G 42 20.37 39.50 14.48
CA LEU G 42 21.21 40.14 13.50
C LEU G 42 21.72 41.48 13.99
N LYS G 43 22.95 41.81 13.61
CA LYS G 43 23.47 43.16 13.80
C LYS G 43 23.66 43.82 12.46
N ILE G 44 22.93 44.90 12.23
CA ILE G 44 22.94 45.55 10.94
C ILE G 44 23.65 46.89 11.01
N GLN G 45 24.68 47.07 10.19
CA GLN G 45 25.39 48.34 10.15
C GLN G 45 24.83 49.23 9.04
N VAL G 46 24.38 50.41 9.42
CA VAL G 46 23.73 51.33 8.48
C VAL G 46 24.41 52.69 8.47
N SER G 47 24.11 53.47 7.44
CA SER G 47 24.66 54.82 7.28
C SER G 47 23.97 55.83 8.21
N LEU G 48 22.87 55.42 8.83
CA LEU G 48 22.13 56.25 9.77
C LEU G 48 22.80 56.26 11.13
N GLN G 49 22.56 57.30 11.91
CA GLN G 49 22.98 57.28 13.30
C GLN G 49 21.77 57.38 14.21
N ILE G 50 21.54 56.33 14.99
CA ILE G 50 20.33 56.23 15.80
C ILE G 50 20.60 56.54 17.27
N GLY G 51 19.77 57.39 17.85
CA GLY G 51 19.91 57.77 19.24
C GLY G 51 20.67 59.08 19.36
N ILE G 52 21.20 59.55 18.25
CA ILE G 52 21.95 60.79 18.24
C ILE G 52 21.21 61.86 17.45
N LYS G 53 21.03 63.02 18.05
CA LYS G 53 20.34 64.14 17.42
C LYS G 53 21.33 65.02 16.66
N THR G 54 20.80 65.92 15.84
CA THR G 54 21.66 66.83 15.08
C THR G 54 22.40 67.81 15.99
N ASP G 55 21.95 67.92 17.24
CA ASP G 55 22.62 68.77 18.22
C ASP G 55 23.64 67.97 19.02
N ASP G 56 23.89 66.72 18.59
CA ASP G 56 24.87 65.83 19.18
C ASP G 56 24.54 65.34 20.58
N SER G 57 23.30 65.54 21.02
CA SER G 57 22.89 64.96 22.29
C SER G 57 22.36 63.55 22.09
N HIS G 58 22.26 62.80 23.19
CA HIS G 58 21.68 61.47 23.13
C HIS G 58 20.19 61.50 23.42
N ASP G 59 19.43 60.93 22.51
CA ASP G 59 17.99 60.83 22.67
C ASP G 59 17.49 59.58 21.95
N TRP G 60 17.12 58.58 22.73
CA TRP G 60 16.82 57.27 22.17
C TRP G 60 15.59 57.28 21.28
N THR G 61 14.82 58.37 21.30
CA THR G 61 13.60 58.45 20.51
C THR G 61 13.87 59.09 19.14
N LYS G 62 15.10 59.54 18.91
CA LYS G 62 15.44 60.22 17.67
C LYS G 62 16.59 59.56 16.91
N LEU G 63 16.56 59.67 15.58
CA LEU G 63 17.70 59.30 14.76
C LEU G 63 18.09 60.47 13.90
N ARG G 64 19.34 60.51 13.46
CA ARG G 64 19.76 61.55 12.53
C ARG G 64 20.31 60.94 11.25
N TYR G 65 19.99 61.57 10.14
CA TYR G 65 20.36 61.07 8.82
C TYR G 65 20.92 62.18 7.97
N MET G 66 21.72 61.82 6.98
CA MET G 66 22.24 62.81 6.07
C MET G 66 21.20 63.19 5.04
N ASP G 67 21.10 64.47 4.74
CA ASP G 67 20.15 64.97 3.76
C ASP G 67 20.89 65.52 2.55
N ASN G 68 21.26 66.79 2.59
CA ASN G 68 22.05 67.39 1.52
C ASN G 68 23.16 68.26 2.09
N HIS G 69 24.29 67.63 2.38
CA HIS G 69 25.43 68.27 3.03
C HIS G 69 25.15 68.61 4.48
N MET G 70 23.98 68.21 4.97
CA MET G 70 23.60 68.45 6.34
C MET G 70 22.82 67.26 6.90
N PRO G 71 23.01 66.94 8.18
CA PRO G 71 22.26 65.96 8.94
C PRO G 71 20.87 66.49 9.28
N ALA G 72 19.94 65.59 9.52
CA ALA G 72 18.58 65.97 9.91
C ALA G 72 18.01 64.95 10.86
N ASP G 73 17.08 65.39 11.72
CA ASP G 73 16.47 64.50 12.70
C ASP G 73 15.22 63.81 12.15
N ALA G 74 14.91 62.64 12.70
CA ALA G 74 13.69 61.91 12.38
C ALA G 74 13.29 61.05 13.56
N GLU G 75 12.02 60.67 13.62
CA GLU G 75 11.54 59.85 14.73
C GLU G 75 12.09 58.44 14.65
N ARG G 76 12.53 57.91 15.78
CA ARG G 76 13.06 56.56 15.84
C ARG G 76 11.94 55.54 15.69
N ALA G 77 10.74 55.94 16.05
CA ALA G 77 9.58 55.08 15.98
C ALA G 77 9.25 54.71 14.54
N ARG G 78 9.76 55.48 13.60
CA ARG G 78 9.45 55.26 12.19
C ARG G 78 10.48 54.37 11.52
N LEU G 79 11.48 53.94 12.28
CA LEU G 79 12.52 53.05 11.76
C LEU G 79 11.98 51.63 11.65
N PHE G 80 12.21 50.98 10.53
CA PHE G 80 11.77 49.59 10.40
C PHE G 80 12.84 48.70 9.79
N VAL G 81 12.80 47.44 10.18
CA VAL G 81 13.63 46.40 9.59
C VAL G 81 12.74 45.23 9.22
N ARG G 82 12.86 44.73 8.00
CA ARG G 82 12.08 43.57 7.60
C ARG G 82 12.82 42.67 6.63
N THR G 83 12.45 41.40 6.62
CA THR G 83 12.98 40.45 5.65
C THR G 83 11.84 39.92 4.80
N SER G 84 11.32 38.77 5.16
CA SER G 84 10.13 38.22 4.54
C SER G 84 8.92 38.77 5.27
N ALA G 85 9.18 39.34 6.42
CA ALA G 85 8.18 39.90 7.31
C ALA G 85 8.88 40.87 8.27
N PRO G 86 8.16 41.79 8.91
CA PRO G 86 8.68 42.78 9.85
C PRO G 86 9.48 42.12 10.97
N CYS G 87 10.62 42.72 11.28
CA CYS G 87 11.53 42.24 12.31
C CYS G 87 11.30 43.00 13.62
N THR G 88 11.62 42.36 14.73
CA THR G 88 11.58 43.06 16.01
C THR G 88 12.96 43.63 16.31
N ILE G 89 13.02 44.93 16.57
CA ILE G 89 14.28 45.57 16.89
C ILE G 89 14.53 45.48 18.39
N THR G 90 15.67 44.90 18.75
CA THR G 90 15.98 44.67 20.16
C THR G 90 16.85 45.77 20.73
N GLY G 91 17.34 46.64 19.86
CA GLY G 91 18.08 47.80 20.32
C GLY G 91 18.84 48.47 19.21
N THR G 92 19.13 49.76 19.39
CA THR G 92 19.85 50.53 18.40
C THR G 92 20.84 51.48 19.06
N MET G 93 21.92 51.76 18.35
CA MET G 93 22.88 52.77 18.80
C MET G 93 23.82 53.13 17.67
N GLY G 94 23.85 54.41 17.32
CA GLY G 94 24.76 54.85 16.27
C GLY G 94 24.42 54.18 14.96
N HIS G 95 25.39 53.53 14.36
CA HIS G 95 25.23 52.91 13.07
C HIS G 95 24.78 51.46 13.15
N PHE G 96 24.52 50.97 14.36
CA PHE G 96 24.22 49.55 14.49
C PHE G 96 22.82 49.26 15.03
N ILE G 97 22.12 48.35 14.35
CA ILE G 97 20.79 47.93 14.74
C ILE G 97 20.75 46.44 15.08
N LEU G 98 20.19 46.11 16.24
CA LEU G 98 19.95 44.71 16.59
C LEU G 98 18.51 44.35 16.32
N ALA G 99 18.29 43.27 15.59
CA ALA G 99 16.93 42.84 15.29
C ALA G 99 16.81 41.33 15.19
N ARG G 100 15.62 40.83 15.51
CA ARG G 100 15.32 39.42 15.37
C ARG G 100 14.36 39.21 14.21
N CYS G 101 14.89 38.80 13.07
CA CYS G 101 14.13 38.70 11.82
C CYS G 101 13.64 37.28 11.55
N PRO G 102 12.44 37.15 10.98
CA PRO G 102 11.88 35.97 10.34
C PRO G 102 12.72 35.52 9.16
N LYS G 103 12.71 34.22 8.92
CA LYS G 103 13.45 33.62 7.82
C LYS G 103 13.07 34.28 6.50
N GLY G 104 14.09 34.59 5.70
CA GLY G 104 13.86 35.25 4.41
C GLY G 104 15.16 35.34 3.61
N GLU G 105 15.04 35.80 2.36
CA GLU G 105 16.18 35.85 1.46
C GLU G 105 16.71 37.27 1.23
N THR G 106 15.99 38.25 1.75
CA THR G 106 16.39 39.65 1.60
C THR G 106 16.27 40.38 2.91
N LEU G 107 16.96 41.51 3.03
CA LEU G 107 16.82 42.36 4.21
C LEU G 107 16.60 43.81 3.81
N THR G 108 15.54 44.42 4.33
CA THR G 108 15.23 45.80 4.02
C THR G 108 15.18 46.67 5.26
N VAL G 109 15.87 47.78 5.22
CA VAL G 109 15.87 48.74 6.31
C VAL G 109 15.48 50.11 5.80
N GLY G 110 14.64 50.82 6.54
CA GLY G 110 14.23 52.14 6.10
C GLY G 110 13.61 52.96 7.21
N PHE G 111 13.30 54.21 6.90
CA PHE G 111 12.76 55.15 7.87
C PHE G 111 11.95 56.23 7.18
N THR G 112 11.18 56.98 7.95
CA THR G 112 10.42 58.09 7.40
C THR G 112 11.18 59.40 7.57
N ASP G 113 11.33 60.12 6.47
CA ASP G 113 12.02 61.40 6.45
C ASP G 113 11.27 62.45 7.26
N GLY G 114 11.98 63.47 7.69
CA GLY G 114 11.34 64.57 8.41
C GLY G 114 10.33 65.27 7.50
N ARG G 115 10.48 65.05 6.21
CA ARG G 115 9.57 65.59 5.20
C ARG G 115 8.47 64.60 4.84
N LYS G 116 8.37 63.54 5.63
CA LYS G 116 7.38 62.48 5.43
C LYS G 116 7.57 61.75 4.10
N ILE G 117 8.83 61.52 3.76
CA ILE G 117 9.18 60.74 2.58
C ILE G 117 9.82 59.44 3.00
N SER G 118 9.33 58.32 2.49
CA SER G 118 9.88 57.04 2.89
C SER G 118 11.22 56.77 2.21
N HIS G 119 12.17 56.28 2.98
CA HIS G 119 13.46 55.85 2.44
C HIS G 119 13.72 54.41 2.87
N SER G 120 14.18 53.60 1.94
CA SER G 120 14.51 52.22 2.27
C SER G 120 15.66 51.71 1.42
N CYS G 121 16.36 50.69 1.91
CA CYS G 121 17.43 50.04 1.16
C CYS G 121 17.35 48.54 1.34
N THR G 122 17.37 47.82 0.23
CA THR G 122 17.26 46.37 0.26
C THR G 122 18.51 45.70 -0.30
N HIS G 123 19.03 44.75 0.45
CA HIS G 123 20.13 43.92 0.00
C HIS G 123 19.73 42.46 0.07
N PRO G 124 20.27 41.62 -0.80
CA PRO G 124 20.16 40.18 -0.76
C PRO G 124 20.84 39.69 0.50
N PHE G 125 20.18 38.79 1.21
CA PHE G 125 20.75 38.25 2.43
C PHE G 125 20.06 36.97 2.83
N HIS G 126 20.81 35.90 2.91
CA HIS G 126 20.22 34.63 3.26
C HIS G 126 20.12 34.52 4.77
N HIS G 127 18.90 34.59 5.28
CA HIS G 127 18.69 34.55 6.71
C HIS G 127 17.95 33.29 7.10
N ASP G 128 18.69 32.36 7.66
CA ASP G 128 18.16 31.06 8.05
C ASP G 128 18.95 30.53 9.23
N PRO G 129 18.62 30.99 10.44
CA PRO G 129 19.37 30.80 11.66
C PRO G 129 19.65 29.33 11.87
N PRO G 130 20.80 29.01 12.45
CA PRO G 130 21.27 27.67 12.73
C PRO G 130 20.38 27.05 13.79
N VAL G 131 20.28 25.74 13.76
CA VAL G 131 19.44 25.05 14.72
C VAL G 131 20.16 24.88 16.04
N ILE G 132 19.50 25.28 17.12
CA ILE G 132 20.03 25.05 18.45
C ILE G 132 19.36 23.82 19.01
N GLY G 133 20.15 22.81 19.31
CA GLY G 133 19.59 21.55 19.76
C GLY G 133 19.23 20.66 18.58
N ARG G 134 18.41 19.66 18.85
CA ARG G 134 18.09 18.63 17.87
C ARG G 134 16.67 18.78 17.33
N GLU G 135 16.04 19.91 17.60
CA GLU G 135 14.69 20.18 17.13
C GLU G 135 14.63 21.52 16.42
N LYS G 136 13.84 21.60 15.35
CA LYS G 136 13.67 22.85 14.64
C LYS G 136 12.39 23.53 15.07
N PHE G 137 12.50 24.55 15.91
CA PHE G 137 11.32 25.21 16.46
C PHE G 137 11.26 26.66 16.02
N HIS G 138 10.05 27.21 16.00
CA HIS G 138 9.85 28.55 15.48
C HIS G 138 9.69 29.59 16.58
N SER G 139 9.45 29.13 17.80
CA SER G 139 9.33 30.02 18.94
C SER G 139 9.72 29.28 20.21
N ARG G 140 10.14 30.02 21.23
CA ARG G 140 10.51 29.39 22.49
C ARG G 140 9.26 28.98 23.29
N PRO G 141 9.27 27.77 23.86
CA PRO G 141 8.27 27.18 24.72
C PRO G 141 8.35 27.67 26.15
N GLN G 142 7.30 27.41 26.93
CA GLN G 142 7.34 27.65 28.36
C GLN G 142 8.11 26.55 29.09
N HIS G 143 8.09 25.36 28.51
CA HIS G 143 8.76 24.20 29.09
C HIS G 143 9.80 23.67 28.12
N GLY G 144 10.99 23.37 28.61
CA GLY G 144 12.04 22.89 27.73
C GLY G 144 13.40 22.81 28.40
N ARG G 145 14.42 22.66 27.57
CA ARG G 145 15.79 22.48 27.99
C ARG G 145 16.61 23.73 27.71
N GLU G 146 17.62 23.99 28.54
CA GLU G 146 18.49 25.13 28.32
C GLU G 146 19.81 24.73 27.67
N LEU G 147 20.07 25.23 26.47
CA LEU G 147 21.30 24.94 25.76
C LEU G 147 22.09 26.23 25.51
N PRO G 148 23.42 26.16 25.50
CA PRO G 148 24.32 27.27 25.27
C PRO G 148 24.17 27.82 23.86
N CYS G 149 24.20 29.15 23.75
CA CYS G 149 24.09 29.85 22.48
C CYS G 149 24.70 31.24 22.59
N SER G 150 24.87 31.91 21.46
CA SER G 150 25.43 33.26 21.47
C SER G 150 24.39 34.29 21.08
N THR G 151 24.49 35.47 21.68
CA THR G 151 23.60 36.58 21.39
C THR G 151 24.37 37.88 21.29
N TYR G 152 23.72 38.92 20.80
CA TYR G 152 24.31 40.24 20.84
C TYR G 152 23.77 40.97 22.06
N ALA G 153 24.66 41.32 22.98
CA ALA G 153 24.24 41.93 24.22
C ALA G 153 23.61 43.28 23.98
N GLN G 154 22.58 43.60 24.75
CA GLN G 154 21.96 44.91 24.65
C GLN G 154 22.75 45.89 25.50
N SER G 155 23.98 46.13 25.08
CA SER G 155 24.90 46.98 25.79
C SER G 155 25.64 47.90 24.85
N THR G 156 25.68 49.17 25.18
CA THR G 156 26.33 50.17 24.35
C THR G 156 27.70 50.52 24.92
N ALA G 157 28.10 49.78 25.93
CA ALA G 157 29.38 50.01 26.58
C ALA G 157 30.51 49.71 25.61
N ALA G 158 31.62 50.42 25.75
CA ALA G 158 32.75 50.21 24.88
C ALA G 158 33.25 48.78 24.99
N THR G 159 33.55 48.18 23.85
CA THR G 159 34.04 46.82 23.79
C THR G 159 35.20 46.68 22.82
N ALA G 160 35.69 45.45 22.68
CA ALA G 160 36.86 45.16 21.86
C ALA G 160 36.62 45.48 20.40
N GLU G 161 35.37 45.43 19.97
CA GLU G 161 35.03 45.69 18.58
C GLU G 161 35.33 47.13 18.20
N GLU G 162 35.94 47.32 17.03
CA GLU G 162 36.32 48.65 16.56
C GLU G 162 35.85 48.91 15.14
N ILE G 163 35.44 50.14 14.87
CA ILE G 163 35.13 50.55 13.51
C ILE G 163 36.11 51.64 13.07
N GLU G 164 36.64 51.49 11.87
CA GLU G 164 37.54 52.49 11.33
C GLU G 164 36.76 53.69 10.80
N VAL G 165 37.25 54.87 11.12
CA VAL G 165 36.63 56.10 10.62
C VAL G 165 37.68 57.01 10.00
N HIS G 166 37.27 57.87 9.08
CA HIS G 166 38.21 58.79 8.46
C HIS G 166 37.54 60.03 7.91
N MET G 167 38.35 61.02 7.59
CA MET G 167 37.90 62.26 7.00
C MET G 167 37.27 61.98 5.63
N PRO G 168 36.05 62.47 5.38
CA PRO G 168 35.25 62.24 4.20
C PRO G 168 35.87 62.91 2.98
N PRO G 169 35.54 62.42 1.79
CA PRO G 169 35.89 62.93 0.48
C PRO G 169 35.11 64.18 0.16
N ASP G 170 35.60 64.95 -0.81
CA ASP G 170 34.82 66.08 -1.29
C ASP G 170 33.51 65.59 -1.88
N THR G 171 32.42 66.26 -1.55
CA THR G 171 31.11 65.86 -2.04
C THR G 171 30.63 66.76 -3.16
N PRO G 172 30.55 66.26 -4.40
CA PRO G 172 30.21 66.99 -5.60
C PRO G 172 28.77 67.40 -5.55
N ASP G 173 28.45 68.57 -6.08
CA ASP G 173 27.08 69.03 -6.08
C ASP G 173 26.79 69.99 -7.23
N ARG G 174 25.97 69.53 -8.16
CA ARG G 174 25.65 70.30 -9.37
C ARG G 174 24.82 71.54 -9.07
N THR G 175 24.22 71.60 -7.88
CA THR G 175 23.34 72.72 -7.56
C THR G 175 24.11 73.89 -6.96
N LEU G 176 25.42 73.71 -6.77
CA LEU G 176 26.25 74.79 -6.28
C LEU G 176 26.48 75.84 -7.36
N MET G 177 26.52 75.41 -8.61
CA MET G 177 26.88 76.29 -9.71
C MET G 177 25.66 76.74 -10.51
N SER G 178 25.63 78.03 -10.83
CA SER G 178 24.59 78.60 -11.69
C SER G 178 25.18 79.55 -12.72
N GLN G 179 24.84 79.32 -13.99
CA GLN G 179 25.40 80.12 -15.08
C GLN G 179 24.59 81.37 -15.36
N GLN G 180 25.19 82.52 -15.11
CA GLN G 180 24.52 83.80 -15.33
C GLN G 180 25.19 84.59 -16.45
N SER G 181 24.57 84.58 -17.62
CA SER G 181 25.10 85.31 -18.77
C SER G 181 26.57 85.03 -19.03
N GLY G 182 26.96 83.76 -18.93
CA GLY G 182 28.34 83.35 -19.21
C GLY G 182 29.21 83.41 -17.98
N ASN G 183 28.63 83.82 -16.85
CA ASN G 183 29.36 83.91 -15.60
C ASN G 183 28.78 82.97 -14.55
N VAL G 184 29.55 81.97 -14.16
CA VAL G 184 29.07 80.97 -13.22
C VAL G 184 29.26 81.40 -11.78
N LYS G 185 28.16 81.43 -11.04
CA LYS G 185 28.18 81.78 -9.63
C LYS G 185 28.14 80.51 -8.79
N ILE G 186 29.04 80.42 -7.83
CA ILE G 186 29.08 79.24 -6.97
C ILE G 186 28.58 79.56 -5.57
N THR G 187 27.48 78.93 -5.17
CA THR G 187 26.88 79.16 -3.88
C THR G 187 27.67 78.45 -2.79
N VAL G 188 27.93 79.15 -1.70
CA VAL G 188 28.74 78.59 -0.62
C VAL G 188 27.89 77.96 0.48
N ASN G 189 26.82 78.65 0.88
CA ASN G 189 25.95 78.15 1.94
C ASN G 189 26.71 77.84 3.22
N SER G 190 27.66 78.70 3.55
CA SER G 190 28.46 78.57 4.77
C SER G 190 29.23 77.25 4.85
N GLN G 191 29.57 76.68 3.70
CA GLN G 191 30.43 75.51 3.66
C GLN G 191 31.57 75.73 2.68
N THR G 192 32.73 75.21 2.99
CA THR G 192 33.87 75.39 2.10
C THR G 192 33.67 74.65 0.78
N VAL G 193 33.87 75.35 -0.33
CA VAL G 193 33.66 74.75 -1.63
C VAL G 193 34.90 74.77 -2.52
N ARG G 194 35.18 73.63 -3.13
CA ARG G 194 36.26 73.50 -4.08
C ARG G 194 35.69 73.30 -5.47
N TYR G 195 36.24 74.00 -6.46
CA TYR G 195 35.72 73.82 -7.81
C TYR G 195 36.73 74.09 -8.89
N LYS G 196 36.46 73.55 -10.08
CA LYS G 196 37.27 73.75 -11.27
C LYS G 196 36.40 73.92 -12.50
N CYS G 197 36.96 74.55 -13.54
CA CYS G 197 36.27 74.76 -14.81
C CYS G 197 37.25 74.66 -15.97
N ASN G 198 36.73 74.60 -17.18
CA ASN G 198 37.59 74.53 -18.36
C ASN G 198 37.94 75.91 -18.95
N CYS G 199 37.55 76.99 -18.26
CA CYS G 199 37.79 78.34 -18.73
C CYS G 199 38.86 79.05 -17.90
N GLY G 200 39.95 79.43 -18.55
CA GLY G 200 41.02 80.21 -17.92
C GLY G 200 41.60 79.47 -16.73
N ASP G 201 41.96 80.23 -15.69
CA ASP G 201 42.47 79.64 -14.46
C ASP G 201 41.32 79.44 -13.50
N SER G 202 40.85 78.22 -13.41
CA SER G 202 39.66 77.90 -12.65
C SER G 202 40.00 77.17 -11.36
N ASN G 203 41.28 77.13 -11.02
CA ASN G 203 41.70 76.31 -9.89
C ASN G 203 41.43 77.00 -8.57
N GLU G 204 40.16 77.19 -8.26
CA GLU G 204 39.75 77.80 -7.02
C GLU G 204 39.62 76.72 -5.98
N GLY G 205 40.75 76.33 -5.41
CA GLY G 205 40.81 75.18 -4.54
C GLY G 205 39.89 75.32 -3.35
N LEU G 206 39.74 76.54 -2.84
CA LEU G 206 38.87 76.75 -1.68
C LEU G 206 38.16 78.09 -1.71
N THR G 207 36.84 78.04 -1.62
CA THR G 207 36.03 79.22 -1.39
C THR G 207 35.30 79.05 -0.06
N THR G 208 35.45 80.01 0.84
CA THR G 208 34.87 79.87 2.16
C THR G 208 33.65 80.74 2.34
N THR G 209 33.53 81.75 1.49
CA THR G 209 32.41 82.67 1.57
C THR G 209 32.19 83.36 0.25
N ASP G 210 30.95 83.80 0.03
CA ASP G 210 30.59 84.57 -1.14
C ASP G 210 30.67 83.74 -2.40
N LYS G 211 30.04 84.22 -3.46
CA LYS G 211 30.01 83.49 -4.71
C LYS G 211 31.12 83.96 -5.62
N VAL G 212 32.15 83.14 -5.75
CA VAL G 212 33.26 83.48 -6.63
C VAL G 212 32.85 83.16 -8.06
N ILE G 213 33.03 84.13 -8.94
CA ILE G 213 32.48 84.01 -10.28
C ILE G 213 33.52 83.77 -11.35
N ASN G 214 33.29 82.74 -12.15
CA ASN G 214 34.13 82.44 -13.30
C ASN G 214 33.39 82.74 -14.59
N ASN G 215 34.03 83.45 -15.50
CA ASN G 215 33.40 83.77 -16.77
C ASN G 215 33.45 82.55 -17.69
N CYS G 216 32.56 81.59 -17.42
CA CYS G 216 32.55 80.28 -18.05
C CYS G 216 31.13 79.72 -18.10
N LYS G 217 30.98 78.53 -18.66
CA LYS G 217 29.69 77.86 -18.69
C LYS G 217 29.61 76.81 -17.58
N VAL G 218 28.41 76.59 -17.05
CA VAL G 218 28.24 75.64 -15.95
C VAL G 218 28.53 74.20 -16.36
N ASP G 219 28.29 73.87 -17.61
CA ASP G 219 28.52 72.51 -18.07
C ASP G 219 30.01 72.23 -18.15
N GLN G 220 30.80 73.28 -18.07
CA GLN G 220 32.26 73.17 -18.10
C GLN G 220 32.88 73.29 -16.70
N CYS G 221 32.05 73.29 -15.66
CA CYS G 221 32.50 73.45 -14.27
C CYS G 221 32.11 72.27 -13.39
N HIS G 222 32.93 72.03 -12.37
CA HIS G 222 32.70 71.01 -11.36
C HIS G 222 32.93 71.59 -9.98
N ALA G 223 32.09 71.24 -9.02
CA ALA G 223 32.23 71.79 -7.69
C ALA G 223 31.84 70.78 -6.62
N ALA G 224 32.48 70.88 -5.47
CA ALA G 224 32.20 69.98 -4.36
C ALA G 224 32.38 70.66 -3.02
N VAL G 225 31.67 70.17 -2.02
CA VAL G 225 31.80 70.68 -0.66
C VAL G 225 32.87 69.94 0.11
N THR G 226 33.76 70.70 0.73
CA THR G 226 34.85 70.13 1.52
C THR G 226 34.57 70.22 3.00
N ASN G 227 34.67 69.08 3.69
CA ASN G 227 34.39 69.02 5.11
C ASN G 227 35.44 68.23 5.85
N HIS G 228 36.31 68.93 6.58
CA HIS G 228 37.39 68.29 7.30
C HIS G 228 37.14 68.31 8.80
N LYS G 229 35.91 68.62 9.19
CA LYS G 229 35.58 68.80 10.59
C LYS G 229 35.01 67.55 11.25
N LYS G 230 34.51 66.62 10.45
CA LYS G 230 33.88 65.42 10.99
C LYS G 230 34.33 64.15 10.30
N TRP G 231 34.35 63.05 11.05
CA TRP G 231 34.66 61.73 10.55
C TRP G 231 33.44 61.03 9.99
N GLN G 232 33.67 60.07 9.09
CA GLN G 232 32.61 59.16 8.66
C GLN G 232 33.17 57.75 8.60
N TYR G 233 32.29 56.76 8.67
CA TYR G 233 32.73 55.37 8.65
C TYR G 233 33.50 55.03 7.38
N ASN G 234 34.49 54.16 7.52
CA ASN G 234 35.32 53.76 6.41
C ASN G 234 34.58 52.77 5.53
N SER G 235 33.53 53.26 4.89
CA SER G 235 32.66 52.45 4.06
C SER G 235 33.19 52.30 2.64
N PRO G 236 33.08 51.10 2.07
CA PRO G 236 33.48 50.75 0.72
C PRO G 236 32.56 51.39 -0.32
N LEU G 237 31.45 51.96 0.15
CA LEU G 237 30.47 52.56 -0.74
C LEU G 237 30.71 54.05 -0.95
N VAL G 238 31.75 54.58 -0.33
CA VAL G 238 32.12 55.97 -0.54
C VAL G 238 33.61 56.05 -0.84
N PRO G 239 34.04 56.99 -1.67
CA PRO G 239 35.40 57.18 -2.10
C PRO G 239 36.30 57.66 -0.97
N ARG G 240 37.57 57.29 -1.04
CA ARG G 240 38.60 57.72 -0.11
C ARG G 240 38.97 59.16 -0.37
N ASN G 241 39.31 59.90 0.68
CA ASN G 241 39.65 61.31 0.50
C ASN G 241 40.81 61.50 -0.47
N ALA G 242 41.92 60.81 -0.24
CA ALA G 242 43.06 60.90 -1.13
C ALA G 242 44.02 59.73 -0.96
N GLU G 243 44.72 59.38 -2.03
CA GLU G 243 45.83 58.43 -1.99
C GLU G 243 45.61 57.36 -0.94
N LEU G 244 46.56 57.27 -0.01
CA LEU G 244 46.38 56.45 1.16
C LEU G 244 45.79 57.32 2.23
N GLY G 245 44.62 56.96 2.72
CA GLY G 245 43.93 57.85 3.63
C GLY G 245 44.84 58.21 4.77
N ASP G 246 45.33 57.21 5.48
CA ASP G 246 46.24 57.43 6.59
C ASP G 246 45.68 58.49 7.52
N ARG G 247 44.37 58.46 7.66
CA ARG G 247 43.63 59.39 8.49
C ARG G 247 42.71 58.59 9.38
N LYS G 248 43.18 57.41 9.75
CA LYS G 248 42.35 56.45 10.46
C LYS G 248 42.13 56.84 11.91
N GLY G 249 40.90 56.69 12.34
CA GLY G 249 40.56 56.78 13.75
C GLY G 249 39.84 55.50 14.13
N LYS G 250 39.51 55.34 15.40
CA LYS G 250 38.78 54.16 15.81
C LYS G 250 37.67 54.51 16.78
N VAL G 251 36.53 53.88 16.58
CA VAL G 251 35.38 54.07 17.43
C VAL G 251 34.87 52.73 17.92
N HIS G 252 34.47 52.65 19.18
CA HIS G 252 33.97 51.39 19.70
C HIS G 252 32.62 51.04 19.11
N ILE G 253 32.41 49.77 18.82
CA ILE G 253 31.15 49.28 18.29
C ILE G 253 30.30 48.68 19.41
N PRO G 254 29.07 49.15 19.60
CA PRO G 254 28.15 48.74 20.64
C PRO G 254 27.62 47.35 20.36
N PHE G 255 27.07 46.72 21.39
CA PHE G 255 26.45 45.40 21.26
C PHE G 255 27.46 44.29 20.96
N PRO G 256 28.26 43.90 21.96
CA PRO G 256 29.22 42.81 21.92
C PRO G 256 28.52 41.47 21.90
N LEU G 257 29.17 40.47 21.33
CA LEU G 257 28.64 39.11 21.34
C LEU G 257 28.81 38.51 22.74
N ALA G 258 27.84 37.74 23.19
CA ALA G 258 27.88 37.21 24.56
C ALA G 258 27.35 35.78 24.66
N ASN G 259 27.78 35.08 25.69
CA ASN G 259 27.36 33.71 25.96
C ASN G 259 26.12 33.66 26.83
N VAL G 260 25.03 33.16 26.26
CA VAL G 260 23.76 33.03 26.97
C VAL G 260 23.18 31.65 26.73
N THR G 261 22.14 31.30 27.47
CA THR G 261 21.46 30.03 27.22
C THR G 261 20.12 30.25 26.54
N CYS G 262 19.83 29.43 25.53
CA CYS G 262 18.59 29.47 24.79
C CYS G 262 17.67 28.35 25.23
N ARG G 263 16.38 28.64 25.31
CA ARG G 263 15.39 27.63 25.65
C ARG G 263 14.97 26.86 24.42
N VAL G 264 15.00 25.54 24.51
CA VAL G 264 14.55 24.70 23.40
C VAL G 264 13.51 23.71 23.90
N PRO G 265 12.54 23.35 23.07
CA PRO G 265 11.45 22.44 23.35
C PRO G 265 11.93 21.01 23.48
N LYS G 266 11.13 20.21 24.16
CA LYS G 266 11.37 18.79 24.24
C LYS G 266 10.21 18.04 23.60
N ALA G 267 10.52 17.23 22.60
CA ALA G 267 9.52 16.53 21.81
C ALA G 267 8.66 15.62 22.68
N ARG G 268 7.41 15.47 22.30
CA ARG G 268 6.44 14.66 23.03
C ARG G 268 6.91 13.23 23.18
N ASN G 269 6.63 12.63 24.32
CA ASN G 269 7.01 11.24 24.55
C ASN G 269 6.42 10.36 23.45
N PRO G 270 7.26 9.55 22.79
CA PRO G 270 6.89 8.52 21.85
C PRO G 270 6.03 7.46 22.50
N THR G 271 5.12 6.88 21.74
CA THR G 271 4.38 5.74 22.22
C THR G 271 5.21 4.51 21.90
N VAL G 272 5.53 3.72 22.91
CA VAL G 272 6.45 2.62 22.69
C VAL G 272 5.84 1.27 22.98
N THR G 273 5.94 0.39 22.01
CA THR G 273 5.51 -0.99 22.17
C THR G 273 6.69 -1.90 21.84
N TYR G 274 6.64 -3.13 22.30
CA TYR G 274 7.80 -4.00 22.13
C TYR G 274 7.48 -5.28 21.37
N GLY G 275 8.44 -5.75 20.60
CA GLY G 275 8.37 -7.03 19.92
C GLY G 275 9.63 -7.82 20.19
N LYS G 276 9.81 -8.93 19.49
CA LYS G 276 10.99 -9.74 19.74
C LYS G 276 12.23 -9.05 19.20
N ASN G 277 13.12 -8.68 20.11
CA ASN G 277 14.32 -7.93 19.76
C ASN G 277 13.96 -6.69 18.96
N GLN G 278 12.85 -6.06 19.31
CA GLN G 278 12.40 -4.91 18.54
C GLN G 278 11.70 -3.87 19.41
N VAL G 279 11.95 -2.60 19.11
CA VAL G 279 11.24 -1.51 19.74
C VAL G 279 10.48 -0.71 18.70
N ILE G 280 9.17 -0.57 18.91
CA ILE G 280 8.35 0.14 17.96
C ILE G 280 7.92 1.46 18.54
N MET G 281 8.32 2.55 17.89
CA MET G 281 7.98 3.87 18.39
C MET G 281 7.05 4.61 17.46
N LEU G 282 6.01 5.20 18.02
CA LEU G 282 5.14 6.09 17.26
C LEU G 282 5.45 7.51 17.69
N LEU G 283 5.96 8.30 16.76
CA LEU G 283 6.45 9.63 17.07
C LEU G 283 5.43 10.70 16.77
N TYR G 284 5.38 11.72 17.62
CA TYR G 284 4.42 12.82 17.47
C TYR G 284 5.10 14.18 17.51
N PRO G 285 5.83 14.56 16.46
CA PRO G 285 6.52 15.81 16.34
C PRO G 285 5.55 16.97 16.20
N ASP G 286 5.88 18.11 16.79
CA ASP G 286 5.14 19.34 16.55
C ASP G 286 5.81 20.10 15.42
N HIS G 287 7.11 19.88 15.32
CA HIS G 287 7.99 20.52 14.36
C HIS G 287 9.11 19.54 14.08
N PRO G 288 9.86 19.69 12.98
CA PRO G 288 10.85 18.74 12.53
C PRO G 288 11.78 18.40 13.68
N THR G 289 11.90 17.12 13.94
CA THR G 289 12.66 16.63 15.08
C THR G 289 13.64 15.55 14.65
N LEU G 290 14.88 15.66 15.13
CA LEU G 290 15.87 14.68 14.75
C LEU G 290 15.81 13.43 15.61
N LEU G 291 15.71 12.30 14.95
CA LEU G 291 15.77 11.00 15.61
C LEU G 291 17.07 10.31 15.27
N SER G 292 17.76 9.80 16.26
CA SER G 292 18.96 9.05 15.99
C SER G 292 19.15 7.92 16.96
N TYR G 293 19.83 6.88 16.52
CA TYR G 293 20.07 5.74 17.37
C TYR G 293 21.39 5.05 17.05
N ARG G 294 21.95 4.41 18.06
CA ARG G 294 23.19 3.67 17.91
C ARG G 294 23.17 2.39 18.74
N ASN G 295 23.93 1.42 18.29
CA ASN G 295 24.17 0.22 19.08
C ASN G 295 25.19 0.55 20.14
N MET G 296 25.13 -0.15 21.27
CA MET G 296 26.06 0.09 22.36
C MET G 296 27.26 -0.84 22.31
N GLY G 297 27.40 -1.55 21.20
CA GLY G 297 28.51 -2.48 21.03
C GLY G 297 29.64 -1.86 20.23
N GLU G 298 30.48 -2.73 19.67
CA GLU G 298 31.65 -2.30 18.91
C GLU G 298 31.27 -1.55 17.64
N GLU G 299 30.16 -1.95 17.02
CA GLU G 299 29.73 -1.37 15.76
C GLU G 299 28.42 -0.62 15.93
N PRO G 300 28.46 0.69 16.19
CA PRO G 300 27.35 1.52 16.62
C PRO G 300 26.29 1.62 15.53
N ASN G 301 26.70 1.45 14.28
CA ASN G 301 25.74 1.49 13.18
C ASN G 301 24.86 2.72 13.30
N TYR G 302 25.47 3.88 13.53
CA TYR G 302 24.70 5.08 13.77
C TYR G 302 23.82 5.44 12.59
N GLN G 303 22.56 5.71 12.89
CA GLN G 303 21.62 6.17 11.88
C GLN G 303 20.79 7.32 12.42
N GLU G 304 20.42 8.23 11.52
CA GLU G 304 19.57 9.35 11.93
C GLU G 304 18.63 9.78 10.81
N GLU G 305 17.51 10.35 11.20
CA GLU G 305 16.58 10.94 10.25
C GLU G 305 15.80 12.08 10.88
N TRP G 306 15.39 13.03 10.05
CA TRP G 306 14.51 14.08 10.53
C TRP G 306 13.06 13.65 10.35
N VAL G 307 12.29 13.77 11.42
CA VAL G 307 10.88 13.39 11.38
C VAL G 307 10.01 14.64 11.40
N THR G 308 9.21 14.81 10.35
CA THR G 308 8.42 16.02 10.20
C THR G 308 6.92 15.75 10.40
N HIS G 309 6.57 14.50 10.59
CA HIS G 309 5.17 14.11 10.75
C HIS G 309 5.07 12.82 11.55
N LYS G 310 3.85 12.48 11.96
CA LYS G 310 3.67 11.26 12.73
C LYS G 310 4.20 10.07 11.96
N LYS G 311 5.04 9.28 12.62
CA LYS G 311 5.67 8.14 11.96
C LYS G 311 5.87 6.98 12.92
N GLU G 312 5.72 5.76 12.39
CA GLU G 312 6.00 4.56 13.18
C GLU G 312 7.31 3.93 12.75
N ILE G 313 8.26 3.83 13.68
CA ILE G 313 9.56 3.28 13.36
C ILE G 313 9.89 2.04 14.16
N ARG G 314 10.28 0.99 13.46
CA ARG G 314 10.67 -0.26 14.10
C ARG G 314 12.18 -0.40 14.16
N LEU G 315 12.72 -0.38 15.37
CA LEU G 315 14.16 -0.48 15.55
C LEU G 315 14.55 -1.85 16.09
N THR G 316 15.61 -2.41 15.52
CA THR G 316 16.10 -3.70 15.97
C THR G 316 17.02 -3.51 17.17
N VAL G 317 16.82 -4.30 18.20
CA VAL G 317 17.66 -4.19 19.39
C VAL G 317 18.56 -5.41 19.54
N PRO G 318 19.88 -5.23 19.41
CA PRO G 318 20.92 -6.23 19.54
C PRO G 318 21.14 -6.55 21.00
N THR G 319 21.84 -7.65 21.27
CA THR G 319 22.14 -8.03 22.65
C THR G 319 23.09 -7.04 23.28
N GLU G 320 23.73 -6.24 22.43
CA GLU G 320 24.66 -5.22 22.86
C GLU G 320 23.94 -4.03 23.49
N GLY G 321 22.68 -3.84 23.14
CA GLY G 321 21.89 -2.72 23.64
C GLY G 321 21.72 -1.64 22.57
N LEU G 322 20.59 -0.93 22.64
CA LEU G 322 20.29 0.13 21.68
C LEU G 322 20.01 1.44 22.39
N GLU G 323 20.62 2.52 21.91
CA GLU G 323 20.35 3.84 22.47
C GLU G 323 19.63 4.72 21.45
N VAL G 324 18.48 5.26 21.85
CA VAL G 324 17.69 6.08 20.94
C VAL G 324 17.49 7.49 21.48
N THR G 325 17.87 8.49 20.70
CA THR G 325 17.70 9.88 21.12
C THR G 325 16.63 10.56 20.28
N TRP G 326 15.60 11.06 20.95
CA TRP G 326 14.48 11.70 20.28
C TRP G 326 14.45 13.19 20.57
N GLY G 327 14.83 13.99 19.58
CA GLY G 327 14.87 15.43 19.76
C GLY G 327 15.83 15.82 20.87
N ASN G 328 15.36 16.67 21.78
CA ASN G 328 16.18 17.16 22.88
C ASN G 328 15.96 16.37 24.17
N ASN G 329 15.26 15.25 24.05
CA ASN G 329 15.01 14.40 25.20
C ASN G 329 16.23 13.56 25.53
N GLU G 330 16.32 13.11 26.77
CA GLU G 330 17.40 12.22 27.15
C GLU G 330 17.27 10.92 26.39
N PRO G 331 18.38 10.29 26.01
CA PRO G 331 18.46 9.03 25.30
C PRO G 331 17.71 7.92 26.01
N TYR G 332 16.99 7.12 25.23
CA TYR G 332 16.29 5.95 25.75
C TYR G 332 17.15 4.73 25.55
N LYS G 333 17.35 3.94 26.58
CA LYS G 333 18.22 2.78 26.48
C LYS G 333 17.42 1.49 26.53
N TYR G 334 17.66 0.60 25.58
CA TYR G 334 16.92 -0.65 25.53
C TYR G 334 17.83 -1.87 25.42
N TRP G 335 17.46 -2.92 26.15
CA TRP G 335 18.12 -4.23 26.04
C TRP G 335 17.07 -5.32 25.91
N PRO G 336 17.34 -6.37 25.14
CA PRO G 336 16.48 -7.51 24.92
C PRO G 336 16.47 -8.45 26.11
N GLN G 337 15.35 -9.14 26.27
CA GLN G 337 15.24 -10.23 27.22
C GLN G 337 15.13 -11.55 26.48
N LEU G 338 15.39 -12.64 27.17
CA LEU G 338 15.33 -13.95 26.56
C LEU G 338 13.90 -14.46 26.53
N SER G 339 13.04 -13.77 25.81
CA SER G 339 11.64 -14.16 25.70
C SER G 339 11.44 -15.22 24.63
N THR G 340 10.58 -16.19 24.92
CA THR G 340 10.26 -17.25 23.97
C THR G 340 8.78 -17.60 24.04
N ASN G 341 8.28 -18.25 22.98
CA ASN G 341 6.94 -18.83 22.98
C ASN G 341 6.98 -20.35 23.15
N GLY G 342 8.16 -20.90 23.43
CA GLY G 342 8.35 -22.31 23.68
C GLY G 342 8.80 -22.52 25.12
N THR G 343 9.24 -23.72 25.43
CA THR G 343 9.75 -24.01 26.76
C THR G 343 10.84 -25.05 26.69
N ALA G 344 11.83 -24.91 27.55
CA ALA G 344 12.95 -25.84 27.56
C ALA G 344 12.66 -27.04 28.44
N HIS G 345 11.49 -27.02 29.08
CA HIS G 345 11.13 -28.06 30.02
C HIS G 345 9.96 -28.90 29.53
N GLY G 346 9.58 -28.70 28.26
CA GLY G 346 8.41 -29.35 27.72
C GLY G 346 8.73 -30.42 26.68
N HIS G 347 7.86 -30.53 25.69
CA HIS G 347 8.00 -31.53 24.63
C HIS G 347 9.12 -31.15 23.69
N PRO G 348 9.77 -32.11 23.03
CA PRO G 348 10.88 -31.93 22.12
C PRO G 348 10.65 -30.82 21.11
N HIS G 349 9.43 -30.70 20.60
CA HIS G 349 9.15 -29.65 19.63
C HIS G 349 9.06 -28.29 20.30
N GLU G 350 8.73 -28.28 21.59
CA GLU G 350 8.65 -27.04 22.34
C GLU G 350 10.03 -26.61 22.76
N ILE G 351 10.91 -27.59 22.98
CA ILE G 351 12.28 -27.33 23.36
C ILE G 351 13.06 -26.72 22.21
N ILE G 352 12.86 -27.25 21.01
CA ILE G 352 13.52 -26.70 19.84
C ILE G 352 13.06 -25.29 19.59
N LEU G 353 11.77 -25.04 19.76
CA LEU G 353 11.24 -23.70 19.58
C LEU G 353 11.87 -22.73 20.57
N TYR G 354 12.03 -23.17 21.81
CA TYR G 354 12.62 -22.33 22.84
C TYR G 354 14.03 -21.90 22.45
N TYR G 355 14.86 -22.86 22.08
CA TYR G 355 16.24 -22.55 21.78
C TYR G 355 16.39 -21.89 20.42
N TYR G 356 15.50 -22.22 19.49
CA TYR G 356 15.52 -21.60 18.18
C TYR G 356 15.25 -20.12 18.27
N GLU G 357 14.24 -19.74 19.02
CA GLU G 357 13.90 -18.33 19.13
C GLU G 357 15.00 -17.53 19.81
N LEU G 358 15.69 -18.14 20.77
CA LEU G 358 16.77 -17.44 21.44
C LEU G 358 18.05 -17.39 20.61
N TYR G 359 18.38 -18.49 19.95
CA TYR G 359 19.61 -18.56 19.16
C TYR G 359 19.39 -19.22 17.79
N PRO G 360 18.67 -18.55 16.89
CA PRO G 360 18.19 -19.09 15.62
C PRO G 360 19.30 -19.68 14.77
N THR G 361 20.47 -19.03 14.77
CA THR G 361 21.56 -19.49 13.93
C THR G 361 22.23 -20.71 14.53
N MET G 362 22.54 -20.65 15.81
CA MET G 362 23.23 -21.73 16.47
C MET G 362 22.35 -22.96 16.57
N THR G 363 21.05 -22.74 16.75
CA THR G 363 20.13 -23.85 16.92
C THR G 363 20.00 -24.66 15.66
N VAL G 364 19.89 -23.98 14.52
CA VAL G 364 19.76 -24.68 13.26
C VAL G 364 21.02 -25.44 12.93
N VAL G 365 22.17 -24.84 13.20
CA VAL G 365 23.44 -25.49 12.92
C VAL G 365 23.62 -26.73 13.79
N VAL G 366 23.30 -26.62 15.07
CA VAL G 366 23.46 -27.76 15.96
C VAL G 366 22.50 -28.87 15.59
N VAL G 367 21.25 -28.52 15.32
CA VAL G 367 20.26 -29.53 14.98
C VAL G 367 20.58 -30.18 13.64
N SER G 368 20.94 -29.37 12.66
CA SER G 368 21.23 -29.89 11.33
C SER G 368 22.46 -30.79 11.36
N VAL G 369 23.49 -30.37 12.07
CA VAL G 369 24.72 -31.15 12.15
C VAL G 369 24.50 -32.40 12.99
N ALA G 370 23.86 -32.25 14.14
CA ALA G 370 23.63 -33.39 15.00
C ALA G 370 22.75 -34.42 14.30
N SER G 371 21.76 -33.95 13.56
CA SER G 371 20.86 -34.86 12.86
C SER G 371 21.61 -35.59 11.77
N PHE G 372 22.46 -34.87 11.04
CA PHE G 372 23.23 -35.48 9.98
C PHE G 372 24.17 -36.54 10.52
N VAL G 373 24.85 -36.23 11.62
CA VAL G 373 25.78 -37.17 12.22
C VAL G 373 25.07 -38.41 12.74
N LEU G 374 23.92 -38.22 13.39
CA LEU G 374 23.18 -39.35 13.92
C LEU G 374 22.69 -40.25 12.80
N LEU G 375 22.22 -39.65 11.71
CA LEU G 375 21.78 -40.44 10.56
C LEU G 375 22.95 -41.15 9.93
N SER G 376 24.11 -40.49 9.91
CA SER G 376 25.31 -41.11 9.36
C SER G 376 25.70 -42.33 10.17
N MET G 377 25.61 -42.21 11.49
CA MET G 377 25.98 -43.32 12.35
C MET G 377 25.02 -44.50 12.22
N VAL G 378 23.75 -44.19 11.92
CA VAL G 378 22.79 -45.26 11.65
C VAL G 378 23.16 -45.98 10.36
N GLY G 379 23.55 -45.20 9.35
CA GLY G 379 23.97 -45.78 8.09
C GLY G 379 25.19 -46.65 8.27
N VAL G 380 26.08 -46.24 9.18
CA VAL G 380 27.26 -47.04 9.48
C VAL G 380 26.88 -48.34 10.17
N ALA G 381 25.97 -48.27 11.13
CA ALA G 381 25.54 -49.47 11.84
C ALA G 381 24.94 -50.48 10.88
N VAL G 382 24.20 -49.98 9.90
CA VAL G 382 23.60 -50.84 8.90
C VAL G 382 24.66 -51.40 7.97
N GLY G 383 25.59 -50.55 7.56
CA GLY G 383 26.67 -50.97 6.68
C GLY G 383 27.51 -52.07 7.32
N MET G 384 27.74 -51.95 8.63
CA MET G 384 28.50 -52.98 9.34
C MET G 384 27.73 -54.28 9.40
N CYS G 385 26.42 -54.19 9.54
CA CYS G 385 25.58 -55.38 9.55
C CYS G 385 25.61 -56.06 8.19
N MET G 386 25.60 -55.27 7.12
CA MET G 386 25.66 -55.81 5.78
C MET G 386 27.01 -56.46 5.51
N CYS G 387 28.07 -55.85 6.04
CA CYS G 387 29.40 -56.40 5.89
C CYS G 387 29.54 -57.70 6.65
N ALA G 388 29.04 -57.70 7.88
CA ALA G 388 29.11 -58.89 8.72
C ALA G 388 28.30 -60.01 8.12
N ARG G 389 27.15 -59.67 7.56
CA ARG G 389 26.28 -60.65 6.93
C ARG G 389 26.95 -61.27 5.72
N ARG G 390 27.54 -60.43 4.89
CA ARG G 390 28.17 -60.90 3.68
C ARG G 390 29.33 -61.83 3.99
N ARG G 391 30.13 -61.46 4.97
CA ARG G 391 31.29 -62.28 5.32
C ARG G 391 30.89 -63.59 5.99
N CYS G 392 29.87 -63.55 6.84
CA CYS G 392 29.42 -64.75 7.52
C CYS G 392 28.81 -65.74 6.55
N ILE G 393 28.06 -65.23 5.57
CA ILE G 393 27.41 -66.07 4.58
C ILE G 393 28.36 -66.59 3.51
N THR G 394 29.31 -65.76 3.09
CA THR G 394 30.17 -66.11 1.97
C THR G 394 30.62 -67.58 1.92
N PRO G 395 31.16 -68.17 3.01
CA PRO G 395 31.67 -69.52 3.04
C PRO G 395 30.62 -70.54 2.67
N TYR G 396 29.35 -70.21 2.89
CA TYR G 396 28.25 -71.11 2.57
C TYR G 396 27.89 -71.00 1.10
N GLU G 397 28.07 -69.82 0.54
CA GLU G 397 27.77 -69.60 -0.87
C GLU G 397 28.85 -70.21 -1.75
N LEU G 398 30.05 -70.32 -1.22
CA LEU G 398 31.15 -70.89 -1.99
C LEU G 398 31.16 -72.42 -1.93
N THR G 399 30.86 -72.96 -0.77
CA THR G 399 30.91 -74.40 -0.53
C THR G 399 29.76 -75.11 -1.24
N PRO G 400 30.01 -76.22 -1.96
CA PRO G 400 29.02 -77.06 -2.61
C PRO G 400 28.16 -77.74 -1.56
N GLY G 401 26.88 -77.94 -1.87
CA GLY G 401 25.97 -78.52 -0.91
C GLY G 401 25.45 -77.44 0.04
N ALA G 402 26.37 -76.78 0.72
CA ALA G 402 26.06 -75.60 1.51
C ALA G 402 24.87 -75.81 2.44
N THR G 403 24.97 -76.76 3.35
CA THR G 403 23.83 -77.02 4.22
C THR G 403 23.74 -75.90 5.26
N VAL G 404 23.08 -74.82 4.89
CA VAL G 404 22.95 -73.68 5.78
C VAL G 404 22.01 -74.02 6.93
N PRO G 405 22.46 -73.86 8.18
CA PRO G 405 21.73 -74.17 9.39
C PRO G 405 20.56 -73.22 9.55
N PHE G 406 19.50 -73.70 10.18
CA PHE G 406 18.27 -72.93 10.30
C PHE G 406 18.47 -71.62 11.03
N LEU G 407 19.24 -71.63 12.10
CA LEU G 407 19.42 -70.41 12.88
C LEU G 407 20.12 -69.34 12.06
N LEU G 408 21.11 -69.75 11.27
CA LEU G 408 21.81 -68.79 10.43
C LEU G 408 20.87 -68.28 9.34
N SER G 409 20.03 -69.17 8.84
CA SER G 409 19.10 -68.82 7.79
C SER G 409 18.15 -67.72 8.24
N LEU G 410 17.69 -67.80 9.48
CA LEU G 410 16.79 -66.78 10.00
C LEU G 410 17.52 -65.54 10.47
N ILE G 411 18.71 -65.72 11.05
CA ILE G 411 19.46 -64.60 11.60
C ILE G 411 20.05 -63.72 10.52
N CYS G 412 20.62 -64.34 9.49
CA CYS G 412 21.28 -63.57 8.43
C CYS G 412 20.47 -63.56 7.15
N CYS G 413 19.19 -63.89 7.25
CA CYS G 413 18.29 -63.81 6.09
C CYS G 413 18.80 -64.59 4.88
N ILE G 414 18.88 -65.91 5.04
CA ILE G 414 19.35 -66.81 3.99
C ILE G 414 18.83 -68.22 4.23
N ASN H 1 -29.21 42.27 28.30
CA ASN H 1 -28.10 41.37 28.59
C ASN H 1 -27.79 41.38 30.10
N PHE H 2 -26.82 40.56 30.52
CA PHE H 2 -26.48 40.38 31.93
C PHE H 2 -25.16 41.03 32.31
N ASN H 3 -24.36 41.39 31.30
CA ASN H 3 -23.06 41.98 31.56
C ASN H 3 -22.28 41.13 32.56
N VAL H 4 -22.17 39.84 32.28
CA VAL H 4 -21.52 38.90 33.20
C VAL H 4 -20.09 39.31 33.50
N TYR H 5 -19.49 40.05 32.58
CA TYR H 5 -18.10 40.46 32.70
C TYR H 5 -17.89 41.45 33.83
N LYS H 6 -18.97 42.03 34.33
CA LYS H 6 -18.82 42.97 35.44
C LYS H 6 -18.30 42.26 36.68
N ALA H 7 -18.55 40.96 36.76
CA ALA H 7 -18.13 40.18 37.90
C ALA H 7 -16.79 39.50 37.64
N ILE H 8 -16.23 39.71 36.46
CA ILE H 8 -15.02 39.01 36.04
C ILE H 8 -13.89 39.98 35.73
N ARG H 9 -12.69 39.68 36.18
CA ARG H 9 -11.54 40.54 35.93
C ARG H 9 -10.66 39.96 34.83
N PRO H 10 -9.91 40.80 34.13
CA PRO H 10 -8.77 40.48 33.29
C PRO H 10 -7.61 40.09 34.19
N TYR H 11 -6.64 39.35 33.66
CA TYR H 11 -5.54 38.92 34.51
C TYR H 11 -4.20 38.90 33.77
N LEU H 12 -3.12 38.94 34.54
CA LEU H 12 -1.78 38.79 33.98
C LEU H 12 -1.34 37.34 34.10
N ALA H 13 -0.61 36.86 33.11
CA ALA H 13 -0.13 35.48 33.16
C ALA H 13 1.17 35.33 32.39
N HIS H 14 1.90 34.28 32.69
CA HIS H 14 3.20 34.04 32.07
C HIS H 14 3.07 33.81 30.56
N CYS H 15 4.00 34.40 29.80
CA CYS H 15 4.09 34.25 28.36
C CYS H 15 5.53 33.94 27.96
N PRO H 16 5.75 32.84 27.22
CA PRO H 16 7.04 32.30 26.87
C PRO H 16 7.87 33.25 26.03
N ASP H 17 7.20 34.10 25.25
CA ASP H 17 7.91 35.05 24.41
C ASP H 17 7.11 36.34 24.25
N CYS H 18 7.63 37.42 24.82
CA CYS H 18 6.94 38.71 24.83
C CYS H 18 7.41 39.59 23.68
N GLY H 19 8.04 38.95 22.69
CA GLY H 19 8.42 39.59 21.44
C GLY H 19 9.92 39.78 21.29
N GLU H 20 10.64 39.75 22.39
CA GLU H 20 12.09 39.90 22.34
C GLU H 20 12.83 38.60 22.53
N GLY H 21 12.10 37.49 22.57
CA GLY H 21 12.72 36.20 22.78
C GLY H 21 12.86 35.88 24.27
N HIS H 22 12.30 36.76 25.09
CA HIS H 22 12.33 36.60 26.54
C HIS H 22 10.92 36.44 27.07
N SER H 23 10.79 35.66 28.13
CA SER H 23 9.49 35.46 28.75
C SER H 23 9.18 36.59 29.74
N CYS H 24 7.89 36.81 29.99
CA CYS H 24 7.45 37.80 30.97
C CYS H 24 6.00 37.52 31.36
N HIS H 25 5.52 38.23 32.36
CA HIS H 25 4.10 38.19 32.69
C HIS H 25 3.39 39.24 31.87
N SER H 26 2.36 38.82 31.16
CA SER H 26 1.76 39.69 30.16
C SER H 26 0.22 39.70 30.20
N PRO H 27 -0.38 40.86 29.92
CA PRO H 27 -1.81 41.11 29.84
C PRO H 27 -2.45 40.42 28.64
N VAL H 28 -1.63 39.98 27.71
CA VAL H 28 -2.15 39.35 26.50
C VAL H 28 -1.79 37.88 26.41
N ALA H 29 -1.41 37.29 27.54
CA ALA H 29 -1.00 35.90 27.53
C ALA H 29 -2.11 35.04 26.93
N LEU H 30 -1.72 34.08 26.12
CA LEU H 30 -2.68 33.20 25.46
C LEU H 30 -2.98 32.01 26.34
N GLU H 31 -4.24 31.61 26.40
CA GLU H 31 -4.63 30.45 27.18
C GLU H 31 -4.76 29.22 26.31
N ARG H 32 -5.47 29.35 25.21
CA ARG H 32 -5.70 28.21 24.33
C ARG H 32 -6.06 28.63 22.92
N ILE H 33 -5.58 27.88 21.94
CA ILE H 33 -5.93 28.13 20.56
C ILE H 33 -6.82 27.01 20.04
N ARG H 34 -8.02 27.35 19.63
CA ARG H 34 -8.97 26.36 19.15
C ARG H 34 -9.13 26.42 17.64
N ASN H 35 -8.93 25.28 16.98
CA ASN H 35 -8.98 25.23 15.54
C ASN H 35 -9.85 24.09 15.04
N GLU H 36 -11.02 23.90 15.64
CA GLU H 36 -11.90 22.81 15.24
C GLU H 36 -12.63 23.13 13.95
N ALA H 37 -12.77 24.42 13.65
CA ALA H 37 -13.42 24.85 12.42
C ALA H 37 -12.65 24.35 11.22
N THR H 38 -13.36 23.99 10.17
CA THR H 38 -12.72 23.46 8.97
C THR H 38 -12.42 24.57 7.98
N ASP H 39 -13.04 25.72 8.17
CA ASP H 39 -12.84 26.83 7.24
C ASP H 39 -11.59 27.62 7.60
N GLY H 40 -10.88 27.16 8.63
CA GLY H 40 -9.60 27.75 9.01
C GLY H 40 -9.73 28.84 10.06
N THR H 41 -10.95 29.16 10.48
CA THR H 41 -11.13 30.20 11.49
C THR H 41 -10.57 29.73 12.81
N LEU H 42 -9.78 30.59 13.46
CA LEU H 42 -9.24 30.28 14.76
C LEU H 42 -10.02 30.99 15.86
N LYS H 43 -10.16 30.31 16.98
CA LYS H 43 -10.76 30.89 18.17
C LYS H 43 -9.73 30.94 19.29
N ILE H 44 -9.30 32.14 19.63
CA ILE H 44 -8.18 32.33 20.54
C ILE H 44 -8.65 32.83 21.89
N GLN H 45 -8.29 32.13 22.96
CA GLN H 45 -8.61 32.57 24.29
C GLN H 45 -7.43 33.32 24.91
N VAL H 46 -7.68 34.55 25.34
CA VAL H 46 -6.64 35.41 25.89
C VAL H 46 -7.03 35.98 27.25
N SER H 47 -6.03 36.49 27.97
CA SER H 47 -6.24 37.09 29.28
C SER H 47 -6.93 38.47 29.22
N LEU H 48 -7.02 39.03 28.01
CA LEU H 48 -7.71 40.30 27.79
C LEU H 48 -9.22 40.13 27.84
N GLN H 49 -9.93 41.19 28.18
CA GLN H 49 -11.37 41.20 28.02
C GLN H 49 -11.78 42.27 27.01
N ILE H 50 -12.25 41.84 25.86
CA ILE H 50 -12.52 42.74 24.74
C ILE H 50 -13.99 43.09 24.61
N GLY H 51 -14.27 44.38 24.46
CA GLY H 51 -15.63 44.86 24.33
C GLY H 51 -16.16 45.34 25.68
N ILE H 52 -15.38 45.10 26.72
CA ILE H 52 -15.77 45.50 28.06
C ILE H 52 -14.82 46.56 28.60
N LYS H 53 -15.39 47.65 29.10
CA LYS H 53 -14.60 48.74 29.67
C LYS H 53 -14.34 48.50 31.15
N THR H 54 -13.37 49.22 31.72
CA THR H 54 -13.11 49.11 33.14
C THR H 54 -14.34 49.54 33.92
N ASP H 55 -15.10 50.46 33.34
CA ASP H 55 -16.40 50.82 33.88
C ASP H 55 -17.39 49.82 33.30
N ASP H 56 -17.73 48.81 34.09
CA ASP H 56 -18.45 47.66 33.59
C ASP H 56 -19.56 48.06 32.64
N SER H 57 -19.29 47.88 31.34
CA SER H 57 -20.25 48.19 30.29
C SER H 57 -19.81 47.56 28.99
N HIS H 58 -20.72 47.50 28.02
CA HIS H 58 -20.40 46.95 26.71
C HIS H 58 -20.11 48.05 25.70
N ASP H 59 -18.89 48.03 25.18
CA ASP H 59 -18.43 49.00 24.20
C ASP H 59 -17.44 48.32 23.26
N TRP H 60 -17.88 48.01 22.05
CA TRP H 60 -17.10 47.19 21.14
C TRP H 60 -15.83 47.88 20.68
N THR H 61 -15.69 49.16 20.97
CA THR H 61 -14.50 49.90 20.52
C THR H 61 -13.39 49.86 21.56
N LYS H 62 -13.67 49.28 22.73
CA LYS H 62 -12.70 49.27 23.82
C LYS H 62 -12.42 47.87 24.37
N LEU H 63 -11.21 47.68 24.87
CA LEU H 63 -10.85 46.47 25.61
C LEU H 63 -10.28 46.84 26.96
N ARG H 64 -10.33 45.92 27.91
CA ARG H 64 -9.72 46.17 29.20
C ARG H 64 -8.71 45.09 29.57
N TYR H 65 -7.68 45.51 30.29
CA TYR H 65 -6.55 44.66 30.61
C TYR H 65 -5.98 45.03 31.97
N MET H 66 -5.17 44.16 32.55
CA MET H 66 -4.55 44.47 33.82
C MET H 66 -3.33 45.36 33.67
N ASP H 67 -3.23 46.31 34.58
CA ASP H 67 -2.07 47.18 34.73
C ASP H 67 -1.67 47.11 36.19
N ASN H 68 -0.72 46.23 36.50
CA ASN H 68 -0.41 45.90 37.88
C ASN H 68 -1.63 45.36 38.60
N HIS H 69 -2.15 46.09 39.58
CA HIS H 69 -3.27 45.59 40.38
C HIS H 69 -4.63 46.06 39.89
N MET H 70 -4.64 46.93 38.87
CA MET H 70 -5.91 47.48 38.42
C MET H 70 -6.14 47.18 36.94
N PRO H 71 -7.40 46.99 36.53
CA PRO H 71 -7.89 47.03 35.18
C PRO H 71 -7.66 48.39 34.53
N ALA H 72 -7.44 48.39 33.23
CA ALA H 72 -7.21 49.62 32.47
C ALA H 72 -7.82 49.50 31.08
N ASP H 73 -8.18 50.62 30.47
CA ASP H 73 -8.80 50.62 29.16
C ASP H 73 -7.82 50.89 28.02
N ALA H 74 -8.12 50.34 26.85
CA ALA H 74 -7.34 50.59 25.64
C ALA H 74 -8.23 50.46 24.40
N GLU H 75 -7.81 51.05 23.29
CA GLU H 75 -8.59 51.01 22.07
C GLU H 75 -8.59 49.61 21.45
N ARG H 76 -9.77 49.15 21.06
CA ARG H 76 -9.92 47.85 20.42
C ARG H 76 -9.33 47.83 19.02
N ALA H 77 -9.24 49.01 18.42
CA ALA H 77 -8.72 49.16 17.08
C ALA H 77 -7.24 48.83 17.03
N ARG H 78 -6.58 48.84 18.18
CA ARG H 78 -5.15 48.60 18.24
C ARG H 78 -4.82 47.13 18.50
N LEU H 79 -5.84 46.30 18.60
CA LEU H 79 -5.64 44.87 18.81
C LEU H 79 -5.22 44.20 17.51
N PHE H 80 -4.21 43.34 17.58
CA PHE H 80 -3.80 42.62 16.39
C PHE H 80 -3.53 41.15 16.64
N VAL H 81 -3.69 40.36 15.59
CA VAL H 81 -3.33 38.96 15.57
C VAL H 81 -2.43 38.69 14.37
N ARG H 82 -1.35 37.95 14.58
CA ARG H 82 -0.42 37.66 13.50
C ARG H 82 0.09 36.22 13.54
N THR H 83 0.32 35.64 12.38
CA THR H 83 0.99 34.34 12.30
C THR H 83 2.26 34.50 11.49
N SER H 84 2.20 34.11 10.24
CA SER H 84 3.29 34.35 9.30
C SER H 84 3.10 35.70 8.65
N ALA H 85 1.91 36.24 8.83
CA ALA H 85 1.49 37.51 8.25
C ALA H 85 0.29 38.02 9.06
N PRO H 86 -0.06 39.30 8.95
CA PRO H 86 -1.17 39.92 9.64
C PRO H 86 -2.45 39.12 9.41
N CYS H 87 -3.19 38.90 10.50
CA CYS H 87 -4.37 38.06 10.52
C CYS H 87 -5.64 38.90 10.64
N THR H 88 -6.70 38.48 9.96
CA THR H 88 -7.96 39.21 10.01
C THR H 88 -8.80 38.78 11.21
N ILE H 89 -9.26 39.75 11.98
CA ILE H 89 -10.12 39.46 13.12
C ILE H 89 -11.57 39.57 12.71
N THR H 90 -12.33 38.50 12.94
CA THR H 90 -13.71 38.43 12.47
C THR H 90 -14.71 38.69 13.59
N GLY H 91 -14.19 38.98 14.77
CA GLY H 91 -15.03 39.33 15.90
C GLY H 91 -14.35 39.03 17.22
N THR H 92 -14.75 39.77 18.24
CA THR H 92 -14.18 39.59 19.57
C THR H 92 -15.27 39.69 20.62
N MET H 93 -15.08 38.97 21.72
CA MET H 93 -15.96 39.11 22.87
C MET H 93 -15.30 38.55 24.12
N GLY H 94 -15.10 39.39 25.12
CA GLY H 94 -14.52 38.93 26.36
C GLY H 94 -13.13 38.38 26.13
N HIS H 95 -12.92 37.14 26.51
CA HIS H 95 -11.61 36.51 26.41
C HIS H 95 -11.38 35.82 25.08
N PHE H 96 -12.36 35.88 24.18
CA PHE H 96 -12.23 35.12 22.95
C PHE H 96 -12.15 35.98 21.70
N ILE H 97 -11.20 35.65 20.83
CA ILE H 97 -11.00 36.32 19.55
C ILE H 97 -11.18 35.36 18.38
N LEU H 98 -12.01 35.73 17.42
CA LEU H 98 -12.10 34.94 16.20
C LEU H 98 -11.26 35.59 15.12
N ALA H 99 -10.51 34.79 14.38
CA ALA H 99 -9.68 35.34 13.34
C ALA H 99 -9.42 34.36 12.21
N ARG H 100 -9.14 34.88 11.03
CA ARG H 100 -8.79 34.06 9.88
C ARG H 100 -7.36 34.31 9.47
N CYS H 101 -6.45 33.45 9.93
CA CYS H 101 -5.02 33.65 9.77
C CYS H 101 -4.45 32.85 8.61
N PRO H 102 -3.43 33.38 7.94
CA PRO H 102 -2.62 32.75 6.93
C PRO H 102 -1.75 31.67 7.55
N LYS H 103 -1.41 30.68 6.74
CA LYS H 103 -0.62 29.54 7.18
C LYS H 103 0.70 29.99 7.80
N GLY H 104 1.03 29.40 8.95
CA GLY H 104 2.25 29.75 9.67
C GLY H 104 2.47 28.81 10.85
N GLU H 105 3.63 28.95 11.49
CA GLU H 105 4.02 28.04 12.57
C GLU H 105 3.93 28.68 13.96
N THR H 106 3.60 29.96 14.01
CA THR H 106 3.48 30.67 15.28
C THR H 106 2.21 31.51 15.30
N LEU H 107 1.78 31.90 16.49
CA LEU H 107 0.65 32.80 16.63
C LEU H 107 0.96 33.91 17.65
N THR H 108 0.79 35.15 17.22
CA THR H 108 1.08 36.29 18.08
C THR H 108 -0.13 37.18 18.26
N VAL H 109 -0.41 37.53 19.51
CA VAL H 109 -1.50 38.43 19.82
C VAL H 109 -1.00 39.58 20.67
N GLY H 110 -1.46 40.80 20.36
CA GLY H 110 -1.01 41.95 21.15
C GLY H 110 -1.86 43.19 20.89
N PHE H 111 -1.56 44.25 21.64
CA PHE H 111 -2.29 45.50 21.53
C PHE H 111 -1.43 46.64 22.04
N THR H 112 -1.84 47.86 21.74
CA THR H 112 -1.16 49.04 22.26
C THR H 112 -1.80 49.50 23.57
N ASP H 113 -0.98 49.79 24.56
CA ASP H 113 -1.46 50.18 25.89
C ASP H 113 -1.94 51.62 25.88
N GLY H 114 -2.45 52.08 27.02
CA GLY H 114 -2.97 53.44 27.14
C GLY H 114 -1.84 54.44 27.26
N ARG H 115 -0.64 53.92 27.42
CA ARG H 115 0.56 54.73 27.54
C ARG H 115 1.42 54.58 26.29
N LYS H 116 0.81 54.06 25.23
CA LYS H 116 1.52 53.79 23.98
C LYS H 116 2.64 52.78 24.17
N ILE H 117 2.38 51.78 25.00
CA ILE H 117 3.32 50.69 25.21
C ILE H 117 2.81 49.45 24.52
N SER H 118 3.63 48.84 23.67
CA SER H 118 3.20 47.65 22.97
C SER H 118 3.28 46.42 23.86
N HIS H 119 2.25 45.60 23.82
CA HIS H 119 2.26 44.33 24.52
C HIS H 119 1.90 43.22 23.56
N SER H 120 2.70 42.16 23.54
CA SER H 120 2.43 41.04 22.68
C SER H 120 2.83 39.73 23.33
N CYS H 121 2.24 38.63 22.88
CA CYS H 121 2.60 37.29 23.34
C CYS H 121 2.59 36.32 22.17
N THR H 122 3.68 35.58 22.04
CA THR H 122 3.82 34.64 20.94
C THR H 122 3.91 33.21 21.44
N HIS H 123 3.09 32.35 20.88
CA HIS H 123 3.13 30.93 21.16
C HIS H 123 3.37 30.16 19.86
N PRO H 124 4.02 29.00 19.94
CA PRO H 124 4.17 28.07 18.86
C PRO H 124 2.80 27.52 18.50
N PHE H 125 2.50 27.44 17.23
CA PHE H 125 1.22 26.91 16.80
C PHE H 125 1.25 26.51 15.34
N HIS H 126 0.98 25.25 15.06
CA HIS H 126 0.98 24.79 13.69
C HIS H 126 -0.35 25.09 13.04
N HIS H 127 -0.38 26.10 12.20
CA HIS H 127 -1.62 26.52 11.57
C HIS H 127 -1.59 26.14 10.10
N ASP H 128 -2.31 25.07 9.78
CA ASP H 128 -2.35 24.54 8.43
C ASP H 128 -3.73 23.99 8.17
N PRO H 129 -4.67 24.83 7.75
CA PRO H 129 -6.07 24.55 7.60
C PRO H 129 -6.25 23.33 6.72
N PRO H 130 -7.23 22.49 7.03
CA PRO H 130 -7.56 21.27 6.33
C PRO H 130 -8.08 21.61 4.96
N VAL H 131 -7.90 20.69 4.02
CA VAL H 131 -8.40 20.92 2.68
C VAL H 131 -9.88 20.60 2.61
N ILE H 132 -10.64 21.54 2.09
CA ILE H 132 -12.05 21.32 1.86
C ILE H 132 -12.26 21.03 0.39
N GLY H 133 -12.78 19.85 0.10
CA GLY H 133 -12.92 19.43 -1.28
C GLY H 133 -11.62 18.78 -1.76
N ARG H 134 -11.48 18.69 -3.08
CA ARG H 134 -10.38 17.97 -3.69
C ARG H 134 -9.36 18.91 -4.32
N GLU H 135 -9.45 20.19 -4.00
CA GLU H 135 -8.53 21.18 -4.51
C GLU H 135 -7.95 22.02 -3.38
N LYS H 136 -6.68 22.38 -3.50
CA LYS H 136 -6.06 23.23 -2.50
C LYS H 136 -6.03 24.67 -2.97
N PHE H 137 -6.92 25.49 -2.43
CA PHE H 137 -7.03 26.87 -2.87
C PHE H 137 -6.69 27.82 -1.75
N HIS H 138 -6.24 29.01 -2.12
CA HIS H 138 -5.79 29.98 -1.13
C HIS H 138 -6.81 31.09 -0.88
N SER H 139 -7.81 31.16 -1.74
CA SER H 139 -8.88 32.14 -1.58
C SER H 139 -10.15 31.61 -2.21
N ARG H 140 -11.30 32.10 -1.77
CA ARG H 140 -12.56 31.67 -2.35
C ARG H 140 -12.73 32.29 -3.73
N PRO H 141 -13.15 31.48 -4.72
CA PRO H 141 -13.34 31.81 -6.11
C PRO H 141 -14.62 32.60 -6.35
N GLN H 142 -14.67 33.26 -7.49
CA GLN H 142 -15.89 33.90 -7.97
C GLN H 142 -16.92 32.86 -8.39
N HIS H 143 -16.44 31.74 -8.92
CA HIS H 143 -17.31 30.67 -9.40
C HIS H 143 -16.87 29.32 -8.88
N GLY H 144 -17.83 28.51 -8.41
CA GLY H 144 -17.49 27.19 -7.90
C GLY H 144 -18.64 26.52 -7.16
N ARG H 145 -18.33 25.41 -6.51
CA ARG H 145 -19.30 24.61 -5.76
C ARG H 145 -19.31 25.02 -4.30
N GLU H 146 -20.36 24.68 -3.58
CA GLU H 146 -20.39 24.92 -2.15
C GLU H 146 -20.50 23.61 -1.37
N LEU H 147 -19.53 23.38 -0.50
CA LEU H 147 -19.45 22.16 0.28
C LEU H 147 -19.74 22.46 1.75
N PRO H 148 -20.13 21.46 2.53
CA PRO H 148 -20.25 21.50 3.98
C PRO H 148 -18.95 21.90 4.64
N CYS H 149 -19.04 22.84 5.58
CA CYS H 149 -17.88 23.37 6.30
C CYS H 149 -18.27 23.70 7.74
N SER H 150 -17.29 23.75 8.62
CA SER H 150 -17.56 24.14 10.01
C SER H 150 -16.87 25.45 10.34
N THR H 151 -17.64 26.39 10.87
CA THR H 151 -17.10 27.71 11.20
C THR H 151 -17.47 28.10 12.61
N TYR H 152 -16.86 29.17 13.10
CA TYR H 152 -17.26 29.75 14.37
C TYR H 152 -18.23 30.88 14.11
N ALA H 153 -19.41 30.78 14.70
CA ALA H 153 -20.44 31.79 14.50
C ALA H 153 -20.04 33.06 15.21
N GLN H 154 -20.51 34.19 14.71
CA GLN H 154 -20.20 35.48 15.33
C GLN H 154 -21.15 35.78 16.47
N SER H 155 -22.12 34.90 16.68
CA SER H 155 -23.08 35.05 17.75
C SER H 155 -22.41 35.01 19.11
N THR H 156 -22.85 35.88 20.01
CA THR H 156 -22.31 35.94 21.36
C THR H 156 -23.28 35.32 22.35
N ALA H 157 -24.36 34.75 21.82
CA ALA H 157 -25.37 34.11 22.65
C ALA H 157 -24.79 32.85 23.27
N ALA H 158 -25.26 32.51 24.46
CA ALA H 158 -24.80 31.29 25.12
C ALA H 158 -25.25 30.06 24.36
N THR H 159 -24.36 29.08 24.24
CA THR H 159 -24.68 27.80 23.64
C THR H 159 -24.22 26.64 24.50
N ALA H 160 -24.19 26.87 25.81
CA ALA H 160 -23.77 25.87 26.78
C ALA H 160 -22.30 25.48 26.61
N GLU H 161 -21.50 26.38 26.07
CA GLU H 161 -20.06 26.22 26.10
C GLU H 161 -19.55 26.97 27.32
N GLU H 162 -18.78 26.31 28.18
CA GLU H 162 -18.49 26.87 29.49
C GLU H 162 -17.01 26.99 29.81
N ILE H 163 -16.67 28.00 30.62
CA ILE H 163 -15.38 28.08 31.28
C ILE H 163 -15.61 28.19 32.78
N GLU H 164 -14.61 27.81 33.56
CA GLU H 164 -14.73 27.97 35.01
C GLU H 164 -14.07 29.24 35.47
N VAL H 165 -14.70 29.88 36.45
CA VAL H 165 -14.13 31.06 37.08
C VAL H 165 -13.88 30.80 38.55
N HIS H 166 -12.69 31.16 39.01
CA HIS H 166 -12.27 30.94 40.38
C HIS H 166 -11.96 32.25 41.06
N MET H 167 -11.91 32.23 42.39
CA MET H 167 -11.41 33.37 43.14
C MET H 167 -9.91 33.48 42.86
N PRO H 168 -9.40 34.66 42.53
CA PRO H 168 -8.01 34.91 42.24
C PRO H 168 -7.18 34.71 43.49
N PRO H 169 -5.92 34.29 43.33
CA PRO H 169 -4.93 34.09 44.36
C PRO H 169 -4.41 35.42 44.85
N ASP H 170 -3.83 35.43 46.04
CA ASP H 170 -3.18 36.63 46.52
C ASP H 170 -2.08 37.01 45.55
N THR H 171 -2.05 38.28 45.16
CA THR H 171 -1.07 38.73 44.18
C THR H 171 0.10 39.43 44.85
N PRO H 172 1.29 38.84 44.81
CA PRO H 172 2.50 39.30 45.48
C PRO H 172 2.98 40.58 44.82
N ASP H 173 3.48 41.50 45.62
CA ASP H 173 4.00 42.74 45.08
C ASP H 173 5.05 43.37 45.97
N ARG H 174 6.28 43.42 45.49
CA ARG H 174 7.38 43.99 46.25
C ARG H 174 7.20 45.47 46.50
N THR H 175 6.35 46.10 45.69
CA THR H 175 6.15 47.55 45.74
C THR H 175 5.28 47.94 46.93
N LEU H 176 4.62 46.96 47.54
CA LEU H 176 3.78 47.21 48.70
C LEU H 176 4.60 47.60 49.91
N MET H 177 5.87 47.19 49.93
CA MET H 177 6.70 47.41 51.10
C MET H 177 7.69 48.55 50.89
N SER H 178 7.79 49.44 51.87
CA SER H 178 8.73 50.55 51.82
C SER H 178 9.58 50.60 53.08
N GLN H 179 10.89 50.45 52.92
CA GLN H 179 11.78 50.39 54.07
C GLN H 179 12.22 51.78 54.51
N GLN H 180 12.06 52.05 55.80
CA GLN H 180 12.48 53.29 56.42
C GLN H 180 13.68 53.04 57.33
N SER H 181 14.31 51.88 57.13
CA SER H 181 15.46 51.42 57.89
C SER H 181 15.06 50.97 59.29
N GLY H 182 14.47 51.87 60.06
CA GLY H 182 14.00 51.54 61.40
C GLY H 182 12.71 50.74 61.33
N ASN H 183 12.06 50.78 60.17
CA ASN H 183 10.81 50.08 59.99
C ASN H 183 10.54 49.78 58.53
N VAL H 184 9.49 49.00 58.28
CA VAL H 184 8.98 48.81 56.93
C VAL H 184 7.51 49.13 56.90
N LYS H 185 7.12 50.00 55.98
CA LYS H 185 5.72 50.37 55.85
C LYS H 185 5.04 49.56 54.76
N ILE H 186 3.83 49.13 55.04
CA ILE H 186 3.02 48.43 54.06
C ILE H 186 1.99 49.38 53.49
N THR H 187 2.07 49.63 52.18
CA THR H 187 1.16 50.56 51.53
C THR H 187 -0.09 49.82 51.10
N VAL H 188 -1.24 50.33 51.53
CA VAL H 188 -2.50 49.65 51.26
C VAL H 188 -3.12 49.99 49.90
N ASN H 189 -3.06 51.26 49.52
CA ASN H 189 -3.65 51.70 48.25
C ASN H 189 -5.11 51.27 48.11
N SER H 190 -5.85 51.36 49.20
CA SER H 190 -7.27 50.99 49.24
C SER H 190 -7.53 49.55 48.80
N GLN H 191 -6.62 48.64 49.13
CA GLN H 191 -6.83 47.23 48.84
C GLN H 191 -6.51 46.38 50.06
N THR H 192 -7.15 45.22 50.18
CA THR H 192 -6.80 44.30 51.25
C THR H 192 -5.41 43.74 51.01
N VAL H 193 -4.56 43.79 52.01
CA VAL H 193 -3.20 43.30 51.87
C VAL H 193 -2.83 42.29 52.95
N ARG H 194 -2.20 41.21 52.53
CA ARG H 194 -1.69 40.21 53.45
C ARG H 194 -0.18 40.16 53.38
N TYR H 195 0.48 40.32 54.53
CA TYR H 195 1.93 40.27 54.53
C TYR H 195 2.48 39.48 55.71
N LYS H 196 3.66 38.93 55.52
CA LYS H 196 4.38 38.21 56.56
C LYS H 196 5.84 38.59 56.51
N CYS H 197 6.51 38.54 57.67
CA CYS H 197 7.92 38.87 57.76
C CYS H 197 8.63 37.98 58.76
N ASN H 198 9.94 37.94 58.69
CA ASN H 198 10.71 37.19 59.67
C ASN H 198 10.92 38.03 60.92
N CYS H 199 9.81 38.32 61.61
CA CYS H 199 9.79 39.13 62.81
C CYS H 199 9.53 38.26 64.04
N GLY H 200 10.01 38.73 65.18
CA GLY H 200 9.87 37.97 66.42
C GLY H 200 8.43 37.90 66.89
N ASP H 201 7.57 38.74 66.32
CA ASP H 201 6.18 38.76 66.72
C ASP H 201 5.33 37.74 65.97
N SER H 202 5.92 37.13 64.94
CA SER H 202 5.20 36.16 64.12
C SER H 202 3.83 36.70 63.71
N ASN H 203 3.78 37.98 63.36
CA ASN H 203 2.53 38.62 63.01
C ASN H 203 2.05 38.24 61.62
N GLU H 204 0.75 37.94 61.52
CA GLU H 204 0.12 37.75 60.22
C GLU H 204 -0.47 39.06 59.78
N GLY H 205 0.17 39.68 58.80
CA GLY H 205 -0.14 41.04 58.41
C GLY H 205 -1.39 41.14 57.55
N LEU H 206 -2.54 40.89 58.14
CA LEU H 206 -3.79 41.04 57.43
C LEU H 206 -4.38 42.41 57.71
N THR H 207 -4.39 43.27 56.70
CA THR H 207 -4.83 44.65 56.89
C THR H 207 -5.67 45.19 55.76
N THR H 208 -6.48 46.20 56.08
CA THR H 208 -7.20 46.97 55.10
C THR H 208 -6.70 48.41 55.11
N THR H 209 -5.66 48.65 55.90
CA THR H 209 -5.06 49.97 56.02
C THR H 209 -3.53 49.89 56.07
N ASP H 210 -2.89 51.06 56.00
CA ASP H 210 -1.44 51.12 56.08
C ASP H 210 -0.94 50.59 57.42
N LYS H 211 0.18 49.87 57.39
CA LYS H 211 0.78 49.33 58.61
C LYS H 211 2.28 49.53 58.63
N VAL H 212 2.84 49.63 59.83
CA VAL H 212 4.28 49.72 59.98
C VAL H 212 4.77 48.66 60.96
N ILE H 213 5.82 47.94 60.56
CA ILE H 213 6.34 46.83 61.36
C ILE H 213 7.26 47.27 62.48
N ASN H 214 8.20 48.16 62.18
CA ASN H 214 9.12 48.72 63.17
C ASN H 214 10.08 47.71 63.79
N ASN H 215 10.28 46.57 63.17
CA ASN H 215 11.23 45.60 63.70
C ASN H 215 11.77 44.59 62.69
N CYS H 216 11.68 44.91 61.39
CA CYS H 216 12.17 44.02 60.32
C CYS H 216 12.59 44.82 59.11
N LYS H 217 13.33 44.17 58.23
CA LYS H 217 13.78 44.75 56.97
C LYS H 217 12.89 44.28 55.82
N VAL H 218 12.91 45.00 54.72
CA VAL H 218 12.09 44.62 53.57
C VAL H 218 12.52 43.29 52.99
N ASP H 219 13.81 42.97 53.11
CA ASP H 219 14.33 41.71 52.59
C ASP H 219 13.79 40.54 53.41
N GLN H 220 13.25 40.85 54.56
CA GLN H 220 12.66 39.85 55.46
C GLN H 220 11.14 39.77 55.34
N CYS H 221 10.56 40.53 54.39
CA CYS H 221 9.11 40.66 54.28
C CYS H 221 8.55 40.26 52.91
N HIS H 222 7.32 39.77 52.95
CA HIS H 222 6.55 39.42 51.75
C HIS H 222 5.14 39.96 51.88
N ALA H 223 4.58 40.47 50.78
CA ALA H 223 3.23 41.03 50.84
C ALA H 223 2.49 40.78 49.54
N ALA H 224 1.18 40.65 49.64
CA ALA H 224 0.33 40.39 48.49
C ALA H 224 -1.05 41.02 48.64
N VAL H 225 -1.67 41.36 47.52
CA VAL H 225 -3.01 41.93 47.51
C VAL H 225 -4.09 40.85 47.41
N THR H 226 -5.09 40.95 48.29
CA THR H 226 -6.19 39.99 48.30
C THR H 226 -7.44 40.57 47.65
N ASN H 227 -8.04 39.80 46.75
CA ASN H 227 -9.25 40.21 46.04
C ASN H 227 -10.28 39.09 46.00
N HIS H 228 -11.37 39.25 46.74
CA HIS H 228 -12.42 38.25 46.79
C HIS H 228 -13.67 38.72 46.06
N LYS H 229 -13.56 39.83 45.33
CA LYS H 229 -14.72 40.46 44.74
C LYS H 229 -14.93 40.08 43.28
N LYS H 230 -13.86 39.68 42.61
CA LYS H 230 -13.95 39.40 41.18
C LYS H 230 -13.66 37.95 40.83
N TRP H 231 -14.37 37.45 39.83
CA TRP H 231 -14.09 36.17 39.18
C TRP H 231 -12.88 36.28 38.28
N GLN H 232 -12.12 35.21 38.15
CA GLN H 232 -11.19 35.13 37.02
C GLN H 232 -11.13 33.71 36.47
N TYR H 233 -10.86 33.60 35.18
CA TYR H 233 -10.74 32.30 34.56
C TYR H 233 -9.65 31.49 35.26
N ASN H 234 -9.93 30.22 35.52
CA ASN H 234 -8.99 29.39 36.25
C ASN H 234 -7.87 28.91 35.34
N SER H 235 -7.07 29.87 34.88
CA SER H 235 -5.98 29.58 33.98
C SER H 235 -4.93 28.71 34.65
N PRO H 236 -4.33 27.77 33.91
CA PRO H 236 -3.27 26.89 34.34
C PRO H 236 -2.00 27.67 34.63
N LEU H 237 -1.97 28.92 34.17
CA LEU H 237 -0.81 29.78 34.35
C LEU H 237 -0.91 30.63 35.60
N VAL H 238 -2.02 30.50 36.32
CA VAL H 238 -2.25 31.30 37.52
C VAL H 238 -2.65 30.38 38.68
N PRO H 239 -2.00 30.47 39.84
CA PRO H 239 -2.19 29.60 41.00
C PRO H 239 -3.64 29.56 41.50
N ARG H 240 -4.02 28.40 42.02
CA ARG H 240 -5.31 28.20 42.68
C ARG H 240 -5.26 28.97 43.98
N ASN H 241 -6.40 29.46 44.48
CA ASN H 241 -6.34 30.37 45.61
C ASN H 241 -6.14 29.67 46.95
N ALA H 242 -4.97 29.08 47.12
CA ALA H 242 -4.52 28.52 48.39
C ALA H 242 -5.48 27.49 48.95
N GLU H 243 -6.24 26.83 48.07
CA GLU H 243 -7.14 25.77 48.50
C GLU H 243 -7.10 24.61 47.52
N LEU H 244 -7.35 23.40 48.00
CA LEU H 244 -7.41 22.25 47.11
C LEU H 244 -8.61 22.37 46.18
N GLY H 245 -9.73 22.81 46.75
CA GLY H 245 -10.90 23.13 45.95
C GLY H 245 -10.89 24.64 45.73
N ASP H 246 -11.94 25.16 45.14
CA ASP H 246 -12.00 26.60 44.95
C ASP H 246 -13.43 27.05 44.72
N ARG H 247 -13.61 28.35 44.57
CA ARG H 247 -14.91 28.92 44.30
C ARG H 247 -15.24 28.72 42.83
N LYS H 248 -15.99 27.67 42.53
CA LYS H 248 -16.21 27.30 41.14
C LYS H 248 -17.51 27.86 40.58
N GLY H 249 -17.38 28.80 39.65
CA GLY H 249 -18.55 29.33 38.95
C GLY H 249 -18.44 29.00 37.47
N LYS H 250 -19.44 29.39 36.69
CA LYS H 250 -19.39 29.12 35.26
C LYS H 250 -19.79 30.34 34.44
N VAL H 251 -19.10 30.52 33.32
CA VAL H 251 -19.39 31.58 32.38
C VAL H 251 -19.52 31.03 30.97
N HIS H 252 -20.52 31.48 30.24
CA HIS H 252 -20.73 31.00 28.87
C HIS H 252 -19.72 31.58 27.89
N ILE H 253 -19.34 30.76 26.92
CA ILE H 253 -18.40 31.13 25.88
C ILE H 253 -19.14 31.57 24.61
N PRO H 254 -18.81 32.74 24.07
CA PRO H 254 -19.31 33.28 22.82
C PRO H 254 -18.71 32.55 21.63
N PHE H 255 -19.35 32.67 20.47
CA PHE H 255 -18.81 32.10 19.24
C PHE H 255 -18.83 30.57 19.20
N PRO H 256 -20.02 29.97 19.07
CA PRO H 256 -20.27 28.55 18.93
C PRO H 256 -19.83 28.04 17.56
N LEU H 257 -19.52 26.76 17.49
CA LEU H 257 -19.21 26.11 16.22
C LEU H 257 -20.50 25.82 15.48
N ALA H 258 -20.51 26.02 14.17
CA ALA H 258 -21.74 25.88 13.40
C ALA H 258 -21.53 25.24 12.03
N ASN H 259 -22.58 24.63 11.50
CA ASN H 259 -22.57 24.02 10.18
C ASN H 259 -22.97 25.00 9.10
N VAL H 260 -22.02 25.30 8.22
CA VAL H 260 -22.22 26.22 7.12
C VAL H 260 -21.69 25.62 5.84
N THR H 261 -21.96 26.25 4.72
CA THR H 261 -21.33 25.82 3.48
C THR H 261 -20.36 26.89 3.01
N CYS H 262 -19.28 26.47 2.34
CA CYS H 262 -18.27 27.40 1.84
C CYS H 262 -17.86 27.07 0.41
N ARG H 263 -17.53 28.11 -0.33
CA ARG H 263 -17.26 27.99 -1.76
C ARG H 263 -15.91 27.39 -2.05
N VAL H 264 -15.88 26.44 -2.98
CA VAL H 264 -14.64 25.84 -3.46
C VAL H 264 -14.62 25.91 -4.99
N PRO H 265 -13.46 26.11 -5.58
CA PRO H 265 -13.23 26.27 -7.00
C PRO H 265 -13.43 24.97 -7.76
N LYS H 266 -13.71 25.10 -9.05
CA LYS H 266 -13.75 23.96 -9.93
C LYS H 266 -12.62 24.07 -10.94
N ALA H 267 -11.74 23.07 -10.95
CA ALA H 267 -10.61 23.09 -11.87
C ALA H 267 -11.14 23.19 -13.30
N ARG H 268 -10.44 23.97 -14.11
CA ARG H 268 -10.89 24.18 -15.49
C ARG H 268 -10.81 22.90 -16.28
N ASN H 269 -11.67 22.80 -17.29
CA ASN H 269 -11.75 21.61 -18.10
C ASN H 269 -10.40 21.26 -18.72
N PRO H 270 -10.01 19.99 -18.68
CA PRO H 270 -8.83 19.43 -19.30
C PRO H 270 -9.04 19.29 -20.79
N THR H 271 -7.96 19.25 -21.55
CA THR H 271 -8.07 18.95 -22.96
C THR H 271 -8.01 17.45 -23.14
N VAL H 272 -9.01 16.89 -23.79
CA VAL H 272 -9.10 15.44 -23.89
C VAL H 272 -9.08 14.95 -25.33
N THR H 273 -8.16 14.02 -25.61
CA THR H 273 -8.11 13.35 -26.90
C THR H 273 -8.19 11.86 -26.67
N TYR H 274 -8.52 11.11 -27.71
CA TYR H 274 -8.72 9.68 -27.53
C TYR H 274 -7.85 8.84 -28.44
N GLY H 275 -7.39 7.72 -27.92
CA GLY H 275 -6.70 6.70 -28.69
C GLY H 275 -7.42 5.39 -28.53
N LYS H 276 -6.82 4.29 -28.99
CA LYS H 276 -7.50 3.02 -28.88
C LYS H 276 -7.49 2.56 -27.42
N ASN H 277 -8.67 2.51 -26.82
CA ASN H 277 -8.82 2.18 -25.42
C ASN H 277 -7.98 3.09 -24.54
N GLN H 278 -7.85 4.35 -24.93
CA GLN H 278 -7.02 5.27 -24.16
C GLN H 278 -7.58 6.68 -24.14
N VAL H 279 -7.57 7.29 -22.96
CA VAL H 279 -7.94 8.70 -22.82
C VAL H 279 -6.73 9.52 -22.44
N ILE H 280 -6.45 10.53 -23.25
CA ILE H 280 -5.30 11.38 -22.97
C ILE H 280 -5.77 12.74 -22.49
N MET H 281 -5.44 13.06 -21.24
CA MET H 281 -5.87 14.33 -20.69
C MET H 281 -4.71 15.27 -20.45
N LEU H 282 -4.85 16.50 -20.89
CA LEU H 282 -3.88 17.53 -20.56
C LEU H 282 -4.47 18.45 -19.50
N LEU H 283 -3.90 18.40 -18.31
CA LEU H 283 -4.46 19.09 -17.16
C LEU H 283 -3.88 20.48 -17.00
N TYR H 284 -4.74 21.42 -16.60
CA TYR H 284 -4.31 22.81 -16.42
C TYR H 284 -4.71 23.37 -15.06
N PRO H 285 -4.06 22.93 -13.98
CA PRO H 285 -4.31 23.36 -12.61
C PRO H 285 -3.84 24.78 -12.35
N ASP H 286 -4.57 25.50 -11.51
CA ASP H 286 -4.13 26.80 -11.01
C ASP H 286 -3.42 26.61 -9.69
N HIS H 287 -3.83 25.59 -8.99
CA HIS H 287 -3.36 25.24 -7.66
C HIS H 287 -3.47 23.72 -7.54
N PRO H 288 -2.78 23.09 -6.59
CA PRO H 288 -2.69 21.65 -6.48
C PRO H 288 -4.09 21.06 -6.52
N THR H 289 -4.28 20.13 -7.44
CA THR H 289 -5.59 19.55 -7.69
C THR H 289 -5.52 18.04 -7.66
N LEU H 290 -6.41 17.41 -6.93
CA LEU H 290 -6.39 15.96 -6.83
C LEU H 290 -7.06 15.31 -8.03
N LEU H 291 -6.35 14.39 -8.65
CA LEU H 291 -6.88 13.59 -9.73
C LEU H 291 -7.01 12.16 -9.28
N SER H 292 -8.16 11.55 -9.55
CA SER H 292 -8.30 10.15 -9.21
C SER H 292 -9.19 9.44 -10.22
N TYR H 293 -8.97 8.14 -10.37
CA TYR H 293 -9.77 7.37 -11.29
C TYR H 293 -9.94 5.93 -10.84
N ARG H 294 -11.04 5.33 -11.26
CA ARG H 294 -11.34 3.93 -10.95
C ARG H 294 -12.01 3.25 -12.14
N ASN H 295 -11.79 1.95 -12.24
CA ASN H 295 -12.52 1.14 -13.21
C ASN H 295 -13.92 0.88 -12.69
N MET H 296 -14.92 1.01 -13.54
CA MET H 296 -16.29 0.77 -13.11
C MET H 296 -16.62 -0.71 -13.24
N GLY H 297 -15.93 -1.52 -12.45
CA GLY H 297 -16.07 -2.97 -12.51
C GLY H 297 -15.66 -3.60 -11.19
N GLU H 298 -15.49 -4.92 -11.21
CA GLU H 298 -15.18 -5.66 -10.00
C GLU H 298 -13.86 -5.22 -9.37
N GLU H 299 -12.88 -4.91 -10.20
CA GLU H 299 -11.56 -4.50 -9.71
C GLU H 299 -11.25 -3.07 -10.13
N PRO H 300 -11.51 -2.09 -9.25
CA PRO H 300 -11.50 -0.67 -9.52
C PRO H 300 -10.10 -0.14 -9.79
N ASN H 301 -9.08 -0.83 -9.29
CA ASN H 301 -7.71 -0.38 -9.50
C ASN H 301 -7.59 1.10 -9.19
N TYR H 302 -8.10 1.53 -8.05
CA TYR H 302 -8.12 2.94 -7.72
C TYR H 302 -6.72 3.53 -7.65
N GLN H 303 -6.54 4.65 -8.33
CA GLN H 303 -5.28 5.38 -8.28
C GLN H 303 -5.54 6.87 -8.15
N GLU H 304 -4.67 7.57 -7.44
CA GLU H 304 -4.81 9.01 -7.29
C GLU H 304 -3.47 9.71 -7.23
N GLU H 305 -3.45 10.97 -7.66
CA GLU H 305 -2.26 11.79 -7.53
C GLU H 305 -2.62 13.27 -7.41
N TRP H 306 -1.78 14.04 -6.76
CA TRP H 306 -1.95 15.48 -6.74
C TRP H 306 -1.21 16.10 -7.91
N VAL H 307 -1.90 16.95 -8.66
CA VAL H 307 -1.29 17.58 -9.82
C VAL H 307 -1.08 19.06 -9.55
N THR H 308 0.18 19.49 -9.62
CA THR H 308 0.53 20.86 -9.30
C THR H 308 0.95 21.64 -10.55
N HIS H 309 1.24 20.92 -11.62
CA HIS H 309 1.72 21.51 -12.86
C HIS H 309 1.03 20.91 -14.06
N LYS H 310 1.06 21.60 -15.19
CA LYS H 310 0.47 21.06 -16.40
C LYS H 310 1.03 19.68 -16.67
N LYS H 311 0.15 18.73 -16.90
CA LYS H 311 0.57 17.35 -17.09
C LYS H 311 -0.29 16.62 -18.11
N GLU H 312 0.33 15.75 -18.89
CA GLU H 312 -0.40 14.89 -19.81
C GLU H 312 -0.48 13.48 -19.28
N ILE H 313 -1.69 13.00 -19.03
CA ILE H 313 -1.87 11.66 -18.49
C ILE H 313 -2.64 10.76 -19.43
N ARG H 314 -2.07 9.59 -19.71
CA ARG H 314 -2.70 8.61 -20.56
C ARG H 314 -3.34 7.51 -19.74
N LEU H 315 -4.65 7.45 -19.75
CA LEU H 315 -5.38 6.46 -18.96
C LEU H 315 -5.95 5.36 -19.82
N THR H 316 -5.82 4.13 -19.37
CA THR H 316 -6.36 3.00 -20.10
C THR H 316 -7.82 2.79 -19.74
N VAL H 317 -8.67 2.65 -20.75
CA VAL H 317 -10.08 2.44 -20.51
C VAL H 317 -10.48 0.99 -20.78
N PRO H 318 -10.92 0.26 -19.76
CA PRO H 318 -11.33 -1.11 -19.79
C PRO H 318 -12.71 -1.21 -20.41
N THR H 319 -13.14 -2.42 -20.73
CA THR H 319 -14.43 -2.60 -21.38
C THR H 319 -15.59 -2.14 -20.49
N GLU H 320 -15.43 -2.27 -19.18
CA GLU H 320 -16.47 -1.86 -18.25
C GLU H 320 -16.55 -0.34 -18.10
N GLY H 321 -15.54 0.36 -18.58
CA GLY H 321 -15.52 1.82 -18.52
C GLY H 321 -14.64 2.36 -17.41
N LEU H 322 -14.21 3.61 -17.57
CA LEU H 322 -13.33 4.29 -16.62
C LEU H 322 -13.98 5.56 -16.08
N GLU H 323 -13.89 5.77 -14.78
CA GLU H 323 -14.39 7.00 -14.18
C GLU H 323 -13.24 7.87 -13.68
N VAL H 324 -13.21 9.12 -14.12
CA VAL H 324 -12.13 10.03 -13.76
C VAL H 324 -12.65 11.28 -13.06
N THR H 325 -12.12 11.56 -11.87
CA THR H 325 -12.53 12.75 -11.14
C THR H 325 -11.41 13.77 -11.08
N TRP H 326 -11.67 14.96 -11.61
CA TRP H 326 -10.69 16.01 -11.68
C TRP H 326 -11.03 17.14 -10.72
N GLY H 327 -10.32 17.21 -9.60
CA GLY H 327 -10.59 18.24 -8.61
C GLY H 327 -12.01 18.13 -8.08
N ASN H 328 -12.72 19.25 -8.07
CA ASN H 328 -14.08 19.30 -7.56
C ASN H 328 -15.12 19.18 -8.68
N ASN H 329 -14.67 18.82 -9.87
CA ASN H 329 -15.58 18.64 -10.99
C ASN H 329 -16.31 17.33 -10.88
N GLU H 330 -17.47 17.26 -11.51
CA GLU H 330 -18.21 16.01 -11.56
C GLU H 330 -17.37 14.99 -12.32
N PRO H 331 -17.40 13.72 -11.92
CA PRO H 331 -16.69 12.62 -12.52
C PRO H 331 -17.01 12.47 -14.00
N TYR H 332 -15.96 12.20 -14.78
CA TYR H 332 -16.10 11.94 -16.20
C TYR H 332 -16.16 10.43 -16.40
N LYS H 333 -17.00 9.98 -17.31
CA LYS H 333 -17.09 8.55 -17.55
C LYS H 333 -16.75 8.24 -18.99
N TYR H 334 -15.93 7.22 -19.21
CA TYR H 334 -15.52 6.85 -20.55
C TYR H 334 -15.72 5.38 -20.86
N TRP H 335 -16.20 5.09 -22.05
CA TRP H 335 -16.33 3.73 -22.56
C TRP H 335 -15.78 3.63 -23.97
N PRO H 336 -15.11 2.53 -24.31
CA PRO H 336 -14.50 2.24 -25.59
C PRO H 336 -15.52 1.98 -26.68
N GLN H 337 -15.14 2.32 -27.90
CA GLN H 337 -15.91 1.97 -29.10
C GLN H 337 -15.26 0.80 -29.80
N LEU H 338 -16.03 0.11 -30.62
CA LEU H 338 -15.47 -0.98 -31.40
C LEU H 338 -14.84 -0.44 -32.68
N SER H 339 -13.84 0.43 -32.51
CA SER H 339 -13.18 1.05 -33.64
C SER H 339 -12.09 0.14 -34.22
N THR H 340 -12.03 0.08 -35.54
CA THR H 340 -11.01 -0.70 -36.24
C THR H 340 -10.53 0.03 -37.48
N ASN H 341 -9.35 -0.35 -37.97
CA ASN H 341 -8.89 0.10 -39.28
C ASN H 341 -9.03 -0.98 -40.34
N GLY H 342 -9.52 -2.16 -39.94
CA GLY H 342 -9.79 -3.27 -40.85
C GLY H 342 -11.26 -3.30 -41.20
N THR H 343 -11.68 -4.36 -41.87
CA THR H 343 -13.09 -4.52 -42.21
C THR H 343 -13.46 -5.99 -42.20
N ALA H 344 -14.67 -6.27 -41.76
CA ALA H 344 -15.11 -7.65 -41.67
C ALA H 344 -15.72 -8.12 -42.99
N HIS H 345 -15.77 -7.23 -43.97
CA HIS H 345 -16.39 -7.55 -45.24
C HIS H 345 -15.40 -7.48 -46.39
N GLY H 346 -14.12 -7.52 -46.07
CA GLY H 346 -13.07 -7.40 -47.08
C GLY H 346 -12.29 -8.70 -47.26
N HIS H 347 -11.02 -8.54 -47.59
CA HIS H 347 -10.11 -9.66 -47.82
C HIS H 347 -9.76 -10.32 -46.49
N PRO H 348 -9.38 -11.60 -46.49
CA PRO H 348 -9.05 -12.38 -45.31
C PRO H 348 -8.10 -11.66 -44.38
N HIS H 349 -7.12 -10.94 -44.92
CA HIS H 349 -6.18 -10.24 -44.06
C HIS H 349 -6.81 -8.98 -43.46
N GLU H 350 -7.82 -8.46 -44.12
CA GLU H 350 -8.53 -7.30 -43.60
C GLU H 350 -9.50 -7.73 -42.50
N ILE H 351 -10.01 -8.94 -42.64
CA ILE H 351 -10.92 -9.52 -41.67
C ILE H 351 -10.21 -9.87 -40.37
N ILE H 352 -9.03 -10.46 -40.49
CA ILE H 352 -8.28 -10.81 -39.30
C ILE H 352 -7.89 -9.57 -38.53
N LEU H 353 -7.50 -8.52 -39.24
CA LEU H 353 -7.15 -7.28 -38.58
C LEU H 353 -8.36 -6.70 -37.85
N TYR H 354 -9.52 -6.77 -38.48
CA TYR H 354 -10.74 -6.25 -37.87
C TYR H 354 -11.02 -6.94 -36.53
N TYR H 355 -11.00 -8.26 -36.54
CA TYR H 355 -11.31 -9.01 -35.33
C TYR H 355 -10.17 -8.97 -34.33
N TYR H 356 -8.95 -8.87 -34.81
CA TYR H 356 -7.81 -8.78 -33.92
C TYR H 356 -7.85 -7.51 -33.10
N GLU H 357 -8.11 -6.39 -33.76
CA GLU H 357 -8.15 -5.11 -33.08
C GLU H 357 -9.24 -5.06 -32.04
N LEU H 358 -10.38 -5.68 -32.33
CA LEU H 358 -11.48 -5.67 -31.38
C LEU H 358 -11.27 -6.68 -30.26
N TYR H 359 -10.75 -7.85 -30.59
CA TYR H 359 -10.58 -8.91 -29.61
C TYR H 359 -9.20 -9.57 -29.69
N PRO H 360 -8.16 -8.88 -29.20
CA PRO H 360 -6.75 -9.20 -29.37
C PRO H 360 -6.39 -10.58 -28.83
N THR H 361 -7.17 -11.10 -27.89
CA THR H 361 -6.85 -12.40 -27.32
C THR H 361 -7.72 -13.50 -27.88
N MET H 362 -8.99 -13.21 -28.08
CA MET H 362 -9.90 -14.22 -28.63
C MET H 362 -9.49 -14.56 -30.04
N THR H 363 -9.16 -13.54 -30.83
CA THR H 363 -8.81 -13.73 -32.22
C THR H 363 -7.52 -14.52 -32.39
N VAL H 364 -6.52 -14.21 -31.59
CA VAL H 364 -5.25 -14.88 -31.71
C VAL H 364 -5.36 -16.34 -31.33
N VAL H 365 -6.08 -16.62 -30.25
CA VAL H 365 -6.23 -17.99 -29.80
C VAL H 365 -7.03 -18.81 -30.80
N VAL H 366 -8.13 -18.26 -31.30
CA VAL H 366 -8.95 -19.00 -32.24
C VAL H 366 -8.22 -19.25 -33.54
N VAL H 367 -7.55 -18.24 -34.06
CA VAL H 367 -6.83 -18.39 -35.31
C VAL H 367 -5.66 -19.36 -35.19
N SER H 368 -4.90 -19.23 -34.10
CA SER H 368 -3.74 -20.09 -33.90
C SER H 368 -4.16 -21.54 -33.71
N VAL H 369 -5.22 -21.76 -32.93
CA VAL H 369 -5.70 -23.11 -32.69
C VAL H 369 -6.36 -23.69 -33.91
N ALA H 370 -7.19 -22.90 -34.58
CA ALA H 370 -7.87 -23.38 -35.77
C ALA H 370 -6.86 -23.74 -36.85
N SER H 371 -5.79 -22.95 -36.97
CA SER H 371 -4.77 -23.23 -37.96
C SER H 371 -4.07 -24.53 -37.63
N PHE H 372 -3.75 -24.72 -36.36
CA PHE H 372 -3.13 -25.95 -35.91
C PHE H 372 -4.00 -27.16 -36.20
N VAL H 373 -5.27 -27.06 -35.87
CA VAL H 373 -6.19 -28.17 -36.08
C VAL H 373 -6.35 -28.50 -37.55
N LEU H 374 -6.48 -27.47 -38.39
CA LEU H 374 -6.64 -27.70 -39.81
C LEU H 374 -5.39 -28.35 -40.40
N LEU H 375 -4.23 -27.90 -39.96
CA LEU H 375 -2.98 -28.49 -40.42
C LEU H 375 -2.85 -29.92 -39.93
N SER H 376 -3.32 -30.17 -38.71
CA SER H 376 -3.28 -31.52 -38.16
C SER H 376 -4.17 -32.44 -38.97
N MET H 377 -5.35 -31.96 -39.35
CA MET H 377 -6.27 -32.75 -40.16
C MET H 377 -5.67 -33.08 -41.51
N VAL H 378 -4.95 -32.13 -42.09
CA VAL H 378 -4.29 -32.38 -43.36
C VAL H 378 -3.18 -33.39 -43.20
N GLY H 379 -2.40 -33.25 -42.12
CA GLY H 379 -1.33 -34.20 -41.85
C GLY H 379 -1.89 -35.60 -41.67
N VAL H 380 -3.06 -35.70 -41.07
CA VAL H 380 -3.72 -36.98 -40.91
C VAL H 380 -4.21 -37.53 -42.24
N ALA H 381 -4.80 -36.67 -43.06
CA ALA H 381 -5.28 -37.10 -44.37
C ALA H 381 -4.13 -37.64 -45.20
N VAL H 382 -2.98 -36.99 -45.12
CA VAL H 382 -1.81 -37.45 -45.85
C VAL H 382 -1.25 -38.71 -45.23
N GLY H 383 -1.22 -38.75 -43.90
CA GLY H 383 -0.69 -39.91 -43.19
C GLY H 383 -1.50 -41.17 -43.49
N MET H 384 -2.82 -41.03 -43.59
CA MET H 384 -3.63 -42.20 -43.89
C MET H 384 -3.53 -42.59 -45.35
N CYS H 385 -3.26 -41.62 -46.22
CA CYS H 385 -3.09 -41.93 -47.63
C CYS H 385 -1.85 -42.78 -47.87
N MET H 386 -0.75 -42.45 -47.20
CA MET H 386 0.46 -43.23 -47.36
C MET H 386 0.32 -44.58 -46.69
N CYS H 387 -0.47 -44.65 -45.63
CA CYS H 387 -0.73 -45.94 -44.99
C CYS H 387 -1.56 -46.81 -45.91
N ALA H 388 -2.55 -46.20 -46.55
CA ALA H 388 -3.40 -46.92 -47.48
C ALA H 388 -2.58 -47.42 -48.67
N ARG H 389 -1.67 -46.59 -49.14
CA ARG H 389 -0.83 -46.98 -50.26
C ARG H 389 0.11 -48.11 -49.85
N ARG H 390 0.68 -47.99 -48.66
CA ARG H 390 1.57 -49.02 -48.18
C ARG H 390 0.86 -50.35 -48.04
N ARG H 391 -0.37 -50.30 -47.53
CA ARG H 391 -1.14 -51.52 -47.34
C ARG H 391 -1.58 -52.13 -48.66
N CYS H 392 -1.97 -51.28 -49.61
CA CYS H 392 -2.45 -51.76 -50.90
C CYS H 392 -1.33 -52.31 -51.77
N ILE H 393 -0.17 -51.68 -51.72
CA ILE H 393 0.95 -52.07 -52.57
C ILE H 393 1.81 -53.17 -51.98
N THR H 394 2.00 -53.17 -50.67
CA THR H 394 2.89 -54.15 -50.06
C THR H 394 2.68 -55.58 -50.56
N PRO H 395 1.44 -56.10 -50.64
CA PRO H 395 1.12 -57.46 -51.04
C PRO H 395 1.64 -57.78 -52.44
N TYR H 396 1.84 -56.75 -53.26
CA TYR H 396 2.38 -56.96 -54.60
C TYR H 396 3.89 -57.00 -54.57
N GLU H 397 4.47 -56.20 -53.68
CA GLU H 397 5.91 -56.15 -53.53
C GLU H 397 6.40 -57.32 -52.70
N LEU H 398 5.50 -57.85 -51.89
CA LEU H 398 5.81 -58.96 -51.01
C LEU H 398 5.77 -60.28 -51.76
N THR H 399 5.15 -60.28 -52.94
CA THR H 399 4.94 -61.50 -53.72
C THR H 399 6.01 -61.67 -54.80
N PRO H 400 6.78 -62.76 -54.77
CA PRO H 400 7.79 -63.13 -55.75
C PRO H 400 7.19 -63.25 -57.13
N GLY H 401 7.84 -62.64 -58.11
CA GLY H 401 7.42 -62.77 -59.51
C GLY H 401 6.21 -61.91 -59.84
N ALA H 402 5.69 -61.20 -58.85
CA ALA H 402 4.49 -60.41 -59.07
C ALA H 402 4.82 -59.15 -59.85
N THR H 403 3.86 -58.73 -60.67
CA THR H 403 3.98 -57.48 -61.39
C THR H 403 2.81 -56.58 -61.03
N VAL H 404 3.10 -55.35 -60.66
CA VAL H 404 2.04 -54.42 -60.31
C VAL H 404 1.27 -54.05 -61.55
N PRO H 405 -0.07 -54.22 -61.55
CA PRO H 405 -0.96 -53.89 -62.62
C PRO H 405 -0.76 -52.45 -63.05
N PHE H 406 -0.87 -52.18 -64.33
CA PHE H 406 -0.62 -50.85 -64.83
C PHE H 406 -1.49 -49.82 -64.14
N LEU H 407 -2.76 -50.14 -63.97
CA LEU H 407 -3.67 -49.21 -63.34
C LEU H 407 -3.23 -48.90 -61.92
N LEU H 408 -2.78 -49.92 -61.20
CA LEU H 408 -2.36 -49.72 -59.83
C LEU H 408 -1.06 -48.92 -59.78
N SER H 409 -0.15 -49.21 -60.70
CA SER H 409 1.12 -48.48 -60.77
C SER H 409 0.93 -47.10 -61.35
N LEU H 410 -0.19 -46.89 -62.03
CA LEU H 410 -0.50 -45.58 -62.59
C LEU H 410 -1.02 -44.64 -61.52
N ILE H 411 -1.91 -45.14 -60.68
CA ILE H 411 -2.52 -44.30 -59.65
C ILE H 411 -1.62 -44.18 -58.43
N CYS H 412 -0.88 -45.24 -58.11
CA CYS H 412 0.03 -45.20 -56.97
C CYS H 412 1.45 -44.96 -57.46
N CYS H 413 2.23 -44.23 -56.68
CA CYS H 413 3.62 -43.94 -57.04
C CYS H 413 4.52 -45.18 -56.99
N ILE H 414 4.09 -46.21 -56.28
CA ILE H 414 4.84 -47.46 -56.10
C ILE H 414 6.22 -47.18 -55.50
N ASN I 3 -71.70 20.78 24.76
CA ASN I 3 -71.35 22.01 24.07
C ASN I 3 -71.65 21.87 22.59
N VAL I 4 -70.96 20.94 21.92
CA VAL I 4 -71.15 20.66 20.51
C VAL I 4 -72.53 20.10 20.23
N TYR I 5 -73.13 19.51 21.26
CA TYR I 5 -74.41 18.85 21.13
C TYR I 5 -75.54 19.82 20.86
N LYS I 6 -75.30 21.10 21.08
CA LYS I 6 -76.34 22.08 20.81
C LYS I 6 -76.72 22.07 19.33
N ALA I 7 -75.77 21.68 18.48
CA ALA I 7 -76.00 21.68 17.05
C ALA I 7 -76.31 20.28 16.53
N ILE I 8 -76.29 19.28 17.41
CA ILE I 8 -76.47 17.90 16.99
C ILE I 8 -77.77 17.34 17.57
N ARG I 9 -78.60 16.73 16.74
CA ARG I 9 -79.85 16.18 17.26
C ARG I 9 -79.89 14.66 17.16
N PRO I 10 -80.70 14.00 18.00
CA PRO I 10 -81.12 12.62 17.93
C PRO I 10 -81.90 12.37 16.65
N TYR I 11 -81.86 11.13 16.16
CA TYR I 11 -82.59 10.80 14.95
C TYR I 11 -83.19 9.40 14.98
N LEU I 12 -84.22 9.19 14.19
CA LEU I 12 -84.81 7.87 14.02
C LEU I 12 -84.11 7.14 12.88
N ALA I 13 -83.96 5.83 13.02
CA ALA I 13 -83.34 5.05 11.97
C ALA I 13 -83.84 3.62 11.98
N HIS I 14 -83.66 2.94 10.87
CA HIS I 14 -84.15 1.57 10.72
C HIS I 14 -83.44 0.61 11.68
N CYS I 15 -84.22 -0.30 12.26
CA CYS I 15 -83.73 -1.35 13.16
C CYS I 15 -84.33 -2.69 12.78
N PRO I 16 -83.49 -3.70 12.52
CA PRO I 16 -83.84 -5.01 11.98
C PRO I 16 -84.76 -5.80 12.91
N ASP I 17 -84.71 -5.50 14.19
CA ASP I 17 -85.57 -6.18 15.16
C ASP I 17 -85.88 -5.28 16.35
N CYS I 18 -87.13 -4.85 16.45
CA CYS I 18 -87.56 -3.89 17.47
C CYS I 18 -88.08 -4.61 18.70
N GLY I 19 -87.76 -5.90 18.82
CA GLY I 19 -88.08 -6.69 20.00
C GLY I 19 -89.22 -7.67 19.76
N GLU I 20 -89.98 -7.45 18.70
CA GLU I 20 -91.09 -8.33 18.37
C GLU I 20 -90.73 -9.30 17.26
N GLY I 21 -89.48 -9.24 16.80
CA GLY I 21 -89.07 -10.06 15.67
C GLY I 21 -89.38 -9.35 14.35
N HIS I 22 -89.86 -8.12 14.46
CA HIS I 22 -90.20 -7.31 13.30
C HIS I 22 -89.35 -6.06 13.25
N SER I 23 -88.96 -5.67 12.06
CA SER I 23 -88.18 -4.46 11.88
C SER I 23 -89.07 -3.23 11.95
N CYS I 24 -88.47 -2.10 12.34
CA CYS I 24 -89.17 -0.80 12.36
C CYS I 24 -88.15 0.31 12.47
N HIS I 25 -88.62 1.55 12.35
CA HIS I 25 -87.76 2.69 12.60
C HIS I 25 -87.77 2.96 14.10
N SER I 26 -86.60 3.20 14.66
CA SER I 26 -86.48 3.32 16.11
C SER I 26 -85.45 4.36 16.55
N PRO I 27 -85.73 5.08 17.63
CA PRO I 27 -84.91 6.10 18.24
C PRO I 27 -83.64 5.53 18.86
N VAL I 28 -83.62 4.22 19.06
CA VAL I 28 -82.48 3.57 19.70
C VAL I 28 -81.76 2.65 18.73
N ALA I 29 -81.97 2.86 17.43
CA ALA I 29 -81.31 2.05 16.44
C ALA I 29 -79.80 2.12 16.62
N LEU I 30 -79.14 0.98 16.46
CA LEU I 30 -77.69 0.91 16.64
C LEU I 30 -76.97 1.19 15.33
N GLU I 31 -75.85 1.89 15.42
CA GLU I 31 -75.06 2.20 14.24
C GLU I 31 -73.83 1.32 14.12
N ARG I 32 -73.05 1.24 15.20
CA ARG I 32 -71.83 0.45 15.16
C ARG I 32 -71.42 -0.04 16.53
N ILE I 33 -70.94 -1.27 16.58
CA ILE I 33 -70.43 -1.82 17.83
C ILE I 33 -68.93 -2.04 17.73
N ARG I 34 -68.18 -1.38 18.59
CA ARG I 34 -66.73 -1.45 18.56
C ARG I 34 -66.18 -2.31 19.69
N ASN I 35 -65.41 -3.34 19.33
CA ASN I 35 -64.88 -4.27 20.32
C ASN I 35 -63.36 -4.42 20.23
N GLU I 36 -62.66 -3.37 19.83
CA GLU I 36 -61.21 -3.44 19.75
C GLU I 36 -60.55 -3.54 21.12
N ALA I 37 -61.24 -3.08 22.15
CA ALA I 37 -60.71 -3.18 23.50
C ALA I 37 -60.49 -4.63 23.85
N THR I 38 -59.42 -4.92 24.55
CA THR I 38 -59.08 -6.31 24.85
C THR I 38 -59.58 -6.71 26.22
N ASP I 39 -60.06 -5.75 27.00
CA ASP I 39 -60.59 -6.06 28.31
C ASP I 39 -62.06 -6.45 28.21
N GLY I 40 -62.57 -6.48 26.98
CA GLY I 40 -63.93 -6.93 26.70
C GLY I 40 -64.96 -5.82 26.73
N THR I 41 -64.53 -4.59 26.95
CA THR I 41 -65.48 -3.47 26.99
C THR I 41 -65.98 -3.16 25.58
N LEU I 42 -67.28 -2.96 25.45
CA LEU I 42 -67.85 -2.59 24.17
C LEU I 42 -68.15 -1.10 24.12
N LYS I 43 -67.92 -0.50 22.97
CA LYS I 43 -68.29 0.87 22.72
C LYS I 43 -69.39 0.91 21.66
N ILE I 44 -70.57 1.32 22.07
CA ILE I 44 -71.75 1.22 21.22
C ILE I 44 -72.21 2.58 20.72
N GLN I 45 -72.32 2.73 19.41
CA GLN I 45 -72.84 3.97 18.83
C GLN I 45 -74.31 3.81 18.53
N VAL I 46 -75.13 4.68 19.13
CA VAL I 46 -76.58 4.60 19.02
C VAL I 46 -77.16 5.95 18.60
N SER I 47 -78.35 5.93 18.02
CA SER I 47 -79.03 7.13 17.54
C SER I 47 -79.51 8.05 18.67
N LEU I 48 -79.49 7.55 19.91
CA LEU I 48 -79.86 8.34 21.08
C LEU I 48 -78.74 9.25 21.51
N GLN I 49 -79.07 10.31 22.23
CA GLN I 49 -78.05 11.15 22.84
C GLN I 49 -78.20 11.14 24.36
N ILE I 50 -77.16 10.71 25.05
CA ILE I 50 -77.22 10.52 26.48
C ILE I 50 -76.45 11.60 27.24
N GLY I 51 -77.10 12.17 28.25
CA GLY I 51 -76.49 13.21 29.07
C GLY I 51 -76.87 14.59 28.57
N ILE I 52 -77.56 14.64 27.45
CA ILE I 52 -77.97 15.91 26.87
C ILE I 52 -79.48 16.04 26.89
N LYS I 53 -79.96 17.16 27.40
CA LYS I 53 -81.40 17.44 27.45
C LYS I 53 -81.86 18.18 26.20
N THR I 54 -83.16 18.32 26.04
CA THR I 54 -83.71 18.97 24.85
C THR I 54 -83.40 20.46 24.85
N ASP I 55 -82.98 20.98 26.00
CA ASP I 55 -82.58 22.38 26.11
C ASP I 55 -81.08 22.51 25.91
N ASP I 56 -80.46 21.42 25.48
CA ASP I 56 -79.03 21.35 25.17
C ASP I 56 -78.13 21.48 26.38
N SER I 57 -78.70 21.40 27.58
CA SER I 57 -77.89 21.40 28.78
C SER I 57 -77.31 20.02 29.05
N HIS I 58 -76.28 19.97 29.88
CA HIS I 58 -75.66 18.70 30.24
C HIS I 58 -76.17 18.20 31.58
N ASP I 59 -76.78 17.03 31.55
CA ASP I 59 -77.33 16.40 32.74
C ASP I 59 -77.19 14.90 32.62
N TRP I 60 -76.26 14.34 33.38
CA TRP I 60 -75.91 12.93 33.24
C TRP I 60 -77.05 12.00 33.61
N THR I 61 -78.09 12.54 34.25
CA THR I 61 -79.21 11.71 34.65
C THR I 61 -80.30 11.69 33.58
N LYS I 62 -80.13 12.48 32.51
CA LYS I 62 -81.14 12.57 31.48
C LYS I 62 -80.68 12.07 30.12
N LEU I 63 -81.62 11.51 29.39
CA LEU I 63 -81.42 10.98 28.05
C LEU I 63 -82.38 11.65 27.08
N ARG I 64 -81.93 11.96 25.86
CA ARG I 64 -82.87 12.52 24.90
C ARG I 64 -82.94 11.66 23.63
N TYR I 65 -84.15 11.54 23.11
CA TYR I 65 -84.44 10.67 21.98
C TYR I 65 -85.30 11.39 20.97
N MET I 66 -85.32 10.88 19.75
CA MET I 66 -86.09 11.53 18.71
C MET I 66 -87.52 11.06 18.68
N ASP I 67 -88.44 12.01 18.78
CA ASP I 67 -89.86 11.79 18.59
C ASP I 67 -90.21 12.31 17.21
N ASN I 68 -91.47 12.24 16.83
CA ASN I 68 -91.81 12.65 15.48
C ASN I 68 -91.56 14.14 15.26
N HIS I 69 -90.44 14.44 14.61
CA HIS I 69 -89.98 15.79 14.31
C HIS I 69 -89.58 16.58 15.54
N MET I 70 -89.49 15.91 16.68
CA MET I 70 -89.16 16.59 17.93
C MET I 70 -88.31 15.73 18.85
N PRO I 71 -87.21 16.25 19.38
CA PRO I 71 -86.45 15.71 20.49
C PRO I 71 -87.29 15.66 21.76
N ALA I 72 -87.07 14.64 22.58
CA ALA I 72 -87.79 14.49 23.84
C ALA I 72 -86.89 13.86 24.89
N ASP I 73 -87.16 14.16 26.16
CA ASP I 73 -86.33 13.64 27.24
C ASP I 73 -86.92 12.44 27.97
N ALA I 74 -86.03 11.66 28.58
CA ALA I 74 -86.39 10.52 29.41
C ALA I 74 -85.28 10.28 30.43
N GLU I 75 -85.58 9.56 31.49
CA GLU I 75 -84.57 9.27 32.51
C GLU I 75 -83.51 8.30 31.99
N ARG I 76 -82.25 8.59 32.30
CA ARG I 76 -81.16 7.70 31.92
C ARG I 76 -81.24 6.37 32.66
N ALA I 77 -81.87 6.39 33.82
CA ALA I 77 -81.97 5.21 34.66
C ALA I 77 -82.73 4.09 33.95
N ARG I 78 -83.51 4.43 32.93
CA ARG I 78 -84.31 3.46 32.23
C ARG I 78 -83.59 2.90 31.00
N LEU I 79 -82.36 3.35 30.77
CA LEU I 79 -81.56 2.84 29.66
C LEU I 79 -80.94 1.50 30.02
N PHE I 80 -81.03 0.54 29.12
CA PHE I 80 -80.39 -0.74 29.37
C PHE I 80 -79.65 -1.27 28.16
N VAL I 81 -78.61 -2.06 28.43
CA VAL I 81 -77.88 -2.79 27.41
C VAL I 81 -77.77 -4.24 27.83
N ARG I 82 -78.07 -5.16 26.93
CA ARG I 82 -77.93 -6.58 27.24
C ARG I 82 -77.52 -7.40 26.04
N THR I 83 -76.92 -8.56 26.30
CA THR I 83 -76.62 -9.52 25.24
C THR I 83 -77.37 -10.81 25.52
N SER I 84 -76.69 -11.76 26.13
CA SER I 84 -77.31 -12.98 26.62
C SER I 84 -77.86 -12.71 28.01
N ALA I 85 -77.40 -11.62 28.58
CA ALA I 85 -77.75 -11.18 29.91
C ALA I 85 -77.46 -9.68 30.02
N PRO I 86 -78.02 -8.98 31.00
CA PRO I 86 -77.85 -7.56 31.24
C PRO I 86 -76.37 -7.18 31.36
N CYS I 87 -76.00 -6.08 30.72
CA CYS I 87 -74.64 -5.56 30.71
C CYS I 87 -74.48 -4.44 31.73
N THR I 88 -73.26 -4.25 32.22
CA THR I 88 -72.99 -3.13 33.10
C THR I 88 -72.48 -1.95 32.29
N ILE I 89 -73.13 -0.80 32.43
CA ILE I 89 -72.72 0.38 31.70
C ILE I 89 -71.66 1.13 32.49
N THR I 90 -70.50 1.36 31.87
CA THR I 90 -69.38 1.97 32.55
C THR I 90 -69.36 3.47 32.29
N GLY I 91 -70.13 3.91 31.31
CA GLY I 91 -70.26 5.34 31.05
C GLY I 91 -71.01 5.61 29.77
N THR I 92 -71.57 6.81 29.68
CA THR I 92 -72.30 7.24 28.49
C THR I 92 -72.01 8.68 28.17
N MET I 93 -72.08 9.02 26.89
CA MET I 93 -71.97 10.39 26.46
C MET I 93 -72.41 10.54 25.02
N GLY I 94 -73.41 11.36 24.79
CA GLY I 94 -73.87 11.58 23.42
C GLY I 94 -74.36 10.28 22.82
N HIS I 95 -73.79 9.92 21.68
CA HIS I 95 -74.22 8.74 20.95
C HIS I 95 -73.47 7.48 21.35
N PHE I 96 -72.59 7.58 22.34
CA PHE I 96 -71.75 6.44 22.67
C PHE I 96 -71.97 5.88 24.07
N ILE I 97 -72.10 4.57 24.14
CA ILE I 97 -72.27 3.85 25.40
C ILE I 97 -71.12 2.87 25.64
N LEU I 98 -70.52 2.93 26.82
CA LEU I 98 -69.54 1.93 27.20
C LEU I 98 -70.19 0.90 28.12
N ALA I 99 -70.07 -0.37 27.76
CA ALA I 99 -70.68 -1.42 28.56
C ALA I 99 -69.83 -2.67 28.59
N ARG I 100 -69.91 -3.39 29.70
CA ARG I 100 -69.23 -4.67 29.85
C ARG I 100 -70.24 -5.80 29.81
N CYS I 101 -70.30 -6.49 28.67
CA CYS I 101 -71.33 -7.50 28.42
C CYS I 101 -70.81 -8.93 28.58
N PRO I 102 -71.67 -9.82 29.08
CA PRO I 102 -71.59 -11.27 29.02
C PRO I 102 -71.61 -11.78 27.60
N LYS I 103 -70.99 -12.93 27.38
CA LYS I 103 -70.90 -13.52 26.05
C LYS I 103 -72.28 -13.79 25.47
N GLY I 104 -72.42 -13.57 24.17
CA GLY I 104 -73.70 -13.81 23.51
C GLY I 104 -73.60 -13.68 21.99
N GLU I 105 -74.72 -13.92 21.32
CA GLU I 105 -74.80 -13.88 19.87
C GLU I 105 -75.36 -12.55 19.36
N THR I 106 -76.14 -11.87 20.20
CA THR I 106 -76.78 -10.62 19.81
C THR I 106 -76.59 -9.53 20.86
N LEU I 107 -76.79 -8.28 20.46
CA LEU I 107 -76.75 -7.16 21.38
C LEU I 107 -78.04 -6.35 21.32
N THR I 108 -78.64 -6.10 22.47
CA THR I 108 -79.89 -5.33 22.53
C THR I 108 -79.75 -4.10 23.41
N VAL I 109 -80.18 -2.97 22.86
CA VAL I 109 -80.18 -1.71 23.59
C VAL I 109 -81.57 -1.09 23.56
N GLY I 110 -82.01 -0.55 24.70
CA GLY I 110 -83.34 0.03 24.74
C GLY I 110 -83.54 0.97 25.93
N PHE I 111 -84.68 1.65 25.93
CA PHE I 111 -84.99 2.62 26.97
C PHE I 111 -86.50 2.81 27.09
N THR I 112 -86.92 3.45 28.18
CA THR I 112 -88.34 3.75 28.36
C THR I 112 -88.65 5.17 27.88
N ASP I 113 -89.73 5.29 27.12
CA ASP I 113 -90.13 6.58 26.53
C ASP I 113 -90.77 7.48 27.57
N GLY I 114 -91.12 8.70 27.17
CA GLY I 114 -91.74 9.66 28.07
C GLY I 114 -93.20 9.31 28.28
N ARG I 115 -93.68 8.37 27.50
CA ARG I 115 -95.05 7.89 27.59
C ARG I 115 -95.06 6.52 28.24
N LYS I 116 -93.93 6.14 28.81
CA LYS I 116 -93.75 4.83 29.41
C LYS I 116 -93.91 3.72 28.38
N ILE I 117 -93.41 3.98 27.18
CA ILE I 117 -93.39 2.99 26.11
C ILE I 117 -91.98 2.45 25.95
N SER I 118 -91.82 1.14 26.00
CA SER I 118 -90.50 0.56 25.86
C SER I 118 -90.04 0.58 24.42
N HIS I 119 -88.78 0.97 24.22
CA HIS I 119 -88.15 0.91 22.90
C HIS I 119 -86.88 0.11 22.99
N SER I 120 -86.65 -0.74 22.00
CA SER I 120 -85.43 -1.53 21.97
C SER I 120 -85.00 -1.80 20.55
N CYS I 121 -83.73 -2.11 20.36
CA CYS I 121 -83.20 -2.52 19.07
C CYS I 121 -82.21 -3.66 19.26
N THR I 122 -82.52 -4.79 18.64
CA THR I 122 -81.65 -5.95 18.72
C THR I 122 -80.89 -6.10 17.42
N HIS I 123 -79.57 -6.16 17.53
CA HIS I 123 -78.73 -6.29 16.36
C HIS I 123 -77.77 -7.46 16.58
N PRO I 124 -77.57 -8.31 15.57
CA PRO I 124 -76.61 -9.40 15.57
C PRO I 124 -75.23 -8.90 15.91
N PHE I 125 -74.55 -9.61 16.79
CA PHE I 125 -73.20 -9.23 17.19
C PHE I 125 -72.55 -10.35 17.99
N HIS I 126 -71.48 -10.92 17.46
CA HIS I 126 -70.83 -12.00 18.18
C HIS I 126 -69.90 -11.44 19.23
N HIS I 127 -70.24 -11.67 20.49
CA HIS I 127 -69.43 -11.15 21.58
C HIS I 127 -68.74 -12.26 22.32
N ASP I 128 -67.42 -12.29 22.20
CA ASP I 128 -66.59 -13.31 22.80
C ASP I 128 -65.21 -12.74 23.03
N PRO I 129 -64.99 -12.08 24.17
CA PRO I 129 -63.82 -11.32 24.51
C PRO I 129 -62.59 -12.20 24.37
N PRO I 130 -61.47 -11.63 23.94
CA PRO I 130 -60.20 -12.28 23.75
C PRO I 130 -59.65 -12.69 25.10
N VAL I 131 -58.86 -13.74 25.12
CA VAL I 131 -58.29 -14.19 26.37
C VAL I 131 -57.07 -13.38 26.73
N ILE I 132 -57.06 -12.85 27.94
CA ILE I 132 -55.88 -12.15 28.43
C ILE I 132 -55.08 -13.11 29.28
N GLY I 133 -53.86 -13.40 28.86
CA GLY I 133 -53.05 -14.37 29.55
C GLY I 133 -53.37 -15.77 29.08
N ARG I 134 -53.01 -16.75 29.90
CA ARG I 134 -53.10 -18.15 29.52
C ARG I 134 -54.23 -18.88 30.25
N GLU I 135 -55.09 -18.12 30.91
CA GLU I 135 -56.21 -18.70 31.64
C GLU I 135 -57.54 -18.05 31.23
N LYS I 136 -58.56 -18.86 30.99
CA LYS I 136 -59.86 -18.34 30.60
C LYS I 136 -60.74 -18.07 31.81
N PHE I 137 -60.48 -16.98 32.49
CA PHE I 137 -61.19 -16.65 33.72
C PHE I 137 -62.47 -15.88 33.44
N HIS I 138 -63.44 -16.02 34.33
CA HIS I 138 -64.74 -15.38 34.14
C HIS I 138 -64.93 -14.13 34.99
N SER I 139 -64.05 -13.92 35.96
CA SER I 139 -64.18 -12.77 36.84
C SER I 139 -62.82 -12.33 37.37
N ARG I 140 -62.76 -11.10 37.86
CA ARG I 140 -61.52 -10.55 38.39
C ARG I 140 -61.24 -11.10 39.79
N PRO I 141 -60.10 -11.77 39.97
CA PRO I 141 -59.65 -12.42 41.20
C PRO I 141 -59.13 -11.42 42.20
N GLN I 142 -59.01 -11.85 43.46
CA GLN I 142 -58.44 -11.00 44.50
C GLN I 142 -56.94 -11.16 44.57
N HIS I 143 -56.42 -12.10 43.80
CA HIS I 143 -54.99 -12.39 43.76
C HIS I 143 -54.58 -12.81 42.35
N GLY I 144 -53.43 -12.34 41.89
CA GLY I 144 -52.97 -12.67 40.56
C GLY I 144 -51.89 -11.72 40.08
N ARG I 145 -51.71 -11.67 38.76
CA ARG I 145 -50.67 -10.84 38.17
C ARG I 145 -51.26 -9.83 37.20
N GLU I 146 -50.51 -8.77 36.92
CA GLU I 146 -50.98 -7.71 36.05
C GLU I 146 -50.43 -7.85 34.63
N LEU I 147 -51.32 -7.99 33.67
CA LEU I 147 -50.93 -8.07 32.25
C LEU I 147 -51.53 -6.90 31.50
N PRO I 148 -50.84 -6.39 30.48
CA PRO I 148 -51.24 -5.28 29.64
C PRO I 148 -52.51 -5.62 28.85
N CYS I 149 -53.41 -4.65 28.76
CA CYS I 149 -54.66 -4.77 28.01
C CYS I 149 -55.17 -3.40 27.57
N SER I 150 -56.13 -3.40 26.65
CA SER I 150 -56.67 -2.14 26.15
C SER I 150 -58.11 -1.95 26.56
N THR I 151 -58.41 -0.77 27.07
CA THR I 151 -59.75 -0.43 27.53
C THR I 151 -60.23 0.87 26.94
N TYR I 152 -61.50 1.18 27.15
CA TYR I 152 -62.02 2.48 26.76
C TYR I 152 -62.01 3.39 27.97
N ALA I 153 -61.36 4.52 27.85
CA ALA I 153 -61.28 5.47 28.96
C ALA I 153 -62.64 6.07 29.20
N GLN I 154 -62.92 6.42 30.46
CA GLN I 154 -64.20 7.03 30.78
C GLN I 154 -64.17 8.53 30.53
N SER I 155 -63.01 9.03 30.16
CA SER I 155 -62.86 10.46 29.89
C SER I 155 -63.69 10.87 28.69
N THR I 156 -64.29 12.04 28.78
CA THR I 156 -65.06 12.61 27.69
C THR I 156 -64.44 13.92 27.27
N ALA I 157 -63.53 13.84 26.31
CA ALA I 157 -62.74 15.00 25.92
C ALA I 157 -62.34 14.89 24.47
N ALA I 158 -62.00 16.01 23.87
CA ALA I 158 -61.58 16.01 22.48
C ALA I 158 -60.41 15.07 22.29
N THR I 159 -60.50 14.23 21.28
CA THR I 159 -59.44 13.31 20.94
C THR I 159 -59.37 13.10 19.44
N ALA I 160 -58.49 12.21 19.01
CA ALA I 160 -58.28 11.97 17.59
C ALA I 160 -59.55 11.45 16.93
N GLU I 161 -60.34 10.69 17.66
CA GLU I 161 -61.56 10.10 17.12
C GLU I 161 -62.57 11.17 16.73
N GLU I 162 -63.12 11.05 15.53
CA GLU I 162 -64.14 11.99 15.05
C GLU I 162 -65.12 11.32 14.11
N ILE I 163 -66.32 11.88 14.00
CA ILE I 163 -67.30 11.42 13.03
C ILE I 163 -67.84 12.58 12.21
N GLU I 164 -68.35 12.27 11.03
CA GLU I 164 -68.95 13.29 10.20
C GLU I 164 -70.41 13.52 10.55
N VAL I 165 -70.83 14.77 10.53
CA VAL I 165 -72.21 15.13 10.75
C VAL I 165 -72.75 15.94 9.59
N HIS I 166 -73.89 15.53 9.07
CA HIS I 166 -74.47 16.13 7.88
C HIS I 166 -75.79 16.79 8.19
N MET I 167 -76.21 17.69 7.32
CA MET I 167 -77.54 18.25 7.41
C MET I 167 -78.52 17.13 7.09
N PRO I 168 -79.54 16.92 7.92
CA PRO I 168 -80.51 15.85 7.80
C PRO I 168 -81.32 16.06 6.54
N PRO I 169 -81.83 14.98 5.95
CA PRO I 169 -82.73 14.95 4.83
C PRO I 169 -84.09 15.41 5.25
N ASP I 170 -84.86 15.90 4.30
CA ASP I 170 -86.24 16.24 4.59
C ASP I 170 -86.94 14.99 5.08
N THR I 171 -87.69 15.11 6.17
CA THR I 171 -88.34 13.96 6.78
C THR I 171 -89.81 13.85 6.36
N PRO I 172 -90.18 12.80 5.60
CA PRO I 172 -91.51 12.52 5.10
C PRO I 172 -92.49 12.34 6.22
N ASP I 173 -93.70 12.85 6.04
CA ASP I 173 -94.72 12.65 7.05
C ASP I 173 -96.13 12.70 6.46
N ARG I 174 -96.78 11.55 6.43
CA ARG I 174 -98.14 11.44 5.88
C ARG I 174 -99.16 12.13 6.77
N THR I 175 -98.77 12.41 8.01
CA THR I 175 -99.67 13.02 8.98
C THR I 175 -99.92 14.47 8.64
N LEU I 176 -99.08 15.04 7.79
CA LEU I 176 -99.21 16.43 7.41
C LEU I 176 -100.35 16.61 6.40
N MET I 177 -100.71 15.52 5.73
CA MET I 177 -101.65 15.55 4.62
C MET I 177 -103.11 15.40 5.03
N SER I 178 -103.71 16.48 5.50
CA SER I 178 -105.14 16.46 5.83
C SER I 178 -105.96 16.87 4.61
N GLN I 179 -107.16 16.30 4.48
CA GLN I 179 -107.99 16.63 3.33
C GLN I 179 -109.24 17.40 3.74
N GLN I 180 -109.39 18.61 3.23
CA GLN I 180 -110.52 19.47 3.57
C GLN I 180 -111.36 19.78 2.35
N SER I 181 -112.56 19.19 2.29
CA SER I 181 -113.48 19.41 1.19
C SER I 181 -112.82 19.20 -0.17
N GLY I 182 -112.00 18.16 -0.29
CA GLY I 182 -111.36 17.81 -1.55
C GLY I 182 -110.03 18.53 -1.74
N ASN I 183 -109.70 19.42 -0.83
CA ASN I 183 -108.44 20.16 -0.89
C ASN I 183 -107.44 19.57 0.09
N VAL I 184 -106.15 19.78 -0.15
CA VAL I 184 -105.15 19.25 0.77
C VAL I 184 -104.71 20.31 1.77
N LYS I 185 -104.87 19.99 3.04
CA LYS I 185 -104.44 20.88 4.11
C LYS I 185 -103.11 20.42 4.68
N ILE I 186 -102.10 21.24 4.53
CA ILE I 186 -100.78 20.90 5.04
C ILE I 186 -100.49 21.65 6.32
N THR I 187 -100.37 20.91 7.42
CA THR I 187 -100.09 21.52 8.70
C THR I 187 -98.60 21.80 8.84
N VAL I 188 -98.26 23.02 9.24
CA VAL I 188 -96.86 23.38 9.34
C VAL I 188 -96.21 22.97 10.66
N ASN I 189 -96.94 23.07 11.76
CA ASN I 189 -96.40 22.74 13.07
C ASN I 189 -95.10 23.49 13.37
N SER I 190 -95.06 24.75 12.98
CA SER I 190 -93.92 25.63 13.23
C SER I 190 -92.61 25.15 12.63
N GLN I 191 -92.67 24.31 11.60
CA GLN I 191 -91.47 23.90 10.89
C GLN I 191 -91.67 24.01 9.39
N THR I 192 -90.63 24.35 8.66
CA THR I 192 -90.75 24.48 7.22
C THR I 192 -91.11 23.16 6.58
N VAL I 193 -92.12 23.18 5.72
CA VAL I 193 -92.55 21.97 5.03
C VAL I 193 -92.46 22.12 3.53
N ARG I 194 -91.88 21.11 2.87
CA ARG I 194 -91.79 21.09 1.43
C ARG I 194 -92.68 19.98 0.88
N TYR I 195 -93.42 20.28 -0.17
CA TYR I 195 -94.36 19.31 -0.70
C TYR I 195 -94.41 19.29 -2.22
N LYS I 196 -94.84 18.16 -2.76
CA LYS I 196 -95.12 18.03 -4.18
C LYS I 196 -96.40 17.23 -4.37
N CYS I 197 -97.21 17.56 -5.38
CA CYS I 197 -98.46 16.86 -5.64
C CYS I 197 -98.62 16.50 -7.11
N ASN I 198 -99.22 15.35 -7.37
CA ASN I 198 -99.52 14.93 -8.73
C ASN I 198 -100.86 15.53 -9.17
N CYS I 199 -100.90 16.85 -9.24
CA CYS I 199 -102.09 17.62 -9.57
C CYS I 199 -101.71 18.97 -10.15
N GLY I 200 -102.68 19.89 -10.19
CA GLY I 200 -102.41 21.21 -10.74
C GLY I 200 -101.27 21.90 -9.99
N ASP I 201 -101.21 21.68 -8.68
CA ASP I 201 -100.13 22.24 -7.89
C ASP I 201 -98.93 21.31 -7.91
N SER I 202 -98.30 21.20 -9.06
CA SER I 202 -97.18 20.30 -9.26
C SER I 202 -95.89 20.88 -8.71
N ASN I 203 -95.93 22.17 -8.39
CA ASN I 203 -94.75 22.88 -7.92
C ASN I 203 -94.30 22.37 -6.56
N GLU I 204 -92.99 22.30 -6.36
CA GLU I 204 -92.43 21.85 -5.09
C GLU I 204 -92.48 23.00 -4.09
N GLY I 205 -93.69 23.31 -3.65
CA GLY I 205 -93.90 24.46 -2.79
C GLY I 205 -93.34 24.25 -1.40
N LEU I 206 -92.94 25.34 -0.78
CA LEU I 206 -92.49 25.33 0.61
C LEU I 206 -93.30 26.31 1.42
N THR I 207 -93.58 25.98 2.66
CA THR I 207 -94.29 26.91 3.51
C THR I 207 -93.74 26.98 4.91
N THR I 208 -93.97 28.11 5.55
CA THR I 208 -93.67 28.29 6.96
C THR I 208 -94.97 28.47 7.73
N THR I 209 -96.07 28.38 7.00
CA THR I 209 -97.41 28.51 7.56
C THR I 209 -98.33 27.43 7.01
N ASP I 210 -99.46 27.23 7.66
CA ASP I 210 -100.43 26.26 7.15
C ASP I 210 -100.87 26.66 5.76
N LYS I 211 -100.97 25.68 4.87
CA LYS I 211 -101.39 25.96 3.51
C LYS I 211 -102.42 24.96 3.02
N VAL I 212 -103.28 25.40 2.11
CA VAL I 212 -104.24 24.51 1.49
C VAL I 212 -104.04 24.45 -0.02
N ILE I 213 -103.99 23.23 -0.55
CA ILE I 213 -103.85 23.06 -1.99
C ILE I 213 -105.20 22.75 -2.60
N ASN I 214 -105.67 23.64 -3.45
CA ASN I 214 -107.00 23.51 -4.00
C ASN I 214 -107.09 22.44 -5.08
N ASN I 215 -108.19 21.69 -5.06
CA ASN I 215 -108.51 20.70 -6.08
C ASN I 215 -107.43 19.62 -6.23
N CYS I 216 -106.84 19.20 -5.11
CA CYS I 216 -105.86 18.12 -5.08
C CYS I 216 -106.22 17.15 -3.97
N LYS I 217 -105.98 15.87 -4.19
CA LYS I 217 -106.24 14.87 -3.16
C LYS I 217 -104.97 14.57 -2.37
N VAL I 218 -105.13 14.13 -1.13
CA VAL I 218 -103.98 13.79 -0.31
C VAL I 218 -103.23 12.59 -0.88
N ASP I 219 -103.95 11.73 -1.59
CA ASP I 219 -103.33 10.56 -2.20
C ASP I 219 -102.36 10.97 -3.29
N GLN I 220 -102.50 12.19 -3.78
CA GLN I 220 -101.65 12.71 -4.84
C GLN I 220 -100.45 13.50 -4.30
N CYS I 221 -100.42 13.75 -2.99
CA CYS I 221 -99.45 14.68 -2.41
C CYS I 221 -98.45 14.00 -1.48
N HIS I 222 -97.23 14.52 -1.53
CA HIS I 222 -96.12 14.07 -0.69
C HIS I 222 -95.49 15.28 -0.02
N ALA I 223 -95.12 15.15 1.24
CA ALA I 223 -94.51 16.26 1.95
C ALA I 223 -93.56 15.79 3.01
N ALA I 224 -92.61 16.65 3.33
CA ALA I 224 -91.60 16.36 4.32
C ALA I 224 -91.20 17.62 5.07
N VAL I 225 -90.75 17.46 6.30
CA VAL I 225 -90.27 18.58 7.08
C VAL I 225 -88.80 18.82 6.79
N THR I 226 -88.47 20.04 6.41
CA THR I 226 -87.09 20.35 6.07
C THR I 226 -86.45 21.15 7.19
N ASN I 227 -85.28 20.70 7.64
CA ASN I 227 -84.63 21.31 8.79
C ASN I 227 -83.14 21.49 8.55
N HIS I 228 -82.73 22.72 8.34
CA HIS I 228 -81.34 23.03 8.02
C HIS I 228 -80.62 23.61 9.22
N LYS I 229 -81.26 23.53 10.39
CA LYS I 229 -80.73 24.15 11.59
C LYS I 229 -79.84 23.22 12.39
N LYS I 230 -79.89 21.93 12.07
CA LYS I 230 -79.22 20.92 12.87
C LYS I 230 -78.33 20.00 12.05
N TRP I 231 -77.34 19.45 12.73
CA TRP I 231 -76.47 18.41 12.22
C TRP I 231 -76.83 17.06 12.82
N GLN I 232 -76.59 15.99 12.06
CA GLN I 232 -76.69 14.66 12.63
C GLN I 232 -75.67 13.72 12.01
N TYR I 233 -75.33 12.67 12.73
CA TYR I 233 -74.38 11.70 12.22
C TYR I 233 -74.81 11.15 10.87
N ASN I 234 -73.87 11.07 9.94
CA ASN I 234 -74.19 10.63 8.59
C ASN I 234 -74.32 9.13 8.53
N SER I 235 -75.33 8.63 9.22
CA SER I 235 -75.62 7.21 9.28
C SER I 235 -75.99 6.66 7.92
N PRO I 236 -75.60 5.42 7.62
CA PRO I 236 -75.91 4.68 6.42
C PRO I 236 -77.39 4.39 6.32
N LEU I 237 -78.11 4.61 7.42
CA LEU I 237 -79.54 4.35 7.47
C LEU I 237 -80.36 5.59 7.12
N VAL I 238 -79.68 6.71 6.90
CA VAL I 238 -80.34 7.98 6.64
C VAL I 238 -79.78 8.60 5.35
N PRO I 239 -80.62 8.93 4.37
CA PRO I 239 -80.27 9.42 3.05
C PRO I 239 -79.67 10.83 3.07
N ARG I 240 -78.81 11.11 2.09
CA ARG I 240 -78.20 12.43 1.91
C ARG I 240 -79.10 13.38 1.15
N ASN I 241 -78.89 14.68 1.37
CA ASN I 241 -79.57 15.71 0.59
C ASN I 241 -78.96 15.86 -0.80
N ALA I 242 -77.67 15.56 -0.91
CA ALA I 242 -76.96 15.74 -2.17
C ALA I 242 -75.79 14.77 -2.29
N GLU I 243 -75.37 14.51 -3.52
CA GLU I 243 -74.23 13.65 -3.80
C GLU I 243 -72.93 14.34 -3.42
N LEU I 244 -73.04 15.62 -3.10
CA LEU I 244 -71.90 16.46 -2.77
C LEU I 244 -71.32 16.09 -1.42
N GLY I 245 -72.07 15.33 -0.64
CA GLY I 245 -71.62 14.95 0.69
C GLY I 245 -72.10 15.96 1.72
N ASP I 246 -72.82 16.96 1.24
CA ASP I 246 -73.36 17.99 2.11
C ASP I 246 -72.28 18.72 2.88
N ARG I 247 -72.50 18.94 4.18
CA ARG I 247 -71.62 19.77 4.99
C ARG I 247 -70.38 19.05 5.50
N LYS I 248 -70.49 17.76 5.76
CA LYS I 248 -69.36 16.99 6.26
C LYS I 248 -68.71 17.62 7.48
N GLY I 249 -69.51 18.08 8.43
CA GLY I 249 -68.95 18.67 9.63
C GLY I 249 -68.35 17.57 10.48
N LYS I 250 -67.55 17.93 11.47
CA LYS I 250 -66.93 16.89 12.29
C LYS I 250 -67.07 17.19 13.77
N VAL I 251 -67.26 16.14 14.56
CA VAL I 251 -67.30 16.29 16.01
C VAL I 251 -66.40 15.26 16.67
N HIS I 252 -65.95 15.57 17.88
CA HIS I 252 -65.07 14.67 18.63
C HIS I 252 -65.85 13.57 19.33
N ILE I 253 -65.21 12.41 19.46
CA ILE I 253 -65.83 11.25 20.11
C ILE I 253 -65.21 10.97 21.47
N PRO I 254 -66.04 10.81 22.51
CA PRO I 254 -65.66 10.50 23.87
C PRO I 254 -65.19 9.06 23.98
N PHE I 255 -64.48 8.76 25.07
CA PHE I 255 -64.05 7.40 25.36
C PHE I 255 -63.03 6.86 24.37
N PRO I 256 -61.81 7.40 24.39
CA PRO I 256 -60.65 6.96 23.63
C PRO I 256 -60.13 5.63 24.15
N LEU I 257 -59.48 4.87 23.28
CA LEU I 257 -58.85 3.63 23.66
C LEU I 257 -57.55 3.91 24.41
N ALA I 258 -57.27 3.15 25.47
CA ALA I 258 -56.11 3.43 26.31
C ALA I 258 -55.45 2.16 26.83
N ASN I 259 -54.17 2.29 27.17
CA ASN I 259 -53.38 1.17 27.70
C ASN I 259 -53.46 1.07 29.21
N VAL I 260 -54.03 -0.03 29.70
CA VAL I 260 -54.17 -0.27 31.13
C VAL I 260 -53.72 -1.68 31.46
N THR I 261 -53.60 -1.99 32.74
CA THR I 261 -53.26 -3.35 33.14
C THR I 261 -54.47 -4.09 33.69
N CYS I 262 -54.65 -5.34 33.22
CA CYS I 262 -55.73 -6.21 33.67
C CYS I 262 -55.20 -7.26 34.64
N ARG I 263 -55.98 -7.51 35.68
CA ARG I 263 -55.63 -8.53 36.65
C ARG I 263 -56.06 -9.90 36.16
N VAL I 264 -55.14 -10.86 36.19
CA VAL I 264 -55.47 -12.23 35.82
C VAL I 264 -55.02 -13.16 36.94
N PRO I 265 -55.76 -14.25 37.17
CA PRO I 265 -55.55 -15.24 38.21
C PRO I 265 -54.36 -16.12 37.93
N LYS I 266 -53.87 -16.76 38.98
CA LYS I 266 -52.84 -17.80 38.83
C LYS I 266 -53.42 -19.15 39.23
N ALA I 267 -53.26 -20.12 38.35
CA ALA I 267 -53.74 -21.47 38.59
C ALA I 267 -53.05 -22.07 39.80
N ARG I 268 -53.77 -22.92 40.54
CA ARG I 268 -53.25 -23.53 41.74
C ARG I 268 -51.99 -24.33 41.48
N ASN I 269 -51.06 -24.27 42.42
CA ASN I 269 -49.87 -25.08 42.32
C ASN I 269 -50.27 -26.54 42.14
N PRO I 270 -49.68 -27.23 41.16
CA PRO I 270 -49.92 -28.62 40.84
C PRO I 270 -49.26 -29.51 41.88
N THR I 271 -49.77 -30.72 42.04
CA THR I 271 -49.10 -31.68 42.89
C THR I 271 -48.09 -32.42 42.04
N VAL I 272 -46.84 -32.41 42.47
CA VAL I 272 -45.79 -32.94 41.63
C VAL I 272 -45.02 -34.08 42.30
N THR I 273 -44.94 -35.19 41.60
CA THR I 273 -44.13 -36.32 42.03
C THR I 273 -43.16 -36.67 40.93
N TYR I 274 -42.11 -37.40 41.26
CA TYR I 274 -41.07 -37.66 40.27
C TYR I 274 -40.82 -39.14 40.05
N GLY I 275 -40.48 -39.47 38.81
CA GLY I 275 -40.04 -40.81 38.45
C GLY I 275 -38.73 -40.72 37.70
N LYS I 276 -38.27 -41.82 37.13
CA LYS I 276 -37.00 -41.79 36.42
C LYS I 276 -37.16 -41.01 35.14
N ASN I 277 -36.47 -39.88 35.05
CA ASN I 277 -36.57 -38.97 33.91
C ASN I 277 -38.02 -38.61 33.64
N GLN I 278 -38.82 -38.45 34.69
CA GLN I 278 -40.22 -38.13 34.51
C GLN I 278 -40.77 -37.23 35.59
N VAL I 279 -41.61 -36.28 35.19
CA VAL I 279 -42.33 -35.43 36.12
C VAL I 279 -43.82 -35.67 36.01
N ILE I 280 -44.44 -36.02 37.13
CA ILE I 280 -45.86 -36.34 37.13
C ILE I 280 -46.64 -35.24 37.82
N MET I 281 -47.46 -34.53 37.04
CA MET I 281 -48.20 -33.41 37.60
C MET I 281 -49.69 -33.69 37.66
N LEU I 282 -50.29 -33.40 38.81
CA LEU I 282 -51.74 -33.44 38.93
C LEU I 282 -52.27 -32.01 39.00
N LEU I 283 -53.06 -31.65 38.01
CA LEU I 283 -53.49 -30.27 37.84
C LEU I 283 -54.88 -30.02 38.42
N TYR I 284 -55.05 -28.85 39.02
CA TYR I 284 -56.32 -28.48 39.64
C TYR I 284 -56.83 -27.12 39.17
N PRO I 285 -57.32 -27.00 37.94
CA PRO I 285 -57.86 -25.80 37.33
C PRO I 285 -59.23 -25.43 37.90
N ASP I 286 -59.50 -24.14 37.97
CA ASP I 286 -60.85 -23.65 38.29
C ASP I 286 -61.59 -23.35 37.00
N HIS I 287 -60.81 -22.97 36.00
CA HIS I 287 -61.29 -22.57 34.69
C HIS I 287 -60.26 -23.02 33.68
N PRO I 288 -60.59 -23.15 32.40
CA PRO I 288 -59.73 -23.71 31.39
C PRO I 288 -58.39 -23.02 31.45
N THR I 289 -57.34 -23.82 31.61
CA THR I 289 -56.00 -23.31 31.79
C THR I 289 -55.05 -23.92 30.78
N LEU I 290 -54.27 -23.07 30.12
CA LEU I 290 -53.36 -23.58 29.12
C LEU I 290 -52.09 -24.14 29.75
N LEU I 291 -51.78 -25.36 29.39
CA LEU I 291 -50.54 -26.00 29.81
C LEU I 291 -49.63 -26.16 28.62
N SER I 292 -48.37 -25.79 28.76
CA SER I 292 -47.44 -26.00 27.68
C SER I 292 -46.06 -26.32 28.20
N TYR I 293 -45.30 -27.07 27.41
CA TYR I 293 -43.95 -27.41 27.81
C TYR I 293 -43.02 -27.55 26.61
N ARG I 294 -41.75 -27.28 26.86
CA ARG I 294 -40.74 -27.39 25.82
C ARG I 294 -39.44 -27.96 26.39
N ASN I 295 -38.69 -28.61 25.52
CA ASN I 295 -37.34 -29.05 25.86
C ASN I 295 -36.42 -27.85 25.80
N MET I 296 -35.38 -27.84 26.61
CA MET I 296 -34.43 -26.75 26.62
C MET I 296 -33.26 -27.02 25.68
N GLY I 297 -33.37 -28.06 24.87
CA GLY I 297 -32.32 -28.43 23.94
C GLY I 297 -32.55 -27.84 22.56
N GLU I 298 -31.86 -28.39 21.58
CA GLU I 298 -31.93 -27.91 20.20
C GLU I 298 -33.32 -28.08 19.62
N GLU I 299 -33.99 -29.17 20.00
CA GLU I 299 -35.32 -29.47 19.49
C GLU I 299 -36.36 -29.42 20.61
N PRO I 300 -37.07 -28.30 20.75
CA PRO I 300 -37.96 -27.97 21.86
C PRO I 300 -39.17 -28.88 21.92
N ASN I 301 -39.55 -29.47 20.80
CA ASN I 301 -40.71 -30.37 20.79
C ASN I 301 -41.88 -29.73 21.51
N TYR I 302 -42.20 -28.50 21.17
CA TYR I 302 -43.24 -27.77 21.89
C TYR I 302 -44.58 -28.45 21.79
N GLN I 303 -45.23 -28.61 22.94
CA GLN I 303 -46.59 -29.14 22.97
C GLN I 303 -47.44 -28.35 23.95
N GLU I 304 -48.72 -28.22 23.64
CA GLU I 304 -49.63 -27.50 24.53
C GLU I 304 -51.02 -28.11 24.51
N GLU I 305 -51.74 -27.94 25.61
CA GLU I 305 -53.13 -28.34 25.68
C GLU I 305 -53.91 -27.48 26.67
N TRP I 306 -55.20 -27.32 26.43
CA TRP I 306 -56.05 -26.66 27.41
C TRP I 306 -56.59 -27.66 28.40
N VAL I 307 -56.46 -27.36 29.68
CA VAL I 307 -56.91 -28.27 30.71
C VAL I 307 -58.16 -27.73 31.37
N THR I 308 -59.25 -28.49 31.27
CA THR I 308 -60.54 -28.06 31.79
C THR I 308 -60.95 -28.85 33.01
N HIS I 309 -60.28 -29.96 33.25
CA HIS I 309 -60.62 -30.85 34.35
C HIS I 309 -59.37 -31.30 35.09
N LYS I 310 -59.53 -31.75 36.32
CA LYS I 310 -58.39 -32.28 37.06
C LYS I 310 -57.76 -33.38 36.24
N LYS I 311 -56.46 -33.30 36.04
CA LYS I 311 -55.79 -34.23 35.15
C LYS I 311 -54.39 -34.58 35.61
N GLU I 312 -53.97 -35.82 35.39
CA GLU I 312 -52.60 -36.23 35.66
C GLU I 312 -51.81 -36.35 34.38
N ILE I 313 -50.74 -35.57 34.26
CA ILE I 313 -49.93 -35.60 33.07
C ILE I 313 -48.50 -36.05 33.36
N ARG I 314 -48.05 -37.06 32.64
CA ARG I 314 -46.69 -37.55 32.79
C ARG I 314 -45.79 -36.98 31.72
N LEU I 315 -44.84 -36.15 32.12
CA LEU I 315 -43.95 -35.50 31.18
C LEU I 315 -42.57 -36.12 31.23
N THR I 316 -42.03 -36.45 30.06
CA THR I 316 -40.68 -36.99 29.97
C THR I 316 -39.68 -35.87 30.04
N VAL I 317 -38.67 -36.02 30.89
CA VAL I 317 -37.66 -34.98 31.02
C VAL I 317 -36.35 -35.41 30.37
N PRO I 318 -35.91 -34.70 29.33
CA PRO I 318 -34.70 -34.94 28.58
C PRO I 318 -33.50 -34.46 29.36
N THR I 319 -32.32 -34.87 28.94
CA THR I 319 -31.09 -34.47 29.61
C THR I 319 -30.96 -32.95 29.68
N GLU I 320 -31.37 -32.28 28.60
CA GLU I 320 -31.24 -30.84 28.49
C GLU I 320 -32.11 -30.08 29.47
N GLY I 321 -33.15 -30.74 29.96
CA GLY I 321 -34.09 -30.10 30.88
C GLY I 321 -35.44 -29.82 30.22
N LEU I 322 -36.48 -29.72 31.05
CA LEU I 322 -37.83 -29.46 30.58
C LEU I 322 -38.42 -28.22 31.24
N GLU I 323 -39.02 -27.36 30.43
CA GLU I 323 -39.69 -26.18 30.96
C GLU I 323 -41.20 -26.31 30.84
N VAL I 324 -41.91 -26.22 31.95
CA VAL I 324 -43.35 -26.38 31.95
C VAL I 324 -44.06 -25.13 32.44
N THR I 325 -44.96 -24.59 31.63
CA THR I 325 -45.71 -23.41 32.02
C THR I 325 -47.17 -23.76 32.28
N TRP I 326 -47.61 -23.49 33.51
CA TRP I 326 -48.97 -23.81 33.93
C TRP I 326 -49.79 -22.54 34.09
N GLY I 327 -50.66 -22.27 33.14
CA GLY I 327 -51.48 -21.08 33.18
C GLY I 327 -50.64 -19.82 33.20
N ASN I 328 -50.93 -18.93 34.14
CA ASN I 328 -50.24 -17.66 34.26
C ASN I 328 -49.11 -17.71 35.27
N ASN I 329 -48.77 -18.90 35.73
CA ASN I 329 -47.69 -19.07 36.68
C ASN I 329 -46.34 -19.01 35.99
N GLU I 330 -45.30 -18.70 36.76
CA GLU I 330 -43.96 -18.71 36.21
C GLU I 330 -43.63 -20.13 35.77
N PRO I 331 -42.86 -20.31 34.70
CA PRO I 331 -42.41 -21.57 34.17
C PRO I 331 -41.66 -22.38 35.22
N TYR I 332 -41.97 -23.67 35.27
CA TYR I 332 -41.28 -24.58 36.16
C TYR I 332 -40.18 -25.28 35.40
N LYS I 333 -38.96 -25.24 35.93
CA LYS I 333 -37.84 -25.85 35.25
C LYS I 333 -37.40 -27.13 35.93
N TYR I 334 -37.26 -28.19 35.15
CA TYR I 334 -36.86 -29.48 35.70
C TYR I 334 -35.68 -30.07 34.96
N TRP I 335 -34.76 -30.66 35.71
CA TRP I 335 -33.64 -31.40 35.14
C TRP I 335 -33.53 -32.76 35.81
N PRO I 336 -33.16 -33.79 35.05
CA PRO I 336 -32.89 -35.12 35.52
C PRO I 336 -31.53 -35.17 36.16
N GLN I 337 -31.35 -36.07 37.11
CA GLN I 337 -30.02 -36.36 37.60
C GLN I 337 -29.76 -37.85 37.58
N LEU I 338 -28.56 -38.26 37.93
CA LEU I 338 -28.14 -39.63 37.73
C LEU I 338 -28.61 -40.56 38.84
N SER I 339 -29.92 -40.72 38.95
CA SER I 339 -30.49 -41.67 39.89
C SER I 339 -30.46 -43.06 39.28
N THR I 340 -30.28 -44.07 40.12
CA THR I 340 -30.25 -45.46 39.67
C THR I 340 -30.40 -46.42 40.84
N ASN I 341 -30.92 -47.62 40.56
CA ASN I 341 -31.05 -48.66 41.58
C ASN I 341 -29.87 -49.63 41.56
N GLY I 342 -28.89 -49.39 40.69
CA GLY I 342 -27.69 -50.22 40.61
C GLY I 342 -26.56 -49.60 41.40
N THR I 343 -25.40 -50.22 41.35
CA THR I 343 -24.22 -49.67 42.00
C THR I 343 -23.00 -49.95 41.15
N ALA I 344 -22.11 -48.99 41.05
CA ALA I 344 -20.94 -49.14 40.22
C ALA I 344 -19.81 -49.80 41.00
N HIS I 345 -20.06 -50.09 42.27
CA HIS I 345 -19.05 -50.67 43.13
C HIS I 345 -19.47 -52.02 43.68
N GLY I 346 -20.45 -52.63 43.03
CA GLY I 346 -20.98 -53.91 43.50
C GLY I 346 -20.64 -55.04 42.54
N HIS I 347 -21.55 -56.00 42.44
CA HIS I 347 -21.37 -57.16 41.58
C HIS I 347 -21.55 -56.76 40.12
N PRO I 348 -20.94 -57.49 39.18
CA PRO I 348 -20.97 -57.23 37.76
C PRO I 348 -22.37 -56.96 37.22
N HIS I 349 -23.37 -57.67 37.72
CA HIS I 349 -24.73 -57.44 37.24
C HIS I 349 -25.31 -56.17 37.82
N GLU I 350 -24.78 -55.74 38.96
CA GLU I 350 -25.23 -54.50 39.58
C GLU I 350 -24.55 -53.31 38.92
N ILE I 351 -23.34 -53.55 38.41
CA ILE I 351 -22.58 -52.53 37.70
C ILE I 351 -23.20 -52.24 36.34
N ILE I 352 -23.61 -53.30 35.64
CA ILE I 352 -24.26 -53.12 34.36
C ILE I 352 -25.58 -52.38 34.53
N LEU I 353 -26.32 -52.73 35.58
CA LEU I 353 -27.58 -52.05 35.84
C LEU I 353 -27.35 -50.57 36.12
N TYR I 354 -26.29 -50.28 36.86
CA TYR I 354 -25.96 -48.89 37.17
C TYR I 354 -25.76 -48.07 35.91
N TYR I 355 -24.93 -48.58 35.01
CA TYR I 355 -24.62 -47.84 33.80
C TYR I 355 -25.76 -47.89 32.80
N TYR I 356 -26.51 -48.99 32.79
CA TYR I 356 -27.63 -49.11 31.88
C TYR I 356 -28.70 -48.09 32.18
N GLU I 357 -29.06 -47.95 33.44
CA GLU I 357 -30.12 -47.02 33.80
C GLU I 357 -29.70 -45.58 33.53
N LEU I 358 -28.43 -45.27 33.71
CA LEU I 358 -27.95 -43.92 33.49
C LEU I 358 -27.67 -43.64 32.02
N TYR I 359 -27.12 -44.62 31.31
CA TYR I 359 -26.73 -44.44 29.92
C TYR I 359 -27.20 -45.62 29.07
N PRO I 360 -28.50 -45.76 28.85
CA PRO I 360 -29.19 -46.94 28.34
C PRO I 360 -28.81 -47.32 26.92
N THR I 361 -28.32 -46.36 26.14
CA THR I 361 -27.94 -46.68 24.77
C THR I 361 -26.44 -46.88 24.65
N MET I 362 -25.68 -46.10 25.40
CA MET I 362 -24.24 -46.24 25.39
C MET I 362 -23.84 -47.57 26.00
N THR I 363 -24.56 -47.97 27.05
CA THR I 363 -24.25 -49.19 27.76
C THR I 363 -24.49 -50.41 26.89
N VAL I 364 -25.60 -50.43 26.18
CA VAL I 364 -25.94 -51.56 25.35
C VAL I 364 -24.98 -51.68 24.18
N VAL I 365 -24.63 -50.55 23.58
CA VAL I 365 -23.71 -50.58 22.46
C VAL I 365 -22.33 -51.02 22.89
N VAL I 366 -21.84 -50.50 24.00
CA VAL I 366 -20.52 -50.87 24.47
C VAL I 366 -20.47 -52.34 24.90
N VAL I 367 -21.49 -52.77 25.62
CA VAL I 367 -21.53 -54.15 26.08
C VAL I 367 -21.72 -55.12 24.93
N SER I 368 -22.62 -54.80 24.01
CA SER I 368 -22.88 -55.68 22.89
C SER I 368 -21.68 -55.82 21.98
N VAL I 369 -21.01 -54.70 21.71
CA VAL I 369 -19.84 -54.72 20.86
C VAL I 369 -18.66 -55.38 21.56
N ALA I 370 -18.44 -55.03 22.82
CA ALA I 370 -17.32 -55.60 23.54
C ALA I 370 -17.49 -57.11 23.69
N SER I 371 -18.73 -57.55 23.93
CA SER I 371 -18.99 -58.97 24.07
C SER I 371 -18.73 -59.69 22.77
N PHE I 372 -19.18 -59.09 21.67
CA PHE I 372 -18.97 -59.67 20.37
C PHE I 372 -17.49 -59.80 20.05
N VAL I 373 -16.73 -58.74 20.33
CA VAL I 373 -15.31 -58.75 20.05
C VAL I 373 -14.57 -59.76 20.91
N LEU I 374 -14.92 -59.84 22.18
CA LEU I 374 -14.25 -60.78 23.07
C LEU I 374 -14.53 -62.21 22.66
N LEU I 375 -15.76 -62.50 22.26
CA LEU I 375 -16.11 -63.83 21.81
C LEU I 375 -15.39 -64.15 20.51
N SER I 376 -15.29 -63.16 19.64
CA SER I 376 -14.60 -63.33 18.37
C SER I 376 -13.13 -63.63 18.60
N MET I 377 -12.52 -62.92 19.55
CA MET I 377 -11.10 -63.13 19.83
C MET I 377 -10.84 -64.50 20.42
N VAL I 378 -11.80 -65.03 21.16
CA VAL I 378 -11.69 -66.38 21.67
C VAL I 378 -11.76 -67.36 20.51
N GLY I 379 -12.68 -67.11 19.58
CA GLY I 379 -12.81 -67.95 18.40
C GLY I 379 -11.52 -67.94 17.58
N VAL I 380 -10.85 -66.80 17.55
CA VAL I 380 -9.58 -66.69 16.85
C VAL I 380 -8.50 -67.52 17.54
N ALA I 381 -8.45 -67.43 18.87
CA ALA I 381 -7.47 -68.19 19.62
C ALA I 381 -7.66 -69.69 19.41
N VAL I 382 -8.92 -70.11 19.33
CA VAL I 382 -9.22 -71.51 19.08
C VAL I 382 -8.86 -71.89 17.66
N GLY I 383 -9.18 -71.03 16.71
CA GLY I 383 -8.87 -71.30 15.31
C GLY I 383 -7.37 -71.45 15.12
N MET I 384 -6.58 -70.62 15.82
CA MET I 384 -5.14 -70.72 15.72
C MET I 384 -4.64 -72.03 16.32
N CYS I 385 -5.28 -72.46 17.41
CA CYS I 385 -4.89 -73.71 18.04
C CYS I 385 -5.19 -74.89 17.11
N MET I 386 -6.32 -74.82 16.41
CA MET I 386 -6.68 -75.88 15.49
C MET I 386 -5.78 -75.88 14.27
N CYS I 387 -5.38 -74.70 13.81
CA CYS I 387 -4.47 -74.60 12.69
C CYS I 387 -3.09 -75.12 13.07
N ALA I 388 -2.63 -74.73 14.26
CA ALA I 388 -1.35 -75.17 14.75
C ALA I 388 -1.37 -76.68 14.97
N ARG I 389 -2.49 -77.19 15.43
CA ARG I 389 -2.63 -78.61 15.68
C ARG I 389 -2.53 -79.41 14.39
N ARG I 390 -3.26 -78.97 13.36
CA ARG I 390 -3.21 -79.67 12.10
C ARG I 390 -1.83 -79.61 11.48
N ARG I 391 -1.19 -78.46 11.58
CA ARG I 391 0.11 -78.28 10.98
C ARG I 391 1.17 -79.14 11.66
N CYS I 392 1.10 -79.24 12.98
CA CYS I 392 2.06 -80.04 13.73
C CYS I 392 1.85 -81.54 13.56
N ILE I 393 0.59 -81.95 13.45
CA ILE I 393 0.26 -83.37 13.35
C ILE I 393 0.38 -83.92 11.93
N THR I 394 -0.02 -83.11 10.95
CA THR I 394 -0.07 -83.58 9.57
C THR I 394 1.16 -84.37 9.11
N PRO I 395 2.40 -83.91 9.38
CA PRO I 395 3.64 -84.55 8.95
C PRO I 395 3.73 -86.00 9.42
N TYR I 396 3.03 -86.31 10.50
CA TYR I 396 3.02 -87.67 11.02
C TYR I 396 1.93 -88.49 10.34
N GLU I 397 0.84 -87.83 9.99
CA GLU I 397 -0.28 -88.50 9.33
C GLU I 397 0.08 -88.88 7.91
N LEU I 398 1.10 -88.25 7.36
CA LEU I 398 1.54 -88.53 6.01
C LEU I 398 2.64 -89.58 5.99
N THR I 399 3.11 -89.98 7.16
CA THR I 399 4.26 -90.87 7.26
C THR I 399 3.81 -92.33 7.39
N PRO I 400 4.22 -93.22 6.48
CA PRO I 400 3.78 -94.59 6.31
C PRO I 400 4.13 -95.48 7.50
N GLY I 401 5.08 -95.02 8.31
CA GLY I 401 5.49 -95.75 9.50
C GLY I 401 5.55 -94.81 10.69
N ALA I 402 4.60 -93.88 10.75
CA ALA I 402 4.59 -92.86 11.78
C ALA I 402 4.57 -93.43 13.18
N THR I 403 5.38 -92.85 14.05
CA THR I 403 5.39 -93.17 15.46
C THR I 403 5.34 -91.88 16.26
N VAL I 404 4.13 -91.42 16.57
CA VAL I 404 3.99 -90.13 17.23
C VAL I 404 4.49 -90.21 18.66
N PRO I 405 5.40 -89.32 19.07
CA PRO I 405 5.94 -89.20 20.41
C PRO I 405 4.81 -89.07 21.41
N PHE I 406 4.95 -89.74 22.54
CA PHE I 406 3.87 -89.76 23.52
C PHE I 406 3.53 -88.36 24.00
N LEU I 407 4.55 -87.55 24.22
CA LEU I 407 4.31 -86.20 24.71
C LEU I 407 3.50 -85.40 23.69
N LEU I 408 3.79 -85.60 22.42
CA LEU I 408 3.07 -84.90 21.36
C LEU I 408 1.63 -85.39 21.28
N SER I 409 1.44 -86.69 21.53
CA SER I 409 0.10 -87.25 21.52
C SER I 409 -0.74 -86.68 22.66
N LEU I 410 -0.10 -86.36 23.77
CA LEU I 410 -0.81 -85.77 24.89
C LEU I 410 -1.18 -84.32 24.63
N ILE I 411 -0.33 -83.61 23.90
CA ILE I 411 -0.50 -82.18 23.72
C ILE I 411 -1.35 -81.83 22.50
N CYS I 412 -1.04 -82.41 21.35
CA CYS I 412 -1.71 -82.00 20.13
C CYS I 412 -2.80 -82.97 19.70
N CYS I 413 -2.54 -84.27 19.77
CA CYS I 413 -3.54 -85.22 19.29
C CYS I 413 -4.86 -85.08 20.07
N ILE I 414 -4.75 -84.78 21.37
CA ILE I 414 -5.93 -84.53 22.21
C ILE I 414 -6.42 -83.11 21.97
N ASN J 1 54.76 -68.19 -46.75
CA ASN J 1 53.63 -69.12 -46.73
C ASN J 1 52.62 -68.72 -45.66
N ASP J 2 53.09 -68.65 -44.42
CA ASP J 2 52.28 -68.28 -43.25
C ASP J 2 52.44 -66.81 -42.83
N CYS J 3 53.04 -65.99 -43.71
CA CYS J 3 53.18 -64.56 -43.50
C CYS J 3 51.81 -63.89 -43.50
N ILE J 4 50.94 -64.37 -44.39
CA ILE J 4 49.68 -63.73 -44.72
C ILE J 4 48.54 -63.94 -43.73
N PHE J 5 47.86 -62.83 -43.43
CA PHE J 5 46.61 -62.80 -42.70
C PHE J 5 45.57 -62.09 -43.57
N GLU J 6 44.32 -62.49 -43.46
CA GLU J 6 43.30 -61.93 -44.35
C GLU J 6 42.77 -60.59 -43.87
N VAL J 7 42.45 -59.72 -44.81
CA VAL J 7 41.76 -58.46 -44.52
C VAL J 7 40.36 -58.52 -45.09
N LYS J 8 39.36 -58.38 -44.24
CA LYS J 8 37.99 -58.57 -44.68
C LYS J 8 37.10 -57.35 -44.51
N HIS J 9 36.20 -57.18 -45.47
CA HIS J 9 35.16 -56.17 -45.41
C HIS J 9 33.83 -56.78 -45.83
N GLU J 10 32.83 -56.66 -44.98
CA GLU J 10 31.53 -57.26 -45.22
C GLU J 10 31.64 -58.76 -45.50
N GLY J 11 32.56 -59.42 -44.81
CA GLY J 11 32.72 -60.87 -44.91
C GLY J 11 33.59 -61.30 -46.08
N LYS J 12 33.99 -60.37 -46.92
CA LYS J 12 34.80 -60.71 -48.08
C LYS J 12 36.23 -60.29 -47.92
N VAL J 13 37.15 -61.06 -48.49
CA VAL J 13 38.54 -60.68 -48.46
C VAL J 13 38.82 -59.63 -49.53
N THR J 14 39.35 -58.50 -49.12
CA THR J 14 39.59 -57.40 -50.03
C THR J 14 41.07 -57.20 -50.26
N GLY J 15 41.87 -58.04 -49.62
CA GLY J 15 43.31 -57.96 -49.72
C GLY J 15 43.97 -58.66 -48.56
N TYR J 16 45.28 -58.56 -48.47
CA TYR J 16 46.02 -59.24 -47.44
C TYR J 16 46.95 -58.33 -46.66
N ALA J 17 47.24 -58.73 -45.44
CA ALA J 17 48.29 -58.12 -44.64
C ALA J 17 49.24 -59.22 -44.25
N CYS J 18 50.53 -58.93 -44.09
CA CYS J 18 51.43 -60.00 -43.67
C CYS J 18 52.55 -59.48 -42.78
N LEU J 19 53.14 -60.38 -42.00
CA LEU J 19 54.15 -60.00 -41.03
C LEU J 19 55.55 -60.04 -41.63
N VAL J 20 56.14 -58.87 -41.84
CA VAL J 20 57.47 -58.79 -42.42
C VAL J 20 58.43 -58.12 -41.46
N GLY J 21 59.51 -58.80 -41.13
CA GLY J 21 60.47 -58.22 -40.22
C GLY J 21 59.82 -57.95 -38.87
N ASP J 22 59.94 -56.71 -38.39
CA ASP J 22 59.41 -56.37 -37.07
C ASP J 22 58.05 -55.69 -37.11
N LYS J 23 57.47 -55.54 -38.29
CA LYS J 23 56.21 -54.82 -38.39
C LYS J 23 55.21 -55.44 -39.36
N VAL J 24 53.94 -55.18 -39.09
CA VAL J 24 52.84 -55.63 -39.92
C VAL J 24 52.71 -54.70 -41.10
N MET J 25 52.68 -55.26 -42.30
CA MET J 25 52.53 -54.43 -43.48
C MET J 25 51.27 -54.79 -44.24
N LYS J 26 50.48 -53.78 -44.57
CA LYS J 26 49.30 -53.98 -45.39
C LYS J 26 49.14 -52.79 -46.34
N PRO J 27 48.48 -52.99 -47.48
CA PRO J 27 48.00 -51.95 -48.38
C PRO J 27 47.07 -51.01 -47.66
N ALA J 28 47.24 -49.72 -47.91
CA ALA J 28 46.39 -48.71 -47.28
C ALA J 28 45.12 -48.49 -48.08
N HIS J 29 45.11 -48.92 -49.34
CA HIS J 29 43.96 -48.69 -50.20
C HIS J 29 42.91 -49.77 -50.01
N VAL J 30 43.28 -50.83 -49.30
CA VAL J 30 42.38 -51.94 -49.05
C VAL J 30 41.46 -51.64 -47.88
N LYS J 31 40.16 -51.77 -48.11
CA LYS J 31 39.17 -51.52 -47.06
C LYS J 31 38.82 -52.81 -46.34
N GLY J 32 38.92 -52.78 -45.02
CA GLY J 32 38.58 -53.94 -44.21
C GLY J 32 39.47 -54.02 -42.99
N THR J 33 39.28 -55.07 -42.20
CA THR J 33 40.07 -55.26 -40.99
C THR J 33 40.76 -56.62 -41.00
N ILE J 34 41.81 -56.74 -40.20
CA ILE J 34 42.57 -57.98 -40.14
C ILE J 34 41.83 -59.04 -39.34
N ASP J 35 41.82 -60.25 -39.88
CA ASP J 35 41.10 -61.37 -39.27
C ASP J 35 41.63 -61.75 -37.90
N ASN J 36 42.94 -61.66 -37.73
CA ASN J 36 43.60 -61.98 -36.47
C ASN J 36 43.36 -60.90 -35.43
N ALA J 37 42.80 -61.29 -34.30
CA ALA J 37 42.44 -60.35 -33.25
C ALA J 37 43.66 -59.62 -32.69
N ASP J 38 44.79 -60.30 -32.61
CA ASP J 38 45.99 -59.70 -32.04
C ASP J 38 46.53 -58.62 -32.96
N LEU J 39 46.30 -58.79 -34.25
CA LEU J 39 46.76 -57.80 -35.21
C LEU J 39 45.70 -56.74 -35.44
N ALA J 40 44.43 -57.15 -35.34
CA ALA J 40 43.31 -56.26 -35.59
C ALA J 40 43.27 -55.12 -34.60
N LYS J 41 43.71 -55.37 -33.38
CA LYS J 41 43.64 -54.37 -32.33
C LYS J 41 44.83 -53.42 -32.34
N LEU J 42 45.77 -53.65 -33.23
CA LEU J 42 46.95 -52.79 -33.30
C LEU J 42 46.62 -51.43 -33.87
N ALA J 43 47.27 -50.41 -33.34
CA ALA J 43 47.19 -49.09 -33.97
C ALA J 43 48.01 -49.10 -35.23
N PHE J 44 47.52 -48.46 -36.28
CA PHE J 44 48.25 -48.42 -37.54
C PHE J 44 48.54 -47.01 -38.00
N LYS J 45 49.66 -46.85 -38.69
CA LYS J 45 50.03 -45.59 -39.31
C LYS J 45 49.89 -45.70 -40.81
N ARG J 46 49.50 -44.62 -41.46
CA ARG J 46 49.23 -44.66 -42.89
C ARG J 46 50.01 -43.61 -43.66
N SER J 47 50.41 -43.97 -44.87
CA SER J 47 51.02 -43.02 -45.79
C SER J 47 50.39 -43.09 -47.16
N SER J 48 49.70 -42.03 -47.55
CA SER J 48 49.02 -41.98 -48.84
C SER J 48 50.02 -41.89 -49.97
N LYS J 49 51.25 -41.57 -49.65
CA LYS J 49 52.31 -41.50 -50.64
C LYS J 49 52.73 -42.89 -51.09
N TYR J 50 52.66 -43.85 -50.17
CA TYR J 50 53.12 -45.20 -50.47
C TYR J 50 51.96 -46.19 -50.49
N ASP J 51 50.77 -45.72 -50.15
CA ASP J 51 49.61 -46.59 -50.04
C ASP J 51 49.93 -47.74 -49.10
N LEU J 52 50.65 -47.41 -48.03
CA LEU J 52 51.11 -48.42 -47.09
C LEU J 52 50.68 -48.10 -45.67
N GLU J 53 50.15 -49.11 -45.00
CA GLU J 53 49.73 -49.00 -43.61
C GLU J 53 50.48 -50.02 -42.76
N CYS J 54 51.00 -49.59 -41.60
CA CYS J 54 51.80 -50.51 -40.80
C CYS J 54 51.62 -50.36 -39.29
N ALA J 55 52.03 -51.40 -38.58
CA ALA J 55 52.01 -51.42 -37.11
C ALA J 55 53.08 -52.38 -36.61
N GLN J 56 53.50 -52.22 -35.36
CA GLN J 56 54.50 -53.12 -34.80
C GLN J 56 53.91 -54.49 -34.49
N ILE J 57 54.69 -55.54 -34.74
CA ILE J 57 54.27 -56.90 -34.44
C ILE J 57 54.40 -57.19 -32.94
N PRO J 58 53.35 -57.71 -32.30
CA PRO J 58 53.31 -58.16 -30.93
C PRO J 58 54.42 -59.17 -30.67
N VAL J 59 55.01 -59.13 -29.49
CA VAL J 59 56.18 -59.95 -29.19
C VAL J 59 55.90 -61.44 -29.37
N HIS J 60 54.71 -61.88 -28.98
CA HIS J 60 54.40 -63.30 -29.05
C HIS J 60 54.21 -63.77 -30.48
N MET J 61 54.09 -62.83 -31.41
CA MET J 61 53.94 -63.18 -32.82
C MET J 61 55.23 -62.94 -33.59
N LYS J 62 56.30 -62.66 -32.87
CA LYS J 62 57.58 -62.36 -33.50
C LYS J 62 58.07 -63.51 -34.35
N SER J 63 57.80 -64.73 -33.92
CA SER J 63 58.28 -65.91 -34.61
C SER J 63 57.56 -66.16 -35.92
N ASP J 64 56.43 -65.49 -36.11
CA ASP J 64 55.66 -65.68 -37.33
C ASP J 64 56.04 -64.67 -38.40
N ALA J 65 56.97 -63.79 -38.05
CA ALA J 65 57.42 -62.78 -39.01
C ALA J 65 58.29 -63.42 -40.07
N SER J 66 58.16 -62.96 -41.30
CA SER J 66 58.98 -63.46 -42.37
C SER J 66 60.31 -62.71 -42.44
N LYS J 67 61.30 -63.34 -43.04
CA LYS J 67 62.58 -62.69 -43.29
C LYS J 67 62.44 -61.80 -44.50
N PHE J 68 63.25 -60.75 -44.57
CA PHE J 68 63.16 -59.80 -45.66
C PHE J 68 64.53 -59.32 -46.10
N THR J 69 64.61 -58.84 -47.33
CA THR J 69 65.86 -58.28 -47.83
C THR J 69 65.61 -57.07 -48.71
N HIS J 70 66.60 -56.19 -48.77
CA HIS J 70 66.54 -55.04 -49.64
C HIS J 70 67.19 -55.34 -50.99
N GLU J 71 67.83 -56.50 -51.09
CA GLU J 71 68.56 -56.88 -52.28
C GLU J 71 67.61 -57.27 -53.40
N LYS J 72 67.85 -56.72 -54.58
CA LYS J 72 67.02 -57.00 -55.74
C LYS J 72 67.85 -57.18 -57.01
N PRO J 73 68.57 -58.30 -57.12
CA PRO J 73 69.26 -58.74 -58.32
C PRO J 73 68.28 -59.16 -59.40
N GLU J 74 68.67 -58.99 -60.65
CA GLU J 74 67.82 -59.44 -61.75
C GLU J 74 67.65 -60.94 -61.69
N GLY J 75 66.44 -61.41 -61.95
CA GLY J 75 66.17 -62.84 -61.89
C GLY J 75 64.72 -63.10 -61.55
N TYR J 76 64.42 -64.33 -61.17
CA TYR J 76 63.05 -64.70 -60.86
C TYR J 76 62.80 -64.78 -59.37
N TYR J 77 61.64 -64.30 -58.97
CA TYR J 77 61.20 -64.32 -57.59
C TYR J 77 59.87 -65.07 -57.50
N ASN J 78 59.58 -65.61 -56.33
CA ASN J 78 58.38 -66.43 -56.17
C ASN J 78 57.28 -65.68 -55.44
N TRP J 79 56.03 -66.05 -55.71
CA TRP J 79 54.91 -65.54 -54.95
C TRP J 79 53.75 -66.52 -55.05
N HIS J 80 52.62 -66.20 -54.45
CA HIS J 80 51.54 -67.17 -54.37
C HIS J 80 51.06 -67.61 -55.75
N HIS J 81 50.80 -66.65 -56.62
CA HIS J 81 50.30 -66.97 -57.95
C HIS J 81 51.43 -67.15 -58.96
N GLY J 82 52.19 -68.22 -58.78
CA GLY J 82 53.27 -68.53 -59.70
C GLY J 82 54.52 -67.71 -59.44
N ALA J 83 55.32 -67.51 -60.48
CA ALA J 83 56.59 -66.80 -60.34
C ALA J 83 56.49 -65.41 -60.92
N VAL J 84 57.33 -64.51 -60.43
CA VAL J 84 57.41 -63.15 -60.93
C VAL J 84 58.82 -62.81 -61.39
N GLN J 85 58.93 -62.23 -62.57
CA GLN J 85 60.22 -61.89 -63.15
C GLN J 85 60.62 -60.46 -62.79
N TYR J 86 61.85 -60.29 -62.33
CA TYR J 86 62.32 -58.95 -62.02
C TYR J 86 63.48 -58.53 -62.90
N SER J 87 63.29 -57.45 -63.63
CA SER J 87 64.34 -56.90 -64.48
C SER J 87 64.05 -55.45 -64.83
N GLY J 88 65.10 -54.65 -64.92
CA GLY J 88 64.94 -53.27 -65.36
C GLY J 88 64.35 -52.41 -64.25
N GLY J 89 64.36 -52.95 -63.04
CA GLY J 89 63.77 -52.26 -61.90
C GLY J 89 62.28 -52.53 -61.80
N ARG J 90 61.77 -53.41 -62.67
CA ARG J 90 60.35 -53.68 -62.72
C ARG J 90 60.00 -55.15 -62.46
N PHE J 91 58.99 -55.36 -61.63
CA PHE J 91 58.46 -56.71 -61.40
C PHE J 91 57.37 -57.01 -62.41
N THR J 92 57.48 -58.16 -63.08
CA THR J 92 56.53 -58.52 -64.11
C THR J 92 56.03 -59.96 -63.96
N ILE J 93 54.73 -60.15 -64.15
CA ILE J 93 54.12 -61.49 -64.15
C ILE J 93 53.33 -61.63 -65.45
N PRO J 94 52.96 -62.84 -65.86
CA PRO J 94 52.14 -63.12 -67.03
C PRO J 94 50.80 -62.42 -66.91
N THR J 95 50.29 -61.93 -68.03
CA THR J 95 49.02 -61.22 -67.98
C THR J 95 47.91 -62.12 -67.48
N GLY J 96 47.17 -61.63 -66.50
CA GLY J 96 46.07 -62.38 -65.93
C GLY J 96 46.53 -63.31 -64.82
N ALA J 97 47.83 -63.37 -64.57
CA ALA J 97 48.37 -64.23 -63.53
C ALA J 97 47.88 -63.79 -62.16
N GLY J 98 47.72 -62.49 -61.98
CA GLY J 98 47.22 -61.96 -60.73
C GLY J 98 45.80 -61.43 -60.89
N LYS J 99 45.14 -61.18 -59.77
CA LYS J 99 43.79 -60.65 -59.78
C LYS J 99 43.62 -59.56 -58.74
N PRO J 100 42.60 -58.73 -58.86
CA PRO J 100 42.05 -57.91 -57.83
C PRO J 100 41.75 -58.79 -56.63
N GLY J 101 42.10 -58.32 -55.45
CA GLY J 101 41.96 -59.11 -54.24
C GLY J 101 43.28 -59.76 -53.84
N ASP J 102 44.29 -59.68 -54.72
CA ASP J 102 45.59 -60.24 -54.41
C ASP J 102 46.54 -59.22 -53.80
N SER J 103 46.05 -58.02 -53.55
CA SER J 103 46.92 -57.00 -52.99
C SER J 103 47.36 -57.39 -51.59
N GLY J 104 48.58 -57.03 -51.25
CA GLY J 104 49.13 -57.33 -49.94
C GLY J 104 49.99 -58.58 -49.96
N ARG J 105 49.93 -59.33 -51.05
CA ARG J 105 50.76 -60.53 -51.16
C ARG J 105 52.22 -60.14 -51.36
N PRO J 106 53.13 -60.77 -50.62
CA PRO J 106 54.57 -60.62 -50.69
C PRO J 106 55.18 -61.32 -51.90
N ILE J 107 56.33 -60.80 -52.32
CA ILE J 107 57.18 -61.47 -53.29
C ILE J 107 58.45 -61.95 -52.60
N PHE J 108 58.76 -63.23 -52.76
CA PHE J 108 59.91 -63.84 -52.08
C PHE J 108 61.06 -64.11 -53.03
N ASP J 109 62.27 -64.02 -52.51
CA ASP J 109 63.44 -64.42 -53.28
C ASP J 109 63.66 -65.92 -53.11
N ASN J 110 64.76 -66.41 -53.66
CA ASN J 110 65.01 -67.84 -53.69
C ASN J 110 65.44 -68.38 -52.34
N LYS J 111 65.61 -67.50 -51.36
CA LYS J 111 65.98 -67.91 -50.02
C LYS J 111 64.80 -67.77 -49.06
N GLY J 112 63.64 -67.42 -49.62
CA GLY J 112 62.41 -67.29 -48.84
C GLY J 112 62.29 -65.93 -48.15
N ARG J 113 63.08 -64.95 -48.59
CA ARG J 113 63.02 -63.63 -48.00
C ARG J 113 62.08 -62.72 -48.76
N VAL J 114 61.33 -61.90 -48.04
CA VAL J 114 60.40 -60.97 -48.67
C VAL J 114 61.13 -59.79 -49.28
N VAL J 115 60.80 -59.50 -50.53
CA VAL J 115 61.42 -58.43 -51.28
C VAL J 115 60.47 -57.25 -51.48
N ALA J 116 59.22 -57.56 -51.79
CA ALA J 116 58.26 -56.50 -52.09
C ALA J 116 56.83 -56.95 -51.80
N ILE J 117 55.95 -55.98 -51.60
CA ILE J 117 54.53 -56.24 -51.42
C ILE J 117 53.76 -55.75 -52.64
N VAL J 118 52.91 -56.62 -53.20
CA VAL J 118 52.17 -56.27 -54.40
C VAL J 118 50.90 -55.48 -54.08
N LEU J 119 50.75 -54.31 -54.71
CA LEU J 119 49.56 -53.51 -54.52
C LEU J 119 48.63 -53.57 -55.73
N GLY J 120 49.21 -53.72 -56.91
CA GLY J 120 48.44 -53.66 -58.14
C GLY J 120 49.31 -53.91 -59.37
N GLY J 121 48.80 -53.54 -60.54
CA GLY J 121 49.55 -53.74 -61.78
C GLY J 121 48.77 -53.30 -63.00
N ALA J 122 49.35 -53.51 -64.18
CA ALA J 122 48.71 -53.14 -65.44
C ALA J 122 49.04 -54.15 -66.53
N ASN J 123 48.06 -54.42 -67.38
CA ASN J 123 48.21 -55.41 -68.44
C ASN J 123 48.73 -54.79 -69.72
N GLU J 124 49.97 -55.10 -70.06
CA GLU J 124 50.55 -54.61 -71.30
C GLU J 124 50.95 -55.78 -72.17
N GLY J 125 50.09 -56.13 -73.11
CA GLY J 125 50.29 -57.30 -73.95
C GLY J 125 50.25 -58.59 -73.15
N ALA J 126 51.23 -59.45 -73.38
CA ALA J 126 51.27 -60.77 -72.78
C ALA J 126 51.73 -60.73 -71.33
N ARG J 127 52.23 -59.59 -70.88
CA ARG J 127 52.75 -59.49 -69.53
C ARG J 127 52.14 -58.30 -68.80
N THR J 128 52.07 -58.40 -67.48
CA THR J 128 51.57 -57.30 -66.67
C THR J 128 52.61 -56.82 -65.68
N ALA J 129 52.82 -55.51 -65.67
CA ALA J 129 53.77 -54.91 -64.75
C ALA J 129 53.11 -54.71 -63.41
N LEU J 130 53.86 -54.90 -62.34
CA LEU J 130 53.28 -54.76 -61.00
C LEU J 130 53.62 -53.45 -60.34
N SER J 131 52.67 -52.95 -59.56
CA SER J 131 52.90 -51.84 -58.65
C SER J 131 53.23 -52.42 -57.29
N VAL J 132 54.44 -52.18 -56.82
CA VAL J 132 54.89 -52.84 -55.60
C VAL J 132 55.50 -51.87 -54.58
N VAL J 133 55.52 -52.32 -53.34
CA VAL J 133 56.18 -51.60 -52.26
C VAL J 133 57.43 -52.33 -51.84
N THR J 134 58.57 -51.67 -51.95
CA THR J 134 59.83 -52.31 -51.61
C THR J 134 60.73 -51.35 -50.86
N TRP J 135 61.78 -51.88 -50.25
CA TRP J 135 62.74 -51.07 -49.52
C TRP J 135 64.10 -51.12 -50.19
N ASN J 136 64.84 -50.02 -50.12
CA ASN J 136 66.15 -49.96 -50.77
C ASN J 136 67.29 -50.09 -49.79
N LYS J 137 67.26 -49.31 -48.73
CA LYS J 137 68.26 -49.38 -47.68
C LYS J 137 67.61 -49.16 -46.34
N ASP J 138 67.11 -47.94 -46.11
CA ASP J 138 66.46 -47.61 -44.85
C ASP J 138 65.10 -46.96 -45.02
N ILE J 139 64.62 -46.85 -46.26
CA ILE J 139 63.30 -46.29 -46.49
C ILE J 139 62.49 -47.16 -47.43
N VAL J 140 61.17 -47.01 -47.35
CA VAL J 140 60.27 -47.66 -48.28
C VAL J 140 60.04 -46.79 -49.51
N THR J 141 60.12 -47.41 -50.69
CA THR J 141 59.86 -46.71 -51.93
C THR J 141 58.72 -47.39 -52.69
N LYS J 142 58.09 -46.65 -53.58
CA LYS J 142 56.98 -47.20 -54.34
C LYS J 142 57.27 -47.22 -55.83
N ILE J 143 57.16 -48.39 -56.43
CA ILE J 143 57.39 -48.54 -57.86
C ILE J 143 56.09 -48.81 -58.58
N THR J 144 55.70 -47.91 -59.47
CA THR J 144 54.46 -48.07 -60.20
C THR J 144 54.66 -47.78 -61.69
N PRO J 145 54.20 -48.69 -62.56
CA PRO J 145 54.11 -48.54 -64.00
C PRO J 145 53.18 -47.40 -64.38
N GLU J 146 53.39 -46.82 -65.55
CA GLU J 146 52.63 -45.66 -65.96
C GLU J 146 51.14 -45.93 -65.87
N GLY J 147 50.72 -47.11 -66.30
CA GLY J 147 49.35 -47.54 -66.09
C GLY J 147 49.34 -48.47 -64.89
N ALA J 148 48.28 -48.40 -64.10
CA ALA J 148 48.16 -49.31 -62.97
C ALA J 148 46.74 -49.38 -62.48
N GLU J 149 46.38 -50.52 -61.92
CA GLU J 149 45.10 -50.68 -61.24
C GLU J 149 45.33 -51.22 -59.84
N GLU J 150 44.58 -50.70 -58.88
CA GLU J 150 44.66 -51.20 -57.52
C GLU J 150 44.01 -52.57 -57.44
N TRP J 151 44.62 -53.47 -56.66
CA TRP J 151 44.05 -54.80 -56.43
C TRP J 151 43.56 -54.91 -54.98
N ASN K 1 38.42 -88.68 -14.20
CA ASN K 1 38.98 -89.45 -15.30
C ASN K 1 38.64 -88.80 -16.64
N ASP K 2 37.48 -89.15 -17.21
CA ASP K 2 36.99 -88.62 -18.47
C ASP K 2 35.94 -87.54 -18.25
N CYS K 3 35.78 -87.11 -17.01
CA CYS K 3 34.84 -86.06 -16.69
C CYS K 3 35.48 -84.72 -16.93
N ILE K 4 35.74 -84.43 -18.19
CA ILE K 4 36.45 -83.22 -18.57
C ILE K 4 35.46 -82.08 -18.72
N PHE K 5 35.15 -81.44 -17.59
CA PHE K 5 34.19 -80.36 -17.57
C PHE K 5 34.83 -79.06 -17.11
N GLU K 6 36.14 -78.99 -17.23
CA GLU K 6 36.85 -77.75 -17.01
C GLU K 6 36.51 -76.80 -18.14
N VAL K 7 36.24 -75.55 -17.80
CA VAL K 7 35.88 -74.57 -18.82
C VAL K 7 36.86 -73.40 -18.83
N LYS K 8 37.46 -73.16 -19.98
CA LYS K 8 38.45 -72.10 -20.10
C LYS K 8 37.79 -70.73 -20.02
N HIS K 9 38.47 -69.75 -19.45
CA HIS K 9 37.86 -68.45 -19.25
C HIS K 9 38.70 -67.25 -19.70
N GLU K 10 39.29 -67.32 -20.89
CA GLU K 10 40.01 -66.19 -21.47
C GLU K 10 40.48 -66.52 -22.88
N GLY K 11 40.71 -65.49 -23.70
CA GLY K 11 41.24 -65.69 -25.04
C GLY K 11 42.61 -66.32 -24.95
N LYS K 12 43.39 -65.85 -24.00
CA LYS K 12 44.64 -66.50 -23.63
C LYS K 12 44.36 -67.24 -22.34
N VAL K 13 44.16 -68.54 -22.44
CA VAL K 13 43.58 -69.28 -21.33
C VAL K 13 44.44 -69.18 -20.08
N THR K 14 43.81 -68.79 -18.99
CA THR K 14 44.49 -68.68 -17.71
C THR K 14 43.67 -69.35 -16.62
N GLY K 15 43.77 -70.66 -16.54
CA GLY K 15 43.00 -71.43 -15.57
C GLY K 15 41.65 -71.85 -16.13
N TYR K 16 40.92 -72.63 -15.35
CA TYR K 16 39.62 -73.14 -15.77
C TYR K 16 38.56 -73.03 -14.68
N ALA K 17 37.32 -72.85 -15.10
CA ALA K 17 36.18 -72.97 -14.21
C ALA K 17 35.72 -74.41 -14.20
N CYS K 18 35.16 -74.87 -13.09
CA CYS K 18 34.66 -76.24 -13.05
C CYS K 18 33.26 -76.32 -12.48
N LEU K 19 32.50 -77.30 -12.92
CA LEU K 19 31.17 -77.52 -12.39
C LEU K 19 31.20 -78.59 -11.32
N VAL K 20 31.03 -78.19 -10.07
CA VAL K 20 31.08 -79.13 -8.96
C VAL K 20 29.80 -79.06 -8.17
N GLY K 21 29.12 -80.18 -8.04
CA GLY K 21 27.86 -80.17 -7.30
C GLY K 21 26.89 -79.22 -7.97
N ASP K 22 26.36 -78.28 -7.21
CA ASP K 22 25.42 -77.31 -7.74
C ASP K 22 26.06 -75.97 -8.05
N LYS K 23 27.39 -75.89 -7.97
CA LYS K 23 28.04 -74.59 -8.13
C LYS K 23 29.13 -74.57 -9.20
N VAL K 24 29.26 -73.41 -9.84
CA VAL K 24 30.33 -73.12 -10.77
C VAL K 24 31.48 -72.53 -9.99
N MET K 25 32.66 -73.12 -10.10
CA MET K 25 33.77 -72.63 -9.30
C MET K 25 34.96 -72.23 -10.16
N LYS K 26 35.52 -71.08 -9.85
CA LYS K 26 36.75 -70.64 -10.49
C LYS K 26 37.61 -69.88 -9.47
N PRO K 27 38.92 -69.90 -9.63
CA PRO K 27 39.87 -69.11 -8.87
C PRO K 27 39.54 -67.64 -9.02
N ALA K 28 39.74 -66.88 -7.96
CA ALA K 28 39.44 -65.45 -7.99
C ALA K 28 40.61 -64.66 -8.58
N HIS K 29 41.77 -65.28 -8.65
CA HIS K 29 42.97 -64.56 -9.09
C HIS K 29 43.15 -64.59 -10.60
N VAL K 30 42.33 -65.38 -11.28
CA VAL K 30 42.43 -65.49 -12.73
C VAL K 30 41.58 -64.46 -13.43
N LYS K 31 42.16 -63.80 -14.43
CA LYS K 31 41.45 -62.78 -15.19
C LYS K 31 40.75 -63.37 -16.40
N GLY K 32 39.71 -62.71 -16.87
CA GLY K 32 39.00 -63.15 -18.08
C GLY K 32 37.62 -63.70 -17.74
N THR K 33 36.83 -63.96 -18.78
CA THR K 33 35.48 -64.45 -18.59
C THR K 33 35.31 -65.83 -19.20
N ILE K 34 34.31 -66.56 -18.72
CA ILE K 34 34.08 -67.93 -19.16
C ILE K 34 33.63 -67.96 -20.62
N ASP K 35 34.23 -68.87 -21.40
CA ASP K 35 33.94 -68.94 -22.82
C ASP K 35 32.49 -69.31 -23.09
N ASN K 36 31.92 -70.12 -22.22
CA ASN K 36 30.54 -70.54 -22.34
C ASN K 36 29.61 -69.43 -21.86
N ALA K 37 28.83 -68.87 -22.78
CA ALA K 37 28.00 -67.71 -22.50
C ALA K 37 26.99 -68.01 -21.39
N ASP K 38 26.56 -69.26 -21.29
CA ASP K 38 25.57 -69.63 -20.29
C ASP K 38 26.13 -69.45 -18.89
N LEU K 39 27.45 -69.52 -18.77
CA LEU K 39 28.09 -69.37 -17.47
C LEU K 39 28.64 -67.96 -17.29
N ALA K 40 29.07 -67.36 -18.39
CA ALA K 40 29.68 -66.03 -18.35
C ALA K 40 28.69 -64.99 -17.86
N LYS K 41 27.42 -65.19 -18.20
CA LYS K 41 26.37 -64.24 -17.85
C LYS K 41 25.99 -64.30 -16.37
N LEU K 42 26.46 -65.33 -15.67
CA LEU K 42 26.09 -65.51 -14.27
C LEU K 42 26.79 -64.52 -13.37
N ALA K 43 26.10 -64.11 -12.31
CA ALA K 43 26.74 -63.33 -11.28
C ALA K 43 27.61 -64.24 -10.42
N PHE K 44 28.80 -63.78 -10.08
CA PHE K 44 29.68 -64.55 -9.23
C PHE K 44 29.91 -63.86 -7.91
N LYS K 45 29.95 -64.64 -6.85
CA LYS K 45 30.25 -64.12 -5.53
C LYS K 45 31.72 -64.35 -5.23
N ARG K 46 32.42 -63.27 -4.93
CA ARG K 46 33.88 -63.29 -4.82
C ARG K 46 34.36 -63.25 -3.39
N SER K 47 35.31 -64.12 -3.05
CA SER K 47 35.94 -64.11 -1.75
C SER K 47 37.46 -64.07 -1.88
N SER K 48 38.06 -63.01 -1.38
CA SER K 48 39.49 -62.81 -1.53
C SER K 48 40.32 -63.70 -0.63
N LYS K 49 39.76 -64.17 0.48
CA LYS K 49 40.54 -65.00 1.39
C LYS K 49 40.61 -66.44 0.92
N TYR K 50 39.64 -66.86 0.12
CA TYR K 50 39.63 -68.22 -0.40
C TYR K 50 40.05 -68.26 -1.86
N ASP K 51 40.38 -67.10 -2.41
CA ASP K 51 40.78 -67.00 -3.81
C ASP K 51 39.77 -67.70 -4.69
N LEU K 52 38.49 -67.56 -4.38
CA LEU K 52 37.47 -68.33 -5.06
C LEU K 52 36.23 -67.51 -5.41
N GLU K 53 35.74 -67.71 -6.63
CA GLU K 53 34.47 -67.12 -7.07
C GLU K 53 33.49 -68.23 -7.41
N CYS K 54 32.24 -68.07 -7.00
CA CYS K 54 31.25 -69.10 -7.27
C CYS K 54 29.91 -68.55 -7.76
N ALA K 55 29.19 -69.41 -8.48
CA ALA K 55 27.83 -69.09 -8.95
C ALA K 55 27.02 -70.37 -9.06
N GLN K 56 25.70 -70.26 -9.02
CA GLN K 56 24.87 -71.45 -9.18
C GLN K 56 24.89 -71.94 -10.60
N ILE K 57 24.93 -73.26 -10.77
CA ILE K 57 24.89 -73.85 -12.10
C ILE K 57 23.46 -73.78 -12.65
N PRO K 58 23.26 -73.24 -13.85
CA PRO K 58 22.01 -73.18 -14.56
C PRO K 58 21.42 -74.57 -14.68
N VAL K 59 20.11 -74.69 -14.56
CA VAL K 59 19.50 -75.99 -14.52
C VAL K 59 19.79 -76.79 -15.78
N HIS K 60 19.73 -76.15 -16.93
CA HIS K 60 19.82 -76.85 -18.20
C HIS K 60 21.16 -77.51 -18.45
N MET K 61 22.18 -77.11 -17.70
CA MET K 61 23.51 -77.70 -17.86
C MET K 61 24.02 -78.29 -16.56
N LYS K 62 23.09 -78.57 -15.64
CA LYS K 62 23.47 -79.07 -14.33
C LYS K 62 23.85 -80.53 -14.36
N SER K 63 23.41 -81.24 -15.40
CA SER K 63 23.72 -82.67 -15.51
C SER K 63 25.19 -82.90 -15.75
N ASP K 64 25.91 -81.85 -16.14
CA ASP K 64 27.33 -81.97 -16.43
C ASP K 64 28.19 -81.69 -15.20
N ALA K 65 27.55 -81.41 -14.08
CA ALA K 65 28.29 -81.15 -12.86
C ALA K 65 28.95 -82.42 -12.36
N SER K 66 30.16 -82.28 -11.84
CA SER K 66 30.87 -83.43 -11.29
C SER K 66 30.39 -83.74 -9.87
N LYS K 67 30.69 -84.94 -9.42
CA LYS K 67 30.38 -85.33 -8.05
C LYS K 67 31.51 -84.88 -7.14
N PHE K 68 31.20 -84.68 -5.87
CA PHE K 68 32.21 -84.19 -4.94
C PHE K 68 32.12 -84.87 -3.60
N THR K 69 33.23 -84.88 -2.87
CA THR K 69 33.26 -85.39 -1.52
C THR K 69 34.20 -84.61 -0.64
N HIS K 70 33.93 -84.62 0.65
CA HIS K 70 34.81 -83.98 1.62
C HIS K 70 35.86 -84.95 2.13
N GLU K 71 35.69 -86.22 1.79
CA GLU K 71 36.60 -87.25 2.28
C GLU K 71 37.95 -87.14 1.59
N LYS K 72 39.00 -87.09 2.39
CA LYS K 72 40.36 -86.96 1.86
C LYS K 72 41.33 -87.84 2.61
N PRO K 73 41.23 -89.16 2.47
CA PRO K 73 42.13 -90.15 3.03
C PRO K 73 43.51 -90.05 2.42
N GLU K 74 44.53 -90.41 3.18
CA GLU K 74 45.89 -90.40 2.66
C GLU K 74 45.97 -91.42 1.54
N GLY K 75 46.65 -91.08 0.46
CA GLY K 75 46.69 -91.96 -0.71
C GLY K 75 46.84 -91.17 -1.99
N TYR K 76 46.48 -91.79 -3.12
CA TYR K 76 46.66 -91.13 -4.40
C TYR K 76 45.36 -90.65 -5.01
N TYR K 77 45.45 -89.51 -5.69
CA TYR K 77 44.36 -88.85 -6.38
C TYR K 77 44.83 -88.51 -7.79
N ASN K 78 43.89 -88.28 -8.71
CA ASN K 78 44.30 -88.00 -10.07
C ASN K 78 43.88 -86.60 -10.53
N TRP K 79 44.57 -86.09 -11.54
CA TRP K 79 44.20 -84.82 -12.16
C TRP K 79 44.67 -84.78 -13.61
N HIS K 80 44.35 -83.71 -14.30
CA HIS K 80 44.57 -83.64 -15.74
C HIS K 80 46.02 -83.89 -16.15
N HIS K 81 46.97 -83.46 -15.34
CA HIS K 81 48.37 -83.57 -15.72
C HIS K 81 49.13 -84.70 -15.04
N GLY K 82 48.42 -85.62 -14.40
CA GLY K 82 49.11 -86.74 -13.76
C GLY K 82 48.41 -87.22 -12.50
N ALA K 83 49.18 -87.82 -11.60
CA ALA K 83 48.67 -88.29 -10.33
C ALA K 83 49.03 -87.32 -9.22
N VAL K 84 48.21 -87.27 -8.18
CA VAL K 84 48.47 -86.41 -7.04
C VAL K 84 48.60 -87.24 -5.78
N GLN K 85 49.69 -87.04 -5.06
CA GLN K 85 49.90 -87.80 -3.84
C GLN K 85 49.42 -87.00 -2.64
N TYR K 86 48.54 -87.57 -1.86
CA TYR K 86 48.08 -86.89 -0.65
C TYR K 86 48.80 -87.45 0.55
N SER K 87 49.66 -86.64 1.14
CA SER K 87 50.49 -87.09 2.24
C SER K 87 50.68 -86.02 3.29
N GLY K 88 50.35 -86.34 4.53
CA GLY K 88 50.54 -85.40 5.62
C GLY K 88 49.49 -84.30 5.56
N GLY K 89 48.37 -84.58 4.90
CA GLY K 89 47.31 -83.61 4.76
C GLY K 89 47.52 -82.68 3.57
N ARG K 90 48.63 -82.85 2.86
CA ARG K 90 48.94 -81.98 1.72
C ARG K 90 48.91 -82.72 0.41
N PHE K 91 48.53 -82.03 -0.66
CA PHE K 91 48.56 -82.59 -2.00
C PHE K 91 49.90 -82.27 -2.66
N THR K 92 50.55 -83.28 -3.20
CA THR K 92 51.86 -83.11 -3.82
C THR K 92 51.93 -83.77 -5.19
N ILE K 93 52.57 -83.08 -6.14
CA ILE K 93 52.79 -83.61 -7.48
C ILE K 93 54.27 -83.52 -7.82
N PRO K 94 54.75 -84.26 -8.83
CA PRO K 94 56.08 -84.15 -9.39
C PRO K 94 56.34 -82.74 -9.90
N THR K 95 57.53 -82.22 -9.65
CA THR K 95 57.84 -80.88 -10.10
C THR K 95 57.79 -80.79 -11.60
N GLY K 96 57.09 -79.78 -12.09
CA GLY K 96 56.95 -79.56 -13.52
C GLY K 96 55.70 -80.24 -14.07
N ALA K 97 55.04 -81.05 -13.25
CA ALA K 97 53.83 -81.73 -13.69
C ALA K 97 52.75 -80.71 -13.98
N GLY K 98 52.75 -79.62 -13.23
CA GLY K 98 51.81 -78.54 -13.46
C GLY K 98 52.54 -77.29 -13.92
N LYS K 99 51.78 -76.25 -14.22
CA LYS K 99 52.36 -75.01 -14.69
C LYS K 99 51.36 -73.87 -14.52
N PRO K 100 51.80 -72.61 -14.62
CA PRO K 100 50.95 -71.45 -14.69
C PRO K 100 49.91 -71.64 -15.77
N GLY K 101 48.67 -71.31 -15.47
CA GLY K 101 47.56 -71.54 -16.38
C GLY K 101 46.76 -72.77 -15.98
N ASP K 102 47.26 -73.54 -15.01
CA ASP K 102 46.56 -74.72 -14.53
C ASP K 102 45.66 -74.47 -13.33
N SER K 103 45.54 -73.23 -12.90
CA SER K 103 44.66 -72.99 -11.77
C SER K 103 43.23 -73.32 -12.16
N GLY K 104 42.48 -73.83 -11.20
CA GLY K 104 41.10 -74.19 -11.45
C GLY K 104 40.95 -75.69 -11.75
N ARG K 105 42.08 -76.37 -11.97
CA ARG K 105 42.01 -77.81 -12.24
C ARG K 105 41.52 -78.54 -10.99
N PRO K 106 40.47 -79.36 -11.12
CA PRO K 106 39.97 -80.26 -10.10
C PRO K 106 40.93 -81.40 -9.82
N ILE K 107 40.91 -81.87 -8.59
CA ILE K 107 41.58 -83.10 -8.21
C ILE K 107 40.53 -84.14 -7.88
N PHE K 108 40.62 -85.30 -8.50
CA PHE K 108 39.60 -86.34 -8.33
C PHE K 108 40.11 -87.51 -7.52
N ASP K 109 39.19 -88.14 -6.78
CA ASP K 109 39.51 -89.36 -6.08
C ASP K 109 39.27 -90.56 -6.99
N ASN K 110 39.37 -91.75 -6.43
CA ASN K 110 39.30 -92.96 -7.23
C ASN K 110 37.88 -93.32 -7.63
N LYS K 111 36.91 -92.54 -7.15
CA LYS K 111 35.51 -92.76 -7.50
C LYS K 111 35.04 -91.70 -8.48
N GLY K 112 35.95 -90.85 -8.91
CA GLY K 112 35.63 -89.79 -9.85
C GLY K 112 35.04 -88.56 -9.18
N ARG K 113 35.15 -88.50 -7.86
CA ARG K 113 34.61 -87.36 -7.12
C ARG K 113 35.67 -86.30 -6.93
N VAL K 114 35.26 -85.04 -6.99
CA VAL K 114 36.20 -83.94 -6.79
C VAL K 114 36.46 -83.73 -5.32
N VAL K 115 37.74 -83.61 -4.96
CA VAL K 115 38.11 -83.36 -3.58
C VAL K 115 38.72 -81.98 -3.39
N ALA K 116 39.38 -81.48 -4.43
CA ALA K 116 40.07 -80.20 -4.30
C ALA K 116 40.22 -79.48 -5.62
N ILE K 117 40.41 -78.17 -5.56
CA ILE K 117 40.70 -77.36 -6.75
C ILE K 117 42.06 -76.67 -6.62
N VAL K 118 42.88 -76.81 -7.65
CA VAL K 118 44.25 -76.27 -7.63
C VAL K 118 44.31 -74.78 -7.91
N LEU K 119 44.98 -74.05 -7.03
CA LEU K 119 45.18 -72.62 -7.23
C LEU K 119 46.61 -72.31 -7.66
N GLY K 120 47.55 -73.10 -7.17
CA GLY K 120 48.97 -72.84 -7.38
C GLY K 120 49.81 -73.87 -6.66
N GLY K 121 51.07 -73.55 -6.39
CA GLY K 121 51.94 -74.50 -5.70
C GLY K 121 53.32 -73.95 -5.42
N ALA K 122 54.13 -74.75 -4.72
CA ALA K 122 55.48 -74.36 -4.33
C ALA K 122 56.48 -75.45 -4.67
N ASN K 123 57.65 -75.05 -5.15
CA ASN K 123 58.65 -76.01 -5.57
C ASN K 123 59.54 -76.47 -4.43
N GLU K 124 59.45 -77.75 -4.10
CA GLU K 124 60.30 -78.34 -3.08
C GLU K 124 61.10 -79.48 -3.70
N GLY K 125 62.23 -79.13 -4.29
CA GLY K 125 63.04 -80.13 -4.98
C GLY K 125 62.27 -80.77 -6.12
N ALA K 126 62.23 -82.10 -6.12
CA ALA K 126 61.61 -82.86 -7.19
C ALA K 126 60.10 -82.89 -7.07
N ARG K 127 59.57 -82.38 -5.96
CA ARG K 127 58.13 -82.40 -5.76
C ARG K 127 57.58 -81.00 -5.55
N THR K 128 56.34 -80.80 -5.95
CA THR K 128 55.67 -79.52 -5.81
C THR K 128 54.46 -79.62 -4.90
N ALA K 129 54.42 -78.77 -3.89
CA ALA K 129 53.27 -78.72 -2.99
C ALA K 129 52.19 -77.88 -3.64
N LEU K 130 50.95 -78.33 -3.57
CA LEU K 130 49.88 -77.58 -4.20
C LEU K 130 49.10 -76.71 -3.23
N SER K 131 48.78 -75.51 -3.69
CA SER K 131 47.87 -74.63 -3.01
C SER K 131 46.48 -74.93 -3.53
N VAL K 132 45.62 -75.44 -2.65
CA VAL K 132 44.34 -75.94 -3.10
C VAL K 132 43.16 -75.46 -2.27
N VAL K 133 41.98 -75.51 -2.87
CA VAL K 133 40.73 -75.30 -2.17
C VAL K 133 40.11 -76.65 -1.86
N THR K 134 39.82 -76.89 -0.59
CA THR K 134 39.26 -78.16 -0.17
C THR K 134 38.00 -77.95 0.63
N TRP K 135 37.25 -79.02 0.85
CA TRP K 135 36.05 -78.87 1.66
C TRP K 135 36.07 -79.80 2.86
N ASN K 136 35.54 -79.30 3.95
CA ASN K 136 35.18 -80.11 5.09
C ASN K 136 33.68 -80.20 5.07
N LYS K 137 33.07 -80.89 6.02
CA LYS K 137 31.63 -80.96 5.95
C LYS K 137 31.04 -79.55 6.02
N ASP K 138 30.33 -79.18 4.96
CA ASP K 138 29.65 -77.89 4.84
C ASP K 138 30.53 -76.67 5.12
N ILE K 139 31.77 -76.69 4.66
CA ILE K 139 32.61 -75.51 4.71
C ILE K 139 33.79 -75.58 3.74
N VAL K 140 34.16 -74.45 3.16
CA VAL K 140 35.30 -74.38 2.26
C VAL K 140 36.52 -73.83 2.96
N THR K 141 37.65 -74.49 2.80
CA THR K 141 38.91 -74.06 3.40
C THR K 141 40.01 -74.04 2.37
N LYS K 142 41.12 -73.36 2.68
CA LYS K 142 42.22 -73.30 1.73
C LYS K 142 43.55 -73.71 2.36
N ILE K 143 44.34 -74.45 1.59
CA ILE K 143 45.67 -74.86 2.03
C ILE K 143 46.73 -74.19 1.18
N THR K 144 47.64 -73.46 1.82
CA THR K 144 48.67 -72.72 1.11
C THR K 144 50.06 -73.03 1.65
N PRO K 145 50.83 -73.87 0.96
CA PRO K 145 52.21 -74.19 1.22
C PRO K 145 53.03 -72.92 1.15
N GLU K 146 54.01 -72.81 2.03
CA GLU K 146 54.84 -71.61 2.08
C GLU K 146 55.55 -71.37 0.76
N GLY K 147 55.47 -70.15 0.28
CA GLY K 147 56.18 -69.76 -0.94
C GLY K 147 55.42 -70.14 -2.20
N ALA K 148 54.20 -70.63 -2.04
CA ALA K 148 53.41 -71.05 -3.19
C ALA K 148 53.11 -69.88 -4.11
N GLU K 149 53.18 -70.13 -5.41
CA GLU K 149 52.86 -69.13 -6.41
C GLU K 149 51.53 -69.46 -7.06
N GLU K 150 50.85 -68.43 -7.54
CA GLU K 150 49.58 -68.63 -8.22
C GLU K 150 49.79 -69.15 -9.64
N TRP K 151 48.90 -70.03 -10.09
CA TRP K 151 48.91 -70.53 -11.46
C TRP K 151 47.66 -70.07 -12.21
N ASN L 1 20.96 -77.24 -49.84
CA ASN L 1 21.21 -77.10 -51.27
C ASN L 1 20.49 -75.87 -51.82
N ASP L 2 20.62 -75.66 -53.13
CA ASP L 2 19.98 -74.56 -53.85
C ASP L 2 20.32 -73.20 -53.24
N CYS L 3 19.30 -72.41 -52.92
CA CYS L 3 19.52 -71.07 -52.40
C CYS L 3 18.77 -70.82 -51.11
N ILE L 4 19.29 -71.37 -50.02
CA ILE L 4 18.74 -71.17 -48.70
C ILE L 4 19.81 -70.62 -47.76
N PHE L 5 19.44 -69.65 -46.94
CA PHE L 5 20.39 -69.01 -46.04
C PHE L 5 19.93 -69.10 -44.60
N GLU L 6 20.88 -69.16 -43.67
CA GLU L 6 20.53 -69.24 -42.25
C GLU L 6 20.24 -67.88 -41.67
N VAL L 7 19.32 -67.84 -40.72
CA VAL L 7 19.08 -66.65 -39.93
C VAL L 7 19.49 -66.91 -38.49
N LYS L 8 20.41 -66.10 -37.98
CA LYS L 8 20.95 -66.34 -36.65
C LYS L 8 20.64 -65.23 -35.68
N HIS L 9 20.35 -65.64 -34.45
CA HIS L 9 20.15 -64.72 -33.34
C HIS L 9 20.96 -65.21 -32.17
N GLU L 10 21.66 -64.31 -31.50
CA GLU L 10 22.57 -64.74 -30.46
C GLU L 10 23.56 -65.75 -31.05
N GLY L 11 23.59 -66.95 -30.49
CA GLY L 11 24.52 -67.98 -30.95
C GLY L 11 23.82 -69.12 -31.71
N LYS L 12 22.55 -68.94 -32.06
CA LYS L 12 21.79 -70.03 -32.67
C LYS L 12 21.05 -69.63 -33.93
N VAL L 13 20.81 -70.61 -34.79
CA VAL L 13 19.96 -70.40 -35.96
C VAL L 13 18.50 -70.43 -35.52
N THR L 14 17.76 -69.41 -35.93
CA THR L 14 16.37 -69.29 -35.54
C THR L 14 15.43 -69.59 -36.69
N GLY L 15 15.96 -69.57 -37.90
CA GLY L 15 15.15 -69.82 -39.08
C GLY L 15 15.96 -69.67 -40.35
N TYR L 16 15.28 -69.72 -41.48
CA TYR L 16 15.96 -69.62 -42.77
C TYR L 16 15.35 -68.57 -43.67
N ALA L 17 16.18 -68.03 -44.56
CA ALA L 17 15.74 -67.14 -45.62
C ALA L 17 16.02 -67.83 -46.94
N CYS L 18 15.30 -67.45 -48.00
CA CYS L 18 15.54 -68.09 -49.28
C CYS L 18 15.34 -67.16 -50.45
N LEU L 19 15.92 -67.54 -51.58
CA LEU L 19 15.78 -66.76 -52.80
C LEU L 19 14.77 -67.41 -53.71
N VAL L 20 13.64 -66.76 -53.89
CA VAL L 20 12.59 -67.30 -54.75
C VAL L 20 12.26 -66.29 -55.83
N GLY L 21 12.39 -66.71 -57.08
CA GLY L 21 12.13 -65.80 -58.17
C GLY L 21 13.07 -64.60 -58.08
N ASP L 22 12.49 -63.41 -58.07
CA ASP L 22 13.26 -62.17 -58.01
C ASP L 22 13.35 -61.57 -56.62
N LYS L 23 12.82 -62.26 -55.60
CA LYS L 23 12.77 -61.68 -54.28
C LYS L 23 13.28 -62.61 -53.17
N VAL L 24 13.88 -61.99 -52.15
CA VAL L 24 14.38 -62.67 -50.98
C VAL L 24 13.27 -62.78 -49.96
N MET L 25 13.00 -63.99 -49.49
CA MET L 25 11.92 -64.18 -48.54
C MET L 25 12.44 -64.64 -47.18
N LYS L 26 11.93 -64.00 -46.13
CA LYS L 26 12.21 -64.42 -44.77
C LYS L 26 10.96 -64.25 -43.91
N PRO L 27 10.66 -65.20 -43.02
CA PRO L 27 9.57 -65.13 -42.07
C PRO L 27 9.77 -63.97 -41.10
N ALA L 28 8.73 -63.18 -40.90
CA ALA L 28 8.82 -61.96 -40.10
C ALA L 28 8.86 -62.28 -38.61
N HIS L 29 8.48 -63.50 -38.26
CA HIS L 29 8.41 -63.87 -36.85
C HIS L 29 9.76 -64.37 -36.35
N VAL L 30 10.72 -64.48 -37.25
CA VAL L 30 12.03 -64.99 -36.89
C VAL L 30 13.00 -63.86 -36.53
N LYS L 31 13.58 -63.96 -35.33
CA LYS L 31 14.53 -62.97 -34.86
C LYS L 31 15.93 -63.29 -35.34
N GLY L 32 16.77 -62.29 -35.45
CA GLY L 32 18.15 -62.50 -35.87
C GLY L 32 18.38 -61.96 -37.27
N THR L 33 19.58 -62.18 -37.80
CA THR L 33 19.94 -61.64 -39.10
C THR L 33 20.40 -62.73 -40.04
N ILE L 34 20.44 -62.41 -41.32
CA ILE L 34 20.86 -63.36 -42.34
C ILE L 34 22.37 -63.53 -42.32
N ASP L 35 22.81 -64.79 -42.40
CA ASP L 35 24.22 -65.13 -42.32
C ASP L 35 25.05 -64.48 -43.42
N ASN L 36 24.46 -64.35 -44.60
CA ASN L 36 25.13 -63.73 -45.72
C ASN L 36 25.07 -62.21 -45.62
N ALA L 37 26.24 -61.59 -45.50
CA ALA L 37 26.33 -60.15 -45.30
C ALA L 37 25.67 -59.41 -46.48
N ASP L 38 25.70 -60.03 -47.64
CA ASP L 38 25.13 -59.42 -48.84
C ASP L 38 23.63 -59.24 -48.70
N LEU L 39 22.99 -60.15 -47.96
CA LEU L 39 21.56 -60.07 -47.75
C LEU L 39 21.25 -59.39 -46.43
N ALA L 40 22.16 -59.52 -45.47
CA ALA L 40 21.94 -58.95 -44.15
C ALA L 40 21.82 -57.43 -44.22
N LYS L 41 22.56 -56.82 -45.14
CA LYS L 41 22.55 -55.37 -45.29
C LYS L 41 21.41 -54.89 -46.16
N LEU L 42 20.67 -55.83 -46.73
CA LEU L 42 19.57 -55.50 -47.64
C LEU L 42 18.33 -55.09 -46.86
N ALA L 43 17.71 -53.99 -47.26
CA ALA L 43 16.49 -53.54 -46.61
C ALA L 43 15.33 -54.45 -46.97
N PHE L 44 14.44 -54.69 -46.00
CA PHE L 44 13.28 -55.53 -46.24
C PHE L 44 11.98 -54.81 -45.93
N LYS L 45 10.94 -55.17 -46.68
CA LYS L 45 9.59 -54.71 -46.40
C LYS L 45 8.88 -55.72 -45.52
N ARG L 46 8.34 -55.27 -44.39
CA ARG L 46 7.69 -56.20 -43.48
C ARG L 46 6.18 -56.06 -43.51
N SER L 47 5.50 -57.20 -43.54
CA SER L 47 4.05 -57.21 -43.39
C SER L 47 3.64 -58.23 -42.35
N SER L 48 3.07 -57.75 -41.24
CA SER L 48 2.68 -58.61 -40.14
C SER L 48 1.47 -59.44 -40.50
N LYS L 49 0.78 -59.03 -41.56
CA LYS L 49 -0.40 -59.74 -42.03
C LYS L 49 -0.03 -61.11 -42.60
N TYR L 50 1.17 -61.22 -43.16
CA TYR L 50 1.61 -62.44 -43.80
C TYR L 50 2.78 -63.08 -43.07
N ASP L 51 3.16 -62.50 -41.93
CA ASP L 51 4.33 -62.98 -41.19
C ASP L 51 5.52 -63.10 -42.13
N LEU L 52 5.66 -62.13 -43.02
CA LEU L 52 6.65 -62.24 -44.08
C LEU L 52 7.39 -60.94 -44.37
N GLU L 53 8.71 -61.05 -44.52
CA GLU L 53 9.55 -59.95 -44.96
C GLU L 53 10.13 -60.26 -46.33
N CYS L 54 10.12 -59.27 -47.22
CA CYS L 54 10.69 -59.48 -48.55
C CYS L 54 11.57 -58.34 -49.01
N ALA L 55 12.56 -58.68 -49.83
CA ALA L 55 13.44 -57.69 -50.43
C ALA L 55 13.87 -58.17 -51.81
N GLN L 56 14.22 -57.25 -52.68
CA GLN L 56 14.63 -57.63 -54.01
C GLN L 56 15.98 -58.34 -54.01
N ILE L 57 16.09 -59.40 -54.79
CA ILE L 57 17.35 -60.13 -54.90
C ILE L 57 18.36 -59.30 -55.67
N PRO L 58 19.58 -59.15 -55.15
CA PRO L 58 20.68 -58.46 -55.76
C PRO L 58 21.25 -59.31 -56.86
N VAL L 59 20.45 -59.50 -57.91
CA VAL L 59 20.75 -60.43 -58.99
C VAL L 59 22.01 -60.04 -59.75
N HIS L 60 22.45 -58.82 -59.55
CA HIS L 60 23.68 -58.36 -60.18
C HIS L 60 24.88 -59.13 -59.61
N MET L 61 24.71 -59.71 -58.43
CA MET L 61 25.77 -60.51 -57.84
C MET L 61 25.26 -61.89 -57.38
N LYS L 62 23.94 -62.03 -57.28
CA LYS L 62 23.35 -63.32 -56.92
C LYS L 62 22.09 -63.60 -57.73
N SER L 63 22.29 -63.94 -59.00
CA SER L 63 21.18 -64.20 -59.91
C SER L 63 20.62 -65.61 -59.73
N ASP L 64 21.36 -66.42 -58.97
CA ASP L 64 20.96 -67.80 -58.72
C ASP L 64 19.88 -67.84 -57.65
N ALA L 65 18.67 -68.23 -58.05
CA ALA L 65 17.52 -68.28 -57.15
C ALA L 65 16.58 -69.35 -57.61
N SER L 66 15.78 -69.87 -56.69
CA SER L 66 14.86 -70.95 -57.01
C SER L 66 13.74 -70.49 -57.93
N LYS L 67 13.31 -71.39 -58.81
CA LYS L 67 12.16 -71.12 -59.66
C LYS L 67 10.91 -71.34 -58.85
N PHE L 68 9.83 -70.68 -59.25
CA PHE L 68 8.59 -70.73 -58.49
C PHE L 68 7.39 -70.94 -59.38
N THR L 69 6.32 -71.46 -58.80
CA THR L 69 5.08 -71.61 -59.54
C THR L 69 3.87 -71.29 -58.67
N HIS L 70 2.79 -70.90 -59.33
CA HIS L 70 1.54 -70.63 -58.64
C HIS L 70 0.66 -71.89 -58.62
N GLU L 71 1.09 -72.90 -59.35
CA GLU L 71 0.33 -74.14 -59.44
C GLU L 71 0.55 -74.99 -58.21
N LYS L 72 -0.54 -75.42 -57.58
CA LYS L 72 -0.47 -76.24 -56.39
C LYS L 72 -1.49 -77.37 -56.44
N PRO L 73 -1.31 -78.34 -57.33
CA PRO L 73 -2.15 -79.51 -57.50
C PRO L 73 -2.06 -80.42 -56.30
N GLU L 74 -3.13 -81.15 -56.03
CA GLU L 74 -3.12 -82.10 -54.94
C GLU L 74 -2.06 -83.15 -55.23
N GLY L 75 -1.29 -83.52 -54.21
CA GLY L 75 -0.19 -84.44 -54.42
C GLY L 75 0.90 -84.23 -53.39
N TYR L 76 2.11 -84.68 -53.71
CA TYR L 76 3.21 -84.58 -52.76
C TYR L 76 4.25 -83.58 -53.19
N TYR L 77 4.83 -82.90 -52.20
CA TYR L 77 5.87 -81.92 -52.42
C TYR L 77 7.05 -82.19 -51.50
N ASN L 78 8.23 -81.70 -51.86
CA ASN L 78 9.43 -82.00 -51.09
C ASN L 78 9.93 -80.83 -50.26
N TRP L 79 10.64 -81.14 -49.18
CA TRP L 79 11.33 -80.13 -48.39
C TRP L 79 12.49 -80.77 -47.63
N HIS L 80 13.28 -79.96 -46.94
CA HIS L 80 14.54 -80.44 -46.37
C HIS L 80 14.38 -81.54 -45.32
N HIS L 81 13.27 -81.55 -44.62
CA HIS L 81 13.11 -82.54 -43.55
C HIS L 81 12.22 -83.70 -43.94
N GLY L 82 11.91 -83.84 -45.22
CA GLY L 82 11.10 -84.96 -45.67
C GLY L 82 10.20 -84.57 -46.82
N ALA L 83 9.10 -85.31 -46.97
CA ALA L 83 8.12 -84.99 -47.99
C ALA L 83 6.86 -84.48 -47.31
N VAL L 84 6.16 -83.58 -47.99
CA VAL L 84 4.93 -83.03 -47.46
C VAL L 84 3.75 -83.31 -48.37
N GLN L 85 2.66 -83.77 -47.78
CA GLN L 85 1.46 -84.11 -48.53
C GLN L 85 0.54 -82.92 -48.66
N TYR L 86 0.12 -82.63 -49.89
CA TYR L 86 -0.83 -81.57 -50.11
C TYR L 86 -2.19 -82.17 -50.37
N SER L 87 -3.10 -81.99 -49.42
CA SER L 87 -4.42 -82.60 -49.50
C SER L 87 -5.49 -81.68 -48.95
N GLY L 88 -6.53 -81.46 -49.74
CA GLY L 88 -7.64 -80.62 -49.31
C GLY L 88 -7.22 -79.17 -49.31
N GLY L 89 -6.18 -78.85 -50.07
CA GLY L 89 -5.65 -77.50 -50.11
C GLY L 89 -4.70 -77.21 -48.96
N ARG L 90 -4.48 -78.22 -48.10
CA ARG L 90 -3.62 -78.05 -46.93
C ARG L 90 -2.33 -78.85 -47.06
N PHE L 91 -1.25 -78.31 -46.51
CA PHE L 91 0.02 -79.03 -46.45
C PHE L 91 0.14 -79.79 -45.14
N THR L 92 0.42 -81.08 -45.24
CA THR L 92 0.53 -81.93 -44.06
C THR L 92 1.81 -82.76 -44.05
N ILE L 93 2.48 -82.80 -42.91
CA ILE L 93 3.68 -83.62 -42.72
C ILE L 93 3.49 -84.48 -41.47
N PRO L 94 4.31 -85.51 -41.28
CA PRO L 94 4.46 -86.26 -40.05
C PRO L 94 4.84 -85.33 -38.92
N THR L 95 4.32 -85.58 -37.72
CA THR L 95 4.54 -84.67 -36.60
C THR L 95 6.01 -84.54 -36.23
N GLY L 96 6.78 -85.59 -36.47
CA GLY L 96 8.20 -85.56 -36.13
C GLY L 96 9.05 -85.02 -37.28
N ALA L 97 8.40 -84.66 -38.39
CA ALA L 97 9.13 -84.19 -39.55
C ALA L 97 9.53 -82.73 -39.40
N GLY L 98 8.73 -81.96 -38.66
CA GLY L 98 9.01 -80.55 -38.49
C GLY L 98 9.40 -80.23 -37.06
N LYS L 99 9.79 -78.98 -36.84
CA LYS L 99 10.19 -78.54 -35.50
C LYS L 99 10.40 -77.03 -35.49
N PRO L 100 10.37 -76.40 -34.32
CA PRO L 100 10.78 -75.04 -34.10
C PRO L 100 12.19 -74.83 -34.63
N GLY L 101 12.38 -73.75 -35.37
CA GLY L 101 13.68 -73.45 -35.95
C GLY L 101 13.74 -73.84 -37.43
N ASP L 102 12.74 -74.58 -37.91
CA ASP L 102 12.75 -74.95 -39.33
C ASP L 102 11.97 -73.95 -40.18
N SER L 103 11.46 -72.90 -39.54
CA SER L 103 10.70 -71.89 -40.26
C SER L 103 11.53 -71.20 -41.32
N GLY L 104 10.90 -70.92 -42.45
CA GLY L 104 11.54 -70.25 -43.56
C GLY L 104 11.95 -71.22 -44.65
N ARG L 105 11.91 -72.51 -44.34
CA ARG L 105 12.24 -73.51 -45.34
C ARG L 105 11.15 -73.63 -46.41
N PRO L 106 11.53 -73.60 -47.69
CA PRO L 106 10.67 -73.69 -48.86
C PRO L 106 10.15 -75.10 -49.11
N ILE L 107 9.01 -75.18 -49.79
CA ILE L 107 8.45 -76.42 -50.29
C ILE L 107 8.53 -76.46 -51.80
N PHE L 108 9.09 -77.55 -52.33
CA PHE L 108 9.29 -77.68 -53.77
C PHE L 108 8.36 -78.72 -54.39
N ASP L 109 7.98 -78.48 -55.63
CA ASP L 109 7.23 -79.48 -56.37
C ASP L 109 8.19 -80.44 -57.06
N ASN L 110 7.65 -81.34 -57.87
CA ASN L 110 8.47 -82.38 -58.48
C ASN L 110 9.23 -81.86 -59.70
N LYS L 111 9.05 -80.58 -60.00
CA LYS L 111 9.78 -79.94 -61.07
C LYS L 111 10.89 -79.08 -60.49
N GLY L 112 11.00 -79.09 -59.17
CA GLY L 112 12.02 -78.32 -58.47
C GLY L 112 11.60 -76.88 -58.23
N ARG L 113 10.33 -76.58 -58.47
CA ARG L 113 9.83 -75.22 -58.29
C ARG L 113 9.26 -75.00 -56.90
N VAL L 114 9.45 -73.79 -56.38
CA VAL L 114 8.95 -73.45 -55.04
C VAL L 114 7.48 -73.08 -55.07
N VAL L 115 6.72 -73.67 -54.17
CA VAL L 115 5.30 -73.38 -54.08
C VAL L 115 4.95 -72.67 -52.78
N ALA L 116 5.70 -72.95 -51.71
CA ALA L 116 5.33 -72.39 -50.42
C ALA L 116 6.52 -72.28 -49.47
N ILE L 117 6.37 -71.41 -48.46
CA ILE L 117 7.35 -71.29 -47.39
C ILE L 117 6.73 -71.70 -46.05
N VAL L 118 7.42 -72.56 -45.29
CA VAL L 118 6.88 -73.04 -44.02
C VAL L 118 7.09 -72.06 -42.88
N LEU L 119 6.00 -71.73 -42.17
CA LEU L 119 6.06 -70.85 -41.02
C LEU L 119 5.89 -71.59 -39.70
N GLY L 120 5.08 -72.65 -39.72
CA GLY L 120 4.71 -73.34 -38.49
C GLY L 120 3.76 -74.49 -38.77
N GLY L 121 3.04 -74.95 -37.75
CA GLY L 121 2.10 -76.04 -37.94
C GLY L 121 1.32 -76.42 -36.69
N ALA L 122 0.38 -77.35 -36.86
CA ALA L 122 -0.51 -77.80 -35.78
C ALA L 122 -0.61 -79.31 -35.77
N ASN L 123 -0.68 -79.90 -34.59
CA ASN L 123 -0.69 -81.35 -34.48
C ASN L 123 -2.09 -81.97 -34.55
N GLU L 124 -2.31 -82.77 -35.57
CA GLU L 124 -3.56 -83.50 -35.74
C GLU L 124 -3.27 -85.00 -35.76
N GLY L 125 -3.33 -85.63 -34.59
CA GLY L 125 -2.98 -87.03 -34.48
C GLY L 125 -1.50 -87.24 -34.81
N ALA L 126 -1.24 -88.19 -35.71
CA ALA L 126 0.12 -88.54 -36.10
C ALA L 126 0.67 -87.60 -37.17
N ARG L 127 -0.17 -86.69 -37.64
CA ARG L 127 0.22 -85.78 -38.69
C ARG L 127 0.03 -84.34 -38.24
N THR L 128 0.79 -83.43 -38.83
CA THR L 128 0.67 -82.02 -38.50
C THR L 128 0.42 -81.17 -39.74
N ALA L 129 -0.55 -80.28 -39.65
CA ALA L 129 -0.83 -79.34 -40.72
C ALA L 129 0.17 -78.21 -40.66
N LEU L 130 0.58 -77.69 -41.80
CA LEU L 130 1.55 -76.61 -41.81
C LEU L 130 0.94 -75.25 -42.02
N SER L 131 1.49 -74.27 -41.32
CA SER L 131 1.21 -72.86 -41.58
C SER L 131 2.19 -72.40 -42.62
N VAL L 132 1.70 -72.02 -43.79
CA VAL L 132 2.57 -71.74 -44.91
C VAL L 132 2.26 -70.43 -45.61
N VAL L 133 3.26 -69.92 -46.32
CA VAL L 133 3.07 -68.82 -47.24
C VAL L 133 2.97 -69.37 -48.65
N THR L 134 1.89 -69.04 -49.33
CA THR L 134 1.69 -69.49 -50.70
C THR L 134 1.35 -68.30 -51.56
N TRP L 135 1.38 -68.48 -52.87
CA TRP L 135 1.00 -67.39 -53.73
C TRP L 135 0.28 -67.85 -54.98
N ASN L 136 -0.50 -66.95 -55.54
CA ASN L 136 -1.19 -67.16 -56.79
C ASN L 136 -0.89 -65.98 -57.68
N LYS L 137 -1.64 -65.81 -58.76
CA LYS L 137 -1.26 -64.74 -59.68
C LYS L 137 -1.20 -63.39 -58.97
N ASP L 138 0.01 -62.84 -58.89
CA ASP L 138 0.27 -61.49 -58.39
C ASP L 138 -0.09 -61.26 -56.93
N ILE L 139 -0.43 -62.31 -56.17
CA ILE L 139 -0.78 -62.14 -54.77
C ILE L 139 -0.18 -63.22 -53.87
N VAL L 140 0.27 -62.80 -52.70
CA VAL L 140 0.75 -63.74 -51.68
C VAL L 140 -0.29 -63.89 -50.58
N THR L 141 -0.53 -65.12 -50.16
CA THR L 141 -1.50 -65.41 -49.11
C THR L 141 -0.88 -66.25 -48.00
N LYS L 142 -1.47 -66.19 -46.82
CA LYS L 142 -1.02 -67.01 -45.71
C LYS L 142 -2.09 -67.98 -45.26
N ILE L 143 -1.73 -69.26 -45.21
CA ILE L 143 -2.66 -70.28 -44.76
C ILE L 143 -2.25 -70.83 -43.42
N THR L 144 -3.06 -70.61 -42.40
CA THR L 144 -2.74 -71.06 -41.06
C THR L 144 -3.81 -71.98 -40.50
N PRO L 145 -3.46 -73.23 -40.20
CA PRO L 145 -4.27 -74.22 -39.51
C PRO L 145 -4.60 -73.74 -38.11
N GLU L 146 -5.79 -74.05 -37.65
CA GLU L 146 -6.18 -73.64 -36.31
C GLU L 146 -5.24 -74.24 -35.28
N GLY L 147 -4.75 -73.40 -34.37
CA GLY L 147 -3.90 -73.87 -33.29
C GLY L 147 -2.45 -74.00 -33.73
N ALA L 148 -2.15 -73.62 -34.96
CA ALA L 148 -0.79 -73.73 -35.46
C ALA L 148 0.15 -72.82 -34.70
N GLU L 149 1.35 -73.30 -34.42
CA GLU L 149 2.36 -72.51 -33.74
C GLU L 149 3.48 -72.16 -34.70
N GLU L 150 4.07 -70.98 -34.49
CA GLU L 150 5.21 -70.57 -35.29
C GLU L 150 6.42 -71.44 -34.96
N TRP L 151 7.20 -71.78 -35.97
CA TRP L 151 8.41 -72.60 -35.78
C TRP L 151 9.67 -71.78 -35.99
N ASN M 1 5.72 -105.03 -6.47
CA ASN M 1 4.87 -104.02 -7.09
C ASN M 1 3.40 -104.46 -7.00
N ASP M 2 2.58 -104.07 -7.98
CA ASP M 2 1.14 -104.40 -8.03
C ASP M 2 0.39 -103.81 -6.85
N CYS M 3 0.97 -102.75 -6.29
CA CYS M 3 0.36 -101.98 -5.21
C CYS M 3 0.01 -100.60 -5.74
N ILE M 4 -0.06 -100.49 -7.05
CA ILE M 4 -0.27 -99.21 -7.72
C ILE M 4 -1.67 -99.10 -8.29
N PHE M 5 -2.37 -98.05 -7.93
CA PHE M 5 -3.72 -97.82 -8.41
C PHE M 5 -3.78 -96.57 -9.27
N GLU M 6 -4.58 -96.62 -10.32
CA GLU M 6 -4.67 -95.47 -11.21
C GLU M 6 -5.55 -94.38 -10.63
N VAL M 7 -5.16 -93.14 -10.85
CA VAL M 7 -6.02 -92.03 -10.47
C VAL M 7 -6.72 -91.52 -11.73
N LYS M 8 -8.02 -91.74 -11.79
CA LYS M 8 -8.79 -91.45 -12.97
C LYS M 8 -9.31 -90.03 -12.99
N HIS M 9 -9.00 -89.34 -14.06
CA HIS M 9 -9.53 -88.01 -14.33
C HIS M 9 -10.78 -88.17 -15.17
N GLU M 10 -11.43 -87.07 -15.50
CA GLU M 10 -12.66 -87.16 -16.26
C GLU M 10 -12.48 -87.96 -17.54
N GLY M 11 -11.32 -87.85 -18.17
CA GLY M 11 -11.09 -88.58 -19.42
C GLY M 11 -9.71 -89.20 -19.57
N LYS M 12 -8.96 -89.36 -18.48
CA LYS M 12 -7.61 -89.89 -18.60
C LYS M 12 -6.99 -90.31 -17.27
N VAL M 13 -5.87 -91.00 -17.34
CA VAL M 13 -5.09 -91.30 -16.14
C VAL M 13 -4.09 -90.17 -15.91
N THR M 14 -4.13 -89.57 -14.74
CA THR M 14 -3.29 -88.41 -14.44
C THR M 14 -2.22 -88.71 -13.42
N GLY M 15 -2.13 -89.95 -12.99
CA GLY M 15 -1.15 -90.34 -11.99
C GLY M 15 -1.57 -91.60 -11.26
N TYR M 16 -0.80 -91.98 -10.26
CA TYR M 16 -1.05 -93.20 -9.53
C TYR M 16 -1.05 -93.00 -8.03
N ALA M 17 -1.78 -93.85 -7.33
CA ALA M 17 -1.74 -93.90 -5.87
C ALA M 17 -1.02 -95.18 -5.45
N CYS M 18 -0.11 -95.06 -4.50
CA CYS M 18 0.68 -96.21 -4.07
C CYS M 18 0.38 -96.62 -2.64
N LEU M 19 0.35 -97.92 -2.39
CA LEU M 19 0.16 -98.39 -1.03
C LEU M 19 1.50 -98.64 -0.37
N VAL M 20 1.82 -97.83 0.63
CA VAL M 20 3.09 -97.94 1.33
C VAL M 20 2.83 -98.05 2.82
N GLY M 21 3.36 -99.08 3.45
CA GLY M 21 3.11 -99.25 4.88
C GLY M 21 1.61 -99.38 5.10
N ASP M 22 1.07 -98.58 6.01
CA ASP M 22 -0.37 -98.66 6.28
C ASP M 22 -1.12 -97.48 5.70
N LYS M 23 -0.50 -96.76 4.77
CA LYS M 23 -1.14 -95.59 4.17
C LYS M 23 -1.11 -95.63 2.66
N VAL M 24 -2.16 -95.11 2.04
CA VAL M 24 -2.19 -94.95 0.60
C VAL M 24 -1.82 -93.53 0.25
N MET M 25 -0.76 -93.37 -0.53
CA MET M 25 -0.23 -92.06 -0.80
C MET M 25 -0.49 -91.61 -2.23
N LYS M 26 -1.01 -90.40 -2.36
CA LYS M 26 -1.29 -89.81 -3.65
C LYS M 26 -0.76 -88.37 -3.67
N PRO M 27 -0.03 -87.97 -4.71
CA PRO M 27 0.39 -86.61 -4.98
C PRO M 27 -0.82 -85.69 -5.08
N ALA M 28 -0.73 -84.54 -4.44
CA ALA M 28 -1.84 -83.59 -4.39
C ALA M 28 -2.05 -82.90 -5.73
N HIS M 29 -0.99 -82.84 -6.54
CA HIS M 29 -1.08 -82.16 -7.83
C HIS M 29 -1.84 -83.00 -8.85
N VAL M 30 -2.04 -84.27 -8.54
CA VAL M 30 -2.77 -85.16 -9.42
C VAL M 30 -4.26 -85.04 -9.17
N LYS M 31 -5.02 -84.80 -10.23
CA LYS M 31 -6.46 -84.64 -10.09
C LYS M 31 -7.21 -85.86 -10.61
N GLY M 32 -8.28 -86.22 -9.93
CA GLY M 32 -9.05 -87.41 -10.29
C GLY M 32 -9.25 -88.27 -9.07
N THR M 33 -9.90 -89.42 -9.25
CA THR M 33 -10.16 -90.31 -8.12
C THR M 33 -9.54 -91.67 -8.36
N ILE M 34 -9.31 -92.42 -7.30
CA ILE M 34 -8.68 -93.72 -7.41
C ILE M 34 -9.63 -94.71 -8.07
N ASP M 35 -9.10 -95.47 -9.03
CA ASP M 35 -9.89 -96.41 -9.82
C ASP M 35 -10.63 -97.43 -8.97
N ASN M 36 -10.00 -97.87 -7.90
CA ASN M 36 -10.61 -98.83 -7.00
C ASN M 36 -11.57 -98.13 -6.05
N ALA M 37 -12.85 -98.51 -6.12
CA ALA M 37 -13.89 -97.83 -5.37
C ALA M 37 -13.65 -97.88 -3.87
N ASP M 38 -12.94 -98.91 -3.42
CA ASP M 38 -12.68 -99.08 -1.99
C ASP M 38 -11.73 -98.01 -1.49
N LEU M 39 -10.88 -97.50 -2.37
CA LEU M 39 -9.95 -96.46 -2.00
C LEU M 39 -10.54 -95.10 -2.32
N ALA M 40 -11.38 -95.05 -3.36
CA ALA M 40 -12.01 -93.80 -3.77
C ALA M 40 -12.91 -93.23 -2.68
N LYS M 41 -13.54 -94.12 -1.91
CA LYS M 41 -14.45 -93.71 -0.86
C LYS M 41 -13.72 -93.40 0.44
N LEU M 42 -12.42 -93.65 0.44
CA LEU M 42 -11.60 -93.45 1.63
C LEU M 42 -11.25 -91.98 1.81
N ALA M 43 -11.40 -91.47 3.02
CA ALA M 43 -11.07 -90.08 3.30
C ALA M 43 -9.56 -89.86 3.25
N PHE M 44 -9.15 -88.73 2.70
CA PHE M 44 -7.73 -88.38 2.62
C PHE M 44 -7.40 -87.07 3.33
N LYS M 45 -6.20 -87.00 3.88
CA LYS M 45 -5.69 -85.75 4.46
C LYS M 45 -4.69 -85.11 3.53
N ARG M 46 -4.98 -83.87 3.13
CA ARG M 46 -4.15 -83.16 2.15
C ARG M 46 -3.16 -82.21 2.81
N SER M 47 -1.94 -82.17 2.28
CA SER M 47 -0.93 -81.23 2.74
C SER M 47 -0.19 -80.59 1.56
N SER M 48 -0.35 -79.28 1.41
CA SER M 48 0.28 -78.57 0.30
C SER M 48 1.78 -78.45 0.50
N LYS M 49 2.23 -78.59 1.73
CA LYS M 49 3.66 -78.51 2.03
C LYS M 49 4.42 -79.69 1.46
N TYR M 50 3.79 -80.86 1.48
CA TYR M 50 4.44 -82.07 1.01
C TYR M 50 3.81 -82.58 -0.27
N ASP M 51 2.80 -81.87 -0.75
CA ASP M 51 2.09 -82.26 -1.96
C ASP M 51 1.53 -83.67 -1.85
N LEU M 52 1.00 -84.01 -0.67
CA LEU M 52 0.47 -85.34 -0.46
C LEU M 52 -0.97 -85.37 -0.01
N GLU M 53 -1.65 -86.43 -0.42
CA GLU M 53 -2.93 -86.82 0.13
C GLU M 53 -2.80 -88.24 0.63
N CYS M 54 -2.87 -88.43 1.94
CA CYS M 54 -2.68 -89.77 2.49
C CYS M 54 -3.88 -90.23 3.28
N ALA M 55 -4.10 -91.54 3.29
CA ALA M 55 -5.20 -92.11 4.04
C ALA M 55 -4.82 -93.48 4.57
N GLN M 56 -5.44 -93.90 5.66
CA GLN M 56 -5.16 -95.21 6.21
C GLN M 56 -5.68 -96.31 5.29
N ILE M 57 -4.84 -97.28 5.03
CA ILE M 57 -5.21 -98.42 4.20
C ILE M 57 -6.15 -99.35 4.96
N PRO M 58 -7.24 -99.79 4.34
CA PRO M 58 -8.13 -100.83 4.84
C PRO M 58 -7.40 -102.16 4.80
N VAL M 59 -6.36 -102.27 5.62
CA VAL M 59 -5.41 -103.38 5.56
C VAL M 59 -6.09 -104.71 5.78
N HIS M 60 -7.23 -104.70 6.46
CA HIS M 60 -7.96 -105.94 6.67
C HIS M 60 -8.31 -106.59 5.33
N MET M 61 -8.39 -105.78 4.28
CA MET M 61 -8.63 -106.31 2.94
C MET M 61 -7.58 -105.77 1.96
N LYS M 62 -6.49 -105.25 2.51
CA LYS M 62 -5.39 -104.70 1.73
C LYS M 62 -4.05 -105.05 2.36
N SER M 63 -3.63 -106.29 2.18
CA SER M 63 -2.39 -106.79 2.78
C SER M 63 -1.25 -106.77 1.79
N ASP M 64 -1.49 -106.18 0.63
CA ASP M 64 -0.53 -106.14 -0.45
C ASP M 64 0.25 -104.84 -0.51
N ALA M 65 0.14 -104.04 0.55
CA ALA M 65 0.87 -102.78 0.61
C ALA M 65 2.36 -103.05 0.63
N SER M 66 3.13 -102.19 -0.01
CA SER M 66 4.58 -102.39 -0.11
C SER M 66 5.29 -102.09 1.20
N LYS M 67 6.43 -102.76 1.38
CA LYS M 67 7.31 -102.47 2.49
C LYS M 67 8.13 -101.23 2.15
N PHE M 68 8.60 -100.53 3.17
CA PHE M 68 9.30 -99.27 2.96
C PHE M 68 10.48 -99.11 3.89
N THR M 69 11.43 -98.28 3.49
CA THR M 69 12.58 -97.98 4.33
C THR M 69 12.95 -96.51 4.26
N HIS M 70 13.60 -96.03 5.31
CA HIS M 70 14.11 -94.66 5.35
C HIS M 70 15.56 -94.61 4.89
N GLU M 71 16.16 -95.78 4.71
CA GLU M 71 17.58 -95.85 4.36
C GLU M 71 17.81 -95.49 2.90
N LYS M 72 18.74 -94.57 2.67
CA LYS M 72 19.02 -94.10 1.33
C LYS M 72 20.51 -93.94 1.06
N PRO M 73 21.24 -95.04 0.90
CA PRO M 73 22.62 -95.10 0.49
C PRO M 73 22.75 -94.73 -0.97
N GLU M 74 23.91 -94.21 -1.36
CA GLU M 74 24.14 -93.92 -2.76
C GLU M 74 24.16 -95.21 -3.55
N GLY M 75 23.58 -95.21 -4.74
CA GLY M 75 23.47 -96.42 -5.53
C GLY M 75 22.30 -96.33 -6.49
N TYR M 76 21.87 -97.48 -7.00
CA TYR M 76 20.79 -97.49 -7.98
C TYR M 76 19.51 -98.07 -7.42
N TYR M 77 18.40 -97.51 -7.87
CA TYR M 77 17.06 -97.90 -7.43
C TYR M 77 16.16 -98.16 -8.64
N ASN M 78 15.13 -98.97 -8.45
CA ASN M 78 14.22 -99.35 -9.54
C ASN M 78 12.89 -98.61 -9.46
N TRP M 79 12.59 -97.78 -10.47
CA TRP M 79 11.37 -97.00 -10.40
C TRP M 79 10.38 -97.29 -11.53
N HIS M 80 10.33 -98.56 -11.96
CA HIS M 80 9.36 -99.02 -12.96
C HIS M 80 9.68 -98.61 -14.38
N HIS M 81 9.89 -97.32 -14.60
CA HIS M 81 10.14 -96.80 -15.95
C HIS M 81 11.61 -96.87 -16.31
N GLY M 82 12.41 -97.44 -15.42
CA GLY M 82 13.84 -97.58 -15.66
C GLY M 82 14.61 -97.60 -14.34
N ALA M 83 15.93 -97.49 -14.44
CA ALA M 83 16.76 -97.43 -13.25
C ALA M 83 16.99 -95.97 -12.89
N VAL M 84 16.94 -95.68 -11.60
CA VAL M 84 17.19 -94.33 -11.12
C VAL M 84 18.41 -94.30 -10.21
N GLN M 85 19.29 -93.35 -10.49
CA GLN M 85 20.54 -93.23 -9.77
C GLN M 85 20.40 -92.28 -8.60
N TYR M 86 20.85 -92.70 -7.42
CA TYR M 86 20.84 -91.82 -6.28
C TYR M 86 22.23 -91.38 -5.95
N SER M 87 22.45 -90.07 -5.95
CA SER M 87 23.76 -89.51 -5.66
C SER M 87 23.59 -88.23 -4.88
N GLY M 88 24.42 -88.04 -3.86
CA GLY M 88 24.24 -86.88 -3.01
C GLY M 88 22.87 -86.94 -2.38
N GLY M 89 22.10 -85.87 -2.54
CA GLY M 89 20.76 -85.82 -1.98
C GLY M 89 19.67 -85.95 -3.03
N ARG M 90 20.02 -86.37 -4.24
CA ARG M 90 19.03 -86.36 -5.32
C ARG M 90 18.93 -87.67 -6.10
N PHE M 91 17.73 -87.94 -6.59
CA PHE M 91 17.47 -89.06 -7.50
C PHE M 91 17.53 -88.58 -8.93
N THR M 92 18.23 -89.31 -9.79
CA THR M 92 18.41 -88.88 -11.17
C THR M 92 18.08 -89.98 -12.18
N ILE M 93 17.32 -89.61 -13.21
CA ILE M 93 17.00 -90.52 -14.31
C ILE M 93 17.31 -89.85 -15.66
N PRO M 94 17.40 -90.61 -16.74
CA PRO M 94 17.45 -90.12 -18.12
C PRO M 94 16.24 -89.23 -18.40
N THR M 95 16.44 -88.19 -19.20
CA THR M 95 15.39 -87.20 -19.41
C THR M 95 14.16 -87.77 -20.08
N GLY M 96 14.35 -88.77 -20.92
CA GLY M 96 13.23 -89.36 -21.64
C GLY M 96 12.62 -90.52 -20.86
N ALA M 97 13.15 -90.79 -19.67
CA ALA M 97 12.69 -91.91 -18.88
C ALA M 97 11.34 -91.61 -18.23
N GLY M 98 11.07 -90.34 -17.96
CA GLY M 98 9.82 -89.99 -17.30
C GLY M 98 9.08 -88.89 -18.05
N LYS M 99 7.83 -88.68 -17.67
CA LYS M 99 7.00 -87.67 -18.31
C LYS M 99 5.78 -87.39 -17.43
N PRO M 100 5.05 -86.31 -17.68
CA PRO M 100 3.78 -85.99 -17.05
C PRO M 100 2.82 -87.15 -17.15
N GLY M 101 2.18 -87.46 -16.04
CA GLY M 101 1.27 -88.59 -15.94
C GLY M 101 1.93 -89.76 -15.21
N ASP M 102 3.24 -89.67 -15.01
CA ASP M 102 3.95 -90.73 -14.31
C ASP M 102 4.08 -90.49 -12.81
N SER M 103 3.58 -89.36 -12.33
CA SER M 103 3.73 -89.09 -10.90
C SER M 103 2.90 -90.06 -10.09
N GLY M 104 3.36 -90.32 -8.87
CA GLY M 104 2.72 -91.28 -8.00
C GLY M 104 3.45 -92.61 -8.02
N ARG M 105 4.33 -92.79 -9.00
CA ARG M 105 5.13 -94.00 -9.07
C ARG M 105 6.20 -93.98 -7.99
N PRO M 106 6.33 -95.06 -7.21
CA PRO M 106 7.33 -95.28 -6.19
C PRO M 106 8.69 -95.62 -6.76
N ILE M 107 9.73 -95.32 -5.97
CA ILE M 107 11.08 -95.77 -6.24
C ILE M 107 11.45 -96.87 -5.26
N PHE M 108 11.86 -98.02 -5.78
CA PHE M 108 12.18 -99.17 -4.95
C PHE M 108 13.67 -99.38 -4.82
N ASP M 109 14.11 -99.86 -3.66
CA ASP M 109 15.51 -100.23 -3.50
C ASP M 109 15.71 -101.66 -3.97
N ASN M 110 16.92 -102.17 -3.81
CA ASN M 110 17.27 -103.47 -4.33
C ASN M 110 16.77 -104.61 -3.45
N LYS M 111 16.08 -104.26 -2.38
CA LYS M 111 15.47 -105.25 -1.51
C LYS M 111 13.96 -105.23 -1.65
N GLY M 112 13.46 -104.42 -2.58
CA GLY M 112 12.03 -104.34 -2.86
C GLY M 112 11.27 -103.37 -1.95
N ARG M 113 12.00 -102.53 -1.22
CA ARG M 113 11.34 -101.58 -0.33
C ARG M 113 11.11 -100.25 -1.03
N VAL M 114 10.00 -99.59 -0.70
CA VAL M 114 9.72 -98.27 -1.25
C VAL M 114 10.56 -97.22 -0.54
N VAL M 115 11.21 -96.39 -1.32
CA VAL M 115 12.06 -95.34 -0.80
C VAL M 115 11.43 -93.96 -0.97
N ALA M 116 10.84 -93.73 -2.14
CA ALA M 116 10.32 -92.41 -2.44
C ALA M 116 9.18 -92.46 -3.44
N ILE M 117 8.36 -91.42 -3.45
CA ILE M 117 7.30 -91.27 -4.43
C ILE M 117 7.61 -90.13 -5.39
N VAL M 118 7.52 -90.40 -6.69
CA VAL M 118 7.87 -89.39 -7.69
C VAL M 118 6.75 -88.39 -7.92
N LEU M 119 7.07 -87.11 -7.78
CA LEU M 119 6.11 -86.04 -8.00
C LEU M 119 6.31 -85.38 -9.35
N GLY M 120 7.57 -85.31 -9.78
CA GLY M 120 7.93 -84.57 -10.98
C GLY M 120 9.44 -84.53 -11.14
N GLY M 121 9.94 -83.53 -11.86
CA GLY M 121 11.38 -83.43 -12.06
C GLY M 121 11.79 -82.22 -12.88
N ALA M 122 13.10 -82.04 -13.02
CA ALA M 122 13.66 -80.93 -13.77
C ALA M 122 14.62 -81.46 -14.82
N ASN M 123 14.53 -80.91 -16.03
CA ASN M 123 15.40 -81.36 -17.11
C ASN M 123 16.75 -80.66 -17.03
N GLU M 124 17.79 -81.40 -16.69
CA GLU M 124 19.10 -80.82 -16.47
C GLU M 124 20.02 -81.00 -17.67
N GLY M 125 19.45 -81.46 -18.77
CA GLY M 125 20.22 -81.69 -19.99
C GLY M 125 20.31 -83.17 -20.33
N ALA M 126 21.38 -83.82 -19.90
CA ALA M 126 21.55 -85.24 -20.17
C ALA M 126 20.63 -86.06 -19.27
N ARG M 127 20.38 -85.55 -18.08
CA ARG M 127 19.60 -86.25 -17.07
C ARG M 127 18.56 -85.32 -16.47
N THR M 128 17.55 -85.90 -15.85
CA THR M 128 16.56 -85.11 -15.13
C THR M 128 16.53 -85.46 -13.66
N ALA M 129 16.56 -84.44 -12.82
CA ALA M 129 16.50 -84.65 -11.38
C ALA M 129 15.05 -84.78 -10.99
N LEU M 130 14.75 -85.70 -10.07
CA LEU M 130 13.37 -85.93 -9.70
C LEU M 130 12.94 -85.17 -8.46
N SER M 131 11.71 -84.68 -8.49
CA SER M 131 11.06 -84.13 -7.31
C SER M 131 10.34 -85.28 -6.63
N VAL M 132 10.78 -85.60 -5.43
CA VAL M 132 10.29 -86.81 -4.77
C VAL M 132 9.87 -86.59 -3.33
N VAL M 133 9.03 -87.50 -2.86
CA VAL M 133 8.67 -87.57 -1.45
C VAL M 133 9.46 -88.67 -0.77
N THR M 134 10.18 -88.30 0.28
CA THR M 134 11.01 -89.25 0.99
C THR M 134 10.67 -89.18 2.47
N TRP M 135 11.15 -90.14 3.23
CA TRP M 135 10.99 -90.06 4.66
C TRP M 135 12.27 -90.42 5.41
N ASN M 136 12.47 -89.76 6.53
CA ASN M 136 13.53 -90.10 7.45
C ASN M 136 12.93 -90.98 8.53
N LYS M 137 13.70 -91.28 9.56
CA LYS M 137 13.22 -92.22 10.57
C LYS M 137 11.95 -91.72 11.27
N ASP M 138 11.70 -90.41 11.23
CA ASP M 138 10.57 -89.83 11.94
C ASP M 138 9.46 -89.33 11.02
N ILE M 139 9.81 -88.44 10.08
CA ILE M 139 8.80 -87.74 9.28
C ILE M 139 9.09 -87.74 7.79
N VAL M 140 8.05 -87.41 7.01
CA VAL M 140 8.15 -87.21 5.58
C VAL M 140 8.80 -85.87 5.22
N THR M 141 9.68 -85.90 4.23
CA THR M 141 10.33 -84.70 3.73
C THR M 141 10.16 -84.62 2.22
N LYS M 142 10.32 -83.42 1.66
CA LYS M 142 10.16 -83.24 0.23
C LYS M 142 11.41 -82.68 -0.42
N ILE M 143 11.89 -83.34 -1.47
CA ILE M 143 13.06 -82.87 -2.20
C ILE M 143 12.68 -82.39 -3.59
N THR M 144 12.91 -81.11 -3.85
CA THR M 144 12.53 -80.52 -5.13
C THR M 144 13.70 -79.79 -5.77
N PRO M 145 14.20 -80.29 -6.91
CA PRO M 145 15.20 -79.68 -7.76
C PRO M 145 14.69 -78.36 -8.31
N GLU M 146 15.60 -77.42 -8.53
CA GLU M 146 15.22 -76.14 -9.08
C GLU M 146 14.63 -76.30 -10.46
N GLY M 147 13.51 -75.65 -10.72
CA GLY M 147 12.91 -75.67 -12.04
C GLY M 147 12.07 -76.92 -12.27
N ALA M 148 11.93 -77.74 -11.24
CA ALA M 148 11.18 -78.98 -11.37
C ALA M 148 9.72 -78.70 -11.65
N GLU M 149 9.12 -79.53 -12.50
CA GLU M 149 7.72 -79.41 -12.83
C GLU M 149 6.96 -80.63 -12.34
N GLU M 150 5.68 -80.44 -12.01
CA GLU M 150 4.84 -81.55 -11.60
C GLU M 150 4.56 -82.46 -12.78
N TRP M 151 4.54 -83.77 -12.55
CA TRP M 151 4.23 -84.75 -13.58
C TRP M 151 2.87 -85.41 -13.32
N PRO N 1 51.98 55.32 32.50
CA PRO N 1 52.37 56.58 31.87
C PRO N 1 52.52 56.40 30.36
N VAL N 2 51.39 56.31 29.66
CA VAL N 2 51.38 56.16 28.21
C VAL N 2 51.41 57.51 27.53
N MET N 3 52.37 57.68 26.63
CA MET N 3 52.57 58.95 25.96
C MET N 3 52.02 58.94 24.54
N CYS N 4 51.44 60.07 24.14
CA CYS N 4 50.94 60.32 22.78
C CYS N 4 51.75 61.43 22.13
N LEU N 5 51.77 61.46 20.81
CA LEU N 5 52.66 62.36 20.10
C LEU N 5 51.96 63.35 19.19
N LEU N 6 52.41 64.60 19.25
CA LEU N 6 52.06 65.60 18.25
C LEU N 6 53.24 65.75 17.30
N ALA N 7 53.05 66.47 16.21
CA ALA N 7 54.12 66.60 15.23
C ALA N 7 55.39 67.13 15.88
N ASN N 8 55.25 68.00 16.87
CA ASN N 8 56.43 68.60 17.51
C ASN N 8 56.86 67.90 18.79
N THR N 9 55.94 67.68 19.71
CA THR N 9 56.30 67.17 21.03
C THR N 9 55.39 66.05 21.51
N THR N 10 55.85 65.33 22.53
CA THR N 10 55.05 64.30 23.17
C THR N 10 54.24 64.87 24.33
N PHE N 11 53.24 64.11 24.75
CA PHE N 11 52.41 64.48 25.89
C PHE N 11 51.75 63.22 26.47
N PRO N 12 51.30 63.25 27.72
CA PRO N 12 50.48 62.23 28.35
C PRO N 12 49.19 62.07 27.58
N CYS N 13 48.81 60.84 27.25
CA CYS N 13 47.62 60.60 26.44
C CYS N 13 46.35 61.08 27.14
N SER N 14 46.34 60.99 28.46
CA SER N 14 45.19 61.42 29.24
C SER N 14 45.12 62.94 29.36
N GLN N 15 46.23 63.61 29.06
CA GLN N 15 46.30 65.07 29.18
C GLN N 15 47.05 65.72 28.03
N PRO N 16 46.37 65.99 26.93
CA PRO N 16 46.85 66.68 25.75
C PRO N 16 47.24 68.10 26.13
N PRO N 17 48.10 68.76 25.33
CA PRO N 17 48.41 70.17 25.39
C PRO N 17 47.14 71.01 25.37
N CYS N 18 46.13 70.51 24.65
CA CYS N 18 44.80 71.11 24.63
C CYS N 18 43.83 70.25 25.43
N THR N 19 43.62 70.61 26.68
CA THR N 19 42.88 69.77 27.60
C THR N 19 41.37 70.01 27.67
N PRO N 20 40.88 71.26 27.55
CA PRO N 20 39.54 71.66 27.90
C PRO N 20 38.52 71.28 26.84
N CYS N 21 38.42 69.97 26.55
CA CYS N 21 37.45 69.42 25.60
C CYS N 21 37.37 70.29 24.35
N CYS N 22 38.45 70.31 23.61
CA CYS N 22 38.61 71.33 22.57
C CYS N 22 38.35 70.80 21.17
N TYR N 23 37.58 69.73 21.05
CA TYR N 23 37.15 69.32 19.73
C TYR N 23 36.37 70.43 19.07
N GLU N 24 35.43 71.02 19.80
CA GLU N 24 34.63 72.10 19.25
C GLU N 24 35.50 73.33 19.01
N LYS N 25 36.44 73.56 19.91
CA LYS N 25 37.30 74.74 19.83
C LYS N 25 38.22 74.68 18.62
N GLU N 26 38.78 73.50 18.36
CA GLU N 26 39.67 73.31 17.23
C GLU N 26 39.59 71.89 16.69
N PRO N 27 38.50 71.54 16.00
CA PRO N 27 38.16 70.20 15.57
C PRO N 27 39.12 69.65 14.53
N GLU N 28 39.74 70.52 13.74
CA GLU N 28 40.66 70.03 12.73
C GLU N 28 41.94 69.51 13.36
N GLU N 29 42.47 70.24 14.32
CA GLU N 29 43.69 69.81 14.98
C GLU N 29 43.40 68.59 15.83
N THR N 30 42.21 68.58 16.45
CA THR N 30 41.85 67.47 17.31
C THR N 30 41.78 66.17 16.54
N LEU N 31 41.13 66.20 15.38
CA LEU N 31 40.99 64.98 14.61
C LEU N 31 42.33 64.52 14.04
N ARG N 32 43.15 65.46 13.59
CA ARG N 32 44.40 65.07 12.97
C ARG N 32 45.35 64.44 13.98
N MET N 33 45.36 64.95 15.21
CA MET N 33 46.23 64.36 16.22
C MET N 33 45.71 63.01 16.67
N LEU N 34 44.39 62.82 16.64
CA LEU N 34 43.84 61.53 16.99
C LEU N 34 44.24 60.50 15.97
N GLU N 35 44.23 60.90 14.70
CA GLU N 35 44.60 59.99 13.62
C GLU N 35 46.06 59.60 13.70
N ASP N 36 46.92 60.56 14.06
CA ASP N 36 48.34 60.30 14.17
C ASP N 36 48.66 59.31 15.29
N ASN N 37 47.81 59.31 16.32
CA ASN N 37 48.04 58.45 17.47
C ASN N 37 47.18 57.19 17.43
N VAL N 38 46.61 56.88 16.27
CA VAL N 38 45.72 55.74 16.14
C VAL N 38 46.44 54.42 16.38
N MET N 39 47.74 54.41 16.20
CA MET N 39 48.51 53.18 16.38
C MET N 39 49.00 52.99 17.80
N ARG N 40 48.72 53.96 18.67
CA ARG N 40 49.20 53.88 20.04
C ARG N 40 48.18 53.22 20.97
N PRO N 41 48.64 52.52 22.01
CA PRO N 41 47.86 51.85 23.02
C PRO N 41 47.06 52.83 23.87
N GLY N 42 47.47 54.09 23.82
CA GLY N 42 46.81 55.13 24.59
C GLY N 42 45.75 55.84 23.77
N TYR N 43 45.50 55.35 22.57
CA TYR N 43 44.57 56.01 21.66
C TYR N 43 43.20 56.19 22.28
N TYR N 44 42.68 55.14 22.92
CA TYR N 44 41.34 55.24 23.46
C TYR N 44 41.31 56.14 24.69
N GLN N 45 42.43 56.20 25.40
CA GLN N 45 42.55 57.13 26.51
C GLN N 45 42.57 58.56 25.97
N LEU N 46 43.18 58.71 24.79
CA LEU N 46 43.26 60.01 24.15
C LEU N 46 41.88 60.48 23.72
N LEU N 47 41.05 59.56 23.22
CA LEU N 47 39.68 59.92 22.85
C LEU N 47 38.87 60.35 24.05
N GLN N 48 39.05 59.64 25.16
CA GLN N 48 38.29 60.01 26.36
C GLN N 48 38.71 61.39 26.82
N ALA N 49 40.00 61.67 26.75
CA ALA N 49 40.52 62.96 27.16
C ALA N 49 40.13 64.05 26.19
N SER N 50 40.04 63.71 24.91
CA SER N 50 39.82 64.72 23.88
C SER N 50 38.36 65.13 23.74
N LEU N 51 37.44 64.19 23.94
CA LEU N 51 36.03 64.45 23.65
C LEU N 51 35.12 64.56 24.87
N THR N 52 35.68 64.64 26.07
CA THR N 52 34.82 64.60 27.26
C THR N 52 34.62 65.98 27.91
N CYS N 53 33.35 66.39 28.01
CA CYS N 53 32.95 67.61 28.72
C CYS N 53 31.44 67.67 28.90
N SER N 54 31.00 68.62 29.69
CA SER N 54 29.58 68.85 29.91
C SER N 54 29.34 70.31 30.34
N PRO N 55 28.25 70.97 29.87
CA PRO N 55 27.85 72.33 30.21
C PRO N 55 27.19 72.37 31.60
N PRO O 1 -39.02 24.43 38.13
CA PRO O 1 -38.79 25.10 39.40
C PRO O 1 -37.67 24.41 40.19
N VAL O 2 -36.43 24.79 39.87
CA VAL O 2 -35.25 24.26 40.55
C VAL O 2 -34.91 25.08 41.78
N MET O 3 -34.63 24.40 42.87
CA MET O 3 -34.28 25.06 44.12
C MET O 3 -32.76 25.17 44.28
N CYS O 4 -32.32 26.32 44.78
CA CYS O 4 -30.92 26.60 45.09
C CYS O 4 -30.72 26.80 46.58
N LEU O 5 -29.51 26.59 47.06
CA LEU O 5 -29.21 26.72 48.48
C LEU O 5 -28.31 27.91 48.78
N LEU O 6 -28.48 28.48 49.96
CA LEU O 6 -27.61 29.58 50.40
C LEU O 6 -26.87 29.26 51.69
N ALA O 7 -27.61 29.05 52.76
CA ALA O 7 -27.01 28.80 54.07
C ALA O 7 -27.79 27.76 54.84
N ASN O 8 -27.80 26.53 54.30
CA ASN O 8 -28.65 25.47 54.82
C ASN O 8 -30.12 25.86 54.70
N THR O 9 -30.39 26.69 53.69
CA THR O 9 -31.73 27.16 53.37
C THR O 9 -31.95 27.01 51.88
N THR O 10 -33.22 27.01 51.47
CA THR O 10 -33.54 26.88 50.06
C THR O 10 -34.38 28.03 49.53
N PHE O 11 -34.26 28.27 48.24
CA PHE O 11 -35.03 29.27 47.52
C PHE O 11 -35.07 28.90 46.05
N PRO O 12 -36.05 29.38 45.28
CA PRO O 12 -36.11 29.24 43.83
C PRO O 12 -34.88 29.85 43.19
N CYS O 13 -34.24 29.11 42.28
CA CYS O 13 -33.00 29.59 41.66
C CYS O 13 -33.24 30.88 40.88
N SER O 14 -34.42 30.99 40.29
CA SER O 14 -34.77 32.16 39.52
C SER O 14 -35.06 33.36 40.41
N GLN O 15 -35.26 33.11 41.71
CA GLN O 15 -35.56 34.17 42.65
C GLN O 15 -34.81 34.00 43.97
N PRO O 16 -33.61 34.55 44.06
CA PRO O 16 -32.74 34.59 45.22
C PRO O 16 -33.43 35.38 46.33
N PRO O 17 -33.01 35.16 47.58
CA PRO O 17 -33.43 35.90 48.76
C PRO O 17 -33.05 37.38 48.63
N CYS O 18 -32.02 37.63 47.81
CA CYS O 18 -31.59 38.97 47.44
C CYS O 18 -32.30 39.40 46.14
N THR O 19 -33.13 40.43 46.24
CA THR O 19 -33.92 40.86 45.10
C THR O 19 -33.29 41.98 44.24
N PRO O 20 -32.50 42.92 44.81
CA PRO O 20 -31.89 44.05 44.14
C PRO O 20 -30.64 43.57 43.41
N CYS O 21 -29.88 44.49 42.83
CA CYS O 21 -28.65 44.12 42.16
C CYS O 21 -27.68 43.50 43.15
N CYS O 22 -27.72 42.18 43.24
CA CYS O 22 -27.06 41.45 44.31
C CYS O 22 -25.56 41.55 44.23
N TYR O 23 -25.02 41.55 43.02
CA TYR O 23 -23.58 41.58 42.91
C TYR O 23 -23.03 42.88 43.46
N GLU O 24 -23.67 43.99 43.12
CA GLU O 24 -23.23 45.28 43.62
C GLU O 24 -23.51 45.43 45.11
N LYS O 25 -24.64 44.90 45.56
CA LYS O 25 -25.02 45.03 46.96
C LYS O 25 -24.10 44.25 47.90
N GLU O 26 -23.81 43.01 47.56
CA GLU O 26 -22.98 42.17 48.41
C GLU O 26 -22.31 41.07 47.60
N PRO O 27 -21.27 41.41 46.84
CA PRO O 27 -20.65 40.56 45.85
C PRO O 27 -20.02 39.31 46.46
N GLU O 28 -19.56 39.40 47.70
CA GLU O 28 -18.92 38.25 48.32
C GLU O 28 -19.93 37.15 48.61
N GLU O 29 -21.09 37.55 49.11
CA GLU O 29 -22.14 36.59 49.43
C GLU O 29 -22.73 36.03 48.15
N THR O 30 -22.84 36.91 47.14
CA THR O 30 -23.40 36.49 45.86
C THR O 30 -22.52 35.46 45.20
N LEU O 31 -21.21 35.69 45.22
CA LEU O 31 -20.27 34.80 44.57
C LEU O 31 -20.20 33.46 45.27
N ARG O 32 -20.30 33.47 46.60
CA ARG O 32 -20.35 32.22 47.36
C ARG O 32 -21.63 31.46 47.09
N MET O 33 -22.73 32.18 46.95
CA MET O 33 -24.00 31.56 46.63
C MET O 33 -23.91 30.84 45.28
N LEU O 34 -23.23 31.48 44.33
CA LEU O 34 -23.09 30.91 43.00
C LEU O 34 -22.21 29.67 42.99
N GLU O 35 -21.16 29.66 43.78
CA GLU O 35 -20.24 28.52 43.76
C GLU O 35 -20.91 27.29 44.34
N ASP O 36 -21.73 27.47 45.35
CA ASP O 36 -22.38 26.34 45.99
C ASP O 36 -23.44 25.71 45.10
N ASN O 37 -24.02 26.52 44.22
CA ASN O 37 -25.06 26.03 43.34
C ASN O 37 -24.55 25.74 41.93
N VAL O 38 -23.23 25.69 41.77
CA VAL O 38 -22.64 25.48 40.46
C VAL O 38 -22.99 24.12 39.88
N MET O 39 -23.30 23.17 40.75
CA MET O 39 -23.67 21.83 40.30
C MET O 39 -25.17 21.67 40.11
N ARG O 40 -25.93 22.74 40.34
CA ARG O 40 -27.38 22.66 40.21
C ARG O 40 -27.80 22.94 38.77
N PRO O 41 -28.86 22.27 38.30
CA PRO O 41 -29.43 22.41 36.97
C PRO O 41 -30.04 23.78 36.78
N GLY O 42 -30.25 24.48 37.89
CA GLY O 42 -30.82 25.82 37.87
C GLY O 42 -29.74 26.88 38.00
N TYR O 43 -28.48 26.48 37.88
CA TYR O 43 -27.38 27.40 38.11
C TYR O 43 -27.46 28.63 37.22
N TYR O 44 -27.78 28.44 35.95
CA TYR O 44 -27.77 29.56 35.03
C TYR O 44 -28.93 30.49 35.29
N GLN O 45 -30.02 29.95 35.81
CA GLN O 45 -31.14 30.79 36.19
C GLN O 45 -30.76 31.61 37.41
N LEU O 46 -29.97 31.01 38.29
CA LEU O 46 -29.46 31.69 39.47
C LEU O 46 -28.46 32.76 39.08
N LEU O 47 -27.61 32.43 38.12
CA LEU O 47 -26.57 33.35 37.70
C LEU O 47 -27.19 34.57 37.04
N GLN O 48 -28.17 34.35 36.19
CA GLN O 48 -28.83 35.44 35.51
C GLN O 48 -29.60 36.30 36.50
N ALA O 49 -30.28 35.65 37.44
CA ALA O 49 -31.04 36.39 38.44
C ALA O 49 -30.13 37.22 39.33
N SER O 50 -28.94 36.68 39.61
CA SER O 50 -28.00 37.37 40.49
C SER O 50 -27.33 38.56 39.82
N LEU O 51 -27.12 38.45 38.51
CA LEU O 51 -26.41 39.49 37.78
C LEU O 51 -27.33 40.49 37.11
N THR O 52 -28.58 40.11 36.85
CA THR O 52 -29.48 41.05 36.21
C THR O 52 -29.65 42.27 37.10
N CYS O 53 -29.46 43.46 36.52
CA CYS O 53 -29.54 44.72 37.26
C CYS O 53 -30.08 45.82 36.37
N SER O 54 -30.50 46.92 36.97
CA SER O 54 -31.01 48.06 36.22
C SER O 54 -30.45 49.38 36.76
N PRO O 55 -29.20 49.75 36.40
CA PRO O 55 -28.46 50.91 36.89
C PRO O 55 -28.92 52.19 36.22
N PRO P 1 -50.86 32.10 13.61
CA PRO P 1 -52.15 31.47 13.80
C PRO P 1 -52.58 30.70 12.56
N VAL P 2 -53.78 30.10 12.62
CA VAL P 2 -54.35 29.35 11.50
C VAL P 2 -55.58 30.06 10.97
N MET P 3 -55.65 30.20 9.65
CA MET P 3 -56.73 30.93 9.01
C MET P 3 -57.84 30.03 8.50
N CYS P 4 -59.08 30.51 8.64
CA CYS P 4 -60.28 29.89 8.08
C CYS P 4 -60.92 30.82 7.06
N LEU P 5 -61.68 30.24 6.14
CA LEU P 5 -62.29 31.04 5.06
C LEU P 5 -63.80 30.96 5.04
N LEU P 6 -64.44 32.13 4.93
CA LEU P 6 -65.87 32.20 4.70
C LEU P 6 -66.12 33.08 3.48
N ALA P 7 -66.86 32.57 2.51
CA ALA P 7 -67.08 33.31 1.28
C ALA P 7 -65.72 33.67 0.66
N ASN P 8 -65.44 34.95 0.53
CA ASN P 8 -64.18 35.41 -0.03
C ASN P 8 -63.35 36.17 0.98
N THR P 9 -63.68 36.00 2.26
CA THR P 9 -62.97 36.70 3.34
C THR P 9 -62.31 35.73 4.30
N THR P 10 -61.03 35.92 4.55
CA THR P 10 -60.32 35.07 5.49
C THR P 10 -60.32 35.67 6.89
N PHE P 11 -60.10 34.83 7.87
CA PHE P 11 -60.02 35.23 9.28
C PHE P 11 -59.28 34.16 10.07
N PRO P 12 -58.73 34.49 11.23
CA PRO P 12 -58.21 33.55 12.22
C PRO P 12 -59.32 32.62 12.64
N CYS P 13 -59.04 31.31 12.68
CA CYS P 13 -60.07 30.32 13.02
C CYS P 13 -60.58 30.53 14.44
N SER P 14 -59.72 31.05 15.31
CA SER P 14 -60.10 31.31 16.69
C SER P 14 -61.00 32.54 16.79
N GLN P 15 -61.04 33.33 15.72
CA GLN P 15 -61.86 34.54 15.70
C GLN P 15 -62.64 34.66 14.39
N PRO P 16 -63.83 34.06 14.34
CA PRO P 16 -64.77 34.08 13.24
C PRO P 16 -65.26 35.51 13.03
N PRO P 17 -65.88 35.79 11.89
CA PRO P 17 -66.53 37.05 11.56
C PRO P 17 -67.63 37.37 12.58
N CYS P 18 -68.16 36.33 13.22
CA CYS P 18 -69.12 36.43 14.31
C CYS P 18 -68.44 36.09 15.63
N THR P 19 -68.91 36.69 16.70
CA THR P 19 -68.36 36.40 18.03
C THR P 19 -69.40 35.91 19.03
N PRO P 20 -70.51 36.64 19.24
CA PRO P 20 -71.40 36.54 20.37
C PRO P 20 -72.34 35.35 20.24
N CYS P 21 -71.79 34.14 20.35
CA CYS P 21 -72.54 32.89 20.21
C CYS P 21 -72.98 32.69 18.77
N CYS P 22 -72.03 32.43 17.89
CA CYS P 22 -72.31 32.36 16.46
C CYS P 22 -73.50 31.46 16.16
N TYR P 23 -73.48 30.23 16.68
CA TYR P 23 -74.54 29.28 16.35
C TYR P 23 -75.91 29.80 16.77
N GLU P 24 -76.00 30.32 17.99
CA GLU P 24 -77.27 30.83 18.49
C GLU P 24 -77.76 32.02 17.68
N LYS P 25 -76.85 32.87 17.24
CA LYS P 25 -77.24 34.08 16.53
C LYS P 25 -77.73 33.77 15.11
N GLU P 26 -77.04 32.87 14.43
CA GLU P 26 -77.42 32.52 13.07
C GLU P 26 -76.90 31.13 12.71
N PRO P 27 -77.59 30.07 13.15
CA PRO P 27 -77.14 28.70 13.10
C PRO P 27 -77.00 28.18 11.68
N GLU P 28 -77.77 28.72 10.75
CA GLU P 28 -77.69 28.25 9.37
C GLU P 28 -76.38 28.71 8.73
N GLU P 29 -76.03 29.96 8.98
CA GLU P 29 -74.79 30.52 8.46
C GLU P 29 -73.60 29.92 9.19
N THR P 30 -73.78 29.67 10.48
CA THR P 30 -72.71 29.14 11.29
C THR P 30 -72.33 27.73 10.83
N LEU P 31 -73.34 26.91 10.55
CA LEU P 31 -73.06 25.55 10.10
C LEU P 31 -72.44 25.55 8.71
N ARG P 32 -72.87 26.49 7.86
CA ARG P 32 -72.25 26.64 6.55
C ARG P 32 -70.81 27.14 6.68
N MET P 33 -70.58 28.04 7.61
CA MET P 33 -69.24 28.52 7.84
C MET P 33 -68.33 27.36 8.24
N LEU P 34 -68.86 26.48 9.06
CA LEU P 34 -68.10 25.32 9.50
C LEU P 34 -67.87 24.32 8.38
N GLU P 35 -68.86 24.14 7.51
CA GLU P 35 -68.74 23.12 6.48
C GLU P 35 -67.62 23.43 5.51
N ASP P 36 -67.40 24.70 5.24
CA ASP P 36 -66.39 25.09 4.27
C ASP P 36 -64.98 25.05 4.85
N ASN P 37 -64.89 24.82 6.16
CA ASN P 37 -63.59 24.80 6.80
C ASN P 37 -63.27 23.43 7.37
N VAL P 38 -63.99 22.41 6.92
CA VAL P 38 -63.79 21.05 7.40
C VAL P 38 -62.39 20.54 7.12
N MET P 39 -61.84 20.94 5.98
CA MET P 39 -60.53 20.46 5.58
C MET P 39 -59.40 21.33 6.15
N ARG P 40 -59.75 22.35 6.92
CA ARG P 40 -58.74 23.23 7.48
C ARG P 40 -58.23 22.67 8.80
N PRO P 41 -56.93 22.84 9.08
CA PRO P 41 -56.25 22.42 10.29
C PRO P 41 -56.74 23.18 11.51
N GLY P 42 -57.41 24.30 11.26
CA GLY P 42 -57.95 25.13 12.33
C GLY P 42 -59.42 24.85 12.56
N TYR P 43 -59.94 23.80 11.95
CA TYR P 43 -61.36 23.50 12.04
C TYR P 43 -61.84 23.36 13.47
N TYR P 44 -61.06 22.68 14.30
CA TYR P 44 -61.49 22.46 15.66
C TYR P 44 -61.49 23.76 16.46
N GLN P 45 -60.59 24.67 16.10
CA GLN P 45 -60.55 25.98 16.73
C GLN P 45 -61.76 26.79 16.30
N LEU P 46 -62.20 26.56 15.07
CA LEU P 46 -63.37 27.24 14.55
C LEU P 46 -64.62 26.75 15.28
N LEU P 47 -64.69 25.44 15.53
CA LEU P 47 -65.80 24.90 16.29
C LEU P 47 -65.84 25.45 17.70
N GLN P 48 -64.67 25.53 18.33
CA GLN P 48 -64.65 26.03 19.69
C GLN P 48 -65.10 27.47 19.73
N ALA P 49 -64.67 28.25 18.74
CA ALA P 49 -65.06 29.65 18.66
C ALA P 49 -66.53 29.79 18.33
N SER P 50 -67.05 28.89 17.49
CA SER P 50 -68.42 29.00 17.02
C SER P 50 -69.42 28.45 18.03
N LEU P 51 -69.00 27.47 18.81
CA LEU P 51 -69.88 26.82 19.78
C LEU P 51 -69.88 27.52 21.11
N THR P 52 -68.75 28.09 21.51
CA THR P 52 -68.66 28.71 22.82
C THR P 52 -69.66 29.84 22.93
N CYS P 53 -70.43 29.84 24.03
CA CYS P 53 -71.44 30.86 24.28
C CYS P 53 -71.51 31.20 25.76
N SER P 54 -71.65 32.48 26.07
CA SER P 54 -71.76 32.93 27.44
C SER P 54 -73.06 32.43 28.08
N PRO P 55 -73.07 32.12 29.39
CA PRO P 55 -74.23 31.68 30.16
C PRO P 55 -75.18 32.83 30.45
#